data_3EUB
#
_entry.id   3EUB
#
_cell.length_a   73.298
_cell.length_b   133.176
_cell.length_c   142.633
_cell.angle_alpha   96.88
_cell.angle_beta   93.11
_cell.angle_gamma   90.02
#
_symmetry.space_group_name_H-M   'P 1'
#
loop_
_entity.id
_entity.type
_entity.pdbx_description
1 polymer 'Xanthine dehydrogenase/oxidase'
2 polymer 'Xanthine dehydrogenase/oxidase'
3 polymer 'Xanthine dehydrogenase/oxidase'
4 non-polymer 'FE2/S2 (INORGANIC) CLUSTER'
5 non-polymer 'FLAVIN-ADENINE DINUCLEOTIDE'
6 non-polymer 'PHOSPHONIC ACIDMONO-(2-AMINO-5,6-DIMERCAPTO-4-OXO-3,7,8A,9,10,10A-HEXAHYDRO-4H-8-OXA-1,3,9,10-TETRAAZA-ANTHRACEN-7-YLMETHYL)ESTER'
7 non-polymer HYDROXY(DIOXO)MOLYBDENUM
8 non-polymer XANTHINE
#
loop_
_entity_poly.entity_id
_entity_poly.type
_entity_poly.pdbx_seq_one_letter_code
_entity_poly.pdbx_strand_id
1 'polypeptide(L)'
;MTADELVFFVNGKKVVEKNADPETTLLAYLRRKLGLRGTKLGCGEGGCGACTVMLSKYDRLQDKIIHFSANACLAPICTL
HHVAVTTVEGIGSTKTRLHPVQERIAKSHGSQCGFCTPGIVMSMYTLLRNQPEPTVEEIEDAFQGNLCRCTGYRPILQGF
RTFAK
;
A,J,S,2
2 'polypeptide(L)'
;PKQLRFEGERVTWIQASTLKELLDLKAQHPEAKLVVGNTEIGIEMKFKNQLFPMIICPAWIPELNAVEHGPEGISFGAAC
ALSSVEKTLLEAVAKLPTQKTEVFRGVLEQLRWFAGKQVKSVASLGGNIITASPISDLNPVFMASGTKLTIVSRGTRRTV
PMDHTFFPSYRKTLLGPEEILLSIEIPYSREDEFFSAFKQASRREDDIAKVTCGMRVLFQPGSMQVKELALCYGGMADRT
ISALKTTQKQLSKFWNEKLLQDVCAGLAEELSLSPDAPGGMIEFRRTLTLSFFFKFYLTVLKKLG
;
B,K,T,3
3 'polypeptide(L)'
;DTVGRPLPHLAAAMQASGEAVYCDDIPRYENELFLRLVTSTRAHAKIKSIDVSEAQKVPGFVCFLSADDIPGSNETGLFN
DETVFAKDTVTCVGHIIGAVVADTPEHAERAAHVVKVTYEDLPAIITIEDAIKNNSFYGSELKIEKGDLKKGFSEADNVV
SGELYIGGQDHFYLETHCTIAIPKGEEGEMELFVSTQNAMKTQSFVAKMLGVPVNRILVRVKRMGGGFGGKETRSTLVSV
AVALAAYKTGHPVRCMLDRNEDMLITGGRHPFLARYKVGFMKTGTIVALEVDHYSNAGNSRDLSHSIMERALFHMDNCYK
IPNIRGTGRLCKTNLSSNTAFRGFGGPQALFIAENWMSEVAVTCGLPAEEVRWKNMYKEGDLTHFNQRLEGFSVPRCWDE
CLKSSQYYARKSEVDKFNKENCWKKRGLCIIPTKFGISFTVPFLNQAGALIHVYTDGSVLVSHGGTEMGQGLHTKMVQVA
SKALKIPISKIYISETSTNTVPNSSPTAASVSTDIYGQAVYEACQTILKRLEPFKKKNPDGSWEDWVMAAYQDRVSLSTT
GFYRTPNLGYSFETNSGNAFHYFTYGVACSEVEIDCLTGDHKNLRTDIVMDVGSSLNPAIDIGQVEGAFVQGLGLFTLEE
LHYSPEGSLHTRGPSTYKIPAFGSIPTEFRVSLLRDCPNKKAIYASKAVGEPPLFLGASVFFAIKDAIRAARAQHTNNNT
KELFRLDSPATPEKIRNACVDKFTTLCVTGAPGNCKPWSLRV
;
C,L,U,4
#
# COMPACT_ATOMS: atom_id res chain seq x y z
N ASP A 4 62.47 -31.32 10.95
CA ASP A 4 62.75 -30.18 10.01
C ASP A 4 61.52 -29.33 9.78
N GLU A 5 61.76 -28.10 9.39
CA GLU A 5 60.71 -27.15 9.08
C GLU A 5 60.19 -27.32 7.66
N LEU A 6 58.88 -27.26 7.49
CA LEU A 6 58.30 -27.21 6.16
C LEU A 6 58.04 -25.76 5.75
N VAL A 7 58.66 -25.33 4.66
CA VAL A 7 58.52 -23.96 4.17
C VAL A 7 57.94 -23.86 2.73
N PHE A 8 56.76 -23.28 2.61
CA PHE A 8 56.14 -23.05 1.32
C PHE A 8 55.39 -21.72 1.35
N PHE A 9 54.88 -21.29 0.20
CA PHE A 9 54.13 -20.04 0.15
C PHE A 9 52.68 -20.24 -0.27
N VAL A 10 51.79 -19.43 0.28
CA VAL A 10 50.41 -19.42 -0.17
C VAL A 10 50.01 -18.00 -0.50
N ASN A 11 49.49 -17.81 -1.71
CA ASN A 11 49.13 -16.47 -2.19
C ASN A 11 50.20 -15.43 -1.82
N GLY A 12 51.46 -15.83 -2.00
CA GLY A 12 52.59 -14.95 -1.79
C GLY A 12 53.10 -14.88 -0.37
N LYS A 13 52.35 -15.46 0.57
CA LYS A 13 52.68 -15.36 1.99
C LYS A 13 53.43 -16.59 2.46
N LYS A 14 54.52 -16.36 3.22
CA LYS A 14 55.39 -17.42 3.75
C LYS A 14 54.70 -18.28 4.81
N VAL A 15 54.80 -19.59 4.66
CA VAL A 15 54.19 -20.54 5.57
C VAL A 15 55.31 -21.39 6.14
N VAL A 16 55.48 -21.32 7.46
CA VAL A 16 56.52 -22.11 8.16
C VAL A 16 55.84 -23.10 9.06
N GLU A 17 55.73 -24.34 8.59
CA GLU A 17 55.12 -25.44 9.34
C GLU A 17 56.19 -26.26 10.12
N LYS A 18 56.21 -26.12 11.44
CA LYS A 18 57.27 -26.72 12.26
C LYS A 18 56.99 -28.18 12.64
N ASN A 19 55.73 -28.58 12.55
CA ASN A 19 55.31 -29.95 12.81
C ASN A 19 54.49 -30.62 11.74
N ALA A 20 54.88 -30.47 10.48
CA ALA A 20 54.25 -31.13 9.36
C ALA A 20 53.93 -32.57 9.64
N ASP A 21 52.68 -32.97 9.44
CA ASP A 21 52.33 -34.36 9.45
C ASP A 21 52.28 -34.83 7.99
N PRO A 22 53.01 -35.92 7.65
CA PRO A 22 53.14 -36.39 6.28
C PRO A 22 51.79 -36.77 5.69
N GLU A 23 50.81 -37.02 6.55
CA GLU A 23 49.52 -37.41 6.08
C GLU A 23 48.67 -36.23 5.64
N THR A 24 49.06 -34.99 5.97
CA THR A 24 48.25 -33.80 5.62
C THR A 24 48.29 -33.48 4.13
N THR A 25 47.10 -33.41 3.55
CA THR A 25 46.92 -32.95 2.19
C THR A 25 46.87 -31.42 2.18
N LEU A 26 47.35 -30.81 1.11
CA LEU A 26 47.23 -29.39 0.95
C LEU A 26 45.79 -28.90 1.06
N LEU A 27 44.81 -29.69 0.65
CA LEU A 27 43.46 -29.18 0.71
C LEU A 27 43.14 -28.93 2.20
N ALA A 28 43.32 -29.99 2.99
CA ALA A 28 43.10 -29.92 4.42
C ALA A 28 43.86 -28.71 5.01
N TYR A 29 45.06 -28.44 4.50
CA TYR A 29 45.90 -27.41 5.09
C TYR A 29 45.42 -25.98 4.80
N LEU A 30 44.99 -25.75 3.58
CA LEU A 30 44.39 -24.50 3.20
C LEU A 30 43.11 -24.25 3.97
N ARG A 31 42.20 -25.23 3.96
CA ARG A 31 40.83 -25.02 4.45
C ARG A 31 40.88 -24.90 5.93
N ARG A 32 41.68 -25.75 6.55
CA ARG A 32 41.52 -25.99 7.96
C ARG A 32 42.60 -25.47 8.89
N LYS A 33 43.78 -25.25 8.37
CA LYS A 33 44.78 -24.57 9.14
C LYS A 33 44.85 -23.12 8.71
N LEU A 34 44.76 -22.86 7.41
CA LEU A 34 44.89 -21.50 6.94
C LEU A 34 43.57 -20.73 6.87
N GLY A 35 42.43 -21.40 6.76
CA GLY A 35 41.17 -20.68 6.72
C GLY A 35 40.88 -20.04 5.35
N LEU A 36 41.49 -20.55 4.29
CA LEU A 36 41.19 -20.06 2.96
C LEU A 36 40.23 -21.04 2.38
N ARG A 37 38.94 -20.79 2.55
CA ARG A 37 37.93 -21.79 2.21
C ARG A 37 37.47 -21.79 0.75
N GLY A 38 38.14 -21.02 -0.11
CA GLY A 38 37.84 -21.01 -1.55
C GLY A 38 38.05 -22.36 -2.25
N THR A 39 39.03 -23.11 -1.79
CA THR A 39 39.32 -24.37 -2.41
C THR A 39 38.37 -25.43 -1.81
N LYS A 40 37.71 -26.18 -2.68
CA LYS A 40 36.65 -27.07 -2.22
C LYS A 40 37.07 -28.53 -2.25
N LEU A 41 36.48 -29.29 -1.33
CA LEU A 41 36.51 -30.74 -1.43
C LEU A 41 35.31 -31.17 -2.28
N GLY A 42 35.55 -31.95 -3.34
CA GLY A 42 34.50 -32.53 -4.18
C GLY A 42 34.53 -34.03 -4.30
N CYS A 43 35.68 -34.66 -4.08
CA CYS A 43 35.71 -36.11 -4.16
C CYS A 43 36.87 -36.77 -3.43
N GLY A 44 38.01 -36.08 -3.35
CA GLY A 44 39.16 -36.62 -2.62
C GLY A 44 39.92 -37.72 -3.38
N GLU A 45 39.64 -37.87 -4.67
CA GLU A 45 40.31 -38.88 -5.43
C GLU A 45 40.80 -38.32 -6.71
N GLY A 46 40.86 -37.01 -6.80
CA GLY A 46 41.48 -36.39 -7.96
C GLY A 46 40.68 -36.36 -9.25
N GLY A 47 39.37 -36.60 -9.18
CA GLY A 47 38.55 -36.64 -10.40
C GLY A 47 37.68 -35.44 -10.79
N CYS A 48 37.39 -34.55 -9.84
CA CYS A 48 36.39 -33.46 -10.08
C CYS A 48 37.00 -32.07 -10.33
N GLY A 49 38.19 -31.81 -9.78
CA GLY A 49 38.90 -30.53 -9.96
C GLY A 49 38.45 -29.40 -9.04
N ALA A 50 37.57 -29.67 -8.09
CA ALA A 50 37.04 -28.59 -7.26
C ALA A 50 38.12 -28.06 -6.34
N CYS A 51 39.21 -28.83 -6.26
CA CYS A 51 40.28 -28.53 -5.34
C CYS A 51 41.46 -27.93 -6.09
N THR A 52 41.26 -27.52 -7.36
CA THR A 52 42.35 -27.06 -8.22
C THR A 52 43.12 -25.87 -7.61
N VAL A 53 44.43 -25.97 -7.60
CA VAL A 53 45.23 -24.81 -7.23
C VAL A 53 46.30 -24.68 -8.28
N MET A 54 46.99 -23.56 -8.30
CA MET A 54 48.19 -23.46 -9.12
C MET A 54 49.45 -23.50 -8.27
N LEU A 55 50.42 -24.29 -8.69
CA LEU A 55 51.72 -24.36 -8.01
C LEU A 55 52.83 -23.77 -8.87
N SER A 56 53.78 -23.17 -8.22
CA SER A 56 54.90 -22.61 -8.91
C SER A 56 56.12 -23.10 -8.22
N LYS A 57 57.04 -23.71 -8.97
CA LYS A 57 58.38 -23.91 -8.44
C LYS A 57 59.41 -23.45 -9.44
N TYR A 58 60.55 -23.01 -8.91
CA TYR A 58 61.72 -22.76 -9.72
C TYR A 58 62.28 -24.12 -10.13
N ASP A 59 62.52 -24.35 -11.41
CA ASP A 59 63.07 -25.62 -11.84
C ASP A 59 64.51 -25.48 -12.26
N ARG A 60 65.40 -26.00 -11.40
CA ARG A 60 66.86 -25.92 -11.54
C ARG A 60 67.35 -26.69 -12.78
N LEU A 61 66.92 -26.29 -13.95
CA LEU A 61 67.05 -27.18 -15.09
C LEU A 61 66.56 -26.46 -16.32
N GLN A 62 65.27 -26.12 -16.33
CA GLN A 62 64.77 -25.27 -17.37
C GLN A 62 65.27 -23.84 -17.16
N ASP A 63 66.06 -23.60 -16.11
CA ASP A 63 66.30 -22.23 -15.59
C ASP A 63 64.96 -21.73 -15.02
N LYS A 64 63.96 -21.59 -15.88
CA LYS A 64 62.73 -20.90 -15.51
C LYS A 64 61.96 -21.41 -14.29
N ILE A 65 61.19 -20.49 -13.74
CA ILE A 65 60.08 -20.80 -12.88
C ILE A 65 58.97 -21.44 -13.72
N ILE A 66 58.46 -22.60 -13.31
CA ILE A 66 57.28 -23.20 -13.97
C ILE A 66 55.99 -22.99 -13.17
N HIS A 67 54.86 -22.98 -13.88
CA HIS A 67 53.56 -22.89 -13.20
C HIS A 67 52.76 -24.02 -13.74
N PHE A 68 52.10 -24.77 -12.87
CA PHE A 68 51.27 -25.89 -13.33
C PHE A 68 50.09 -26.03 -12.38
N SER A 69 49.02 -26.68 -12.82
CA SER A 69 47.88 -26.90 -11.94
C SER A 69 48.02 -28.28 -11.28
N ALA A 70 47.25 -28.49 -10.21
CA ALA A 70 47.46 -29.60 -9.28
C ALA A 70 46.18 -29.90 -8.53
N ASN A 71 45.94 -31.15 -8.19
CA ASN A 71 44.86 -31.45 -7.26
C ASN A 71 45.33 -31.33 -5.81
N ALA A 72 44.72 -30.40 -5.08
CA ALA A 72 44.99 -30.18 -3.66
C ALA A 72 44.60 -31.32 -2.71
N CYS A 73 43.54 -32.07 -3.04
CA CYS A 73 43.10 -33.27 -2.25
C CYS A 73 44.10 -34.44 -2.30
N LEU A 74 45.02 -34.39 -3.25
CA LEU A 74 46.02 -35.45 -3.35
C LEU A 74 47.44 -34.99 -3.05
N ALA A 75 47.63 -33.70 -2.85
CA ALA A 75 48.97 -33.16 -2.73
C ALA A 75 49.40 -33.11 -1.28
N PRO A 76 50.38 -33.96 -0.91
CA PRO A 76 50.84 -33.92 0.47
C PRO A 76 51.63 -32.63 0.61
N ILE A 77 51.40 -31.91 1.71
CA ILE A 77 52.10 -30.63 1.98
C ILE A 77 53.59 -30.91 1.97
N CYS A 78 53.91 -32.11 2.41
CA CYS A 78 55.28 -32.57 2.49
C CYS A 78 56.04 -32.60 1.15
N THR A 79 55.32 -32.62 0.03
CA THR A 79 55.93 -32.46 -1.28
C THR A 79 56.14 -30.99 -1.61
N LEU A 80 55.67 -30.07 -0.76
CA LEU A 80 55.63 -28.68 -1.21
C LEU A 80 56.68 -27.73 -0.67
N HIS A 81 57.70 -28.28 -0.03
CA HIS A 81 58.80 -27.45 0.41
C HIS A 81 59.31 -26.57 -0.74
N HIS A 82 59.30 -25.25 -0.55
CA HIS A 82 59.81 -24.25 -1.49
C HIS A 82 58.93 -24.07 -2.74
N VAL A 83 57.68 -24.52 -2.62
CA VAL A 83 56.71 -24.40 -3.68
C VAL A 83 55.77 -23.30 -3.24
N ALA A 84 55.21 -22.58 -4.20
CA ALA A 84 54.31 -21.48 -3.93
C ALA A 84 52.95 -21.84 -4.48
N VAL A 85 51.96 -21.75 -3.62
CA VAL A 85 50.62 -22.12 -3.96
C VAL A 85 49.93 -20.79 -4.22
N THR A 86 49.05 -20.81 -5.21
CA THR A 86 48.13 -19.72 -5.48
C THR A 86 46.72 -20.31 -5.53
N THR A 87 45.82 -19.75 -4.71
CA THR A 87 44.44 -20.21 -4.70
C THR A 87 43.53 -19.19 -5.36
N VAL A 88 42.27 -19.56 -5.50
CA VAL A 88 41.29 -18.67 -6.01
C VAL A 88 41.37 -17.28 -5.30
N GLU A 89 41.52 -17.27 -3.98
CA GLU A 89 41.51 -15.99 -3.29
C GLU A 89 42.76 -15.21 -3.56
N GLY A 90 43.75 -15.83 -4.23
CA GLY A 90 45.03 -15.16 -4.54
C GLY A 90 45.08 -14.38 -5.85
N ILE A 91 44.08 -14.57 -6.70
CA ILE A 91 44.11 -13.96 -8.04
C ILE A 91 43.19 -12.75 -8.19
N GLY A 92 42.25 -12.62 -7.27
CA GLY A 92 41.27 -11.53 -7.22
C GLY A 92 40.11 -11.73 -6.25
N SER A 93 39.24 -10.71 -6.16
CA SER A 93 38.17 -10.71 -5.16
C SER A 93 37.21 -9.53 -5.30
N THR A 94 35.93 -9.78 -5.04
CA THR A 94 34.90 -8.76 -5.12
C THR A 94 35.16 -7.64 -4.10
N LYS A 95 36.24 -7.78 -3.33
CA LYS A 95 36.57 -6.77 -2.32
C LYS A 95 37.58 -5.80 -2.87
N THR A 96 38.33 -6.27 -3.85
CA THR A 96 39.39 -5.46 -4.43
C THR A 96 39.15 -5.35 -5.94
N ARG A 97 39.37 -6.46 -6.66
CA ARG A 97 39.12 -6.56 -8.10
C ARG A 97 39.14 -7.99 -8.55
N LEU A 98 38.11 -8.38 -9.29
CA LEU A 98 38.15 -9.68 -9.88
C LEU A 98 39.24 -9.76 -10.93
N HIS A 99 39.94 -10.89 -10.97
CA HIS A 99 40.79 -11.23 -12.10
C HIS A 99 39.84 -11.40 -13.30
N PRO A 100 40.29 -11.05 -14.54
CA PRO A 100 39.42 -11.24 -15.71
C PRO A 100 38.89 -12.66 -15.86
N VAL A 101 39.68 -13.68 -15.54
CA VAL A 101 39.15 -15.07 -15.53
C VAL A 101 37.87 -15.18 -14.69
N GLN A 102 37.87 -14.56 -13.51
CA GLN A 102 36.72 -14.59 -12.61
C GLN A 102 35.58 -13.81 -13.19
N GLU A 103 35.85 -12.58 -13.60
CA GLU A 103 34.76 -11.78 -14.14
C GLU A 103 34.12 -12.44 -15.37
N ARG A 104 34.96 -13.06 -16.21
CA ARG A 104 34.46 -13.70 -17.42
C ARG A 104 33.44 -14.81 -17.12
N ILE A 105 33.81 -15.74 -16.24
CA ILE A 105 32.94 -16.85 -15.89
C ILE A 105 31.66 -16.33 -15.23
N ALA A 106 31.76 -15.22 -14.50
CA ALA A 106 30.62 -14.65 -13.80
C ALA A 106 29.58 -14.05 -14.74
N LYS A 107 30.06 -13.21 -15.66
CA LYS A 107 29.15 -12.50 -16.56
C LYS A 107 28.65 -13.37 -17.70
N SER A 108 29.25 -14.56 -17.88
CA SER A 108 28.86 -15.49 -18.96
C SER A 108 27.80 -16.52 -18.57
N HIS A 109 27.34 -16.45 -17.32
CA HIS A 109 26.45 -17.45 -16.77
C HIS A 109 27.12 -18.85 -16.76
N GLY A 110 28.44 -18.87 -16.59
CA GLY A 110 29.18 -20.11 -16.43
C GLY A 110 29.24 -20.69 -15.01
N SER A 111 28.61 -19.98 -14.08
CA SER A 111 28.55 -20.35 -12.70
C SER A 111 27.09 -20.31 -12.25
N GLN A 112 26.60 -21.46 -11.80
CA GLN A 112 25.23 -21.56 -11.26
C GLN A 112 25.27 -21.82 -9.73
N CYS A 113 25.53 -23.07 -9.32
CA CYS A 113 25.64 -23.30 -7.90
C CYS A 113 26.94 -22.73 -7.41
N GLY A 114 27.96 -22.80 -8.24
CA GLY A 114 29.20 -22.13 -7.96
C GLY A 114 30.30 -22.98 -7.33
N PHE A 115 30.04 -24.26 -7.02
CA PHE A 115 30.94 -25.04 -6.19
C PHE A 115 32.08 -25.56 -7.01
N CYS A 116 31.93 -25.57 -8.32
CA CYS A 116 33.01 -26.04 -9.20
C CYS A 116 33.84 -24.89 -9.79
N THR A 117 33.27 -23.69 -9.73
CA THR A 117 33.83 -22.45 -10.22
C THR A 117 35.25 -22.17 -9.77
N PRO A 118 35.53 -22.15 -8.44
CA PRO A 118 36.92 -21.80 -8.08
C PRO A 118 38.01 -22.68 -8.75
N GLY A 119 37.71 -23.95 -8.97
CA GLY A 119 38.67 -24.84 -9.62
C GLY A 119 38.79 -24.68 -11.14
N ILE A 120 37.67 -24.33 -11.78
CA ILE A 120 37.70 -24.00 -13.21
C ILE A 120 38.42 -22.66 -13.40
N VAL A 121 38.15 -21.72 -12.49
CA VAL A 121 38.90 -20.47 -12.48
C VAL A 121 40.44 -20.77 -12.44
N MET A 122 40.79 -21.71 -11.57
CA MET A 122 42.17 -22.05 -11.38
C MET A 122 42.71 -22.83 -12.57
N SER A 123 41.92 -23.75 -13.09
CA SER A 123 42.36 -24.47 -14.28
C SER A 123 42.59 -23.52 -15.44
N MET A 124 41.74 -22.51 -15.59
CA MET A 124 41.91 -21.52 -16.70
C MET A 124 43.04 -20.53 -16.41
N TYR A 125 43.05 -20.03 -15.18
CA TYR A 125 44.07 -19.12 -14.76
C TYR A 125 45.44 -19.71 -14.98
N THR A 126 45.60 -21.01 -14.76
CA THR A 126 46.90 -21.64 -14.93
C THR A 126 47.27 -21.61 -16.40
N LEU A 127 46.35 -22.06 -17.27
CA LEU A 127 46.63 -22.02 -18.71
C LEU A 127 47.16 -20.65 -19.17
N LEU A 128 46.47 -19.57 -18.76
CA LEU A 128 46.86 -18.18 -19.11
C LEU A 128 48.26 -17.80 -18.60
N ARG A 129 48.64 -18.33 -17.44
CA ARG A 129 49.98 -18.11 -16.90
C ARG A 129 51.03 -18.72 -17.80
N ASN A 130 50.68 -19.82 -18.45
CA ASN A 130 51.61 -20.55 -19.33
C ASN A 130 51.53 -20.15 -20.80
N GLN A 131 50.40 -19.54 -21.17
CA GLN A 131 50.11 -19.13 -22.54
C GLN A 131 49.09 -18.01 -22.56
N PRO A 132 49.55 -16.76 -22.61
CA PRO A 132 48.66 -15.59 -22.59
C PRO A 132 47.67 -15.55 -23.79
N GLU A 133 48.09 -16.05 -24.93
CA GLU A 133 47.18 -16.15 -26.06
C GLU A 133 46.99 -17.54 -26.58
N PRO A 134 46.14 -18.34 -25.88
CA PRO A 134 45.95 -19.77 -26.15
C PRO A 134 44.88 -19.96 -27.24
N THR A 135 44.86 -21.13 -27.86
CA THR A 135 43.88 -21.42 -28.90
C THR A 135 42.58 -21.99 -28.31
N VAL A 136 41.50 -21.97 -29.11
CA VAL A 136 40.22 -22.57 -28.71
C VAL A 136 40.45 -24.04 -28.35
N GLU A 137 41.30 -24.71 -29.14
CA GLU A 137 41.76 -26.05 -28.85
C GLU A 137 42.30 -26.14 -27.43
N GLU A 138 43.31 -25.32 -27.12
CA GLU A 138 43.92 -25.41 -25.80
C GLU A 138 43.01 -25.01 -24.67
N ILE A 139 42.09 -24.09 -24.92
CA ILE A 139 41.19 -23.72 -23.85
C ILE A 139 40.28 -24.90 -23.51
N GLU A 140 39.61 -25.47 -24.50
CA GLU A 140 38.70 -26.58 -24.23
C GLU A 140 39.36 -27.76 -23.50
N ASP A 141 40.60 -28.10 -23.85
CA ASP A 141 41.25 -29.26 -23.23
C ASP A 141 41.82 -29.05 -21.86
N ALA A 142 41.87 -27.77 -21.46
CA ALA A 142 42.39 -27.36 -20.16
C ALA A 142 41.52 -27.84 -19.01
N PHE A 143 40.36 -28.40 -19.31
CA PHE A 143 39.41 -28.72 -18.29
C PHE A 143 39.01 -30.18 -18.27
N GLN A 144 39.83 -31.10 -18.74
CA GLN A 144 39.43 -32.51 -18.62
C GLN A 144 39.27 -32.95 -17.12
N GLY A 145 39.99 -32.30 -16.21
CA GLY A 145 39.93 -32.59 -14.78
C GLY A 145 38.93 -31.78 -13.95
N ASN A 146 38.08 -30.98 -14.60
CA ASN A 146 36.98 -30.33 -13.88
C ASN A 146 35.60 -30.82 -14.31
N LEU A 147 34.76 -31.11 -13.34
CA LEU A 147 33.38 -31.51 -13.57
C LEU A 147 32.45 -30.42 -13.00
N CYS A 148 31.37 -30.18 -13.74
CA CYS A 148 30.27 -29.28 -13.33
C CYS A 148 28.98 -30.02 -13.61
N ARG A 149 28.09 -29.98 -12.64
CA ARG A 149 26.88 -30.77 -12.70
C ARG A 149 25.73 -29.87 -13.12
N CYS A 150 25.97 -28.56 -12.99
CA CYS A 150 24.93 -27.55 -13.22
C CYS A 150 24.78 -27.02 -14.65
N THR A 151 25.87 -26.61 -15.29
CA THR A 151 25.79 -25.69 -16.43
C THR A 151 25.59 -26.35 -17.79
N GLY A 152 26.11 -27.57 -17.98
CA GLY A 152 26.21 -28.16 -19.31
C GLY A 152 27.43 -27.67 -20.10
N TYR A 153 28.29 -26.90 -19.43
CA TYR A 153 29.63 -26.53 -19.91
C TYR A 153 29.69 -25.51 -21.06
N ARG A 154 28.68 -25.52 -21.93
CA ARG A 154 28.63 -24.59 -23.08
C ARG A 154 28.94 -23.11 -22.70
N PRO A 155 28.29 -22.55 -21.64
CA PRO A 155 28.53 -21.17 -21.31
C PRO A 155 29.93 -20.89 -20.82
N ILE A 156 30.56 -21.85 -20.12
CA ILE A 156 31.91 -21.65 -19.61
C ILE A 156 32.85 -21.51 -20.81
N LEU A 157 32.86 -22.54 -21.69
CA LEU A 157 33.68 -22.53 -22.90
C LEU A 157 33.47 -21.31 -23.78
N GLN A 158 32.23 -20.85 -23.88
CA GLN A 158 31.97 -19.61 -24.62
C GLN A 158 32.55 -18.36 -23.95
N GLY A 159 32.30 -18.21 -22.66
CA GLY A 159 32.92 -17.17 -21.84
C GLY A 159 34.44 -17.15 -21.94
N PHE A 160 35.07 -18.32 -21.85
CA PHE A 160 36.54 -18.37 -21.94
C PHE A 160 37.15 -18.29 -23.34
N ARG A 161 36.35 -18.53 -24.37
CA ARG A 161 36.82 -18.46 -25.75
C ARG A 161 37.31 -17.03 -26.09
N THR A 162 36.79 -16.02 -25.41
CA THR A 162 37.30 -14.66 -25.56
C THR A 162 38.80 -14.48 -25.23
N PHE A 163 39.47 -15.51 -24.74
CA PHE A 163 40.88 -15.41 -24.52
C PHE A 163 41.75 -15.97 -25.66
N ALA A 164 41.12 -16.55 -26.68
CA ALA A 164 41.83 -17.07 -27.86
C ALA A 164 42.13 -15.99 -28.92
N LYS A 165 42.68 -16.41 -30.08
CA LYS A 165 43.12 -15.60 -31.29
C LYS A 165 44.58 -15.10 -31.18
N PRO B 1 70.88 -27.79 -0.99
CA PRO B 1 69.65 -28.60 -0.86
C PRO B 1 69.83 -29.89 -0.02
N LYS B 2 69.52 -29.82 1.27
CA LYS B 2 69.68 -30.98 2.18
C LYS B 2 68.44 -31.84 2.33
N GLN B 3 68.66 -33.06 2.80
CA GLN B 3 67.61 -33.99 3.10
C GLN B 3 66.74 -33.46 4.24
N LEU B 4 65.43 -33.60 4.13
CA LEU B 4 64.51 -33.16 5.18
C LEU B 4 63.82 -34.36 5.80
N ARG B 5 63.34 -34.18 7.01
CA ARG B 5 62.63 -35.26 7.68
C ARG B 5 61.45 -34.71 8.47
N PHE B 6 60.30 -35.36 8.26
CA PHE B 6 59.08 -34.97 8.95
C PHE B 6 58.48 -36.21 9.64
N GLU B 7 57.96 -36.02 10.86
CA GLU B 7 57.25 -37.08 11.63
C GLU B 7 55.91 -36.60 12.16
N GLY B 8 54.93 -37.47 12.03
CA GLY B 8 53.57 -37.16 12.44
C GLY B 8 53.01 -38.27 13.30
N GLU B 9 51.71 -38.41 13.30
CA GLU B 9 51.11 -39.41 14.17
C GLU B 9 51.54 -40.83 13.86
N ARG B 10 51.52 -41.21 12.60
CA ARG B 10 51.74 -42.60 12.22
C ARG B 10 52.82 -42.76 11.16
N VAL B 11 53.08 -41.71 10.41
CA VAL B 11 54.00 -41.82 9.30
C VAL B 11 55.24 -40.99 9.49
N THR B 12 56.34 -41.53 9.01
CA THR B 12 57.59 -40.81 8.80
C THR B 12 57.93 -40.58 7.30
N TRP B 13 58.26 -39.34 6.96
CA TRP B 13 58.53 -38.92 5.58
C TRP B 13 59.92 -38.35 5.48
N ILE B 14 60.71 -38.93 4.60
CA ILE B 14 62.06 -38.50 4.32
C ILE B 14 62.09 -37.95 2.90
N GLN B 15 62.47 -36.69 2.77
CA GLN B 15 62.59 -36.10 1.46
C GLN B 15 64.07 -36.22 1.09
N ALA B 16 64.41 -37.19 0.23
CA ALA B 16 65.80 -37.40 -0.18
C ALA B 16 66.25 -36.42 -1.24
N SER B 17 67.51 -35.98 -1.15
CA SER B 17 68.07 -35.01 -2.12
C SER B 17 69.03 -35.65 -3.13
N THR B 18 69.52 -36.83 -2.81
CA THR B 18 70.51 -37.44 -3.67
C THR B 18 70.16 -38.88 -3.97
N LEU B 19 70.39 -39.27 -5.21
CA LEU B 19 70.29 -40.66 -5.58
C LEU B 19 71.04 -41.61 -4.62
N LYS B 20 72.08 -41.13 -3.95
CA LYS B 20 72.82 -41.99 -3.01
C LYS B 20 71.97 -42.14 -1.77
N GLU B 21 71.47 -41.00 -1.25
CA GLU B 21 70.53 -40.99 -0.10
C GLU B 21 69.38 -41.96 -0.34
N LEU B 22 68.75 -41.84 -1.51
CA LEU B 22 67.63 -42.69 -1.86
C LEU B 22 68.05 -44.15 -1.79
N LEU B 23 69.08 -44.50 -2.56
CA LEU B 23 69.55 -45.89 -2.64
C LEU B 23 69.95 -46.43 -1.27
N ASP B 24 70.44 -45.56 -0.41
CA ASP B 24 70.82 -45.97 0.93
C ASP B 24 69.61 -46.19 1.82
N LEU B 25 68.67 -45.23 1.77
CA LEU B 25 67.47 -45.36 2.60
C LEU B 25 66.64 -46.61 2.25
N LYS B 26 66.57 -46.94 0.97
CA LYS B 26 65.84 -48.13 0.53
C LYS B 26 66.54 -49.43 1.01
N ALA B 27 67.87 -49.44 1.00
CA ALA B 27 68.61 -50.57 1.55
C ALA B 27 68.33 -50.68 3.05
N GLN B 28 68.57 -49.62 3.82
CA GLN B 28 68.27 -49.59 5.26
C GLN B 28 66.82 -49.90 5.62
N HIS B 29 65.87 -49.59 4.73
CA HIS B 29 64.43 -49.75 4.96
C HIS B 29 63.71 -50.23 3.68
N PRO B 30 63.84 -51.53 3.32
CA PRO B 30 63.24 -51.94 2.04
C PRO B 30 61.72 -51.72 1.96
N GLU B 31 61.03 -51.85 3.10
CA GLU B 31 59.58 -51.56 3.25
C GLU B 31 59.10 -50.14 2.84
N ALA B 32 59.95 -49.14 3.06
CA ALA B 32 59.69 -47.73 2.73
C ALA B 32 58.92 -47.52 1.45
N LYS B 33 57.84 -46.74 1.51
CA LYS B 33 57.11 -46.35 0.31
C LYS B 33 57.66 -45.10 -0.40
N LEU B 34 57.97 -45.26 -1.69
CA LEU B 34 58.32 -44.13 -2.51
C LEU B 34 57.09 -43.36 -2.87
N VAL B 35 57.18 -42.03 -2.85
CA VAL B 35 56.04 -41.15 -3.21
C VAL B 35 56.52 -39.96 -4.06
N VAL B 36 56.01 -39.86 -5.28
CA VAL B 36 56.27 -38.72 -6.13
C VAL B 36 55.03 -37.84 -6.20
N GLY B 37 54.07 -38.15 -7.05
CA GLY B 37 52.85 -37.34 -7.14
C GLY B 37 51.74 -37.66 -6.13
N ASN B 38 51.86 -38.79 -5.45
CA ASN B 38 50.87 -39.28 -4.49
C ASN B 38 49.51 -39.69 -5.05
N THR B 39 49.38 -39.70 -6.37
CA THR B 39 48.08 -39.88 -7.03
C THR B 39 47.54 -41.31 -6.97
N GLU B 40 48.40 -42.19 -6.48
CA GLU B 40 48.09 -43.56 -6.31
C GLU B 40 48.16 -43.84 -4.81
N ILE B 41 49.27 -43.48 -4.16
CA ILE B 41 49.44 -43.74 -2.72
C ILE B 41 48.30 -43.08 -1.95
N GLY B 42 48.00 -41.83 -2.33
CA GLY B 42 46.92 -41.03 -1.71
C GLY B 42 45.60 -41.78 -1.66
N ILE B 43 45.26 -42.43 -2.78
CA ILE B 43 44.05 -43.22 -2.91
C ILE B 43 44.12 -44.36 -1.92
N GLU B 44 45.26 -45.06 -1.92
CA GLU B 44 45.50 -46.26 -1.10
C GLU B 44 45.37 -46.00 0.40
N MET B 45 45.89 -44.87 0.86
CA MET B 45 45.80 -44.55 2.27
C MET B 45 44.37 -44.18 2.63
N LYS B 46 43.73 -43.37 1.80
CA LYS B 46 42.41 -42.87 2.13
C LYS B 46 41.31 -43.91 1.93
N PHE B 47 41.26 -44.56 0.77
CA PHE B 47 40.15 -45.45 0.43
C PHE B 47 40.43 -46.95 0.63
N LYS B 48 41.68 -47.37 0.66
CA LYS B 48 41.95 -48.80 0.70
C LYS B 48 42.60 -49.10 2.03
N ASN B 49 42.80 -48.05 2.82
CA ASN B 49 43.25 -48.16 4.22
C ASN B 49 44.62 -48.72 4.52
N GLN B 50 45.60 -48.31 3.74
CA GLN B 50 46.95 -48.74 3.91
C GLN B 50 47.66 -47.69 4.71
N LEU B 51 48.48 -48.14 5.65
CA LEU B 51 49.40 -47.26 6.35
C LEU B 51 50.82 -47.69 5.97
N PHE B 52 51.61 -46.76 5.42
CA PHE B 52 53.00 -47.06 5.12
C PHE B 52 53.71 -46.16 6.07
N PRO B 53 54.27 -46.73 7.17
CA PRO B 53 54.79 -45.95 8.31
C PRO B 53 56.00 -45.15 7.89
N MET B 54 56.51 -45.45 6.71
CA MET B 54 57.78 -44.92 6.29
C MET B 54 57.79 -44.56 4.78
N ILE B 55 58.01 -43.29 4.48
CA ILE B 55 57.88 -42.82 3.10
C ILE B 55 59.10 -42.06 2.65
N ILE B 56 59.55 -42.34 1.44
CA ILE B 56 60.64 -41.55 0.86
C ILE B 56 60.16 -40.81 -0.39
N CYS B 57 60.50 -39.54 -0.48
CA CYS B 57 60.10 -38.81 -1.63
C CYS B 57 61.34 -38.48 -2.40
N PRO B 58 61.49 -39.08 -3.59
CA PRO B 58 62.70 -38.89 -4.40
C PRO B 58 62.59 -37.77 -5.40
N ALA B 59 61.50 -36.99 -5.31
CA ALA B 59 61.14 -35.99 -6.32
C ALA B 59 62.25 -35.01 -6.70
N TRP B 60 63.17 -34.80 -5.77
CA TRP B 60 64.17 -33.75 -5.95
C TRP B 60 65.36 -34.24 -6.75
N ILE B 61 65.60 -35.55 -6.69
CA ILE B 61 66.81 -36.17 -7.25
C ILE B 61 66.91 -35.88 -8.75
N PRO B 62 68.00 -35.23 -9.22
CA PRO B 62 68.25 -35.09 -10.68
C PRO B 62 68.81 -36.44 -11.12
N GLU B 63 68.63 -36.86 -12.36
CA GLU B 63 68.53 -38.33 -12.59
C GLU B 63 67.15 -38.46 -12.02
N LEU B 64 66.37 -39.47 -12.39
CA LEU B 64 64.96 -39.43 -12.00
C LEU B 64 64.17 -38.22 -12.57
N ASN B 65 64.84 -37.09 -12.87
CA ASN B 65 64.12 -35.99 -13.52
C ASN B 65 64.59 -35.63 -14.93
N ALA B 66 65.59 -36.37 -15.40
CA ALA B 66 66.33 -36.00 -16.57
C ALA B 66 65.67 -36.54 -17.84
N VAL B 67 65.75 -35.74 -18.90
CA VAL B 67 65.23 -36.08 -20.19
C VAL B 67 66.39 -36.17 -21.17
N GLU B 68 66.72 -37.39 -21.63
CA GLU B 68 67.89 -37.61 -22.47
C GLU B 68 67.46 -38.13 -23.85
N HIS B 69 68.12 -37.64 -24.89
CA HIS B 69 67.80 -38.04 -26.26
C HIS B 69 68.95 -38.88 -26.83
N GLY B 70 69.01 -40.16 -26.51
CA GLY B 70 70.02 -41.06 -27.07
C GLY B 70 69.69 -41.57 -28.48
N PRO B 71 70.53 -42.49 -29.01
CA PRO B 71 70.35 -42.99 -30.38
C PRO B 71 69.23 -44.06 -30.54
N GLU B 72 68.82 -44.68 -29.44
CA GLU B 72 67.80 -45.75 -29.40
C GLU B 72 66.42 -45.17 -29.23
N GLY B 73 66.37 -44.02 -28.55
CA GLY B 73 65.11 -43.43 -28.11
C GLY B 73 65.25 -42.39 -27.02
N ILE B 74 64.12 -42.00 -26.44
CA ILE B 74 64.09 -40.89 -25.48
C ILE B 74 63.86 -41.40 -24.08
N SER B 75 64.85 -41.13 -23.23
CA SER B 75 64.86 -41.59 -21.86
C SER B 75 64.26 -40.51 -20.97
N PHE B 76 63.38 -40.94 -20.06
CA PHE B 76 62.72 -40.06 -19.08
C PHE B 76 62.99 -40.58 -17.70
N GLY B 77 63.53 -39.75 -16.81
CA GLY B 77 63.62 -40.13 -15.41
C GLY B 77 62.28 -40.60 -14.86
N ALA B 78 62.31 -41.53 -13.90
CA ALA B 78 61.09 -42.15 -13.43
C ALA B 78 60.17 -41.17 -12.73
N ALA B 79 60.72 -40.03 -12.30
CA ALA B 79 59.91 -39.02 -11.59
C ALA B 79 59.28 -37.92 -12.48
N CYS B 80 59.71 -37.79 -13.74
CA CYS B 80 59.07 -36.84 -14.68
C CYS B 80 57.56 -37.03 -14.77
N ALA B 81 56.85 -35.90 -14.84
CA ALA B 81 55.39 -35.87 -14.87
C ALA B 81 54.90 -36.31 -16.23
N LEU B 82 53.73 -36.92 -16.25
CA LEU B 82 53.17 -37.39 -17.49
C LEU B 82 53.03 -36.22 -18.42
N SER B 83 52.84 -35.03 -17.87
CA SER B 83 52.72 -33.84 -18.72
C SER B 83 54.03 -33.48 -19.44
N SER B 84 55.18 -33.77 -18.82
CA SER B 84 56.49 -33.60 -19.47
C SER B 84 56.69 -34.63 -20.54
N VAL B 85 56.36 -35.88 -20.21
CA VAL B 85 56.38 -36.94 -21.17
C VAL B 85 55.57 -36.48 -22.38
N GLU B 86 54.34 -36.05 -22.14
CA GLU B 86 53.48 -35.62 -23.23
C GLU B 86 54.07 -34.47 -24.00
N LYS B 87 54.71 -33.53 -23.32
CA LYS B 87 55.24 -32.35 -24.00
C LYS B 87 56.50 -32.72 -24.79
N THR B 88 57.45 -33.41 -24.17
CA THR B 88 58.64 -33.88 -24.89
C THR B 88 58.23 -34.67 -26.14
N LEU B 89 57.25 -35.56 -25.98
CA LEU B 89 56.84 -36.48 -27.04
C LEU B 89 56.09 -35.80 -28.20
N LEU B 90 55.24 -34.81 -27.87
CA LEU B 90 54.62 -33.94 -28.88
C LEU B 90 55.65 -33.23 -29.76
N GLU B 91 56.72 -32.76 -29.15
CA GLU B 91 57.80 -32.15 -29.91
C GLU B 91 58.50 -33.17 -30.81
N ALA B 92 58.94 -34.32 -30.26
CA ALA B 92 59.48 -35.41 -31.08
C ALA B 92 58.64 -35.77 -32.33
N VAL B 93 57.33 -35.94 -32.15
CA VAL B 93 56.41 -36.27 -33.23
C VAL B 93 56.42 -35.20 -34.33
N ALA B 94 56.39 -33.94 -33.91
CA ALA B 94 56.40 -32.80 -34.84
C ALA B 94 57.76 -32.52 -35.53
N LYS B 95 58.85 -33.09 -35.03
CA LYS B 95 60.18 -32.74 -35.50
C LYS B 95 60.78 -33.86 -36.31
N LEU B 96 60.74 -35.07 -35.78
CA LEU B 96 61.31 -36.25 -36.44
C LEU B 96 60.35 -36.79 -37.52
N PRO B 97 60.85 -37.67 -38.41
CA PRO B 97 59.94 -38.20 -39.46
C PRO B 97 58.98 -39.26 -38.92
N THR B 98 57.83 -39.40 -39.56
CA THR B 98 56.79 -40.35 -39.11
C THR B 98 57.34 -41.72 -38.75
N GLN B 99 58.23 -42.24 -39.58
CA GLN B 99 58.62 -43.63 -39.44
C GLN B 99 59.37 -43.92 -38.15
N LYS B 100 59.82 -42.88 -37.45
CA LYS B 100 60.64 -43.05 -36.25
C LYS B 100 59.79 -42.80 -35.01
N THR B 101 58.51 -42.50 -35.24
CA THR B 101 57.66 -42.00 -34.14
C THR B 101 56.36 -42.80 -33.88
N GLU B 102 56.32 -44.06 -34.32
CA GLU B 102 55.12 -44.94 -34.12
C GLU B 102 54.80 -45.15 -32.61
N VAL B 103 55.79 -45.62 -31.85
CA VAL B 103 55.66 -45.79 -30.41
C VAL B 103 55.25 -44.46 -29.72
N PHE B 104 56.03 -43.39 -29.88
CA PHE B 104 55.68 -42.09 -29.27
C PHE B 104 54.21 -41.77 -29.44
N ARG B 105 53.71 -41.91 -30.66
CA ARG B 105 52.30 -41.64 -31.01
C ARG B 105 51.32 -42.62 -30.37
N GLY B 106 51.75 -43.86 -30.19
CA GLY B 106 51.04 -44.80 -29.36
C GLY B 106 50.91 -44.22 -27.95
N VAL B 107 52.04 -43.87 -27.35
CA VAL B 107 52.05 -43.36 -25.97
C VAL B 107 51.15 -42.13 -25.84
N LEU B 108 51.27 -41.22 -26.80
CA LEU B 108 50.46 -40.03 -26.85
C LEU B 108 48.95 -40.30 -26.99
N GLU B 109 48.54 -41.38 -27.66
CA GLU B 109 47.09 -41.71 -27.70
C GLU B 109 46.53 -42.07 -26.32
N GLN B 110 47.24 -42.96 -25.59
CA GLN B 110 46.87 -43.35 -24.24
C GLN B 110 46.83 -42.15 -23.36
N LEU B 111 47.74 -41.21 -23.65
CA LEU B 111 47.87 -39.99 -22.90
C LEU B 111 46.78 -38.96 -23.19
N ARG B 112 45.93 -39.21 -24.17
CA ARG B 112 44.96 -38.19 -24.58
C ARG B 112 43.85 -38.01 -23.57
N TRP B 113 42.96 -39.00 -23.51
CA TRP B 113 41.79 -38.95 -22.66
C TRP B 113 42.10 -39.72 -21.36
N PHE B 114 42.92 -39.12 -20.53
CA PHE B 114 43.55 -39.79 -19.41
C PHE B 114 43.57 -38.66 -18.39
N ALA B 115 42.88 -38.83 -17.26
CA ALA B 115 42.93 -37.81 -16.20
C ALA B 115 42.73 -36.36 -16.72
N GLY B 116 43.48 -35.40 -16.18
CA GLY B 116 43.32 -33.97 -16.47
C GLY B 116 44.67 -33.29 -16.28
N LYS B 117 44.76 -32.00 -16.63
CA LYS B 117 46.00 -31.24 -16.47
C LYS B 117 46.55 -31.31 -15.02
N GLN B 118 45.66 -31.27 -14.03
CA GLN B 118 46.01 -31.47 -12.64
C GLN B 118 46.72 -32.81 -12.38
N VAL B 119 46.14 -33.92 -12.82
CA VAL B 119 46.73 -35.24 -12.58
C VAL B 119 48.00 -35.45 -13.38
N LYS B 120 47.95 -35.17 -14.67
CA LYS B 120 49.08 -35.29 -15.56
C LYS B 120 50.24 -34.41 -15.17
N SER B 121 49.98 -33.27 -14.51
CA SER B 121 51.08 -32.37 -14.07
C SER B 121 51.91 -32.86 -12.86
N VAL B 122 51.36 -33.77 -12.06
CA VAL B 122 52.04 -34.32 -10.88
C VAL B 122 52.20 -35.84 -10.87
N ALA B 123 51.42 -36.57 -11.66
CA ALA B 123 51.59 -38.02 -11.79
C ALA B 123 52.90 -38.35 -12.51
N SER B 124 53.81 -39.09 -11.87
CA SER B 124 55.05 -39.55 -12.51
C SER B 124 54.84 -40.74 -13.46
N LEU B 125 55.80 -40.93 -14.36
CA LEU B 125 55.88 -42.07 -15.28
C LEU B 125 56.12 -43.34 -14.51
N GLY B 126 57.28 -43.41 -13.84
CA GLY B 126 57.67 -44.55 -13.05
C GLY B 126 56.53 -44.93 -12.15
N GLY B 127 55.91 -43.91 -11.55
CA GLY B 127 54.75 -44.12 -10.69
C GLY B 127 53.68 -45.01 -11.32
N ASN B 128 53.27 -44.67 -12.54
CA ASN B 128 52.32 -45.49 -13.27
C ASN B 128 52.78 -46.92 -13.47
N ILE B 129 53.96 -47.07 -14.07
CA ILE B 129 54.58 -48.35 -14.35
C ILE B 129 54.66 -49.21 -13.10
N ILE B 130 55.25 -48.70 -12.04
CA ILE B 130 55.39 -49.54 -10.86
C ILE B 130 54.03 -49.84 -10.24
N THR B 131 53.11 -48.90 -10.20
CA THR B 131 51.79 -49.21 -9.65
C THR B 131 51.18 -50.54 -10.20
N ALA B 132 51.52 -50.91 -11.44
CA ALA B 132 51.06 -52.18 -12.05
C ALA B 132 49.54 -52.45 -12.03
N SER B 133 48.76 -51.41 -12.24
CA SER B 133 47.33 -51.55 -12.38
C SER B 133 47.03 -52.48 -13.55
N PRO B 134 46.12 -53.44 -13.33
CA PRO B 134 45.74 -54.28 -14.48
C PRO B 134 45.19 -53.46 -15.69
N ILE B 135 44.75 -52.23 -15.42
CA ILE B 135 44.12 -51.40 -16.43
C ILE B 135 44.97 -50.13 -16.65
N SER B 136 46.20 -50.14 -16.16
CA SER B 136 47.14 -49.16 -16.65
C SER B 136 47.08 -49.12 -18.18
N ASP B 137 46.90 -47.91 -18.70
CA ASP B 137 46.95 -47.61 -20.12
C ASP B 137 48.35 -47.46 -20.68
N LEU B 138 49.39 -47.44 -19.86
CA LEU B 138 50.73 -47.22 -20.41
C LEU B 138 51.55 -48.49 -20.51
N ASN B 139 51.46 -49.32 -19.48
CA ASN B 139 52.18 -50.59 -19.46
C ASN B 139 51.94 -51.47 -20.71
N PRO B 140 50.68 -51.58 -21.19
CA PRO B 140 50.52 -52.31 -22.43
C PRO B 140 51.40 -51.73 -23.55
N VAL B 141 51.51 -50.41 -23.60
CA VAL B 141 52.33 -49.75 -24.62
C VAL B 141 53.84 -50.05 -24.41
N PHE B 142 54.33 -49.85 -23.17
CA PHE B 142 55.74 -50.07 -22.92
C PHE B 142 56.05 -51.50 -23.17
N MET B 143 55.08 -52.36 -22.91
CA MET B 143 55.34 -53.75 -23.04
C MET B 143 55.47 -54.09 -24.50
N ALA B 144 54.50 -53.67 -25.31
CA ALA B 144 54.51 -54.11 -26.70
C ALA B 144 55.72 -53.55 -27.45
N SER B 145 56.22 -52.42 -26.98
CA SER B 145 57.30 -51.71 -27.64
C SER B 145 58.65 -52.16 -27.12
N GLY B 146 58.65 -53.00 -26.09
CA GLY B 146 59.87 -53.38 -25.37
C GLY B 146 60.64 -52.14 -24.87
N THR B 147 59.96 -51.27 -24.15
CA THR B 147 60.58 -50.07 -23.62
C THR B 147 61.61 -50.50 -22.59
N LYS B 148 62.85 -50.01 -22.73
CA LYS B 148 63.92 -50.39 -21.81
C LYS B 148 63.78 -49.68 -20.47
N LEU B 149 63.92 -50.45 -19.38
CA LEU B 149 63.77 -49.93 -18.00
C LEU B 149 65.08 -49.99 -17.23
N THR B 150 65.52 -48.84 -16.72
CA THR B 150 66.77 -48.82 -15.98
C THR B 150 66.45 -48.80 -14.50
N ILE B 151 66.85 -49.88 -13.84
CA ILE B 151 66.48 -50.17 -12.47
C ILE B 151 67.78 -50.22 -11.70
N VAL B 152 67.79 -49.55 -10.56
CA VAL B 152 69.00 -49.40 -9.74
C VAL B 152 68.72 -49.73 -8.25
N SER B 153 69.73 -50.27 -7.56
CA SER B 153 69.71 -50.40 -6.10
C SER B 153 71.10 -50.00 -5.67
N ARG B 154 71.31 -49.82 -4.36
CA ARG B 154 72.66 -49.51 -3.86
C ARG B 154 73.73 -50.53 -4.27
N GLY B 155 74.51 -50.20 -5.30
CA GLY B 155 75.57 -51.07 -5.76
C GLY B 155 75.28 -51.59 -7.15
N THR B 156 74.18 -52.32 -7.27
CA THR B 156 73.70 -52.87 -8.56
C THR B 156 73.08 -51.82 -9.50
N ARG B 157 73.11 -52.11 -10.79
CA ARG B 157 72.44 -51.33 -11.85
C ARG B 157 72.09 -52.28 -13.00
N ARG B 158 70.81 -52.50 -13.30
CA ARG B 158 70.46 -53.21 -14.54
C ARG B 158 69.49 -52.44 -15.43
N THR B 159 69.59 -52.70 -16.74
CA THR B 159 68.60 -52.25 -17.75
C THR B 159 67.89 -53.45 -18.40
N VAL B 160 66.57 -53.43 -18.47
CA VAL B 160 65.87 -54.55 -19.12
C VAL B 160 64.68 -54.07 -19.92
N PRO B 161 64.54 -54.58 -21.16
CA PRO B 161 63.32 -54.22 -21.90
C PRO B 161 62.09 -54.78 -21.16
N MET B 162 61.01 -54.02 -21.04
CA MET B 162 59.82 -54.53 -20.38
C MET B 162 59.13 -55.63 -21.23
N ASP B 163 58.85 -56.78 -20.60
CA ASP B 163 58.10 -57.87 -21.25
C ASP B 163 57.16 -58.50 -20.23
N HIS B 164 56.49 -59.57 -20.64
CA HIS B 164 55.45 -60.19 -19.80
C HIS B 164 55.92 -60.62 -18.42
N THR B 165 57.20 -60.99 -18.29
CA THR B 165 57.73 -61.43 -16.97
C THR B 165 57.86 -60.29 -15.98
N PHE B 166 57.79 -59.06 -16.46
CA PHE B 166 57.94 -57.90 -15.59
C PHE B 166 56.78 -57.68 -14.65
N PHE B 167 55.60 -58.24 -14.95
CA PHE B 167 54.45 -58.17 -14.06
C PHE B 167 54.01 -59.58 -13.62
N PRO B 168 54.56 -60.09 -12.48
CA PRO B 168 54.47 -61.48 -12.10
C PRO B 168 53.14 -61.88 -11.50
N SER B 169 52.55 -61.00 -10.70
CA SER B 169 51.29 -61.29 -10.01
C SER B 169 50.58 -59.96 -9.78
N TYR B 170 49.34 -60.02 -9.27
CA TYR B 170 48.56 -58.78 -9.05
C TYR B 170 49.38 -57.72 -8.29
N ARG B 171 49.46 -56.52 -8.87
CA ARG B 171 50.14 -55.35 -8.32
C ARG B 171 51.66 -55.51 -8.10
N LYS B 172 52.18 -56.71 -8.33
CA LYS B 172 53.60 -56.91 -8.18
C LYS B 172 54.31 -56.60 -9.51
N THR B 173 55.51 -56.03 -9.40
CA THR B 173 56.43 -55.87 -10.53
C THR B 173 57.68 -56.69 -10.19
N LEU B 174 58.59 -56.81 -11.14
CA LEU B 174 59.81 -57.57 -10.89
C LEU B 174 60.93 -56.62 -10.42
N LEU B 175 60.70 -55.90 -9.34
CA LEU B 175 61.78 -55.16 -8.67
C LEU B 175 62.15 -55.90 -7.41
N GLY B 176 63.44 -55.90 -7.06
CA GLY B 176 63.90 -56.50 -5.82
C GLY B 176 63.52 -55.53 -4.76
N PRO B 177 63.63 -55.92 -3.47
CA PRO B 177 62.97 -55.08 -2.45
C PRO B 177 63.72 -53.75 -2.19
N GLU B 178 64.96 -53.68 -2.68
CA GLU B 178 65.85 -52.52 -2.51
C GLU B 178 65.91 -51.65 -3.77
N GLU B 179 65.33 -52.13 -4.85
CA GLU B 179 65.51 -51.49 -6.14
C GLU B 179 64.49 -50.41 -6.34
N ILE B 180 64.89 -49.40 -7.10
CA ILE B 180 63.98 -48.34 -7.50
C ILE B 180 64.09 -48.24 -9.02
N LEU B 181 63.02 -47.79 -9.67
CA LEU B 181 63.07 -47.57 -11.10
C LEU B 181 63.72 -46.19 -11.37
N LEU B 182 64.91 -46.18 -11.97
CA LEU B 182 65.61 -44.93 -12.27
C LEU B 182 65.09 -44.24 -13.53
N SER B 183 64.97 -44.97 -14.63
CA SER B 183 64.57 -44.28 -15.83
C SER B 183 63.93 -45.20 -16.86
N ILE B 184 63.36 -44.60 -17.90
CA ILE B 184 62.55 -45.28 -18.91
C ILE B 184 62.84 -44.68 -20.29
N GLU B 185 63.33 -45.51 -21.20
CA GLU B 185 63.64 -45.07 -22.55
C GLU B 185 62.61 -45.55 -23.56
N ILE B 186 61.77 -44.67 -24.02
CA ILE B 186 60.72 -45.04 -24.97
C ILE B 186 61.35 -45.15 -26.38
N PRO B 187 61.18 -46.29 -27.07
CA PRO B 187 62.01 -46.50 -28.27
C PRO B 187 61.59 -45.75 -29.53
N TYR B 188 62.58 -45.40 -30.33
CA TYR B 188 62.35 -44.93 -31.68
C TYR B 188 61.85 -46.08 -32.52
N SER B 189 60.85 -45.78 -33.33
CA SER B 189 60.26 -46.68 -34.30
C SER B 189 61.22 -46.97 -35.45
N ARG B 190 61.50 -48.25 -35.73
CA ARG B 190 62.42 -48.63 -36.84
C ARG B 190 61.81 -48.63 -38.26
N GLU B 191 62.64 -48.84 -39.29
CA GLU B 191 62.09 -49.05 -40.62
C GLU B 191 61.25 -50.35 -40.58
N ASP B 192 60.10 -50.34 -41.28
CA ASP B 192 59.21 -51.54 -41.37
C ASP B 192 58.54 -51.88 -40.02
N GLU B 193 58.44 -50.88 -39.15
CA GLU B 193 57.92 -51.09 -37.82
C GLU B 193 56.74 -50.16 -37.61
N PHE B 194 55.62 -50.75 -37.24
CA PHE B 194 54.39 -49.98 -37.01
C PHE B 194 53.73 -50.31 -35.68
N PHE B 195 53.01 -49.33 -35.14
CA PHE B 195 52.52 -49.42 -33.79
C PHE B 195 51.17 -48.75 -33.67
N SER B 196 50.32 -49.25 -32.77
CA SER B 196 49.04 -48.65 -32.49
C SER B 196 48.73 -48.80 -30.97
N ALA B 197 47.80 -48.01 -30.46
CA ALA B 197 47.37 -48.10 -29.06
C ALA B 197 45.92 -47.77 -28.93
N PHE B 198 45.14 -48.67 -28.34
CA PHE B 198 43.71 -48.41 -28.22
C PHE B 198 43.27 -48.58 -26.79
N LYS B 199 42.18 -47.93 -26.40
CA LYS B 199 41.63 -48.19 -25.08
C LYS B 199 40.09 -48.09 -25.02
N GLN B 200 39.50 -48.93 -24.19
CA GLN B 200 38.08 -48.90 -23.93
C GLN B 200 37.72 -47.50 -23.45
N ALA B 201 36.67 -46.93 -24.02
CA ALA B 201 36.19 -45.61 -23.64
C ALA B 201 35.17 -45.69 -22.48
N SER B 202 35.67 -45.70 -21.24
CA SER B 202 34.82 -45.94 -20.06
C SER B 202 35.57 -46.87 -19.10
N ARG B 203 34.95 -47.15 -17.96
CA ARG B 203 35.60 -47.86 -16.87
C ARG B 203 34.54 -47.90 -15.77
N ARG B 204 34.49 -49.01 -15.06
CA ARG B 204 33.32 -49.28 -14.26
C ARG B 204 33.66 -49.94 -12.93
N GLU B 205 34.84 -50.55 -12.82
CA GLU B 205 35.35 -51.04 -11.53
C GLU B 205 36.72 -50.45 -11.29
N ASP B 206 37.10 -50.35 -10.02
CA ASP B 206 38.31 -49.59 -9.64
C ASP B 206 39.60 -49.83 -10.46
N ASP B 207 40.06 -51.09 -10.52
CA ASP B 207 41.26 -51.35 -11.30
C ASP B 207 41.21 -52.65 -12.10
N ILE B 208 40.02 -52.99 -12.58
CA ILE B 208 39.88 -54.19 -13.41
C ILE B 208 38.96 -53.96 -14.63
N ALA B 209 39.11 -54.79 -15.66
CA ALA B 209 38.11 -54.91 -16.73
C ALA B 209 37.91 -53.66 -17.58
N LYS B 210 38.96 -52.90 -17.83
CA LYS B 210 38.92 -51.87 -18.87
C LYS B 210 39.93 -52.23 -19.96
N VAL B 211 39.46 -52.62 -21.13
CA VAL B 211 40.40 -53.11 -22.12
C VAL B 211 41.26 -51.97 -22.64
N THR B 212 42.57 -52.20 -22.66
CA THR B 212 43.53 -51.24 -23.19
C THR B 212 44.73 -52.03 -23.73
N CYS B 213 45.25 -51.59 -24.87
CA CYS B 213 46.27 -52.35 -25.57
C CYS B 213 47.33 -51.55 -26.32
N GLY B 214 48.50 -52.15 -26.46
CA GLY B 214 49.54 -51.62 -27.33
C GLY B 214 49.89 -52.70 -28.31
N MET B 215 50.10 -52.34 -29.57
CA MET B 215 50.33 -53.35 -30.59
C MET B 215 51.42 -52.93 -31.53
N ARG B 216 52.26 -53.91 -31.88
CA ARG B 216 53.47 -53.64 -32.61
C ARG B 216 53.75 -54.75 -33.60
N VAL B 217 54.04 -54.38 -34.84
CA VAL B 217 54.51 -55.34 -35.80
C VAL B 217 55.81 -54.84 -36.43
N LEU B 218 56.78 -55.76 -36.56
CA LEU B 218 57.98 -55.51 -37.38
C LEU B 218 58.08 -56.51 -38.54
N PHE B 219 58.07 -55.98 -39.78
CA PHE B 219 58.18 -56.77 -41.01
C PHE B 219 59.62 -56.97 -41.49
N GLN B 220 59.84 -58.03 -42.26
CA GLN B 220 61.06 -58.17 -43.02
C GLN B 220 61.20 -56.99 -43.93
N PRO B 221 62.44 -56.50 -44.10
CA PRO B 221 62.79 -55.31 -44.87
C PRO B 221 62.01 -55.17 -46.20
N GLY B 222 61.19 -54.14 -46.31
CA GLY B 222 60.45 -53.86 -47.54
C GLY B 222 59.35 -54.85 -47.87
N SER B 223 59.10 -55.83 -47.00
CA SER B 223 58.06 -56.84 -47.23
C SER B 223 56.81 -56.64 -46.37
N MET B 224 55.84 -57.52 -46.55
CA MET B 224 54.63 -57.57 -45.72
C MET B 224 54.71 -58.79 -44.82
N GLN B 225 55.92 -59.31 -44.68
CA GLN B 225 56.11 -60.55 -43.98
C GLN B 225 56.53 -60.26 -42.54
N VAL B 226 55.83 -60.86 -41.60
CA VAL B 226 56.00 -60.56 -40.19
C VAL B 226 57.31 -61.11 -39.68
N LYS B 227 58.05 -60.27 -38.94
CA LYS B 227 59.27 -60.67 -38.21
C LYS B 227 59.04 -60.63 -36.69
N GLU B 228 58.42 -59.57 -36.19
CA GLU B 228 58.08 -59.50 -34.75
C GLU B 228 56.66 -58.97 -34.61
N LEU B 229 55.93 -59.53 -33.65
CA LEU B 229 54.53 -59.20 -33.44
C LEU B 229 54.23 -59.28 -31.98
N ALA B 230 53.70 -58.20 -31.42
CA ALA B 230 53.43 -58.12 -29.99
C ALA B 230 52.09 -57.48 -29.75
N LEU B 231 51.24 -58.19 -29.01
CA LEU B 231 49.90 -57.65 -28.74
C LEU B 231 49.69 -57.74 -27.25
N CYS B 232 49.73 -56.61 -26.57
CA CYS B 232 49.63 -56.57 -25.11
C CYS B 232 48.36 -55.89 -24.62
N TYR B 233 47.77 -56.46 -23.59
CA TYR B 233 46.49 -55.99 -23.14
C TYR B 233 46.49 -55.75 -21.63
N GLY B 234 45.78 -54.69 -21.26
CA GLY B 234 45.34 -54.50 -19.90
C GLY B 234 43.86 -54.83 -19.90
N GLY B 235 43.28 -55.04 -18.72
CA GLY B 235 41.84 -55.18 -18.61
C GLY B 235 41.27 -56.56 -18.87
N MET B 236 42.16 -57.54 -19.02
CA MET B 236 41.77 -58.89 -19.37
C MET B 236 42.21 -59.95 -18.32
N ALA B 237 42.94 -59.52 -17.31
CA ALA B 237 43.44 -60.38 -16.25
C ALA B 237 43.72 -59.47 -15.07
N ASP B 238 44.42 -59.98 -14.07
CA ASP B 238 44.85 -59.11 -12.96
C ASP B 238 46.18 -58.39 -13.25
N ARG B 239 46.58 -58.32 -14.51
CA ARG B 239 47.83 -57.65 -14.88
C ARG B 239 47.94 -57.54 -16.38
N THR B 240 48.67 -56.53 -16.82
CA THR B 240 49.12 -56.44 -18.20
C THR B 240 49.63 -57.81 -18.69
N ILE B 241 49.03 -58.31 -19.77
CA ILE B 241 49.46 -59.60 -20.33
C ILE B 241 49.87 -59.48 -21.79
N SER B 242 50.56 -60.50 -22.29
CA SER B 242 50.92 -60.53 -23.70
C SER B 242 50.39 -61.75 -24.38
N ALA B 243 49.95 -61.59 -25.62
CA ALA B 243 49.29 -62.67 -26.36
C ALA B 243 50.32 -63.57 -27.07
N LEU B 244 51.21 -64.12 -26.25
CA LEU B 244 52.42 -64.77 -26.73
C LEU B 244 52.20 -65.92 -27.70
N LYS B 245 51.32 -66.85 -27.33
CA LYS B 245 50.99 -67.98 -28.19
C LYS B 245 50.46 -67.47 -29.53
N THR B 246 49.52 -66.54 -29.48
CA THR B 246 48.92 -66.04 -30.71
C THR B 246 49.97 -65.47 -31.66
N THR B 247 50.81 -64.56 -31.16
CA THR B 247 51.75 -63.84 -32.01
C THR B 247 52.95 -64.67 -32.44
N GLN B 248 53.30 -65.67 -31.65
CA GLN B 248 54.38 -66.55 -32.00
C GLN B 248 53.98 -67.27 -33.28
N LYS B 249 52.73 -67.70 -33.31
CA LYS B 249 52.16 -68.50 -34.38
C LYS B 249 52.17 -67.77 -35.73
N GLN B 250 52.42 -66.47 -35.71
CA GLN B 250 52.32 -65.66 -36.91
C GLN B 250 53.65 -65.22 -37.46
N LEU B 251 54.74 -65.67 -36.84
CA LEU B 251 56.07 -65.26 -37.33
C LEU B 251 56.34 -65.71 -38.80
N SER B 252 56.88 -64.79 -39.61
CA SER B 252 57.10 -64.99 -41.04
C SER B 252 55.83 -65.31 -41.87
N LYS B 253 54.66 -65.14 -41.26
CA LYS B 253 53.39 -65.15 -41.99
C LYS B 253 53.16 -63.82 -42.72
N PHE B 254 52.32 -63.83 -43.74
CA PHE B 254 52.07 -62.61 -44.50
C PHE B 254 50.88 -61.82 -43.96
N TRP B 255 50.98 -60.50 -43.99
CA TRP B 255 49.94 -59.60 -43.47
C TRP B 255 48.74 -59.51 -44.41
N ASN B 256 47.81 -60.43 -44.28
CA ASN B 256 46.64 -60.47 -45.16
C ASN B 256 45.41 -61.05 -44.47
N GLU B 257 44.37 -61.30 -45.27
CA GLU B 257 43.11 -61.83 -44.81
C GLU B 257 43.26 -63.02 -43.85
N LYS B 258 44.09 -63.97 -44.23
CA LYS B 258 44.28 -65.20 -43.47
C LYS B 258 44.83 -64.93 -42.07
N LEU B 259 45.83 -64.06 -41.97
CA LEU B 259 46.46 -63.75 -40.69
C LEU B 259 45.46 -63.14 -39.73
N LEU B 260 44.56 -62.30 -40.27
CA LEU B 260 43.48 -61.70 -39.50
C LEU B 260 42.66 -62.79 -38.87
N GLN B 261 42.18 -63.73 -39.69
CA GLN B 261 41.40 -64.87 -39.23
C GLN B 261 42.13 -65.64 -38.13
N ASP B 262 43.42 -65.92 -38.32
CA ASP B 262 44.17 -66.69 -37.32
C ASP B 262 44.35 -65.93 -36.01
N VAL B 263 44.72 -64.65 -36.09
CA VAL B 263 44.95 -63.84 -34.88
C VAL B 263 43.70 -63.71 -34.00
N CYS B 264 42.55 -63.63 -34.63
CA CYS B 264 41.29 -63.43 -33.93
C CYS B 264 40.85 -64.73 -33.26
N ALA B 265 41.01 -65.85 -33.97
CA ALA B 265 40.77 -67.16 -33.39
C ALA B 265 41.70 -67.35 -32.20
N GLY B 266 42.96 -66.94 -32.38
CA GLY B 266 44.01 -66.98 -31.34
C GLY B 266 43.72 -66.15 -30.10
N LEU B 267 43.36 -64.88 -30.33
CA LEU B 267 42.96 -63.92 -29.27
C LEU B 267 41.73 -64.33 -28.48
N ALA B 268 40.75 -64.90 -29.18
CA ALA B 268 39.56 -65.39 -28.50
C ALA B 268 39.88 -66.60 -27.64
N GLU B 269 40.83 -67.41 -28.09
CA GLU B 269 41.21 -68.58 -27.32
C GLU B 269 42.08 -68.20 -26.12
N GLU B 270 43.19 -67.51 -26.36
CA GLU B 270 44.23 -67.21 -25.33
C GLU B 270 43.86 -66.17 -24.27
N LEU B 271 43.08 -65.16 -24.64
CA LEU B 271 42.62 -64.15 -23.71
C LEU B 271 41.20 -64.37 -23.26
N SER B 272 40.68 -65.58 -23.49
CA SER B 272 39.28 -65.91 -23.16
C SER B 272 38.95 -65.66 -21.70
N LEU B 273 37.71 -65.26 -21.45
CA LEU B 273 37.28 -64.99 -20.09
C LEU B 273 36.27 -66.03 -19.57
N SER B 274 36.40 -66.46 -18.33
CA SER B 274 35.36 -67.29 -17.74
C SER B 274 34.15 -66.38 -17.49
N PRO B 275 32.92 -66.97 -17.46
CA PRO B 275 31.71 -66.14 -17.38
C PRO B 275 31.49 -65.65 -15.98
N ASP B 276 32.56 -65.51 -15.22
CA ASP B 276 32.50 -65.02 -13.85
C ASP B 276 33.84 -64.33 -13.51
N ALA B 277 34.66 -64.10 -14.54
CA ALA B 277 35.85 -63.27 -14.43
C ALA B 277 35.49 -62.00 -13.69
N PRO B 278 36.42 -61.44 -12.87
CA PRO B 278 36.11 -60.21 -12.13
C PRO B 278 36.00 -59.07 -13.10
N GLY B 279 34.96 -58.25 -12.94
CA GLY B 279 34.75 -57.13 -13.83
C GLY B 279 33.52 -57.25 -14.71
N GLY B 280 33.08 -58.48 -14.94
CA GLY B 280 32.00 -58.79 -15.87
C GLY B 280 32.31 -58.31 -17.27
N MET B 281 31.25 -57.95 -18.00
CA MET B 281 31.41 -57.43 -19.35
C MET B 281 32.13 -58.39 -20.27
N ILE B 282 31.93 -59.71 -20.06
CA ILE B 282 32.67 -60.72 -20.79
C ILE B 282 32.67 -60.48 -22.27
N GLU B 283 31.49 -60.41 -22.85
CA GLU B 283 31.30 -60.42 -24.31
C GLU B 283 31.88 -59.17 -25.01
N PHE B 284 31.54 -58.00 -24.48
CA PHE B 284 32.15 -56.74 -24.86
C PHE B 284 33.67 -56.80 -24.76
N ARG B 285 34.19 -57.41 -23.70
CA ARG B 285 35.63 -57.47 -23.55
C ARG B 285 36.34 -58.27 -24.67
N ARG B 286 35.90 -59.51 -24.93
CA ARG B 286 36.28 -60.26 -26.13
C ARG B 286 36.27 -59.41 -27.39
N THR B 287 35.14 -58.75 -27.60
CA THR B 287 34.92 -58.03 -28.84
C THR B 287 35.89 -56.88 -29.01
N LEU B 288 36.25 -56.21 -27.93
CA LEU B 288 37.25 -55.15 -28.04
C LEU B 288 38.62 -55.71 -28.37
N THR B 289 39.00 -56.86 -27.81
CA THR B 289 40.31 -57.43 -28.13
C THR B 289 40.45 -57.67 -29.62
N LEU B 290 39.46 -58.31 -30.22
CA LEU B 290 39.52 -58.55 -31.67
C LEU B 290 39.30 -57.29 -32.47
N SER B 291 38.32 -56.48 -32.09
CA SER B 291 38.05 -55.25 -32.82
C SER B 291 39.26 -54.33 -32.80
N PHE B 292 39.90 -54.18 -31.63
CA PHE B 292 41.12 -53.39 -31.56
C PHE B 292 42.15 -53.93 -32.57
N PHE B 293 42.39 -55.24 -32.58
CA PHE B 293 43.37 -55.75 -33.48
C PHE B 293 42.99 -55.46 -34.93
N PHE B 294 41.69 -55.55 -35.25
CA PHE B 294 41.25 -55.36 -36.60
C PHE B 294 41.63 -53.97 -37.03
N LYS B 295 41.52 -53.02 -36.11
CA LYS B 295 41.87 -51.64 -36.39
C LYS B 295 43.35 -51.58 -36.71
N PHE B 296 44.16 -52.19 -35.84
CA PHE B 296 45.59 -52.32 -36.04
C PHE B 296 45.88 -52.89 -37.42
N TYR B 297 45.33 -54.07 -37.70
CA TYR B 297 45.42 -54.72 -39.02
C TYR B 297 45.15 -53.78 -40.19
N LEU B 298 44.02 -53.10 -40.12
CA LEU B 298 43.59 -52.17 -41.12
C LEU B 298 44.55 -51.00 -41.20
N THR B 299 45.01 -50.51 -40.05
CA THR B 299 45.88 -49.33 -40.04
C THR B 299 47.26 -49.69 -40.58
N VAL B 300 47.78 -50.85 -40.18
CA VAL B 300 49.07 -51.31 -40.74
C VAL B 300 49.02 -51.37 -42.29
N LEU B 301 48.09 -52.15 -42.85
CA LEU B 301 47.79 -52.11 -44.33
C LEU B 301 47.82 -50.70 -44.98
N LYS B 302 47.25 -49.67 -44.34
CA LYS B 302 47.37 -48.29 -44.85
C LYS B 302 48.81 -47.80 -44.74
N LYS B 303 49.46 -48.09 -43.63
CA LYS B 303 50.83 -47.62 -43.44
C LYS B 303 51.73 -48.31 -44.45
N LEU B 304 51.49 -49.60 -44.70
CA LEU B 304 52.11 -50.30 -45.82
C LEU B 304 51.63 -49.70 -47.14
N THR C 2 13.65 -5.25 -14.54
CA THR C 2 14.61 -6.24 -15.12
C THR C 2 13.96 -7.58 -15.49
N VAL C 3 12.67 -7.75 -15.22
CA VAL C 3 12.02 -9.01 -15.55
C VAL C 3 12.08 -9.25 -17.06
N GLY C 4 12.52 -10.44 -17.47
CA GLY C 4 12.70 -10.71 -18.89
C GLY C 4 14.08 -10.37 -19.42
N ARG C 5 14.89 -9.67 -18.62
CA ARG C 5 16.28 -9.38 -18.99
C ARG C 5 17.30 -10.37 -18.42
N PRO C 6 18.40 -10.64 -19.19
CA PRO C 6 19.33 -11.73 -18.84
C PRO C 6 20.30 -11.37 -17.70
N LEU C 7 19.76 -11.17 -16.50
CA LEU C 7 20.56 -10.73 -15.33
C LEU C 7 21.41 -11.87 -14.76
N PRO C 8 22.73 -11.67 -14.64
CA PRO C 8 23.51 -12.82 -14.16
C PRO C 8 23.09 -13.23 -12.77
N HIS C 9 23.35 -14.49 -12.42
CA HIS C 9 23.08 -15.00 -11.08
C HIS C 9 23.70 -14.07 -10.05
N LEU C 10 22.90 -13.62 -9.07
CA LEU C 10 23.35 -12.64 -8.07
C LEU C 10 24.64 -12.96 -7.31
N ALA C 11 24.98 -14.24 -7.19
CA ALA C 11 26.14 -14.65 -6.40
C ALA C 11 27.35 -15.00 -7.30
N ALA C 12 27.14 -15.00 -8.60
CA ALA C 12 28.09 -15.53 -9.55
C ALA C 12 29.51 -15.06 -9.27
N ALA C 13 29.71 -13.75 -9.09
CA ALA C 13 31.04 -13.15 -8.85
C ALA C 13 31.68 -13.63 -7.51
N MET C 14 30.85 -13.77 -6.48
CA MET C 14 31.32 -14.37 -5.24
C MET C 14 31.66 -15.84 -5.38
N GLN C 15 30.90 -16.52 -6.24
CA GLN C 15 31.18 -17.89 -6.57
C GLN C 15 32.47 -18.02 -7.40
N ALA C 16 32.74 -17.01 -8.20
CA ALA C 16 33.90 -17.02 -9.06
C ALA C 16 35.09 -16.74 -8.24
N SER C 17 34.93 -15.98 -7.16
CA SER C 17 36.09 -15.61 -6.33
C SER C 17 36.38 -16.55 -5.14
N GLY C 18 35.40 -17.37 -4.74
CA GLY C 18 35.55 -18.21 -3.57
C GLY C 18 35.29 -17.51 -2.25
N GLU C 19 34.50 -16.44 -2.32
CA GLU C 19 34.06 -15.69 -1.16
C GLU C 19 32.70 -16.23 -0.73
N ALA C 20 31.88 -16.66 -1.70
CA ALA C 20 30.59 -17.30 -1.45
C ALA C 20 30.77 -18.46 -0.45
N VAL C 21 30.02 -18.39 0.64
CA VAL C 21 30.09 -19.35 1.73
C VAL C 21 29.08 -20.51 1.63
N TYR C 22 29.61 -21.72 1.43
CA TYR C 22 28.82 -22.94 1.60
C TYR C 22 28.97 -23.48 2.99
N CYS C 23 28.15 -24.46 3.30
CA CYS C 23 28.11 -25.02 4.64
C CYS C 23 29.51 -25.24 5.31
N ASP C 24 30.38 -26.02 4.65
CA ASP C 24 31.64 -26.41 5.26
C ASP C 24 32.60 -25.24 5.27
N ASP C 25 32.24 -24.17 4.58
CA ASP C 25 33.14 -23.00 4.56
C ASP C 25 32.96 -22.13 5.82
N ILE C 26 31.87 -22.35 6.55
CA ILE C 26 31.58 -21.61 7.75
C ILE C 26 32.76 -21.85 8.73
N PRO C 27 33.24 -20.79 9.39
CA PRO C 27 34.36 -20.98 10.31
C PRO C 27 33.96 -21.93 11.45
N ARG C 28 34.94 -22.62 12.03
CA ARG C 28 34.69 -23.57 13.13
C ARG C 28 34.67 -22.84 14.45
N TYR C 29 33.88 -23.33 15.43
CA TYR C 29 34.04 -22.83 16.81
C TYR C 29 35.32 -23.40 17.44
N GLU C 30 35.80 -22.82 18.53
CA GLU C 30 37.01 -23.34 19.21
C GLU C 30 36.88 -24.81 19.65
N ASN C 31 35.68 -25.17 20.09
CA ASN C 31 35.36 -26.51 20.55
C ASN C 31 34.60 -27.37 19.55
N GLU C 32 34.45 -26.94 18.30
CA GLU C 32 33.61 -27.67 17.32
C GLU C 32 34.17 -29.07 17.07
N LEU C 33 33.30 -30.07 17.06
CA LEU C 33 33.67 -31.47 16.85
C LEU C 33 33.20 -32.00 15.50
N PHE C 34 33.70 -33.17 15.15
CA PHE C 34 33.46 -33.77 13.84
C PHE C 34 32.89 -35.20 13.97
N LEU C 35 31.92 -35.50 13.10
CA LEU C 35 31.25 -36.76 13.07
C LEU C 35 31.53 -37.52 11.76
N ARG C 36 31.65 -38.83 11.88
CA ARG C 36 31.78 -39.71 10.73
C ARG C 36 30.79 -40.87 10.88
N LEU C 37 29.90 -41.07 9.91
CA LEU C 37 28.93 -42.15 10.03
C LEU C 37 29.58 -43.56 10.02
N VAL C 38 29.09 -44.46 10.87
CA VAL C 38 29.42 -45.86 10.75
C VAL C 38 28.26 -46.61 10.11
N THR C 39 28.57 -47.46 9.17
CA THR C 39 27.65 -47.77 8.09
C THR C 39 27.73 -49.25 7.84
N SER C 40 26.67 -49.85 7.35
CA SER C 40 26.67 -51.31 7.20
C SER C 40 27.58 -51.79 6.06
N THR C 41 28.10 -53.00 6.18
CA THR C 41 28.81 -53.56 5.02
C THR C 41 28.08 -54.82 4.53
N ARG C 42 26.80 -54.91 4.88
CA ARG C 42 25.98 -56.07 4.56
C ARG C 42 24.64 -55.60 4.03
N ALA C 43 24.13 -56.26 3.00
CA ALA C 43 22.82 -55.92 2.45
C ALA C 43 21.71 -56.24 3.41
N HIS C 44 21.72 -57.44 3.98
CA HIS C 44 20.68 -57.84 4.93
C HIS C 44 21.25 -58.73 6.02
N ALA C 45 21.23 -58.25 7.25
CA ALA C 45 21.82 -58.99 8.34
C ALA C 45 21.23 -58.62 9.71
N LYS C 46 21.60 -59.40 10.70
CA LYS C 46 21.31 -59.14 12.08
C LYS C 46 22.64 -58.62 12.64
N ILE C 47 22.60 -57.49 13.35
CA ILE C 47 23.80 -56.94 14.02
C ILE C 47 24.01 -57.74 15.32
N LYS C 48 25.15 -58.42 15.38
CA LYS C 48 25.44 -59.32 16.47
C LYS C 48 26.12 -58.56 17.60
N SER C 49 27.16 -57.78 17.27
CA SER C 49 27.79 -56.87 18.24
C SER C 49 28.47 -55.70 17.56
N ILE C 50 28.82 -54.66 18.32
CA ILE C 50 29.58 -53.53 17.79
C ILE C 50 30.73 -53.34 18.74
N ASP C 51 31.95 -53.28 18.23
CA ASP C 51 33.10 -53.11 19.10
C ASP C 51 33.91 -51.85 18.81
N VAL C 52 34.10 -51.03 19.84
CA VAL C 52 34.72 -49.73 19.66
C VAL C 52 36.16 -49.70 20.14
N SER C 53 36.58 -50.79 20.78
CA SER C 53 37.93 -50.96 21.33
C SER C 53 39.06 -50.16 20.72
N GLU C 54 39.24 -50.33 19.41
CA GLU C 54 40.36 -49.73 18.67
C GLU C 54 40.07 -48.30 18.25
N ALA C 55 38.79 -47.93 18.12
CA ALA C 55 38.43 -46.53 17.83
C ALA C 55 38.73 -45.64 19.03
N GLN C 56 38.51 -46.18 20.24
CA GLN C 56 38.86 -45.52 21.50
C GLN C 56 40.32 -45.17 21.61
N LYS C 57 41.18 -45.91 20.93
CA LYS C 57 42.62 -45.76 21.04
C LYS C 57 43.13 -44.66 20.11
N VAL C 58 42.42 -44.48 19.01
CA VAL C 58 42.65 -43.37 18.07
C VAL C 58 42.70 -41.98 18.79
N PRO C 59 43.81 -41.24 18.61
CA PRO C 59 43.95 -39.90 19.18
C PRO C 59 42.76 -39.00 18.81
N GLY C 60 42.21 -38.34 19.81
CA GLY C 60 41.18 -37.35 19.58
C GLY C 60 39.79 -37.93 19.55
N PHE C 61 39.66 -39.26 19.61
CA PHE C 61 38.35 -39.89 19.77
C PHE C 61 37.55 -39.26 20.94
N VAL C 62 36.27 -39.00 20.72
CA VAL C 62 35.39 -38.44 21.75
C VAL C 62 34.32 -39.45 22.19
N CYS C 63 33.52 -39.94 21.26
CA CYS C 63 32.54 -40.95 21.60
C CYS C 63 32.04 -41.69 20.37
N PHE C 64 31.54 -42.90 20.57
CA PHE C 64 30.74 -43.60 19.56
C PHE C 64 29.28 -43.47 19.96
N LEU C 65 28.44 -43.16 18.98
CA LEU C 65 26.99 -43.03 19.16
C LEU C 65 26.23 -44.15 18.45
N SER C 66 25.16 -44.63 19.09
CA SER C 66 24.27 -45.59 18.51
C SER C 66 22.87 -45.25 18.95
N ALA C 67 21.93 -46.13 18.57
CA ALA C 67 20.50 -46.05 18.88
C ALA C 67 20.19 -45.79 20.34
N ASP C 68 20.93 -46.45 21.23
CA ASP C 68 20.79 -46.24 22.65
C ASP C 68 21.03 -44.79 23.14
N ASP C 69 21.82 -43.99 22.42
CA ASP C 69 22.14 -42.62 22.89
C ASP C 69 21.02 -41.60 22.65
N ILE C 70 20.13 -41.88 21.70
CA ILE C 70 18.99 -41.03 21.31
C ILE C 70 18.00 -40.81 22.46
N PRO C 71 17.73 -39.55 22.83
CA PRO C 71 16.79 -39.23 23.90
C PRO C 71 15.30 -39.19 23.51
N GLY C 72 14.95 -38.94 22.24
CA GLY C 72 13.56 -38.83 21.83
C GLY C 72 13.09 -40.11 21.15
N SER C 73 13.12 -40.14 19.82
CA SER C 73 12.69 -41.31 19.04
C SER C 73 13.73 -41.77 18.03
N ASN C 74 13.80 -43.07 17.76
CA ASN C 74 14.66 -43.61 16.70
C ASN C 74 13.88 -43.96 15.41
N GLU C 75 12.66 -43.40 15.32
CA GLU C 75 11.77 -43.61 14.20
C GLU C 75 11.80 -42.31 13.39
N THR C 76 12.23 -42.43 12.13
CA THR C 76 12.41 -41.29 11.25
C THR C 76 11.97 -41.65 9.81
N GLY C 77 12.11 -40.71 8.87
CA GLY C 77 11.69 -40.90 7.47
C GLY C 77 10.39 -40.18 7.14
N LEU C 78 10.08 -40.05 5.87
CA LEU C 78 8.83 -39.37 5.50
C LEU C 78 7.62 -40.17 6.03
N PHE C 79 7.68 -41.49 5.87
CA PHE C 79 6.59 -42.39 6.25
C PHE C 79 6.95 -43.23 7.45
N ASN C 80 7.77 -42.66 8.33
CA ASN C 80 8.17 -43.24 9.59
C ASN C 80 8.71 -44.64 9.57
N ASP C 81 9.26 -45.04 8.43
CA ASP C 81 9.73 -46.41 8.24
C ASP C 81 11.24 -46.59 8.27
N GLU C 82 11.95 -45.71 8.97
CA GLU C 82 13.42 -45.76 9.02
C GLU C 82 13.94 -45.63 10.41
N THR C 83 15.18 -46.04 10.60
CA THR C 83 15.87 -45.77 11.84
C THR C 83 16.90 -44.64 11.65
N VAL C 84 17.11 -43.83 12.68
CA VAL C 84 18.17 -42.85 12.66
C VAL C 84 19.46 -43.63 12.71
N PHE C 85 19.52 -44.56 13.67
CA PHE C 85 20.60 -45.54 13.76
C PHE C 85 19.99 -46.93 13.77
N ALA C 86 20.65 -47.84 13.06
CA ALA C 86 20.17 -49.22 12.97
C ALA C 86 20.35 -49.95 14.29
N LYS C 87 19.45 -50.90 14.55
CA LYS C 87 19.40 -51.47 15.88
C LYS C 87 19.78 -52.95 16.00
N ASP C 88 18.95 -53.80 15.41
CA ASP C 88 19.11 -55.25 15.51
C ASP C 88 19.53 -55.73 14.15
N THR C 89 18.92 -55.16 13.13
CA THR C 89 19.18 -55.58 11.76
C THR C 89 19.55 -54.38 10.88
N VAL C 90 20.43 -54.66 9.92
CA VAL C 90 20.73 -53.74 8.85
C VAL C 90 19.99 -54.21 7.58
N THR C 91 19.51 -53.25 6.78
CA THR C 91 18.67 -53.61 5.62
C THR C 91 19.25 -53.19 4.27
N CYS C 92 20.52 -52.76 4.28
CA CYS C 92 21.23 -52.42 3.03
C CYS C 92 22.68 -52.13 3.29
N VAL C 93 23.46 -52.02 2.23
CA VAL C 93 24.88 -51.76 2.40
C VAL C 93 25.18 -50.40 3.03
N GLY C 94 24.66 -49.29 2.54
CA GLY C 94 24.99 -48.07 3.34
C GLY C 94 24.24 -47.77 4.66
N HIS C 95 23.55 -48.76 5.21
CA HIS C 95 22.64 -48.51 6.32
C HIS C 95 23.39 -47.97 7.53
N ILE C 96 22.90 -46.87 8.10
CA ILE C 96 23.62 -46.15 9.14
C ILE C 96 23.36 -46.87 10.46
N ILE C 97 24.45 -47.19 11.16
CA ILE C 97 24.39 -47.99 12.37
C ILE C 97 24.70 -47.11 13.53
N GLY C 98 25.43 -46.04 13.24
CA GLY C 98 25.96 -45.19 14.27
C GLY C 98 26.96 -44.20 13.74
N ALA C 99 27.68 -43.59 14.67
CA ALA C 99 28.65 -42.57 14.29
C ALA C 99 29.70 -42.32 15.36
N VAL C 100 30.92 -42.10 14.91
CA VAL C 100 32.02 -41.70 15.74
C VAL C 100 32.12 -40.18 15.72
N VAL C 101 32.47 -39.60 16.86
CA VAL C 101 32.71 -38.17 16.98
C VAL C 101 34.15 -38.02 17.44
N ALA C 102 34.90 -37.12 16.82
CA ALA C 102 36.30 -36.88 17.23
C ALA C 102 36.71 -35.43 17.01
N ASP C 103 37.91 -35.04 17.42
CA ASP C 103 38.36 -33.64 17.31
C ASP C 103 38.76 -33.12 15.88
N THR C 104 38.82 -34.01 14.89
CA THR C 104 39.18 -33.58 13.54
C THR C 104 38.47 -34.49 12.52
N PRO C 105 38.19 -33.98 11.32
CA PRO C 105 37.56 -34.93 10.38
C PRO C 105 38.42 -36.19 10.22
N GLU C 106 39.74 -36.00 10.25
CA GLU C 106 40.73 -37.07 10.07
C GLU C 106 40.63 -38.12 11.15
N HIS C 107 40.67 -37.68 12.40
CA HIS C 107 40.54 -38.58 13.54
C HIS C 107 39.22 -39.30 13.54
N ALA C 108 38.16 -38.59 13.16
CA ALA C 108 36.85 -39.20 12.90
C ALA C 108 36.98 -40.34 11.92
N GLU C 109 37.57 -40.07 10.75
CA GLU C 109 37.80 -41.05 9.70
C GLU C 109 38.56 -42.30 10.16
N ARG C 110 39.70 -42.10 10.82
CA ARG C 110 40.45 -43.25 11.39
C ARG C 110 39.63 -44.11 12.37
N ALA C 111 38.93 -43.44 13.29
CA ALA C 111 38.11 -44.06 14.34
C ALA C 111 36.92 -44.85 13.77
N ALA C 112 36.14 -44.24 12.88
CA ALA C 112 35.05 -44.92 12.19
C ALA C 112 35.51 -46.17 11.42
N HIS C 113 36.60 -46.04 10.65
CA HIS C 113 37.06 -47.17 9.83
C HIS C 113 37.40 -48.40 10.71
N VAL C 114 37.65 -48.16 11.98
CA VAL C 114 38.20 -49.18 12.86
C VAL C 114 37.18 -49.84 13.85
N VAL C 115 35.90 -49.48 13.70
CA VAL C 115 34.82 -50.11 14.44
C VAL C 115 34.48 -51.46 13.83
N LYS C 116 34.65 -52.53 14.58
CA LYS C 116 34.23 -53.84 14.11
C LYS C 116 32.76 -54.06 14.41
N VAL C 117 32.00 -54.27 13.35
CA VAL C 117 30.65 -54.79 13.51
C VAL C 117 30.71 -56.28 13.23
N THR C 118 29.99 -57.07 14.04
CA THR C 118 29.84 -58.51 13.80
C THR C 118 28.42 -58.77 13.28
N TYR C 119 28.32 -59.44 12.14
CA TYR C 119 27.06 -59.59 11.45
C TYR C 119 26.56 -61.01 11.44
N GLU C 120 25.27 -61.17 11.15
CA GLU C 120 24.66 -62.46 10.84
C GLU C 120 23.81 -62.35 9.57
N ASP C 121 24.36 -62.78 8.44
CA ASP C 121 23.70 -62.63 7.14
C ASP C 121 22.26 -63.12 7.06
N LEU C 122 21.39 -62.34 6.43
CA LEU C 122 19.98 -62.73 6.21
C LEU C 122 19.64 -62.80 4.71
N PRO C 123 18.65 -63.64 4.31
CA PRO C 123 18.21 -63.62 2.90
C PRO C 123 18.02 -62.18 2.41
N ALA C 124 18.40 -61.91 1.17
CA ALA C 124 18.54 -60.54 0.69
C ALA C 124 17.94 -60.34 -0.70
N ILE C 125 17.09 -59.33 -0.87
CA ILE C 125 16.43 -59.05 -2.15
C ILE C 125 17.08 -57.82 -2.80
N ILE C 126 17.84 -58.04 -3.88
CA ILE C 126 18.56 -56.93 -4.47
C ILE C 126 17.93 -56.35 -5.77
N THR C 127 17.51 -57.18 -6.72
CA THR C 127 17.03 -56.65 -7.99
C THR C 127 15.53 -56.55 -8.04
N ILE C 128 15.07 -55.80 -9.03
CA ILE C 128 13.66 -55.70 -9.34
C ILE C 128 13.08 -57.10 -9.54
N GLU C 129 13.85 -57.96 -10.23
CA GLU C 129 13.43 -59.35 -10.54
C GLU C 129 13.26 -60.17 -9.26
N ASP C 130 14.12 -59.95 -8.27
CA ASP C 130 13.98 -60.68 -7.00
C ASP C 130 12.77 -60.17 -6.27
N ALA C 131 12.55 -58.86 -6.37
CA ALA C 131 11.45 -58.27 -5.63
C ALA C 131 10.11 -58.79 -6.14
N ILE C 132 9.96 -58.91 -7.45
CA ILE C 132 8.73 -59.42 -8.02
C ILE C 132 8.57 -60.84 -7.52
N LYS C 133 9.57 -61.67 -7.82
CA LYS C 133 9.40 -63.09 -7.54
C LYS C 133 9.30 -63.41 -6.06
N ASN C 134 9.71 -62.48 -5.20
CA ASN C 134 9.55 -62.64 -3.73
C ASN C 134 8.36 -61.87 -3.23
N ASN C 135 7.60 -61.30 -4.18
CA ASN C 135 6.45 -60.44 -3.90
C ASN C 135 6.73 -59.39 -2.80
N SER C 136 7.70 -58.53 -3.05
CA SER C 136 8.21 -57.64 -2.03
C SER C 136 8.10 -56.18 -2.44
N PHE C 137 6.97 -55.58 -2.07
CA PHE C 137 6.63 -54.23 -2.46
C PHE C 137 6.20 -53.39 -1.26
N TYR C 138 6.27 -52.06 -1.41
CA TYR C 138 5.65 -51.10 -0.51
C TYR C 138 4.35 -50.72 -1.12
N GLY C 139 3.28 -50.86 -0.37
CA GLY C 139 1.96 -50.49 -0.86
C GLY C 139 1.45 -51.43 -1.95
N SER C 140 0.31 -51.09 -2.50
CA SER C 140 -0.28 -51.88 -3.55
C SER C 140 -0.06 -51.18 -4.87
N GLU C 141 -0.69 -51.74 -5.88
CA GLU C 141 -0.51 -51.30 -7.24
C GLU C 141 -1.20 -49.95 -7.47
N LEU C 142 -0.46 -48.99 -8.00
CA LEU C 142 -1.02 -47.74 -8.46
C LEU C 142 -1.48 -47.96 -9.91
N LYS C 143 -2.59 -47.33 -10.30
CA LYS C 143 -3.17 -47.53 -11.64
C LYS C 143 -3.84 -46.27 -12.24
N ILE C 144 -3.64 -46.04 -13.53
CA ILE C 144 -4.50 -45.12 -14.29
C ILE C 144 -5.12 -45.90 -15.45
N GLU C 145 -6.43 -45.90 -15.57
CA GLU C 145 -7.04 -46.58 -16.72
C GLU C 145 -8.11 -45.74 -17.41
N LYS C 146 -7.92 -45.53 -18.71
CA LYS C 146 -8.85 -44.77 -19.54
C LYS C 146 -9.28 -45.67 -20.67
N GLY C 147 -10.54 -45.52 -21.09
CA GLY C 147 -11.07 -46.22 -22.27
C GLY C 147 -11.24 -47.70 -22.02
N ASP C 148 -11.15 -48.49 -23.08
CA ASP C 148 -11.29 -49.94 -22.95
C ASP C 148 -10.28 -50.74 -23.77
N LEU C 149 -9.49 -51.57 -23.09
CA LEU C 149 -8.35 -52.24 -23.72
C LEU C 149 -8.74 -53.34 -24.69
N LYS C 150 -9.46 -54.37 -24.22
CA LYS C 150 -10.01 -55.34 -25.16
C LYS C 150 -10.97 -54.63 -26.14
N LYS C 151 -10.51 -54.33 -27.34
CA LYS C 151 -11.29 -53.56 -28.29
C LYS C 151 -10.34 -52.52 -28.82
N GLY C 152 -9.44 -52.08 -27.96
CA GLY C 152 -8.24 -51.43 -28.44
C GLY C 152 -7.38 -52.51 -29.11
N PHE C 153 -7.16 -53.59 -28.39
CA PHE C 153 -6.32 -54.67 -28.92
C PHE C 153 -7.02 -55.51 -29.97
N SER C 154 -8.35 -55.61 -29.92
CA SER C 154 -9.09 -56.30 -30.99
C SER C 154 -9.03 -55.51 -32.29
N GLU C 155 -9.39 -54.24 -32.20
CA GLU C 155 -9.29 -53.26 -33.30
C GLU C 155 -7.85 -53.12 -33.87
N ALA C 156 -6.84 -53.57 -33.14
CA ALA C 156 -5.44 -53.28 -33.47
C ALA C 156 -4.91 -54.14 -34.61
N ASP C 157 -4.12 -53.54 -35.51
CA ASP C 157 -3.49 -54.28 -36.61
C ASP C 157 -2.31 -55.09 -36.08
N ASN C 158 -1.32 -54.38 -35.55
CA ASN C 158 -0.14 -55.01 -34.95
C ASN C 158 -0.09 -54.83 -33.44
N VAL C 159 0.54 -55.78 -32.75
CA VAL C 159 0.69 -55.71 -31.33
C VAL C 159 2.12 -56.08 -31.01
N VAL C 160 2.92 -55.06 -30.68
CA VAL C 160 4.29 -55.23 -30.18
C VAL C 160 4.24 -55.26 -28.66
N SER C 161 5.00 -56.16 -28.06
CA SER C 161 5.16 -56.23 -26.62
C SER C 161 6.63 -56.51 -26.30
N GLY C 162 7.01 -56.32 -25.03
CA GLY C 162 8.37 -56.59 -24.58
C GLY C 162 8.69 -56.02 -23.23
N GLU C 163 9.99 -55.87 -22.96
CA GLU C 163 10.47 -55.47 -21.64
C GLU C 163 11.64 -54.49 -21.78
N LEU C 164 11.70 -53.55 -20.86
CA LEU C 164 12.70 -52.48 -20.89
C LEU C 164 13.26 -52.22 -19.50
N TYR C 165 14.54 -51.87 -19.42
CA TYR C 165 15.14 -51.42 -18.17
C TYR C 165 15.83 -50.08 -18.34
N ILE C 166 15.70 -49.23 -17.32
CA ILE C 166 16.44 -47.99 -17.27
C ILE C 166 17.08 -47.87 -15.89
N GLY C 167 18.41 -47.73 -15.90
CA GLY C 167 19.21 -47.69 -14.68
C GLY C 167 18.99 -46.42 -13.86
N GLY C 168 19.36 -46.51 -12.58
CA GLY C 168 19.26 -45.39 -11.66
C GLY C 168 20.33 -44.36 -11.96
N GLN C 169 20.55 -43.48 -11.00
CA GLN C 169 21.46 -42.37 -11.24
C GLN C 169 21.81 -41.73 -9.91
N ASP C 170 23.05 -41.26 -9.77
CA ASP C 170 23.51 -40.57 -8.55
C ASP C 170 23.43 -39.08 -8.83
N HIS C 171 23.04 -38.29 -7.84
CA HIS C 171 22.92 -36.85 -8.06
C HIS C 171 24.24 -36.17 -8.44
N PHE C 172 25.33 -36.61 -7.80
CA PHE C 172 26.64 -35.99 -8.03
C PHE C 172 26.67 -34.46 -8.00
N TYR C 173 25.95 -33.90 -7.03
CA TYR C 173 26.09 -32.48 -6.66
C TYR C 173 27.52 -32.25 -6.20
N LEU C 174 28.15 -31.20 -6.68
CA LEU C 174 29.57 -31.06 -6.49
C LEU C 174 29.84 -30.94 -5.06
N GLU C 175 28.93 -30.30 -4.33
CA GLU C 175 28.97 -30.30 -2.87
C GLU C 175 28.11 -31.44 -2.23
N THR C 176 28.73 -32.29 -1.42
CA THR C 176 28.07 -33.45 -0.83
C THR C 176 27.22 -33.00 0.37
N HIS C 177 26.52 -33.92 1.05
CA HIS C 177 25.71 -33.53 2.22
C HIS C 177 26.53 -32.97 3.35
N CYS C 178 25.95 -32.04 4.07
CA CYS C 178 26.70 -31.29 5.01
C CYS C 178 25.80 -30.68 6.06
N THR C 179 26.18 -30.81 7.34
CA THR C 179 25.47 -30.17 8.45
C THR C 179 26.39 -29.67 9.57
N ILE C 180 26.14 -28.44 10.01
CA ILE C 180 26.74 -27.96 11.25
C ILE C 180 25.60 -27.82 12.23
N ALA C 181 25.75 -28.39 13.43
CA ALA C 181 24.76 -28.25 14.48
C ALA C 181 25.36 -27.54 15.66
N ILE C 182 24.69 -26.47 16.04
CA ILE C 182 25.05 -25.76 17.24
C ILE C 182 24.00 -25.93 18.34
N PRO C 183 24.36 -26.64 19.43
CA PRO C 183 23.43 -26.81 20.59
C PRO C 183 23.60 -25.60 21.50
N LYS C 184 22.50 -24.99 21.90
CA LYS C 184 22.60 -23.70 22.59
C LYS C 184 22.83 -23.78 24.09
N GLY C 185 22.46 -24.90 24.73
CA GLY C 185 22.58 -25.03 26.19
C GLY C 185 21.32 -24.68 26.98
N GLU C 186 20.37 -24.01 26.35
CA GLU C 186 19.07 -23.69 27.00
C GLU C 186 17.93 -24.37 26.25
N GLU C 187 17.09 -25.07 27.02
CA GLU C 187 15.72 -25.47 26.64
C GLU C 187 15.67 -26.39 25.42
N GLY C 188 16.78 -27.07 25.20
CA GLY C 188 16.96 -27.88 24.01
C GLY C 188 17.08 -27.13 22.70
N GLU C 189 17.29 -25.80 22.74
CA GLU C 189 17.48 -25.02 21.51
C GLU C 189 18.67 -25.51 20.72
N MET C 190 18.59 -25.37 19.41
CA MET C 190 19.66 -25.82 18.52
C MET C 190 19.53 -25.06 17.23
N GLU C 191 20.67 -24.68 16.68
CA GLU C 191 20.74 -23.94 15.43
C GLU C 191 21.60 -24.75 14.48
N LEU C 192 21.08 -24.92 13.25
CA LEU C 192 21.66 -25.82 12.25
C LEU C 192 21.88 -25.13 10.92
N PHE C 193 23.04 -25.40 10.31
CA PHE C 193 23.38 -24.91 9.00
C PHE C 193 23.47 -26.18 8.20
N VAL C 194 22.54 -26.36 7.27
CA VAL C 194 22.50 -27.54 6.37
C VAL C 194 22.46 -27.16 4.88
N SER C 195 23.06 -28.03 4.07
CA SER C 195 22.93 -28.04 2.64
C SER C 195 21.69 -28.90 2.38
N THR C 196 20.52 -28.27 2.38
CA THR C 196 19.25 -28.98 2.18
C THR C 196 18.19 -28.19 1.41
N GLN C 197 17.31 -28.89 0.70
CA GLN C 197 16.20 -28.29 -0.04
C GLN C 197 15.00 -28.24 0.85
N ASN C 198 15.11 -28.85 2.02
CA ASN C 198 13.97 -29.08 2.89
C ASN C 198 14.33 -28.71 4.34
N ALA C 199 14.21 -27.41 4.65
CA ALA C 199 14.51 -26.99 6.00
C ALA C 199 13.39 -27.36 6.96
N MET C 200 12.14 -27.38 6.50
CA MET C 200 11.03 -27.87 7.34
C MET C 200 11.16 -29.36 7.78
N LYS C 201 11.62 -30.23 6.91
CA LYS C 201 11.79 -31.58 7.35
C LYS C 201 13.06 -31.77 8.16
N THR C 202 14.08 -30.96 7.88
CA THR C 202 15.28 -30.99 8.73
C THR C 202 14.91 -30.63 10.19
N GLN C 203 14.21 -29.51 10.36
CA GLN C 203 13.63 -29.13 11.63
C GLN C 203 12.76 -30.24 12.35
N SER C 204 11.66 -30.71 11.73
CA SER C 204 10.86 -31.82 12.31
C SER C 204 11.66 -33.02 12.82
N PHE C 205 12.56 -33.52 11.96
CA PHE C 205 13.26 -34.74 12.20
C PHE C 205 14.22 -34.58 13.36
N VAL C 206 14.79 -33.40 13.49
CA VAL C 206 15.82 -33.19 14.51
C VAL C 206 15.07 -33.19 15.80
N ALA C 207 14.00 -32.41 15.83
CA ALA C 207 13.15 -32.31 17.00
C ALA C 207 12.53 -33.64 17.42
N LYS C 208 11.95 -34.39 16.49
CA LYS C 208 11.38 -35.71 16.79
C LYS C 208 12.43 -36.59 17.46
N MET C 209 13.64 -36.59 16.88
CA MET C 209 14.71 -37.39 17.40
C MET C 209 15.14 -36.96 18.80
N LEU C 210 15.23 -35.65 19.02
CA LEU C 210 15.63 -35.08 20.31
C LEU C 210 14.54 -35.13 21.38
N GLY C 211 13.28 -35.25 20.95
CA GLY C 211 12.12 -35.26 21.86
C GLY C 211 11.69 -33.89 22.37
N VAL C 212 11.94 -32.86 21.57
CA VAL C 212 11.73 -31.48 21.97
C VAL C 212 10.74 -30.85 20.97
N PRO C 213 9.98 -29.83 21.39
CA PRO C 213 9.06 -29.22 20.42
C PRO C 213 9.80 -28.57 19.23
N VAL C 214 9.13 -28.52 18.08
CA VAL C 214 9.71 -27.99 16.85
C VAL C 214 10.17 -26.53 17.00
N ASN C 215 9.55 -25.79 17.88
CA ASN C 215 9.87 -24.37 18.02
C ASN C 215 11.25 -24.10 18.65
N ARG C 216 11.94 -25.15 19.10
CA ARG C 216 13.29 -25.05 19.68
C ARG C 216 14.39 -25.18 18.65
N ILE C 217 14.00 -25.51 17.42
CA ILE C 217 14.97 -25.91 16.43
C ILE C 217 14.95 -24.93 15.26
N LEU C 218 16.13 -24.34 14.99
CA LEU C 218 16.34 -23.39 13.92
C LEU C 218 17.20 -23.97 12.79
N VAL C 219 16.68 -23.98 11.57
CA VAL C 219 17.43 -24.49 10.42
C VAL C 219 17.66 -23.41 9.40
N ARG C 220 18.92 -23.15 9.10
CA ARG C 220 19.34 -22.11 8.17
C ARG C 220 20.09 -22.76 6.98
N VAL C 221 19.88 -22.23 5.78
CA VAL C 221 20.39 -22.74 4.52
C VAL C 221 20.65 -21.50 3.74
N LYS C 222 21.92 -21.24 3.46
CA LYS C 222 22.32 -20.05 2.72
C LYS C 222 22.24 -20.39 1.24
N ARG C 223 22.87 -21.50 0.88
CA ARG C 223 22.92 -21.97 -0.49
C ARG C 223 23.36 -23.42 -0.49
N MET C 224 23.13 -24.12 -1.59
CA MET C 224 23.69 -25.44 -1.79
C MET C 224 24.58 -25.42 -3.03
N GLY C 225 25.66 -26.19 -2.95
CA GLY C 225 26.41 -26.64 -4.15
C GLY C 225 25.76 -27.78 -4.96
N GLY C 226 24.46 -27.67 -5.20
CA GLY C 226 23.68 -28.64 -5.98
C GLY C 226 22.67 -29.36 -5.10
N GLY C 227 21.55 -29.78 -5.68
CA GLY C 227 20.51 -30.50 -4.94
C GLY C 227 19.96 -31.61 -5.83
N PHE C 228 19.46 -31.18 -6.99
CA PHE C 228 18.87 -32.07 -7.98
C PHE C 228 17.93 -33.11 -7.40
N GLY C 229 17.46 -32.92 -6.16
CA GLY C 229 16.46 -33.79 -5.57
C GLY C 229 17.00 -34.56 -4.40
N GLY C 230 18.30 -34.81 -4.40
CA GLY C 230 18.94 -35.64 -3.38
C GLY C 230 19.01 -34.99 -2.02
N LYS C 231 18.65 -33.71 -1.96
CA LYS C 231 18.58 -32.93 -0.72
C LYS C 231 17.13 -32.49 -0.41
N GLU C 232 16.16 -33.08 -1.13
CA GLU C 232 14.77 -32.87 -0.81
C GLU C 232 14.47 -33.56 0.52
N THR C 233 14.93 -34.80 0.68
CA THR C 233 14.70 -35.50 1.95
C THR C 233 15.97 -36.06 2.55
N ARG C 234 16.85 -36.59 1.72
CA ARG C 234 17.89 -37.49 2.20
C ARG C 234 18.95 -36.83 3.01
N SER C 235 18.99 -35.50 2.96
CA SER C 235 19.90 -34.66 3.73
C SER C 235 19.84 -34.97 5.21
N THR C 236 18.71 -35.53 5.65
CA THR C 236 18.40 -35.64 7.08
C THR C 236 19.14 -36.79 7.73
N LEU C 237 19.72 -37.68 6.92
CA LEU C 237 20.57 -38.80 7.40
C LEU C 237 21.84 -38.27 8.01
N VAL C 238 22.29 -37.12 7.51
CA VAL C 238 23.43 -36.45 8.14
C VAL C 238 22.96 -35.54 9.26
N SER C 239 21.92 -34.76 8.99
CA SER C 239 21.49 -33.70 9.90
C SER C 239 21.13 -34.24 11.25
N VAL C 240 20.35 -35.32 11.23
CA VAL C 240 19.82 -35.93 12.46
C VAL C 240 20.94 -36.56 13.27
N ALA C 241 21.87 -37.23 12.60
CA ALA C 241 23.07 -37.77 13.28
C ALA C 241 23.95 -36.68 13.93
N VAL C 242 24.27 -35.61 13.22
CA VAL C 242 25.09 -34.50 13.71
C VAL C 242 24.36 -33.75 14.85
N ALA C 243 23.04 -33.66 14.74
CA ALA C 243 22.25 -33.07 15.82
C ALA C 243 22.43 -33.86 17.08
N LEU C 244 22.37 -35.19 16.98
CA LEU C 244 22.44 -36.02 18.16
C LEU C 244 23.79 -35.81 18.84
N ALA C 245 24.87 -35.92 18.05
CA ALA C 245 26.24 -35.63 18.48
C ALA C 245 26.34 -34.35 19.27
N ALA C 246 25.73 -33.29 18.72
CA ALA C 246 25.65 -32.00 19.39
C ALA C 246 24.84 -32.07 20.70
N TYR C 247 23.72 -32.76 20.67
CA TYR C 247 22.99 -32.99 21.90
C TYR C 247 23.85 -33.73 22.96
N LYS C 248 24.57 -34.78 22.56
CA LYS C 248 25.25 -35.69 23.50
C LYS C 248 26.48 -35.07 24.08
N THR C 249 27.20 -34.28 23.31
CA THR C 249 28.46 -33.76 23.78
C THR C 249 28.35 -32.36 24.32
N GLY C 250 27.26 -31.66 24.04
CA GLY C 250 27.15 -30.25 24.39
C GLY C 250 28.06 -29.31 23.57
N HIS C 251 28.78 -29.85 22.58
CA HIS C 251 29.63 -29.05 21.66
C HIS C 251 29.02 -28.84 20.24
N PRO C 252 29.39 -27.74 19.56
CA PRO C 252 29.05 -27.70 18.12
C PRO C 252 29.63 -28.92 17.37
N VAL C 253 28.87 -29.55 16.49
CA VAL C 253 29.40 -30.65 15.68
C VAL C 253 29.13 -30.55 14.15
N ARG C 254 30.05 -30.99 13.32
CA ARG C 254 29.83 -30.94 11.89
C ARG C 254 30.20 -32.20 11.11
N CYS C 255 29.59 -32.34 9.94
CA CYS C 255 29.87 -33.41 9.02
C CYS C 255 29.65 -32.97 7.55
N MET C 256 30.65 -33.22 6.70
CA MET C 256 30.50 -33.22 5.24
C MET C 256 30.92 -34.65 4.84
N LEU C 257 30.15 -35.31 4.00
CA LEU C 257 30.47 -36.65 3.55
C LEU C 257 31.50 -36.58 2.45
N ASP C 258 32.38 -37.56 2.37
CA ASP C 258 33.23 -37.74 1.20
C ASP C 258 32.32 -38.21 0.12
N ARG C 259 32.80 -38.12 -1.13
CA ARG C 259 31.99 -38.60 -2.23
C ARG C 259 31.51 -40.07 -2.02
N ASN C 260 32.43 -40.96 -1.66
CA ASN C 260 32.15 -42.37 -1.64
C ASN C 260 31.07 -42.74 -0.61
N GLU C 261 31.06 -42.00 0.52
CA GLU C 261 30.03 -42.17 1.57
C GLU C 261 28.69 -41.78 1.01
N ASP C 262 28.66 -40.59 0.40
CA ASP C 262 27.46 -39.97 -0.19
C ASP C 262 26.79 -40.84 -1.26
N MET C 263 27.59 -41.36 -2.19
CA MET C 263 27.08 -42.20 -3.22
C MET C 263 26.62 -43.52 -2.60
N LEU C 264 27.29 -43.99 -1.56
CA LEU C 264 26.80 -45.18 -0.93
C LEU C 264 25.51 -44.92 -0.20
N ILE C 265 25.49 -43.90 0.64
CA ILE C 265 24.41 -43.74 1.60
C ILE C 265 23.16 -43.00 1.05
N THR C 266 23.35 -41.89 0.33
CA THR C 266 22.25 -40.90 0.14
C THR C 266 21.12 -41.27 -0.78
N GLY C 267 21.26 -42.31 -1.58
CA GLY C 267 20.22 -42.68 -2.52
C GLY C 267 20.30 -41.81 -3.75
N GLY C 268 19.69 -42.30 -4.82
CA GLY C 268 19.71 -41.63 -6.13
C GLY C 268 18.42 -41.95 -6.87
N ARG C 269 18.47 -41.88 -8.19
CA ARG C 269 17.26 -42.05 -9.03
C ARG C 269 16.77 -43.51 -8.99
N HIS C 270 15.45 -43.69 -9.14
CA HIS C 270 14.85 -45.01 -9.14
C HIS C 270 15.11 -45.70 -10.47
N PRO C 271 15.85 -46.81 -10.45
CA PRO C 271 15.74 -47.62 -11.67
C PRO C 271 14.28 -48.05 -11.89
N PHE C 272 13.92 -48.19 -13.17
CA PHE C 272 12.62 -48.74 -13.57
C PHE C 272 12.78 -49.99 -14.46
N LEU C 273 11.95 -50.98 -14.20
CA LEU C 273 11.75 -52.05 -15.18
C LEU C 273 10.37 -51.81 -15.73
N ALA C 274 10.18 -52.05 -17.02
CA ALA C 274 8.87 -51.87 -17.62
C ALA C 274 8.54 -53.03 -18.52
N ARG C 275 7.33 -53.55 -18.39
CA ARG C 275 6.80 -54.61 -19.28
C ARG C 275 5.64 -53.99 -20.02
N TYR C 276 5.73 -53.94 -21.36
CA TYR C 276 4.80 -53.18 -22.17
C TYR C 276 4.20 -53.94 -23.39
N LYS C 277 3.03 -53.47 -23.82
CA LYS C 277 2.28 -54.03 -24.94
C LYS C 277 1.58 -52.87 -25.66
N VAL C 278 1.93 -52.67 -26.94
CA VAL C 278 1.34 -51.57 -27.75
C VAL C 278 0.55 -52.10 -28.91
N GLY C 279 -0.62 -51.49 -29.14
CA GLY C 279 -1.50 -51.84 -30.27
C GLY C 279 -1.68 -50.66 -31.21
N PHE C 280 -1.42 -50.88 -32.51
CA PHE C 280 -1.41 -49.81 -33.49
C PHE C 280 -1.89 -50.22 -34.86
N MET C 281 -2.25 -49.23 -35.67
CA MET C 281 -2.61 -49.49 -37.04
C MET C 281 -1.35 -49.48 -37.91
N LYS C 282 -1.41 -50.10 -39.09
CA LYS C 282 -0.33 -50.03 -40.06
C LYS C 282 0.07 -48.59 -40.38
N THR C 283 -0.86 -47.67 -40.14
CA THR C 283 -0.66 -46.23 -40.23
C THR C 283 0.33 -45.69 -39.17
N GLY C 284 0.41 -46.37 -38.03
CA GLY C 284 1.23 -45.91 -36.92
C GLY C 284 0.47 -45.20 -35.80
N THR C 285 -0.86 -45.11 -35.94
CA THR C 285 -1.73 -44.59 -34.93
C THR C 285 -1.85 -45.63 -33.81
N ILE C 286 -1.58 -45.17 -32.59
CA ILE C 286 -1.61 -46.03 -31.40
C ILE C 286 -3.06 -46.23 -31.06
N VAL C 287 -3.43 -47.47 -30.80
CA VAL C 287 -4.82 -47.81 -30.51
C VAL C 287 -5.01 -48.34 -29.07
N ALA C 288 -4.04 -49.12 -28.59
CA ALA C 288 -4.01 -49.46 -27.19
C ALA C 288 -2.59 -49.56 -26.66
N LEU C 289 -2.45 -49.40 -25.33
CA LEU C 289 -1.18 -49.39 -24.62
C LEU C 289 -1.39 -49.91 -23.21
N GLU C 290 -0.55 -50.87 -22.85
CA GLU C 290 -0.56 -51.46 -21.54
C GLU C 290 0.89 -51.47 -21.02
N VAL C 291 1.13 -50.75 -19.93
CA VAL C 291 2.46 -50.69 -19.30
C VAL C 291 2.38 -50.97 -17.79
N ASP C 292 3.09 -51.99 -17.33
CA ASP C 292 3.32 -52.14 -15.89
C ASP C 292 4.71 -51.67 -15.60
N HIS C 293 4.80 -50.73 -14.65
CA HIS C 293 6.06 -50.14 -14.21
C HIS C 293 6.50 -50.74 -12.91
N TYR C 294 7.79 -50.99 -12.79
CA TYR C 294 8.35 -51.35 -11.49
C TYR C 294 9.55 -50.50 -11.19
N SER C 295 9.54 -49.87 -10.02
CA SER C 295 10.68 -49.10 -9.56
C SER C 295 11.44 -49.85 -8.48
N ASN C 296 12.75 -49.60 -8.40
CA ASN C 296 13.56 -50.16 -7.32
C ASN C 296 13.61 -49.19 -6.17
N ALA C 297 12.75 -49.36 -5.18
CA ALA C 297 12.64 -48.36 -4.11
C ALA C 297 13.82 -48.35 -3.13
N GLY C 298 14.33 -49.52 -2.76
CA GLY C 298 15.38 -49.60 -1.74
C GLY C 298 14.73 -49.82 -0.39
N ASN C 299 15.44 -49.56 0.71
CA ASN C 299 14.95 -49.98 2.03
C ASN C 299 14.05 -49.00 2.83
N SER C 300 13.50 -47.97 2.20
CA SER C 300 12.46 -47.20 2.89
C SER C 300 11.56 -46.64 1.83
N ARG C 301 10.37 -46.18 2.22
CA ARG C 301 9.42 -45.59 1.27
C ARG C 301 9.93 -44.24 0.73
N ASP C 302 10.27 -43.32 1.63
CA ASP C 302 10.69 -42.01 1.21
C ASP C 302 9.67 -41.45 0.18
N LEU C 303 10.18 -41.04 -0.99
CA LEU C 303 9.40 -40.37 -1.99
C LEU C 303 8.95 -41.34 -3.05
N SER C 304 9.39 -42.59 -2.98
CA SER C 304 9.01 -43.58 -3.99
C SER C 304 7.53 -43.52 -4.49
N HIS C 305 6.53 -43.46 -3.59
CA HIS C 305 5.12 -43.48 -4.02
C HIS C 305 4.74 -42.31 -4.95
N SER C 306 5.15 -41.10 -4.58
CA SER C 306 4.96 -39.93 -5.39
C SER C 306 5.74 -39.97 -6.69
N ILE C 307 6.88 -40.65 -6.67
CA ILE C 307 7.67 -40.87 -7.88
C ILE C 307 6.90 -41.72 -8.92
N MET C 308 6.34 -42.83 -8.47
CA MET C 308 5.51 -43.69 -9.31
C MET C 308 4.24 -42.98 -9.84
N GLU C 309 3.61 -42.14 -9.02
CA GLU C 309 2.54 -41.24 -9.51
C GLU C 309 3.01 -40.32 -10.66
N ARG C 310 4.09 -39.59 -10.49
CA ARG C 310 4.53 -38.75 -11.59
C ARG C 310 4.91 -39.59 -12.79
N ALA C 311 5.44 -40.80 -12.56
CA ALA C 311 5.69 -41.71 -13.67
C ALA C 311 4.38 -42.01 -14.41
N LEU C 312 3.34 -42.38 -13.67
CA LEU C 312 2.06 -42.77 -14.30
C LEU C 312 1.40 -41.60 -15.03
N PHE C 313 1.65 -40.38 -14.55
CA PHE C 313 1.15 -39.18 -15.25
C PHE C 313 1.85 -38.88 -16.54
N HIS C 314 3.00 -39.53 -16.79
CA HIS C 314 3.89 -39.19 -17.94
C HIS C 314 4.17 -40.30 -18.90
N MET C 315 3.42 -41.39 -18.72
CA MET C 315 3.49 -42.56 -19.55
C MET C 315 2.93 -42.37 -20.99
N ASP C 316 2.41 -41.17 -21.30
CA ASP C 316 1.84 -40.82 -22.60
C ASP C 316 2.78 -39.94 -23.43
N ASN C 317 3.77 -39.36 -22.76
CA ASN C 317 4.49 -38.21 -23.32
C ASN C 317 3.48 -37.24 -23.93
N CYS C 318 3.60 -36.97 -25.22
CA CYS C 318 2.73 -36.04 -25.91
C CYS C 318 1.85 -36.81 -26.91
N TYR C 319 1.36 -37.98 -26.50
CA TYR C 319 0.60 -38.84 -27.41
C TYR C 319 -0.80 -39.15 -26.94
N LYS C 320 -1.75 -38.87 -27.83
CA LYS C 320 -3.16 -39.18 -27.63
C LYS C 320 -3.32 -40.70 -27.80
N ILE C 321 -3.69 -41.40 -26.72
CA ILE C 321 -3.81 -42.86 -26.70
C ILE C 321 -5.14 -43.21 -26.14
N PRO C 322 -6.11 -43.57 -27.01
CA PRO C 322 -7.53 -43.79 -26.67
C PRO C 322 -7.78 -44.87 -25.63
N ASN C 323 -6.93 -45.87 -25.58
CA ASN C 323 -7.19 -47.02 -24.72
C ASN C 323 -5.91 -47.35 -24.06
N ILE C 324 -5.89 -47.24 -22.74
CA ILE C 324 -4.62 -47.09 -22.03
C ILE C 324 -4.71 -47.58 -20.59
N ARG C 325 -3.71 -48.36 -20.18
CA ARG C 325 -3.64 -48.89 -18.82
C ARG C 325 -2.21 -48.92 -18.29
N GLY C 326 -1.97 -48.18 -17.22
CA GLY C 326 -0.63 -48.03 -16.71
C GLY C 326 -0.62 -48.39 -15.27
N THR C 327 0.16 -49.40 -14.88
CA THR C 327 0.26 -49.72 -13.48
C THR C 327 1.67 -49.52 -12.98
N GLY C 328 1.79 -49.43 -11.66
CA GLY C 328 3.04 -49.11 -11.02
C GLY C 328 3.18 -49.80 -9.69
N ARG C 329 4.37 -50.34 -9.49
CA ARG C 329 4.65 -51.13 -8.32
C ARG C 329 6.01 -50.71 -7.75
N LEU C 330 6.06 -50.58 -6.42
CA LEU C 330 7.25 -50.12 -5.75
C LEU C 330 7.96 -51.29 -5.12
N CYS C 331 9.14 -51.66 -5.60
CA CYS C 331 9.84 -52.84 -5.04
C CYS C 331 10.59 -52.55 -3.78
N LYS C 332 10.33 -53.36 -2.76
CA LYS C 332 10.94 -53.21 -1.45
C LYS C 332 12.22 -54.06 -1.43
N THR C 333 13.39 -53.41 -1.43
CA THR C 333 14.68 -54.09 -1.62
C THR C 333 15.81 -53.68 -0.68
N ASN C 334 16.80 -54.55 -0.55
CA ASN C 334 17.91 -54.28 0.34
C ASN C 334 19.00 -53.43 -0.27
N LEU C 335 18.68 -52.15 -0.54
CA LEU C 335 19.53 -51.17 -1.20
C LEU C 335 19.22 -49.82 -0.59
N SER C 336 20.17 -48.88 -0.62
CA SER C 336 19.90 -47.49 -0.16
C SER C 336 18.54 -46.98 -0.66
N SER C 337 17.80 -46.30 0.20
CA SER C 337 16.50 -45.82 -0.22
C SER C 337 16.69 -44.82 -1.34
N ASN C 338 16.07 -45.12 -2.48
CA ASN C 338 16.07 -44.21 -3.60
C ASN C 338 15.09 -43.09 -3.37
N THR C 339 15.37 -41.94 -4.00
CA THR C 339 14.74 -40.69 -3.64
C THR C 339 14.49 -39.81 -4.85
N ALA C 340 14.27 -38.51 -4.62
CA ALA C 340 13.94 -37.58 -5.70
C ALA C 340 15.18 -37.28 -6.52
N PHE C 341 14.99 -37.25 -7.83
CA PHE C 341 16.02 -36.78 -8.72
C PHE C 341 15.36 -36.04 -9.89
N ARG C 342 15.77 -34.80 -10.05
CA ARG C 342 15.33 -33.94 -11.17
C ARG C 342 14.51 -34.64 -12.21
N GLY C 343 13.19 -34.55 -12.10
CA GLY C 343 12.30 -35.23 -13.06
C GLY C 343 11.38 -36.19 -12.34
N PHE C 344 11.85 -36.76 -11.22
CA PHE C 344 10.97 -37.36 -10.24
C PHE C 344 10.05 -38.41 -10.92
N GLY C 345 10.61 -39.37 -11.67
CA GLY C 345 9.79 -40.42 -12.30
C GLY C 345 9.30 -40.13 -13.72
N GLY C 346 9.20 -38.85 -14.06
CA GLY C 346 8.92 -38.45 -15.43
C GLY C 346 9.91 -39.01 -16.44
N PRO C 347 11.22 -38.74 -16.29
CA PRO C 347 12.17 -39.26 -17.24
C PRO C 347 11.93 -40.72 -17.54
N GLN C 348 11.74 -41.51 -16.50
CA GLN C 348 11.67 -42.93 -16.66
C GLN C 348 10.43 -43.32 -17.41
N ALA C 349 9.30 -42.68 -17.11
CA ALA C 349 8.05 -43.00 -17.80
C ALA C 349 8.07 -42.49 -19.22
N LEU C 350 8.73 -41.35 -19.42
CA LEU C 350 8.80 -40.73 -20.72
C LEU C 350 9.68 -41.53 -21.67
N PHE C 351 10.76 -42.09 -21.13
CA PHE C 351 11.69 -42.91 -21.90
C PHE C 351 11.03 -44.25 -22.29
N ILE C 352 10.27 -44.84 -21.38
CA ILE C 352 9.52 -46.07 -21.67
C ILE C 352 8.61 -45.83 -22.86
N ALA C 353 7.86 -44.72 -22.79
CA ALA C 353 6.96 -44.27 -23.85
C ALA C 353 7.70 -44.09 -25.17
N GLU C 354 8.85 -43.39 -25.15
CA GLU C 354 9.53 -43.15 -26.40
C GLU C 354 10.11 -44.43 -26.92
N ASN C 355 10.28 -45.41 -26.04
CA ASN C 355 10.77 -46.69 -26.50
C ASN C 355 9.76 -47.47 -27.35
N TRP C 356 8.52 -47.58 -26.91
CA TRP C 356 7.57 -48.34 -27.70
C TRP C 356 7.19 -47.58 -28.96
N MET C 357 7.21 -46.25 -28.88
CA MET C 357 6.96 -45.39 -30.01
C MET C 357 8.00 -45.58 -31.11
N SER C 358 9.26 -45.77 -30.75
CA SER C 358 10.31 -45.89 -31.77
C SER C 358 10.11 -47.22 -32.51
N GLU C 359 9.56 -48.20 -31.79
CA GLU C 359 9.26 -49.53 -32.29
C GLU C 359 8.00 -49.61 -33.17
N VAL C 360 6.96 -48.87 -32.79
CA VAL C 360 5.80 -48.68 -33.65
C VAL C 360 6.29 -48.29 -35.06
N ALA C 361 7.12 -47.26 -35.09
CA ALA C 361 7.56 -46.64 -36.34
C ALA C 361 8.44 -47.56 -37.21
N VAL C 362 9.27 -48.37 -36.56
CA VAL C 362 10.06 -49.37 -37.27
C VAL C 362 9.10 -50.45 -37.78
N THR C 363 8.25 -50.96 -36.89
CA THR C 363 7.37 -52.05 -37.25
C THR C 363 6.51 -51.69 -38.44
N CYS C 364 6.11 -50.42 -38.53
CA CYS C 364 5.32 -49.94 -39.65
C CYS C 364 6.14 -49.51 -40.83
N GLY C 365 7.45 -49.67 -40.73
CA GLY C 365 8.41 -49.15 -41.72
C GLY C 365 8.16 -47.72 -42.16
N LEU C 366 7.70 -46.87 -41.24
CA LEU C 366 7.51 -45.45 -41.53
C LEU C 366 8.63 -44.65 -40.84
N PRO C 367 8.85 -43.40 -41.28
CA PRO C 367 9.79 -42.52 -40.56
C PRO C 367 9.25 -42.09 -39.15
N ALA C 368 10.16 -41.85 -38.20
CA ALA C 368 9.77 -41.66 -36.82
C ALA C 368 8.97 -40.37 -36.58
N GLU C 369 9.42 -39.27 -37.21
CA GLU C 369 8.78 -37.95 -37.08
C GLU C 369 7.36 -37.95 -37.58
N GLU C 370 7.13 -38.69 -38.67
CA GLU C 370 5.78 -38.85 -39.26
C GLU C 370 4.89 -39.56 -38.26
N VAL C 371 5.41 -40.64 -37.68
CA VAL C 371 4.63 -41.40 -36.68
C VAL C 371 4.41 -40.61 -35.38
N ARG C 372 5.46 -39.93 -34.89
CA ARG C 372 5.30 -39.16 -33.64
C ARG C 372 4.20 -38.12 -33.81
N TRP C 373 4.33 -37.32 -34.88
CA TRP C 373 3.38 -36.28 -35.27
C TRP C 373 1.94 -36.80 -35.40
N LYS C 374 1.71 -37.83 -36.22
CA LYS C 374 0.36 -38.43 -36.34
C LYS C 374 -0.32 -38.64 -35.01
N ASN C 375 0.47 -38.97 -33.98
CA ASN C 375 -0.07 -39.46 -32.70
C ASN C 375 -0.19 -38.38 -31.66
N MET C 376 0.11 -37.16 -32.06
CA MET C 376 0.28 -36.07 -31.12
C MET C 376 -1.04 -35.50 -30.64
N TYR C 377 -1.02 -35.01 -29.40
CA TYR C 377 -2.17 -34.35 -28.80
C TYR C 377 -2.50 -33.13 -29.59
N LYS C 378 -3.78 -32.74 -29.56
CA LYS C 378 -4.22 -31.47 -30.13
C LYS C 378 -4.58 -30.58 -28.97
N GLU C 379 -4.50 -29.27 -29.18
CA GLU C 379 -5.07 -28.31 -28.25
C GLU C 379 -6.42 -28.80 -27.77
N GLY C 380 -6.56 -28.89 -26.44
CA GLY C 380 -7.85 -29.24 -25.87
C GLY C 380 -8.18 -30.71 -25.68
N ASP C 381 -7.31 -31.62 -26.13
CA ASP C 381 -7.42 -33.04 -25.79
C ASP C 381 -7.25 -33.29 -24.28
N LEU C 382 -7.83 -34.37 -23.80
CA LEU C 382 -7.63 -34.78 -22.42
C LEU C 382 -6.52 -35.85 -22.34
N THR C 383 -5.69 -35.73 -21.29
CA THR C 383 -4.67 -36.74 -20.95
C THR C 383 -5.36 -38.01 -20.50
N HIS C 384 -4.62 -39.11 -20.57
CA HIS C 384 -5.08 -40.38 -20.01
C HIS C 384 -5.60 -40.23 -18.55
N PHE C 385 -5.25 -39.12 -17.90
CA PHE C 385 -5.79 -38.83 -16.57
C PHE C 385 -6.86 -37.71 -16.57
N ASN C 386 -7.45 -37.50 -17.73
CA ASN C 386 -8.64 -36.65 -17.87
C ASN C 386 -8.45 -35.20 -17.51
N GLN C 387 -7.26 -34.68 -17.82
CA GLN C 387 -7.02 -33.26 -17.70
C GLN C 387 -6.85 -32.66 -19.09
N ARG C 388 -7.50 -31.50 -19.23
CA ARG C 388 -7.52 -30.72 -20.43
C ARG C 388 -6.15 -30.11 -20.67
N LEU C 389 -5.68 -30.15 -21.92
CA LEU C 389 -4.39 -29.55 -22.27
C LEU C 389 -4.56 -28.18 -22.90
N GLU C 390 -4.39 -27.12 -22.12
CA GLU C 390 -4.58 -25.75 -22.62
C GLU C 390 -3.24 -25.09 -22.89
N GLY C 391 -3.13 -24.37 -24.01
CA GLY C 391 -1.88 -23.77 -24.45
C GLY C 391 -0.80 -24.81 -24.76
N PHE C 392 -1.22 -25.91 -25.40
CA PHE C 392 -0.35 -27.00 -25.81
C PHE C 392 0.53 -26.47 -26.91
N SER C 393 1.78 -26.12 -26.60
CA SER C 393 2.64 -25.43 -27.59
C SER C 393 3.70 -26.31 -28.27
N VAL C 394 3.55 -27.63 -28.10
CA VAL C 394 4.47 -28.59 -28.72
C VAL C 394 4.55 -28.53 -30.28
N PRO C 395 3.39 -28.46 -31.00
CA PRO C 395 3.52 -28.28 -32.46
C PRO C 395 4.37 -27.06 -32.84
N ARG C 396 4.22 -25.95 -32.13
CA ARG C 396 5.08 -24.80 -32.43
C ARG C 396 6.57 -25.14 -32.19
N CYS C 397 6.81 -25.75 -31.04
CA CYS C 397 8.14 -26.17 -30.66
C CYS C 397 8.66 -27.13 -31.73
N TRP C 398 7.83 -28.10 -32.11
CA TRP C 398 8.17 -29.14 -33.10
C TRP C 398 8.51 -28.59 -34.48
N ASP C 399 7.65 -27.74 -35.06
CA ASP C 399 7.92 -27.14 -36.40
C ASP C 399 9.17 -26.29 -36.37
N GLU C 400 9.23 -25.43 -35.37
CA GLU C 400 10.31 -24.48 -35.22
C GLU C 400 11.64 -25.20 -34.99
N CYS C 401 11.59 -26.31 -34.23
CA CYS C 401 12.74 -27.18 -34.04
C CYS C 401 13.17 -27.86 -35.31
N LEU C 402 12.23 -28.44 -36.07
CA LEU C 402 12.53 -29.02 -37.40
C LEU C 402 13.21 -28.04 -38.34
N LYS C 403 12.76 -26.80 -38.29
CA LYS C 403 13.16 -25.80 -39.25
C LYS C 403 14.58 -25.34 -38.94
N SER C 404 14.81 -24.82 -37.73
CA SER C 404 16.16 -24.30 -37.38
C SER C 404 17.19 -25.43 -37.19
N SER C 405 16.71 -26.66 -36.96
CA SER C 405 17.62 -27.78 -36.90
C SER C 405 17.89 -28.35 -38.29
N GLN C 406 17.13 -27.89 -39.29
CA GLN C 406 17.34 -28.31 -40.66
C GLN C 406 17.31 -29.84 -40.65
N TYR C 407 16.30 -30.37 -40.00
CA TYR C 407 16.14 -31.79 -39.83
C TYR C 407 16.02 -32.62 -41.11
N TYR C 408 15.22 -32.17 -42.08
CA TYR C 408 15.04 -32.99 -43.29
C TYR C 408 16.28 -33.08 -44.17
N ALA C 409 17.07 -32.00 -44.18
CA ALA C 409 18.33 -31.96 -44.93
C ALA C 409 19.41 -32.80 -44.26
N ARG C 410 19.46 -32.73 -42.93
CA ARG C 410 20.51 -33.40 -42.18
C ARG C 410 20.22 -34.89 -42.14
N LYS C 411 18.92 -35.23 -42.23
CA LYS C 411 18.53 -36.64 -42.40
C LYS C 411 19.05 -37.22 -43.71
N SER C 412 19.02 -36.42 -44.80
CA SER C 412 19.65 -36.83 -46.07
C SER C 412 21.15 -37.12 -45.86
N GLU C 413 21.90 -36.12 -45.40
CA GLU C 413 23.30 -36.28 -45.02
C GLU C 413 23.60 -37.57 -44.24
N VAL C 414 22.67 -37.95 -43.34
CA VAL C 414 22.88 -39.12 -42.51
C VAL C 414 22.86 -40.42 -43.32
N ASP C 415 21.75 -40.70 -44.03
CA ASP C 415 21.66 -41.93 -44.85
C ASP C 415 22.74 -41.96 -45.90
N LYS C 416 23.08 -40.80 -46.43
CA LYS C 416 24.27 -40.64 -47.24
C LYS C 416 25.51 -41.17 -46.49
N PHE C 417 25.84 -40.56 -45.34
CA PHE C 417 27.03 -40.95 -44.56
C PHE C 417 27.07 -42.45 -44.30
N ASN C 418 25.92 -43.04 -44.00
CA ASN C 418 25.87 -44.47 -43.71
C ASN C 418 26.08 -45.41 -44.91
N LYS C 419 25.80 -44.93 -46.14
CA LYS C 419 26.05 -45.72 -47.34
C LYS C 419 27.53 -45.75 -47.68
N GLU C 420 28.23 -44.64 -47.43
CA GLU C 420 29.67 -44.50 -47.73
C GLU C 420 30.58 -44.86 -46.57
N ASN C 421 30.00 -45.14 -45.40
CA ASN C 421 30.74 -45.53 -44.20
C ASN C 421 30.32 -46.86 -43.69
N CYS C 422 31.31 -47.63 -43.27
CA CYS C 422 31.09 -49.04 -43.10
C CYS C 422 31.15 -49.50 -41.62
N TRP C 423 32.13 -48.98 -40.87
CA TRP C 423 32.35 -49.31 -39.48
C TRP C 423 32.04 -48.15 -38.54
N LYS C 424 31.51 -47.08 -39.10
CA LYS C 424 31.06 -45.91 -38.37
C LYS C 424 29.70 -45.58 -38.92
N LYS C 425 28.78 -45.18 -38.05
CA LYS C 425 27.42 -44.81 -38.52
C LYS C 425 26.89 -43.57 -37.81
N ARG C 426 25.84 -42.98 -38.37
CA ARG C 426 25.26 -41.79 -37.77
C ARG C 426 23.82 -41.95 -37.49
N GLY C 427 23.37 -41.24 -36.47
CA GLY C 427 21.97 -41.23 -36.14
C GLY C 427 21.48 -39.83 -35.93
N LEU C 428 20.17 -39.64 -36.08
CA LEU C 428 19.47 -38.36 -35.88
C LEU C 428 18.06 -38.62 -35.34
N CYS C 429 17.72 -37.97 -34.25
CA CYS C 429 16.38 -38.17 -33.74
C CYS C 429 15.75 -36.89 -33.21
N ILE C 430 14.44 -36.77 -33.36
CA ILE C 430 13.75 -35.61 -32.83
C ILE C 430 12.65 -36.05 -31.88
N ILE C 431 12.73 -35.53 -30.67
CA ILE C 431 11.86 -35.96 -29.60
C ILE C 431 11.19 -34.76 -28.91
N PRO C 432 9.88 -34.90 -28.59
CA PRO C 432 9.14 -33.95 -27.78
C PRO C 432 9.15 -34.30 -26.30
N THR C 433 8.68 -33.38 -25.47
CA THR C 433 8.29 -33.73 -24.12
C THR C 433 7.24 -32.77 -23.62
N LYS C 434 6.43 -33.23 -22.69
CA LYS C 434 5.67 -32.31 -21.86
C LYS C 434 5.97 -32.77 -20.44
N PHE C 435 5.81 -31.87 -19.47
CA PHE C 435 6.04 -32.18 -18.04
C PHE C 435 5.03 -31.42 -17.18
N GLY C 436 4.27 -32.15 -16.37
CA GLY C 436 3.26 -31.52 -15.50
C GLY C 436 3.84 -30.66 -14.39
N ILE C 437 3.33 -29.46 -14.21
CA ILE C 437 3.86 -28.56 -13.18
C ILE C 437 2.96 -28.46 -11.93
N SER C 438 3.52 -28.88 -10.78
CA SER C 438 2.85 -28.95 -9.46
C SER C 438 3.34 -30.18 -8.71
N PHE C 439 3.42 -30.12 -7.38
CA PHE C 439 3.64 -31.35 -6.62
C PHE C 439 2.38 -32.22 -6.81
N THR C 440 2.56 -33.52 -7.01
CA THR C 440 1.45 -34.48 -7.12
C THR C 440 0.55 -34.48 -5.89
N VAL C 441 1.16 -34.33 -4.71
CA VAL C 441 0.41 -34.20 -3.44
C VAL C 441 -0.07 -32.75 -3.29
N PRO C 442 -1.41 -32.49 -3.31
CA PRO C 442 -1.87 -31.08 -3.33
C PRO C 442 -1.41 -30.14 -2.19
N PHE C 443 -1.21 -30.65 -0.97
CA PHE C 443 -0.88 -29.74 0.14
C PHE C 443 0.48 -29.05 0.06
N LEU C 444 1.43 -29.62 -0.67
CA LEU C 444 2.73 -29.00 -0.76
C LEU C 444 2.77 -27.73 -1.63
N ASN C 445 1.71 -27.52 -2.42
CA ASN C 445 1.64 -26.36 -3.33
C ASN C 445 1.23 -25.12 -2.56
N GLN C 446 2.13 -24.69 -1.68
CA GLN C 446 1.90 -23.56 -0.83
C GLN C 446 3.25 -22.96 -0.58
N ALA C 447 3.27 -21.68 -0.21
CA ALA C 447 4.49 -20.88 -0.14
C ALA C 447 4.26 -19.55 0.60
N GLY C 448 5.11 -19.31 1.60
CA GLY C 448 5.20 -18.02 2.30
C GLY C 448 6.41 -17.15 1.93
N ALA C 449 6.24 -15.85 2.06
CA ALA C 449 7.39 -14.93 1.96
C ALA C 449 7.36 -13.94 3.12
N LEU C 450 8.47 -13.24 3.38
CA LEU C 450 8.48 -12.26 4.46
C LEU C 450 9.39 -11.14 4.05
N ILE C 451 8.83 -9.92 4.01
CA ILE C 451 9.53 -8.71 3.59
C ILE C 451 9.58 -7.74 4.74
N HIS C 452 10.78 -7.22 5.00
CA HIS C 452 10.95 -6.02 5.80
C HIS C 452 11.50 -4.92 4.88
N VAL C 453 11.04 -3.70 5.12
CA VAL C 453 11.66 -2.55 4.49
C VAL C 453 12.17 -1.77 5.67
N TYR C 454 13.48 -1.54 5.67
CA TYR C 454 14.13 -0.76 6.70
C TYR C 454 14.10 0.74 6.38
N THR C 455 14.49 1.56 7.34
CA THR C 455 14.27 3.01 7.26
C THR C 455 15.25 3.77 6.38
N ASP C 456 16.36 3.14 5.97
CA ASP C 456 17.22 3.72 4.95
C ASP C 456 16.65 3.47 3.53
N GLY C 457 15.48 2.84 3.48
CA GLY C 457 14.86 2.44 2.24
C GLY C 457 15.16 1.03 1.78
N SER C 458 16.16 0.37 2.40
CA SER C 458 16.60 -0.95 1.87
C SER C 458 15.65 -2.10 2.25
N VAL C 459 15.72 -3.20 1.50
CA VAL C 459 14.69 -4.23 1.59
C VAL C 459 15.26 -5.64 1.82
N LEU C 460 14.69 -6.33 2.78
CA LEU C 460 15.09 -7.69 3.03
C LEU C 460 13.95 -8.58 2.70
N VAL C 461 14.19 -9.40 1.70
CA VAL C 461 13.23 -10.40 1.32
C VAL C 461 13.63 -11.74 1.89
N SER C 462 12.64 -12.50 2.30
CA SER C 462 12.90 -13.84 2.73
C SER C 462 11.72 -14.67 2.28
N HIS C 463 11.96 -15.89 1.83
CA HIS C 463 10.88 -16.79 1.42
C HIS C 463 11.28 -18.25 1.67
N GLY C 464 10.33 -19.15 1.46
CA GLY C 464 10.49 -20.57 1.80
C GLY C 464 11.50 -21.32 0.94
N GLY C 465 11.75 -20.80 -0.26
CA GLY C 465 12.68 -21.43 -1.20
C GLY C 465 14.15 -21.35 -0.88
N THR C 466 14.85 -22.45 -1.18
CA THR C 466 16.30 -22.52 -1.07
C THR C 466 16.99 -22.37 -2.45
N GLU C 467 18.18 -21.79 -2.41
CA GLU C 467 19.03 -21.55 -3.58
C GLU C 467 20.05 -22.66 -3.73
N MET C 468 20.00 -23.37 -4.87
CA MET C 468 20.93 -24.47 -5.15
C MET C 468 21.66 -24.33 -6.49
N GLY C 469 21.72 -23.12 -7.01
CA GLY C 469 22.31 -22.84 -8.30
C GLY C 469 21.32 -22.43 -9.39
N GLN C 470 20.03 -22.69 -9.16
CA GLN C 470 18.98 -22.47 -10.19
C GLN C 470 18.64 -21.01 -10.33
N GLY C 471 19.12 -20.18 -9.40
CA GLY C 471 18.93 -18.75 -9.46
C GLY C 471 17.59 -18.29 -8.95
N LEU C 472 17.03 -19.08 -8.04
CA LEU C 472 15.78 -18.75 -7.39
C LEU C 472 15.87 -17.35 -6.76
N HIS C 473 16.86 -17.09 -5.89
CA HIS C 473 17.00 -15.77 -5.26
C HIS C 473 17.08 -14.64 -6.28
N THR C 474 17.83 -14.88 -7.36
CA THR C 474 17.94 -13.90 -8.43
C THR C 474 16.50 -13.60 -8.94
N LYS C 475 15.79 -14.62 -9.38
CA LYS C 475 14.47 -14.39 -9.93
C LYS C 475 13.54 -13.67 -8.93
N MET C 476 13.56 -14.11 -7.66
CA MET C 476 12.79 -13.47 -6.58
C MET C 476 13.13 -11.97 -6.38
N VAL C 477 14.42 -11.66 -6.54
CA VAL C 477 14.87 -10.28 -6.38
C VAL C 477 14.39 -9.45 -7.59
N GLN C 478 14.29 -10.09 -8.75
CA GLN C 478 13.76 -9.43 -9.95
C GLN C 478 12.28 -9.13 -9.78
N VAL C 479 11.53 -10.06 -9.23
CA VAL C 479 10.10 -9.87 -9.02
C VAL C 479 9.80 -8.76 -7.98
N ALA C 480 10.47 -8.83 -6.83
CA ALA C 480 10.30 -7.82 -5.80
C ALA C 480 10.48 -6.43 -6.40
N SER C 481 11.58 -6.29 -7.16
CA SER C 481 12.05 -5.03 -7.69
C SER C 481 11.07 -4.45 -8.71
N LYS C 482 10.47 -5.34 -9.50
CA LYS C 482 9.41 -4.93 -10.41
C LYS C 482 8.12 -4.65 -9.68
N ALA C 483 7.72 -5.57 -8.80
CA ALA C 483 6.53 -5.39 -8.01
C ALA C 483 6.60 -4.03 -7.30
N LEU C 484 7.73 -3.77 -6.65
CA LEU C 484 7.91 -2.62 -5.76
C LEU C 484 8.24 -1.33 -6.49
N LYS C 485 8.67 -1.46 -7.75
CA LYS C 485 9.10 -0.33 -8.60
C LYS C 485 10.27 0.41 -8.00
N ILE C 486 11.34 -0.35 -7.76
CA ILE C 486 12.62 0.15 -7.22
C ILE C 486 13.76 -0.70 -7.77
N PRO C 487 14.99 -0.17 -7.77
CA PRO C 487 16.16 -0.87 -8.32
C PRO C 487 16.48 -2.15 -7.56
N ILE C 488 17.01 -3.15 -8.25
CA ILE C 488 17.35 -4.43 -7.61
C ILE C 488 18.38 -4.18 -6.53
N SER C 489 19.26 -3.20 -6.75
CA SER C 489 20.33 -2.89 -5.83
C SER C 489 19.86 -2.61 -4.41
N LYS C 490 18.63 -2.15 -4.26
CA LYS C 490 18.04 -1.86 -2.92
C LYS C 490 17.49 -3.07 -2.17
N ILE C 491 17.46 -4.24 -2.82
CA ILE C 491 16.81 -5.43 -2.23
C ILE C 491 17.84 -6.47 -1.97
N TYR C 492 17.57 -7.32 -1.02
CA TYR C 492 18.51 -8.37 -0.72
C TYR C 492 17.79 -9.56 -0.09
N ILE C 493 18.32 -10.75 -0.39
CA ILE C 493 17.94 -11.98 0.25
C ILE C 493 19.23 -12.54 0.87
N SER C 494 19.15 -12.96 2.13
CA SER C 494 20.31 -13.38 2.90
C SER C 494 20.48 -14.86 2.86
N GLU C 495 19.38 -15.53 3.19
CA GLU C 495 19.33 -16.96 3.36
C GLU C 495 17.88 -17.38 3.56
N THR C 496 17.65 -18.68 3.58
CA THR C 496 16.36 -19.26 3.92
C THR C 496 16.51 -19.68 5.36
N SER C 497 15.46 -19.50 6.19
CA SER C 497 15.50 -19.97 7.58
C SER C 497 14.11 -20.26 8.18
N THR C 498 14.05 -21.28 9.05
CA THR C 498 12.77 -21.73 9.61
C THR C 498 12.17 -20.75 10.60
N ASN C 499 12.95 -19.75 10.99
CA ASN C 499 12.45 -18.71 11.86
C ASN C 499 11.87 -17.48 11.12
N THR C 500 12.14 -17.37 9.83
CA THR C 500 11.42 -16.35 9.01
C THR C 500 10.16 -16.88 8.32
N VAL C 501 10.25 -18.06 7.69
CA VAL C 501 9.14 -18.71 6.96
C VAL C 501 8.99 -20.14 7.44
N PRO C 502 7.96 -20.40 8.22
CA PRO C 502 7.79 -21.72 8.77
C PRO C 502 7.07 -22.60 7.75
N ASN C 503 6.99 -23.90 8.05
CA ASN C 503 6.26 -24.92 7.29
C ASN C 503 6.40 -24.88 5.76
N SER C 504 7.58 -24.51 5.28
CA SER C 504 7.82 -24.44 3.84
C SER C 504 7.94 -25.84 3.22
N SER C 505 7.37 -26.01 2.02
CA SER C 505 7.54 -27.25 1.24
C SER C 505 8.96 -27.27 0.75
N PRO C 506 9.51 -28.47 0.48
CA PRO C 506 10.87 -28.52 -0.04
C PRO C 506 11.01 -27.74 -1.34
N THR C 507 12.22 -27.28 -1.60
CA THR C 507 12.47 -26.57 -2.85
C THR C 507 12.63 -27.69 -3.89
N ALA C 508 11.55 -27.87 -4.67
CA ALA C 508 11.41 -29.02 -5.51
C ALA C 508 10.26 -28.84 -6.46
N ALA C 509 10.09 -29.83 -7.36
CA ALA C 509 8.97 -29.90 -8.31
C ALA C 509 8.96 -28.80 -9.38
N SER C 510 10.06 -28.02 -9.43
CA SER C 510 10.21 -26.97 -10.41
C SER C 510 9.19 -25.81 -10.26
N VAL C 511 8.47 -25.73 -9.15
CA VAL C 511 7.44 -24.69 -8.98
C VAL C 511 7.84 -23.54 -8.06
N SER C 512 9.12 -23.44 -7.71
CA SER C 512 9.58 -22.46 -6.71
C SER C 512 9.48 -21.01 -7.17
N THR C 513 9.86 -20.74 -8.40
CA THR C 513 9.69 -19.42 -8.98
C THR C 513 8.22 -19.07 -9.00
N ASP C 514 7.38 -20.05 -9.33
CA ASP C 514 5.95 -19.80 -9.44
C ASP C 514 5.38 -19.45 -8.08
N ILE C 515 5.63 -20.31 -7.11
CA ILE C 515 4.93 -20.18 -5.87
C ILE C 515 5.53 -19.11 -4.96
N TYR C 516 6.88 -19.08 -4.89
CA TYR C 516 7.56 -18.07 -4.07
C TYR C 516 7.47 -16.70 -4.72
N GLY C 517 7.56 -16.67 -6.06
CA GLY C 517 7.40 -15.43 -6.84
C GLY C 517 6.11 -14.74 -6.46
N GLN C 518 5.06 -15.56 -6.41
CA GLN C 518 3.73 -15.16 -6.05
C GLN C 518 3.65 -14.63 -4.63
N ALA C 519 4.27 -15.36 -3.70
CA ALA C 519 4.25 -14.97 -2.30
C ALA C 519 4.91 -13.59 -2.05
N VAL C 520 6.07 -13.38 -2.69
CA VAL C 520 6.83 -12.14 -2.66
C VAL C 520 6.01 -11.02 -3.27
N TYR C 521 5.29 -11.35 -4.34
CA TYR C 521 4.42 -10.39 -5.02
C TYR C 521 3.31 -9.88 -4.08
N GLU C 522 2.61 -10.79 -3.44
CA GLU C 522 1.67 -10.42 -2.40
C GLU C 522 2.32 -9.59 -1.33
N ALA C 523 3.50 -10.00 -0.89
CA ALA C 523 4.17 -9.27 0.19
C ALA C 523 4.39 -7.84 -0.27
N CYS C 524 5.03 -7.69 -1.41
CA CYS C 524 5.19 -6.39 -2.04
C CYS C 524 3.91 -5.59 -2.11
N GLN C 525 2.81 -6.23 -2.56
CA GLN C 525 1.54 -5.52 -2.73
C GLN C 525 1.10 -4.82 -1.43
N THR C 526 1.24 -5.55 -0.33
CA THR C 526 0.81 -5.07 0.99
C THR C 526 1.64 -3.86 1.37
N ILE C 527 2.91 -3.91 1.00
CA ILE C 527 3.79 -2.81 1.30
C ILE C 527 3.39 -1.62 0.43
N LEU C 528 2.95 -1.88 -0.79
CA LEU C 528 2.47 -0.81 -1.67
C LEU C 528 1.20 -0.15 -1.18
N LYS C 529 0.19 -0.92 -0.74
CA LYS C 529 -1.01 -0.33 -0.13
C LYS C 529 -0.59 0.59 0.99
N ARG C 530 0.23 0.08 1.91
CA ARG C 530 0.56 0.80 3.13
C ARG C 530 1.29 2.09 2.85
N LEU C 531 2.01 2.17 1.73
CA LEU C 531 2.78 3.38 1.37
C LEU C 531 1.98 4.33 0.51
N GLU C 532 0.87 3.85 -0.04
CA GLU C 532 0.07 4.67 -0.95
C GLU C 532 -0.18 6.10 -0.46
N PRO C 533 -0.71 6.28 0.77
CA PRO C 533 -1.00 7.64 1.24
C PRO C 533 0.20 8.61 1.19
N PHE C 534 1.37 8.10 1.52
CA PHE C 534 2.57 8.91 1.68
C PHE C 534 3.12 9.22 0.30
N LYS C 535 2.88 8.31 -0.64
CA LYS C 535 3.15 8.53 -2.08
C LYS C 535 2.29 9.67 -2.65
N LYS C 536 0.99 9.65 -2.31
CA LYS C 536 0.05 10.74 -2.64
C LYS C 536 0.41 12.07 -2.00
N LYS C 537 0.67 12.06 -0.70
CA LYS C 537 1.09 13.29 -0.04
C LYS C 537 2.38 13.87 -0.64
N ASN C 538 3.23 13.04 -1.24
CA ASN C 538 4.53 13.52 -1.75
C ASN C 538 4.94 12.94 -3.11
N PRO C 539 4.17 13.24 -4.17
CA PRO C 539 4.30 12.49 -5.44
C PRO C 539 5.68 12.56 -6.07
N ASP C 540 6.40 13.64 -5.80
CA ASP C 540 7.74 13.84 -6.35
C ASP C 540 8.88 13.35 -5.46
N GLY C 541 8.56 12.96 -4.24
CA GLY C 541 9.58 12.41 -3.35
C GLY C 541 10.18 11.11 -3.85
N SER C 542 11.21 10.65 -3.16
CA SER C 542 11.85 9.37 -3.45
C SER C 542 11.28 8.24 -2.56
N TRP C 543 11.61 7.00 -2.95
CA TRP C 543 11.20 5.81 -2.20
C TRP C 543 11.58 5.99 -0.74
N GLU C 544 12.78 6.51 -0.50
CA GLU C 544 13.28 6.71 0.86
C GLU C 544 12.42 7.68 1.68
N ASP C 545 11.91 8.74 1.05
CA ASP C 545 11.01 9.68 1.74
C ASP C 545 9.71 8.99 2.14
N TRP C 546 9.12 8.27 1.20
CA TRP C 546 7.90 7.57 1.52
C TRP C 546 8.10 6.63 2.68
N VAL C 547 9.12 5.76 2.55
CA VAL C 547 9.54 4.85 3.60
C VAL C 547 9.75 5.53 4.94
N MET C 548 10.63 6.54 4.99
CA MET C 548 10.79 7.35 6.24
C MET C 548 9.48 7.98 6.79
N ALA C 549 8.63 8.48 5.89
CA ALA C 549 7.40 9.15 6.32
C ALA C 549 6.42 8.15 6.90
N ALA C 550 6.50 6.90 6.43
CA ALA C 550 5.64 5.83 6.94
C ALA C 550 6.06 5.40 8.33
N TYR C 551 7.35 5.19 8.53
CA TYR C 551 7.90 4.94 9.84
C TYR C 551 7.57 6.10 10.79
N GLN C 552 7.84 7.35 10.41
CA GLN C 552 7.52 8.46 11.31
C GLN C 552 6.03 8.42 11.69
N ASP C 553 5.17 7.90 10.80
CA ASP C 553 3.73 7.92 11.07
C ASP C 553 3.24 6.61 11.68
N ARG C 554 4.21 5.75 12.04
CA ARG C 554 3.94 4.48 12.68
C ARG C 554 3.05 3.56 11.84
N VAL C 555 3.45 3.40 10.59
CA VAL C 555 2.93 2.34 9.77
C VAL C 555 3.98 1.23 9.63
N SER C 556 3.56 -0.02 9.88
CA SER C 556 4.42 -1.20 9.76
C SER C 556 5.04 -1.32 8.39
N LEU C 557 6.34 -1.58 8.35
CA LEU C 557 7.05 -1.85 7.10
C LEU C 557 7.52 -3.29 7.03
N SER C 558 6.72 -4.18 7.58
CA SER C 558 7.01 -5.60 7.53
C SER C 558 5.73 -6.38 7.23
N THR C 559 5.80 -7.36 6.35
CA THR C 559 4.62 -8.18 6.11
C THR C 559 4.96 -9.57 5.59
N THR C 560 4.07 -10.50 5.90
CA THR C 560 4.13 -11.82 5.28
C THR C 560 3.44 -11.73 3.93
N GLY C 561 3.63 -12.77 3.12
CA GLY C 561 2.93 -12.99 1.86
C GLY C 561 2.69 -14.49 1.69
N PHE C 562 1.63 -14.84 0.96
CA PHE C 562 1.24 -16.24 0.86
C PHE C 562 0.59 -16.57 -0.48
N TYR C 563 0.76 -17.84 -0.89
CA TYR C 563 0.19 -18.34 -2.12
C TYR C 563 -0.17 -19.80 -2.02
N ARG C 564 -1.31 -20.10 -2.63
CA ARG C 564 -1.96 -21.38 -2.69
C ARG C 564 -2.23 -21.66 -4.20
N THR C 565 -1.72 -22.75 -4.76
CA THR C 565 -2.09 -23.07 -6.16
C THR C 565 -3.56 -23.50 -6.29
N PRO C 566 -4.38 -22.73 -7.04
CA PRO C 566 -5.82 -22.95 -7.07
C PRO C 566 -6.15 -24.20 -7.85
N ASN C 567 -7.30 -24.82 -7.55
CA ASN C 567 -7.87 -25.90 -8.36
C ASN C 567 -7.06 -27.19 -8.53
N LEU C 568 -6.47 -27.71 -7.47
CA LEU C 568 -5.71 -28.96 -7.61
C LEU C 568 -6.38 -30.11 -6.90
N GLY C 569 -6.20 -31.32 -7.43
CA GLY C 569 -6.66 -32.51 -6.72
C GLY C 569 -7.08 -33.63 -7.64
N TYR C 570 -6.11 -34.34 -8.19
CA TYR C 570 -6.41 -35.56 -8.91
C TYR C 570 -6.81 -36.67 -7.93
N SER C 571 -7.68 -37.57 -8.40
CA SER C 571 -8.16 -38.73 -7.66
C SER C 571 -7.87 -40.01 -8.46
N PHE C 572 -7.23 -40.99 -7.83
CA PHE C 572 -6.92 -42.28 -8.50
C PHE C 572 -8.14 -43.22 -8.64
N GLU C 573 -9.10 -43.12 -7.73
CA GLU C 573 -10.47 -43.61 -7.97
C GLU C 573 -11.16 -42.44 -8.65
N THR C 574 -12.11 -42.67 -9.54
CA THR C 574 -12.66 -41.58 -10.39
C THR C 574 -11.77 -41.09 -11.56
N ASN C 575 -10.45 -40.99 -11.37
CA ASN C 575 -9.55 -40.51 -12.45
C ASN C 575 -10.00 -39.12 -13.00
N SER C 576 -10.05 -38.12 -12.12
CA SER C 576 -10.36 -36.74 -12.51
C SER C 576 -9.95 -35.74 -11.45
N GLY C 577 -10.05 -34.46 -11.80
CA GLY C 577 -9.41 -33.37 -11.07
C GLY C 577 -8.04 -33.10 -11.69
N ASN C 578 -7.62 -31.85 -11.65
CA ASN C 578 -6.25 -31.46 -12.06
C ASN C 578 -5.14 -32.02 -11.17
N ALA C 579 -4.15 -32.65 -11.80
CA ALA C 579 -2.96 -33.06 -11.10
C ALA C 579 -1.99 -31.88 -11.12
N PHE C 580 -1.93 -31.19 -12.25
CA PHE C 580 -1.01 -30.07 -12.42
C PHE C 580 -1.72 -28.76 -12.73
N HIS C 581 -0.97 -27.66 -12.65
CA HIS C 581 -1.53 -26.36 -12.83
C HIS C 581 -1.44 -26.05 -14.30
N TYR C 582 -0.37 -26.56 -14.91
CA TYR C 582 -0.05 -26.37 -16.34
C TYR C 582 1.16 -27.26 -16.72
N PHE C 583 1.51 -27.30 -18.00
CA PHE C 583 2.60 -28.12 -18.45
C PHE C 583 3.62 -27.23 -19.09
N THR C 584 4.89 -27.62 -18.94
CA THR C 584 5.98 -27.03 -19.67
C THR C 584 6.22 -27.98 -20.85
N TYR C 585 6.55 -27.44 -22.00
CA TYR C 585 6.70 -28.24 -23.20
C TYR C 585 8.01 -27.98 -23.91
N GLY C 586 8.54 -28.99 -24.59
CA GLY C 586 9.78 -28.83 -25.34
C GLY C 586 10.00 -29.91 -26.36
N VAL C 587 10.97 -29.66 -27.25
CA VAL C 587 11.37 -30.56 -28.32
C VAL C 587 12.87 -30.49 -28.57
N ALA C 588 13.51 -31.64 -28.69
CA ALA C 588 14.94 -31.68 -29.02
C ALA C 588 15.25 -32.58 -30.20
N CYS C 589 16.25 -32.19 -30.96
CA CYS C 589 16.71 -33.01 -32.05
C CYS C 589 18.18 -33.17 -31.86
N SER C 590 18.68 -34.38 -31.99
CA SER C 590 20.10 -34.65 -31.79
C SER C 590 20.70 -35.58 -32.82
N GLU C 591 21.97 -35.36 -33.12
CA GLU C 591 22.73 -36.17 -34.07
C GLU C 591 24.02 -36.68 -33.41
N VAL C 592 24.20 -38.00 -33.44
CA VAL C 592 25.41 -38.64 -32.90
C VAL C 592 26.07 -39.43 -33.99
N GLU C 593 27.37 -39.64 -33.84
CA GLU C 593 28.07 -40.62 -34.64
C GLU C 593 28.70 -41.66 -33.70
N ILE C 594 28.40 -42.93 -33.98
CA ILE C 594 28.93 -44.05 -33.21
C ILE C 594 30.12 -44.70 -33.92
N ASP C 595 31.02 -45.29 -33.14
CA ASP C 595 32.04 -46.14 -33.71
C ASP C 595 31.58 -47.58 -33.50
N CYS C 596 31.33 -48.31 -34.58
CA CYS C 596 30.75 -49.66 -34.46
C CYS C 596 31.73 -50.70 -33.97
N LEU C 597 33.00 -50.33 -33.98
CA LEU C 597 34.03 -51.25 -33.56
C LEU C 597 34.40 -51.12 -32.06
N THR C 598 34.06 -50.00 -31.42
CA THR C 598 34.41 -49.83 -30.00
C THR C 598 33.23 -49.45 -29.14
N GLY C 599 32.09 -49.18 -29.77
CA GLY C 599 30.93 -48.66 -29.06
C GLY C 599 31.08 -47.22 -28.63
N ASP C 600 32.16 -46.55 -28.98
CA ASP C 600 32.29 -45.17 -28.59
C ASP C 600 31.45 -44.22 -29.46
N HIS C 601 31.23 -42.98 -29.01
CA HIS C 601 30.42 -42.05 -29.85
C HIS C 601 30.68 -40.56 -29.60
N LYS C 602 30.44 -39.75 -30.63
CA LYS C 602 30.48 -38.28 -30.54
C LYS C 602 29.05 -37.77 -30.59
N ASN C 603 28.74 -36.75 -29.80
CA ASN C 603 27.50 -36.03 -29.98
C ASN C 603 27.83 -34.86 -30.88
N LEU C 604 27.31 -34.88 -32.10
CA LEU C 604 27.69 -33.89 -33.11
C LEU C 604 26.90 -32.61 -32.97
N ARG C 605 25.59 -32.73 -32.77
CA ARG C 605 24.72 -31.57 -32.74
C ARG C 605 23.40 -31.78 -32.01
N THR C 606 23.03 -30.79 -31.21
CA THR C 606 21.73 -30.74 -30.58
C THR C 606 21.08 -29.37 -30.75
N ASP C 607 19.81 -29.40 -31.12
CA ASP C 607 18.97 -28.22 -31.22
C ASP C 607 17.82 -28.43 -30.32
N ILE C 608 17.55 -27.40 -29.52
CA ILE C 608 16.51 -27.41 -28.49
C ILE C 608 15.66 -26.13 -28.59
N VAL C 609 14.34 -26.35 -28.57
CA VAL C 609 13.32 -25.30 -28.49
C VAL C 609 12.40 -25.67 -27.31
N MET C 610 12.49 -24.88 -26.24
CA MET C 610 11.65 -25.00 -25.04
C MET C 610 10.55 -23.91 -24.98
N ASP C 611 9.36 -24.34 -24.61
CA ASP C 611 8.33 -23.42 -24.17
C ASP C 611 8.47 -23.09 -22.68
N VAL C 612 8.98 -21.91 -22.38
CA VAL C 612 9.05 -21.45 -20.99
C VAL C 612 8.10 -20.29 -20.73
N GLY C 613 7.17 -20.04 -21.65
CA GLY C 613 6.43 -18.79 -21.62
C GLY C 613 7.35 -17.59 -21.74
N SER C 614 7.03 -16.54 -21.00
CA SER C 614 7.87 -15.35 -20.96
C SER C 614 8.88 -15.43 -19.83
N SER C 615 10.09 -15.79 -20.19
CA SER C 615 11.11 -16.06 -19.19
C SER C 615 11.35 -14.83 -18.34
N LEU C 616 11.43 -14.99 -17.00
CA LEU C 616 11.79 -13.88 -16.07
C LEU C 616 13.25 -13.50 -16.25
N ASN C 617 14.03 -14.48 -16.74
CA ASN C 617 15.47 -14.33 -16.94
C ASN C 617 16.02 -15.31 -18.02
N PRO C 618 15.98 -14.91 -19.31
CA PRO C 618 16.40 -15.77 -20.43
C PRO C 618 17.71 -16.52 -20.16
N ALA C 619 18.69 -15.78 -19.63
CA ALA C 619 20.00 -16.35 -19.27
C ALA C 619 19.89 -17.52 -18.31
N ILE C 620 19.18 -17.28 -17.21
CA ILE C 620 18.98 -18.31 -16.20
C ILE C 620 18.24 -19.48 -16.86
N ASP C 621 17.16 -19.18 -17.60
CA ASP C 621 16.32 -20.26 -18.17
C ASP C 621 17.00 -21.07 -19.26
N ILE C 622 17.76 -20.42 -20.15
CA ILE C 622 18.60 -21.15 -21.09
C ILE C 622 19.56 -22.03 -20.29
N GLY C 623 20.10 -21.47 -19.22
CA GLY C 623 21.00 -22.15 -18.32
C GLY C 623 20.38 -23.37 -17.65
N GLN C 624 19.08 -23.32 -17.43
CA GLN C 624 18.38 -24.45 -16.85
C GLN C 624 18.22 -25.56 -17.89
N VAL C 625 17.84 -25.19 -19.13
CA VAL C 625 17.62 -26.14 -20.23
C VAL C 625 18.92 -26.87 -20.52
N GLU C 626 19.99 -26.11 -20.69
CA GLU C 626 21.33 -26.67 -20.90
C GLU C 626 21.75 -27.65 -19.81
N GLY C 627 21.56 -27.27 -18.54
CA GLY C 627 21.93 -28.12 -17.41
C GLY C 627 21.09 -29.39 -17.34
N ALA C 628 19.77 -29.21 -17.31
CA ALA C 628 18.83 -30.34 -17.34
C ALA C 628 19.17 -31.35 -18.46
N PHE C 629 19.42 -30.83 -19.65
CA PHE C 629 19.64 -31.68 -20.82
C PHE C 629 20.88 -32.56 -20.65
N VAL C 630 21.96 -31.98 -20.15
CA VAL C 630 23.24 -32.67 -20.04
C VAL C 630 23.19 -33.73 -18.94
N GLN C 631 22.35 -33.50 -17.91
CA GLN C 631 22.11 -34.54 -16.91
C GLN C 631 21.23 -35.69 -17.48
N GLY C 632 20.24 -35.34 -18.29
CA GLY C 632 19.53 -36.36 -19.05
C GLY C 632 20.45 -37.14 -19.97
N LEU C 633 21.27 -36.41 -20.73
CA LEU C 633 22.29 -37.05 -21.56
C LEU C 633 23.18 -37.95 -20.69
N GLY C 634 23.41 -37.58 -19.43
CA GLY C 634 24.18 -38.40 -18.53
C GLY C 634 23.45 -39.67 -18.16
N LEU C 635 22.20 -39.49 -17.74
CA LEU C 635 21.29 -40.59 -17.39
C LEU C 635 21.14 -41.67 -18.48
N PHE C 636 20.96 -41.23 -19.71
CA PHE C 636 20.69 -42.11 -20.82
C PHE C 636 21.94 -42.65 -21.53
N THR C 637 23.07 -41.97 -21.46
CA THR C 637 24.17 -42.49 -22.25
C THR C 637 25.48 -42.79 -21.50
N LEU C 638 25.59 -42.42 -20.23
CA LEU C 638 26.93 -42.37 -19.67
C LEU C 638 27.03 -42.86 -18.26
N GLU C 639 26.04 -42.55 -17.44
CA GLU C 639 26.11 -42.86 -16.02
C GLU C 639 25.58 -44.23 -15.64
N GLU C 640 26.43 -44.97 -14.95
CA GLU C 640 26.11 -46.35 -14.64
C GLU C 640 26.59 -46.74 -13.25
N LEU C 641 25.62 -47.01 -12.37
CA LEU C 641 25.84 -47.56 -11.03
C LEU C 641 25.87 -49.08 -11.17
N HIS C 642 26.91 -49.68 -10.61
CA HIS C 642 27.12 -51.10 -10.69
C HIS C 642 27.36 -51.72 -9.31
N TYR C 643 26.64 -52.80 -9.03
CA TYR C 643 26.62 -53.42 -7.71
C TYR C 643 27.19 -54.81 -7.84
N SER C 644 27.70 -55.35 -6.73
CA SER C 644 28.11 -56.74 -6.66
C SER C 644 26.87 -57.65 -6.63
N PRO C 645 27.03 -58.96 -6.91
CA PRO C 645 25.88 -59.86 -6.63
C PRO C 645 25.31 -59.75 -5.19
N GLU C 646 26.13 -59.28 -4.24
CA GLU C 646 25.69 -59.14 -2.86
C GLU C 646 25.09 -57.78 -2.48
N GLY C 647 25.02 -56.85 -3.42
CA GLY C 647 24.31 -55.58 -3.19
C GLY C 647 25.22 -54.47 -2.75
N SER C 648 26.49 -54.66 -3.01
CA SER C 648 27.48 -53.70 -2.59
C SER C 648 27.86 -52.87 -3.80
N LEU C 649 27.68 -51.55 -3.68
CA LEU C 649 28.01 -50.63 -4.77
C LEU C 649 29.52 -50.58 -5.11
N HIS C 650 29.87 -50.80 -6.36
CA HIS C 650 31.26 -50.63 -6.80
C HIS C 650 31.54 -49.21 -7.23
N THR C 651 30.56 -48.52 -7.79
CA THR C 651 30.82 -47.24 -8.42
C THR C 651 30.65 -46.14 -7.38
N ARG C 652 31.77 -45.61 -6.92
CA ARG C 652 31.80 -44.77 -5.72
C ARG C 652 32.67 -43.51 -5.82
N GLY C 653 32.95 -43.07 -7.05
CA GLY C 653 33.68 -41.83 -7.30
C GLY C 653 33.66 -41.51 -8.77
N PRO C 654 34.15 -40.31 -9.14
CA PRO C 654 34.27 -39.90 -10.55
C PRO C 654 35.02 -40.92 -11.44
N SER C 655 36.01 -41.62 -10.90
CA SER C 655 36.83 -42.54 -11.70
C SER C 655 36.05 -43.78 -12.19
N THR C 656 35.01 -44.22 -11.48
CA THR C 656 34.21 -45.32 -12.01
C THR C 656 32.79 -44.91 -12.28
N TYR C 657 32.38 -43.69 -11.89
CA TYR C 657 31.09 -43.15 -12.30
C TYR C 657 31.31 -41.89 -13.17
N LYS C 658 30.88 -41.95 -14.43
CA LYS C 658 31.23 -40.90 -15.37
C LYS C 658 30.00 -40.08 -15.58
N ILE C 659 29.99 -38.89 -14.99
CA ILE C 659 29.03 -37.86 -15.30
C ILE C 659 29.60 -37.08 -16.46
N PRO C 660 28.73 -36.35 -17.22
CA PRO C 660 29.26 -35.61 -18.36
C PRO C 660 30.43 -34.61 -18.08
N ALA C 661 31.40 -34.63 -18.99
CA ALA C 661 32.61 -33.82 -18.96
C ALA C 661 32.58 -32.75 -20.06
N PHE C 662 33.34 -31.66 -19.91
CA PHE C 662 33.46 -30.64 -20.98
C PHE C 662 33.25 -31.17 -22.39
N GLY C 663 34.10 -32.11 -22.80
CA GLY C 663 34.05 -32.71 -24.14
C GLY C 663 32.93 -33.71 -24.41
N SER C 664 32.02 -33.89 -23.45
CA SER C 664 30.90 -34.79 -23.67
C SER C 664 29.81 -34.09 -24.45
N ILE C 665 29.69 -32.78 -24.24
CA ILE C 665 28.54 -32.01 -24.70
C ILE C 665 28.53 -31.95 -26.22
N PRO C 666 27.32 -31.81 -26.82
CA PRO C 666 27.36 -31.82 -28.26
C PRO C 666 28.25 -30.68 -28.79
N THR C 667 29.03 -31.01 -29.84
CA THR C 667 29.92 -30.06 -30.52
C THR C 667 29.14 -28.80 -30.90
N GLU C 668 27.93 -29.01 -31.43
CA GLU C 668 26.96 -27.92 -31.76
C GLU C 668 25.72 -27.96 -30.86
N PHE C 669 25.66 -27.04 -29.92
CA PHE C 669 24.69 -27.10 -28.86
C PHE C 669 23.84 -25.82 -28.89
N ARG C 670 22.69 -25.91 -29.54
CA ARG C 670 21.82 -24.74 -29.73
C ARG C 670 20.56 -24.86 -28.92
N VAL C 671 20.21 -23.78 -28.20
CA VAL C 671 19.01 -23.73 -27.37
C VAL C 671 18.25 -22.47 -27.70
N SER C 672 16.94 -22.61 -27.88
CA SER C 672 16.11 -21.45 -28.10
C SER C 672 14.94 -21.52 -27.17
N LEU C 673 14.52 -20.36 -26.67
CA LEU C 673 13.20 -20.22 -26.03
C LEU C 673 12.10 -19.80 -27.04
N LEU C 674 10.94 -20.42 -26.91
CA LEU C 674 9.87 -20.17 -27.86
C LEU C 674 9.31 -18.80 -27.58
N ARG C 675 9.09 -18.05 -28.65
CA ARG C 675 8.68 -16.66 -28.55
C ARG C 675 7.17 -16.49 -28.57
N ASP C 676 6.72 -15.47 -27.83
CA ASP C 676 5.31 -15.03 -27.82
C ASP C 676 4.34 -16.11 -27.39
N CYS C 677 4.57 -16.65 -26.20
CA CYS C 677 3.69 -17.65 -25.67
C CYS C 677 3.57 -17.44 -24.17
N PRO C 678 2.96 -16.29 -23.77
CA PRO C 678 2.68 -16.00 -22.36
C PRO C 678 1.90 -17.11 -21.68
N ASN C 679 2.25 -17.40 -20.43
CA ASN C 679 1.51 -18.36 -19.60
C ASN C 679 0.73 -17.62 -18.51
N LYS C 680 -0.60 -17.60 -18.67
CA LYS C 680 -1.56 -16.99 -17.75
C LYS C 680 -1.51 -17.58 -16.32
N LYS C 681 -1.06 -18.83 -16.20
CA LYS C 681 -1.21 -19.56 -14.98
C LYS C 681 -0.10 -19.29 -13.96
N ALA C 682 0.92 -18.52 -14.32
CA ALA C 682 2.04 -18.28 -13.40
C ALA C 682 2.57 -16.87 -13.42
N ILE C 683 3.33 -16.54 -12.37
CA ILE C 683 3.82 -15.19 -12.11
C ILE C 683 4.44 -14.60 -13.37
N TYR C 684 4.00 -13.39 -13.73
CA TYR C 684 4.45 -12.64 -14.95
C TYR C 684 4.58 -13.46 -16.21
N ALA C 685 3.59 -14.31 -16.43
CA ALA C 685 3.43 -15.12 -17.68
C ALA C 685 4.56 -16.09 -18.00
N SER C 686 5.32 -16.48 -16.97
CA SER C 686 6.47 -17.40 -17.12
C SER C 686 6.11 -18.88 -16.87
N LYS C 687 7.10 -19.76 -17.01
CA LYS C 687 6.88 -21.21 -16.78
C LYS C 687 8.05 -21.82 -16.02
N ALA C 688 7.74 -22.84 -15.21
CA ALA C 688 8.76 -23.71 -14.61
C ALA C 688 9.67 -24.36 -15.64
N VAL C 689 10.98 -24.27 -15.39
CA VAL C 689 11.99 -24.74 -16.32
C VAL C 689 12.94 -25.82 -15.76
N GLY C 690 12.94 -26.02 -14.45
CA GLY C 690 13.94 -26.89 -13.80
C GLY C 690 14.07 -28.33 -14.28
N GLU C 691 13.03 -29.14 -14.04
CA GLU C 691 12.99 -30.55 -14.42
C GLU C 691 12.58 -30.85 -15.88
N PRO C 692 11.64 -30.04 -16.47
CA PRO C 692 11.11 -30.44 -17.79
C PRO C 692 12.13 -30.73 -18.90
N PRO C 693 13.28 -29.99 -18.98
CA PRO C 693 14.24 -30.31 -20.06
C PRO C 693 15.10 -31.58 -19.93
N LEU C 694 15.30 -32.10 -18.72
CA LEU C 694 16.14 -33.29 -18.55
C LEU C 694 15.84 -34.42 -19.54
N PHE C 695 14.57 -34.74 -19.72
CA PHE C 695 14.21 -35.83 -20.60
C PHE C 695 14.58 -35.63 -22.06
N LEU C 696 14.66 -34.40 -22.51
CA LEU C 696 15.13 -34.13 -23.87
C LEU C 696 16.52 -34.70 -24.16
N GLY C 697 17.31 -34.92 -23.11
CA GLY C 697 18.54 -35.67 -23.25
C GLY C 697 18.34 -36.99 -23.97
N ALA C 698 17.16 -37.61 -23.82
CA ALA C 698 16.89 -38.90 -24.49
C ALA C 698 17.07 -38.78 -25.99
N SER C 699 17.03 -37.55 -26.48
CA SER C 699 17.22 -37.35 -27.90
C SER C 699 18.52 -37.99 -28.38
N VAL C 700 19.54 -38.03 -27.50
CA VAL C 700 20.79 -38.71 -27.82
C VAL C 700 20.59 -40.21 -27.71
N PHE C 701 19.81 -40.68 -26.75
CA PHE C 701 19.64 -42.14 -26.64
C PHE C 701 19.13 -42.71 -27.97
N PHE C 702 18.13 -42.05 -28.56
CA PHE C 702 17.46 -42.61 -29.70
C PHE C 702 18.24 -42.35 -31.00
N ALA C 703 19.01 -41.27 -31.04
CA ALA C 703 19.89 -41.02 -32.18
C ALA C 703 20.92 -42.13 -32.21
N ILE C 704 21.35 -42.57 -31.04
CA ILE C 704 22.30 -43.64 -30.97
C ILE C 704 21.63 -44.93 -31.41
N LYS C 705 20.34 -45.08 -31.06
CA LYS C 705 19.58 -46.28 -31.40
C LYS C 705 19.36 -46.38 -32.90
N ASP C 706 19.25 -45.21 -33.53
CA ASP C 706 19.16 -45.05 -34.98
C ASP C 706 20.44 -45.49 -35.66
N ALA C 707 21.55 -45.11 -35.04
CA ALA C 707 22.87 -45.42 -35.54
C ALA C 707 23.12 -46.90 -35.36
N ILE C 708 22.63 -47.45 -34.27
CA ILE C 708 22.81 -48.88 -34.09
C ILE C 708 21.96 -49.63 -35.14
N ARG C 709 20.76 -49.11 -35.42
CA ARG C 709 19.85 -49.76 -36.38
C ARG C 709 20.52 -49.94 -37.73
N ALA C 710 21.11 -48.84 -38.16
CA ALA C 710 21.88 -48.72 -39.37
C ALA C 710 23.08 -49.68 -39.41
N ALA C 711 23.87 -49.74 -38.33
CA ALA C 711 25.01 -50.70 -38.27
C ALA C 711 24.53 -52.15 -38.39
N ARG C 712 23.36 -52.44 -37.86
CA ARG C 712 22.83 -53.81 -37.92
C ARG C 712 22.38 -54.18 -39.30
N ALA C 713 21.69 -53.27 -39.97
CA ALA C 713 21.33 -53.46 -41.37
C ALA C 713 22.56 -53.64 -42.28
N GLN C 714 23.66 -52.99 -41.92
CA GLN C 714 24.92 -53.17 -42.61
C GLN C 714 25.48 -54.57 -42.39
N HIS C 715 25.70 -54.96 -41.12
CA HIS C 715 26.54 -56.12 -40.79
C HIS C 715 25.87 -57.36 -40.19
N THR C 716 24.58 -57.31 -39.85
CA THR C 716 23.92 -58.48 -39.25
C THR C 716 22.84 -59.02 -40.19
N ASN C 717 21.60 -59.08 -39.75
CA ASN C 717 20.51 -59.49 -40.64
C ASN C 717 20.00 -58.40 -41.62
N ASN C 718 18.80 -58.61 -42.19
CA ASN C 718 18.23 -57.69 -43.18
C ASN C 718 16.80 -57.19 -42.89
N ASN C 719 16.32 -57.33 -41.65
CA ASN C 719 15.02 -56.77 -41.26
C ASN C 719 15.06 -55.29 -41.15
N THR C 720 14.53 -54.63 -42.16
CA THR C 720 14.18 -53.24 -42.04
C THR C 720 13.23 -53.09 -40.83
N LYS C 721 12.62 -54.21 -40.40
CA LYS C 721 11.53 -54.21 -39.41
C LYS C 721 11.78 -54.93 -38.06
N GLU C 722 13.02 -55.31 -37.80
CA GLU C 722 13.36 -56.01 -36.55
C GLU C 722 13.42 -55.02 -35.39
N LEU C 723 13.20 -55.51 -34.18
CA LEU C 723 13.38 -54.73 -32.96
C LEU C 723 14.32 -55.42 -31.98
N PHE C 724 15.42 -54.78 -31.59
CA PHE C 724 16.30 -55.37 -30.60
C PHE C 724 16.06 -54.55 -29.37
N ARG C 725 16.29 -55.14 -28.21
CA ARG C 725 16.15 -54.44 -26.94
C ARG C 725 17.43 -53.66 -26.67
N LEU C 726 17.26 -52.37 -26.38
CA LEU C 726 18.36 -51.53 -25.89
C LEU C 726 17.91 -50.83 -24.61
N ASP C 727 18.54 -51.19 -23.50
CA ASP C 727 18.21 -50.63 -22.23
C ASP C 727 18.98 -49.31 -21.97
N SER C 728 18.61 -48.62 -20.89
CA SER C 728 19.28 -47.43 -20.49
C SER C 728 20.12 -47.73 -19.23
N PRO C 729 21.35 -47.20 -19.17
CA PRO C 729 21.98 -46.31 -20.12
C PRO C 729 22.63 -47.05 -21.28
N ALA C 730 22.52 -46.50 -22.47
CA ALA C 730 23.25 -47.01 -23.60
C ALA C 730 24.75 -46.62 -23.53
N THR C 731 25.51 -47.38 -22.77
CA THR C 731 26.93 -47.13 -22.63
C THR C 731 27.71 -47.72 -23.80
N PRO C 732 29.03 -47.46 -23.87
CA PRO C 732 29.90 -48.18 -24.85
C PRO C 732 29.66 -49.69 -24.94
N GLU C 733 29.59 -50.39 -23.81
CA GLU C 733 29.34 -51.85 -23.79
C GLU C 733 28.09 -52.22 -24.57
N LYS C 734 26.98 -51.61 -24.17
CA LYS C 734 25.67 -51.93 -24.70
C LYS C 734 25.55 -51.60 -26.20
N ILE C 735 26.17 -50.47 -26.56
CA ILE C 735 26.28 -50.06 -27.93
C ILE C 735 27.13 -51.03 -28.78
N ARG C 736 28.31 -51.44 -28.29
CA ARG C 736 29.16 -52.34 -29.10
C ARG C 736 28.48 -53.67 -29.36
N ASN C 737 27.86 -54.21 -28.31
CA ASN C 737 27.34 -55.58 -28.31
C ASN C 737 26.22 -55.71 -29.30
N ALA C 738 25.50 -54.61 -29.54
CA ALA C 738 24.34 -54.63 -30.41
C ALA C 738 24.75 -54.41 -31.86
N CYS C 739 26.00 -54.01 -32.08
CA CYS C 739 26.60 -54.01 -33.41
C CYS C 739 27.09 -55.40 -33.73
N VAL C 740 26.12 -56.32 -33.88
CA VAL C 740 26.44 -57.72 -34.13
C VAL C 740 27.18 -57.77 -35.47
N ASP C 741 28.42 -58.26 -35.42
CA ASP C 741 29.26 -58.38 -36.62
C ASP C 741 30.15 -59.61 -36.65
N LYS C 742 30.96 -59.72 -37.68
CA LYS C 742 31.88 -60.84 -37.79
C LYS C 742 32.74 -60.96 -36.51
N PHE C 743 32.79 -59.90 -35.69
CA PHE C 743 33.61 -59.93 -34.47
C PHE C 743 32.86 -60.43 -33.23
N THR C 744 31.62 -59.93 -33.06
CA THR C 744 30.83 -60.27 -31.89
C THR C 744 30.32 -61.71 -31.90
N THR C 745 30.13 -62.25 -33.10
CA THR C 745 29.88 -63.68 -33.36
C THR C 745 31.25 -64.26 -33.52
N LEU C 746 31.53 -65.52 -33.44
CA LEU C 746 32.99 -65.59 -33.43
C LEU C 746 33.74 -65.66 -34.76
N CYS C 747 33.36 -64.83 -35.73
CA CYS C 747 34.22 -64.46 -36.88
C CYS C 747 34.28 -65.46 -38.04
N VAL C 748 34.95 -66.63 -38.00
CA VAL C 748 36.31 -67.14 -37.55
C VAL C 748 36.05 -68.47 -38.31
N THR C 749 35.87 -68.28 -39.60
CA THR C 749 34.50 -68.53 -40.09
C THR C 749 33.79 -69.75 -39.51
N GLY C 750 33.70 -69.70 -38.17
CA GLY C 750 32.77 -70.49 -37.39
C GLY C 750 31.35 -70.37 -37.93
N ALA C 751 30.60 -69.35 -37.51
CA ALA C 751 29.22 -69.23 -37.93
C ALA C 751 28.28 -68.13 -37.37
N PRO C 752 28.09 -68.02 -36.01
CA PRO C 752 26.85 -67.42 -35.33
C PRO C 752 26.14 -66.16 -35.92
N GLY C 753 24.93 -65.81 -35.43
CA GLY C 753 24.16 -64.63 -35.90
C GLY C 753 24.73 -64.17 -37.21
N ASN C 754 24.87 -62.87 -37.40
CA ASN C 754 25.84 -62.40 -38.36
C ASN C 754 26.19 -60.96 -38.15
N ASP D 4 57.19 -27.02 36.20
CA ASP D 4 56.33 -27.90 37.05
C ASP D 4 54.89 -27.88 36.57
N GLU D 5 54.20 -29.00 36.77
CA GLU D 5 52.80 -29.07 36.46
C GLU D 5 51.91 -28.39 37.53
N LEU D 6 50.83 -27.76 37.08
CA LEU D 6 49.78 -27.32 38.01
C LEU D 6 48.63 -28.30 37.93
N VAL D 7 48.22 -28.84 39.07
CA VAL D 7 47.16 -29.85 39.13
C VAL D 7 46.11 -29.43 40.16
N PHE D 8 44.88 -29.18 39.68
CA PHE D 8 43.74 -28.91 40.54
C PHE D 8 42.52 -29.57 39.95
N PHE D 9 41.37 -29.46 40.60
CA PHE D 9 40.19 -30.12 40.11
C PHE D 9 39.07 -29.12 39.92
N VAL D 10 38.19 -29.40 38.97
CA VAL D 10 37.04 -28.54 38.74
C VAL D 10 35.81 -29.45 38.62
N ASN D 11 34.81 -29.23 39.48
CA ASN D 11 33.59 -30.05 39.51
C ASN D 11 33.95 -31.52 39.43
N GLY D 12 34.97 -31.88 40.21
CA GLY D 12 35.40 -33.28 40.38
C GLY D 12 36.34 -33.80 39.30
N LYS D 13 36.61 -32.99 38.26
CA LYS D 13 37.43 -33.43 37.17
C LYS D 13 38.85 -32.90 37.30
N LYS D 14 39.83 -33.78 37.05
CA LYS D 14 41.25 -33.45 37.17
C LYS D 14 41.66 -32.45 36.09
N VAL D 15 42.49 -31.48 36.47
CA VAL D 15 43.00 -30.50 35.52
C VAL D 15 44.52 -30.45 35.64
N VAL D 16 45.19 -30.78 34.55
CA VAL D 16 46.64 -30.82 34.54
C VAL D 16 47.12 -29.72 33.61
N GLU D 17 47.43 -28.56 34.19
CA GLU D 17 48.02 -27.45 33.44
C GLU D 17 49.57 -27.53 33.36
N LYS D 18 50.09 -27.82 32.17
CA LYS D 18 51.53 -28.03 32.04
C LYS D 18 52.28 -26.72 31.89
N ASN D 19 51.62 -25.70 31.35
CA ASN D 19 52.21 -24.37 31.15
C ASN D 19 51.46 -23.21 31.82
N ALA D 20 51.03 -23.40 33.05
CA ALA D 20 50.44 -22.32 33.84
C ALA D 20 51.19 -20.99 33.67
N ASP D 21 50.42 -19.96 33.34
CA ASP D 21 50.91 -18.60 33.41
C ASP D 21 50.53 -17.96 34.79
N PRO D 22 51.52 -17.42 35.54
CA PRO D 22 51.22 -16.96 36.89
C PRO D 22 50.14 -15.89 36.88
N GLU D 23 49.99 -15.23 35.75
CA GLU D 23 49.09 -14.11 35.61
C GLU D 23 47.66 -14.58 35.32
N THR D 24 47.43 -15.88 35.14
CA THR D 24 46.09 -16.38 34.84
C THR D 24 45.27 -16.40 36.10
N THR D 25 44.15 -15.68 36.06
CA THR D 25 43.10 -15.74 37.06
C THR D 25 42.22 -16.99 36.84
N LEU D 26 41.73 -17.57 37.94
CA LEU D 26 40.80 -18.67 37.82
C LEU D 26 39.62 -18.32 36.91
N LEU D 27 39.12 -17.09 36.95
CA LEU D 27 37.95 -16.75 36.17
C LEU D 27 38.25 -16.96 34.68
N ALA D 28 39.29 -16.30 34.20
CA ALA D 28 39.75 -16.49 32.86
C ALA D 28 39.90 -17.98 32.54
N TYR D 29 40.48 -18.77 33.44
CA TYR D 29 40.69 -20.16 33.16
C TYR D 29 39.37 -20.94 32.95
N LEU D 30 38.45 -20.80 33.89
CA LEU D 30 37.17 -21.50 33.79
C LEU D 30 36.48 -21.11 32.50
N ARG D 31 36.38 -19.78 32.28
CA ARG D 31 35.55 -19.25 31.21
C ARG D 31 36.16 -19.63 29.87
N ARG D 32 37.47 -19.43 29.75
CA ARG D 32 38.11 -19.38 28.45
C ARG D 32 38.99 -20.58 28.11
N LYS D 33 39.52 -21.30 29.09
CA LYS D 33 40.21 -22.50 28.75
C LYS D 33 39.25 -23.67 28.90
N LEU D 34 38.38 -23.62 29.90
CA LEU D 34 37.57 -24.77 30.25
C LEU D 34 36.21 -24.61 29.65
N GLY D 35 35.80 -23.38 29.43
CA GLY D 35 34.53 -23.17 28.76
C GLY D 35 33.43 -23.55 29.69
N LEU D 36 33.62 -23.25 30.95
CA LEU D 36 32.52 -23.31 31.87
C LEU D 36 32.12 -21.86 32.09
N ARG D 37 31.14 -21.40 31.34
CA ARG D 37 30.72 -20.01 31.35
C ARG D 37 29.68 -19.58 32.40
N GLY D 38 29.32 -20.47 33.32
CA GLY D 38 28.46 -20.10 34.49
C GLY D 38 29.04 -19.11 35.55
N THR D 39 30.35 -19.13 35.72
CA THR D 39 30.99 -18.06 36.49
C THR D 39 31.18 -16.77 35.64
N LYS D 40 30.68 -15.65 36.16
CA LYS D 40 30.65 -14.37 35.42
C LYS D 40 31.65 -13.34 35.91
N LEU D 41 32.25 -12.59 34.98
CA LEU D 41 32.97 -11.34 35.26
C LEU D 41 31.99 -10.21 35.44
N GLY D 42 32.02 -9.61 36.63
CA GLY D 42 31.23 -8.40 36.93
C GLY D 42 32.07 -7.14 37.23
N CYS D 43 33.29 -7.33 37.74
CA CYS D 43 34.10 -6.19 38.09
C CYS D 43 35.60 -6.39 38.04
N GLY D 44 36.06 -7.58 38.41
CA GLY D 44 37.47 -7.87 38.42
C GLY D 44 38.25 -7.18 39.57
N GLU D 45 37.58 -6.82 40.65
CA GLU D 45 38.25 -6.17 41.77
C GLU D 45 37.68 -6.65 43.08
N GLY D 46 36.96 -7.77 43.03
CA GLY D 46 36.52 -8.49 44.24
C GLY D 46 35.29 -7.92 44.93
N GLY D 47 34.59 -6.98 44.30
CA GLY D 47 33.48 -6.29 44.94
C GLY D 47 32.05 -6.71 44.62
N CYS D 48 31.83 -7.47 43.54
CA CYS D 48 30.44 -7.81 43.20
C CYS D 48 29.99 -9.23 43.53
N GLY D 49 30.93 -10.17 43.59
CA GLY D 49 30.61 -11.59 43.80
C GLY D 49 30.08 -12.40 42.60
N ALA D 50 30.08 -11.81 41.41
CA ALA D 50 29.50 -12.49 40.28
C ALA D 50 30.31 -13.67 39.89
N CYS D 51 31.51 -13.73 40.46
CA CYS D 51 32.50 -14.71 40.05
C CYS D 51 32.78 -15.72 41.16
N THR D 52 31.87 -15.76 42.11
CA THR D 52 31.97 -16.65 43.26
C THR D 52 32.04 -18.16 42.96
N VAL D 53 33.13 -18.79 43.36
CA VAL D 53 33.20 -20.23 43.35
C VAL D 53 33.37 -20.77 44.76
N MET D 54 33.29 -22.10 44.92
CA MET D 54 33.68 -22.72 46.16
C MET D 54 35.01 -23.43 45.93
N LEU D 55 35.88 -23.33 46.94
CA LEU D 55 37.14 -24.06 46.93
C LEU D 55 37.21 -25.06 48.09
N SER D 56 37.82 -26.20 47.81
CA SER D 56 38.03 -27.20 48.82
C SER D 56 39.49 -27.53 48.86
N LYS D 57 40.09 -27.43 50.04
CA LYS D 57 41.35 -28.10 50.31
C LYS D 57 41.34 -28.94 51.60
N TYR D 58 42.08 -30.04 51.55
CA TYR D 58 42.43 -30.80 52.73
C TYR D 58 43.41 -29.95 53.55
N ASP D 59 43.07 -29.68 54.81
CA ASP D 59 43.96 -28.91 55.68
C ASP D 59 44.74 -29.80 56.65
N ARG D 60 46.05 -29.91 56.41
CA ARG D 60 46.97 -30.78 57.14
C ARG D 60 47.16 -30.35 58.59
N LEU D 61 46.08 -30.19 59.34
CA LEU D 61 46.14 -29.37 60.55
C LEU D 61 44.82 -29.48 61.33
N GLN D 62 43.73 -28.98 60.73
CA GLN D 62 42.41 -29.28 61.23
C GLN D 62 42.09 -30.79 61.05
N ASP D 63 43.02 -31.53 60.43
CA ASP D 63 42.74 -32.85 59.81
C ASP D 63 41.76 -32.66 58.65
N LYS D 64 40.62 -32.02 58.93
CA LYS D 64 39.51 -31.98 57.99
C LYS D 64 39.80 -31.32 56.63
N ILE D 65 38.94 -31.66 55.68
CA ILE D 65 38.74 -30.93 54.44
C ILE D 65 37.97 -29.64 54.76
N ILE D 66 38.45 -28.49 54.28
CA ILE D 66 37.69 -27.25 54.45
C ILE D 66 37.09 -26.76 53.14
N HIS D 67 35.91 -26.14 53.23
CA HIS D 67 35.21 -25.57 52.09
C HIS D 67 35.00 -24.10 52.40
N PHE D 68 35.53 -23.24 51.54
CA PHE D 68 35.28 -21.82 51.70
C PHE D 68 34.93 -21.21 50.33
N SER D 69 34.27 -20.05 50.28
CA SER D 69 34.01 -19.36 49.03
C SER D 69 35.17 -18.41 48.68
N ALA D 70 35.25 -18.00 47.41
CA ALA D 70 36.41 -17.26 46.88
C ALA D 70 36.04 -16.42 45.66
N ASN D 71 36.70 -15.29 45.44
CA ASN D 71 36.44 -14.53 44.19
C ASN D 71 37.34 -15.01 43.08
N ALA D 72 36.76 -15.49 41.99
CA ALA D 72 37.56 -16.12 40.94
C ALA D 72 38.28 -15.12 40.03
N CYS D 73 37.75 -13.89 39.95
CA CYS D 73 38.45 -12.80 39.29
C CYS D 73 39.77 -12.42 39.98
N LEU D 74 40.02 -12.89 41.22
CA LEU D 74 41.22 -12.51 41.96
C LEU D 74 42.16 -13.66 42.36
N ALA D 75 41.67 -14.88 42.18
CA ALA D 75 42.44 -16.07 42.52
C ALA D 75 43.38 -16.48 41.36
N PRO D 76 44.70 -16.37 41.59
CA PRO D 76 45.62 -16.94 40.62
C PRO D 76 45.47 -18.48 40.62
N ILE D 77 45.30 -19.08 39.44
CA ILE D 77 45.29 -20.54 39.31
C ILE D 77 46.48 -21.12 40.02
N CYS D 78 47.58 -20.38 39.95
CA CYS D 78 48.81 -20.74 40.62
C CYS D 78 48.78 -20.94 42.10
N THR D 79 47.74 -20.43 42.78
CA THR D 79 47.56 -20.68 44.21
C THR D 79 46.76 -21.92 44.41
N LEU D 80 46.37 -22.60 43.34
CA LEU D 80 45.33 -23.61 43.43
C LEU D 80 45.79 -25.05 43.31
N HIS D 81 47.11 -25.24 43.39
CA HIS D 81 47.62 -26.58 43.28
C HIS D 81 46.94 -27.41 44.34
N HIS D 82 46.31 -28.49 43.89
CA HIS D 82 45.67 -29.48 44.79
C HIS D 82 44.43 -28.91 45.48
N VAL D 83 43.86 -27.88 44.87
CA VAL D 83 42.62 -27.33 45.38
C VAL D 83 41.52 -27.82 44.44
N ALA D 84 40.30 -27.95 44.96
CA ALA D 84 39.21 -28.45 44.17
C ALA D 84 38.23 -27.31 44.05
N VAL D 85 37.89 -26.96 42.81
CA VAL D 85 36.98 -25.87 42.54
C VAL D 85 35.62 -26.47 42.32
N THR D 86 34.60 -25.80 42.82
CA THR D 86 33.24 -26.14 42.46
C THR D 86 32.54 -24.89 41.92
N THR D 87 31.98 -25.00 40.72
CA THR D 87 31.26 -23.87 40.14
C THR D 87 29.77 -24.09 40.16
N VAL D 88 29.04 -23.14 39.61
CA VAL D 88 27.60 -23.26 39.55
C VAL D 88 27.17 -24.49 38.73
N GLU D 89 27.90 -24.80 37.66
CA GLU D 89 27.55 -25.99 36.86
C GLU D 89 27.90 -27.31 37.56
N GLY D 90 28.70 -27.22 38.64
CA GLY D 90 29.03 -28.38 39.49
C GLY D 90 28.01 -28.85 40.55
N ILE D 91 26.92 -28.11 40.77
CA ILE D 91 26.01 -28.48 41.85
C ILE D 91 24.60 -28.89 41.41
N GLY D 92 24.28 -28.61 40.15
CA GLY D 92 22.97 -28.93 39.59
C GLY D 92 22.81 -28.34 38.21
N SER D 93 21.67 -28.56 37.56
CA SER D 93 21.47 -28.22 36.16
C SER D 93 20.07 -28.62 35.72
N THR D 94 19.42 -27.79 34.91
CA THR D 94 18.10 -28.10 34.37
C THR D 94 18.12 -29.33 33.49
N LYS D 95 19.31 -29.85 33.18
CA LYS D 95 19.47 -31.03 32.32
C LYS D 95 19.38 -32.34 33.11
N THR D 96 19.72 -32.26 34.41
CA THR D 96 19.71 -33.39 35.32
C THR D 96 18.81 -33.08 36.53
N ARG D 97 19.34 -32.33 37.50
CA ARG D 97 18.56 -31.84 38.63
C ARG D 97 19.13 -30.54 39.17
N LEU D 98 18.26 -29.58 39.43
CA LEU D 98 18.71 -28.41 40.14
C LEU D 98 19.03 -28.79 41.57
N HIS D 99 20.14 -28.30 42.10
CA HIS D 99 20.37 -28.33 43.56
C HIS D 99 19.29 -27.45 44.24
N PRO D 100 18.82 -27.81 45.46
CA PRO D 100 17.80 -26.97 46.13
C PRO D 100 18.16 -25.46 46.20
N VAL D 101 19.43 -25.13 46.44
CA VAL D 101 19.78 -23.71 46.39
C VAL D 101 19.39 -23.01 45.06
N GLN D 102 19.63 -23.70 43.94
CA GLN D 102 19.23 -23.17 42.65
C GLN D 102 17.73 -23.14 42.53
N GLU D 103 17.05 -24.22 42.88
CA GLU D 103 15.59 -24.27 42.71
C GLU D 103 14.91 -23.22 43.55
N ARG D 104 15.40 -23.06 44.78
CA ARG D 104 14.90 -22.04 45.70
C ARG D 104 14.99 -20.61 45.19
N ILE D 105 16.16 -20.21 44.71
CA ILE D 105 16.30 -18.85 44.20
C ILE D 105 15.40 -18.64 42.99
N ALA D 106 15.24 -19.68 42.18
CA ALA D 106 14.39 -19.60 40.98
C ALA D 106 12.92 -19.36 41.31
N LYS D 107 12.36 -20.23 42.14
CA LYS D 107 10.93 -20.25 42.45
C LYS D 107 10.52 -19.09 43.34
N SER D 108 11.50 -18.41 43.94
CA SER D 108 11.22 -17.27 44.81
C SER D 108 11.24 -15.93 44.13
N HIS D 109 11.49 -15.91 42.82
CA HIS D 109 11.64 -14.66 42.08
C HIS D 109 12.92 -13.94 42.58
N GLY D 110 13.91 -14.72 43.02
CA GLY D 110 15.23 -14.16 43.44
C GLY D 110 16.19 -13.89 42.27
N SER D 111 15.79 -14.30 41.08
CA SER D 111 16.57 -14.06 39.89
C SER D 111 15.70 -13.31 38.87
N GLN D 112 16.24 -12.23 38.29
CA GLN D 112 15.53 -11.37 37.32
C GLN D 112 16.30 -11.33 36.00
N CYS D 113 17.35 -10.52 35.92
CA CYS D 113 18.25 -10.59 34.76
C CYS D 113 19.11 -11.79 34.88
N GLY D 114 19.50 -12.15 36.11
CA GLY D 114 20.12 -13.43 36.39
C GLY D 114 21.63 -13.49 36.33
N PHE D 115 22.30 -12.38 36.01
CA PHE D 115 23.76 -12.37 35.94
C PHE D 115 24.48 -12.57 37.29
N CYS D 116 23.84 -12.15 38.38
CA CYS D 116 24.42 -12.27 39.72
C CYS D 116 24.03 -13.53 40.42
N THR D 117 23.04 -14.25 39.87
CA THR D 117 22.51 -15.51 40.44
C THR D 117 23.55 -16.63 40.67
N PRO D 118 24.38 -16.97 39.63
CA PRO D 118 25.41 -18.01 39.85
C PRO D 118 26.27 -17.79 41.10
N GLY D 119 26.60 -16.54 41.41
CA GLY D 119 27.48 -16.22 42.49
C GLY D 119 26.77 -16.23 43.81
N ILE D 120 25.49 -15.87 43.80
CA ILE D 120 24.69 -15.92 45.04
C ILE D 120 24.38 -17.39 45.35
N VAL D 121 23.94 -18.14 44.35
CA VAL D 121 23.84 -19.60 44.48
C VAL D 121 25.13 -20.16 45.15
N MET D 122 26.29 -19.72 44.65
CA MET D 122 27.56 -20.23 45.14
C MET D 122 27.84 -19.74 46.55
N SER D 123 27.56 -18.48 46.79
CA SER D 123 27.74 -17.95 48.13
C SER D 123 26.85 -18.71 49.15
N MET D 124 25.61 -19.00 48.78
CA MET D 124 24.72 -19.75 49.66
C MET D 124 25.11 -21.23 49.74
N TYR D 125 25.54 -21.80 48.61
CA TYR D 125 25.84 -23.21 48.56
C TYR D 125 27.00 -23.50 49.51
N THR D 126 27.96 -22.60 49.57
CA THR D 126 29.10 -22.72 50.44
C THR D 126 28.63 -22.71 51.89
N LEU D 127 27.76 -21.76 52.26
CA LEU D 127 27.30 -21.68 53.63
C LEU D 127 26.75 -23.06 54.09
N LEU D 128 25.87 -23.64 53.26
CA LEU D 128 25.23 -24.94 53.50
C LEU D 128 26.22 -26.10 53.59
N ARG D 129 27.35 -26.00 52.86
CA ARG D 129 28.38 -27.02 52.96
C ARG D 129 29.08 -26.97 54.30
N ASN D 130 29.09 -25.80 54.93
CA ASN D 130 29.75 -25.60 56.22
C ASN D 130 28.78 -25.63 57.38
N GLN D 131 27.52 -25.37 57.10
CA GLN D 131 26.46 -25.40 58.13
C GLN D 131 25.12 -25.76 57.50
N PRO D 132 24.73 -27.06 57.57
CA PRO D 132 23.51 -27.51 56.89
C PRO D 132 22.27 -26.91 57.52
N GLU D 133 22.34 -26.54 58.79
CA GLU D 133 21.21 -25.82 59.39
C GLU D 133 21.62 -24.49 60.02
N PRO D 134 21.77 -23.46 59.17
CA PRO D 134 22.24 -22.15 59.58
C PRO D 134 21.10 -21.34 60.13
N THR D 135 21.40 -20.18 60.73
CA THR D 135 20.39 -19.30 61.30
C THR D 135 20.06 -18.18 60.33
N VAL D 136 18.96 -17.48 60.56
CA VAL D 136 18.59 -16.37 59.69
C VAL D 136 19.78 -15.41 59.63
N GLU D 137 20.41 -15.22 60.79
CA GLU D 137 21.59 -14.35 60.94
C GLU D 137 22.71 -14.73 59.97
N GLU D 138 23.04 -16.02 59.91
CA GLU D 138 24.17 -16.47 59.11
C GLU D 138 23.83 -16.42 57.64
N ILE D 139 22.57 -16.64 57.31
CA ILE D 139 22.15 -16.60 55.92
C ILE D 139 22.30 -15.18 55.41
N GLU D 140 21.67 -14.22 56.10
CA GLU D 140 21.73 -12.83 55.69
C GLU D 140 23.17 -12.30 55.55
N ASP D 141 24.08 -12.74 56.42
CA ASP D 141 25.43 -12.20 56.35
C ASP D 141 26.31 -12.86 55.35
N ALA D 142 25.81 -13.97 54.80
CA ALA D 142 26.61 -14.77 53.87
C ALA D 142 26.87 -14.01 52.58
N PHE D 143 26.16 -12.89 52.41
CA PHE D 143 26.13 -12.25 51.11
C PHE D 143 26.75 -10.86 51.00
N GLN D 144 27.67 -10.50 51.89
CA GLN D 144 28.16 -9.13 51.88
C GLN D 144 28.91 -8.85 50.59
N GLY D 145 29.49 -9.90 50.00
CA GLY D 145 30.24 -9.78 48.77
C GLY D 145 29.46 -10.00 47.49
N ASN D 146 28.14 -10.06 47.55
CA ASN D 146 27.35 -10.18 46.32
C ASN D 146 26.42 -9.00 46.15
N LEU D 147 26.50 -8.38 44.99
CA LEU D 147 25.62 -7.26 44.63
C LEU D 147 24.66 -7.74 43.54
N CYS D 148 23.43 -7.22 43.59
CA CYS D 148 22.37 -7.46 42.59
C CYS D 148 21.70 -6.12 42.32
N ARG D 149 21.60 -5.76 41.05
CA ARG D 149 21.11 -4.45 40.67
C ARG D 149 19.62 -4.50 40.44
N CYS D 150 19.13 -5.73 40.24
CA CYS D 150 17.76 -6.02 39.86
C CYS D 150 16.75 -6.19 40.97
N THR D 151 17.03 -7.05 41.94
CA THR D 151 15.92 -7.61 42.73
C THR D 151 15.47 -6.79 43.95
N GLY D 152 16.36 -5.94 44.47
CA GLY D 152 16.15 -5.33 45.79
C GLY D 152 16.36 -6.30 46.97
N TYR D 153 17.00 -7.44 46.68
CA TYR D 153 17.43 -8.47 47.66
C TYR D 153 16.38 -9.21 48.50
N ARG D 154 15.29 -8.51 48.83
CA ARG D 154 14.21 -9.08 49.68
C ARG D 154 13.84 -10.53 49.26
N PRO D 155 13.55 -10.78 47.95
CA PRO D 155 13.05 -12.10 47.58
C PRO D 155 14.13 -13.17 47.70
N ILE D 156 15.39 -12.80 47.48
CA ILE D 156 16.47 -13.79 47.65
C ILE D 156 16.51 -14.29 49.10
N LEU D 157 16.63 -13.36 50.05
CA LEU D 157 16.69 -13.65 51.47
C LEU D 157 15.49 -14.44 51.94
N GLN D 158 14.30 -14.03 51.51
CA GLN D 158 13.08 -14.77 51.89
C GLN D 158 13.11 -16.21 51.40
N GLY D 159 13.45 -16.37 50.12
CA GLY D 159 13.62 -17.68 49.54
C GLY D 159 14.69 -18.52 50.22
N PHE D 160 15.77 -17.92 50.68
CA PHE D 160 16.81 -18.71 51.33
C PHE D 160 16.53 -18.95 52.80
N ARG D 161 15.58 -18.20 53.36
CA ARG D 161 15.24 -18.30 54.78
C ARG D 161 14.73 -19.70 55.14
N THR D 162 14.06 -20.34 54.19
CA THR D 162 13.60 -21.71 54.34
C THR D 162 14.72 -22.73 54.67
N PHE D 163 15.96 -22.27 54.77
CA PHE D 163 17.06 -23.17 55.16
C PHE D 163 17.44 -23.08 56.61
N ALA D 164 16.79 -22.17 57.34
CA ALA D 164 17.08 -21.96 58.78
C ALA D 164 16.19 -22.83 59.67
N LYS D 165 16.36 -22.65 60.99
CA LYS D 165 15.61 -23.31 62.12
C LYS D 165 16.38 -24.46 62.74
N GLN E 3 58.37 -27.75 46.46
CA GLN E 3 58.51 -26.40 45.85
C GLN E 3 58.21 -26.48 44.37
N LEU E 4 57.31 -25.64 43.89
CA LEU E 4 56.90 -25.64 42.50
C LEU E 4 57.35 -24.36 41.81
N ARG E 5 57.52 -24.41 40.50
CA ARG E 5 57.91 -23.25 39.75
C ARG E 5 57.08 -23.14 38.45
N PHE E 6 56.47 -21.98 38.22
CA PHE E 6 55.75 -21.72 36.96
C PHE E 6 56.34 -20.49 36.28
N GLU E 7 56.45 -20.52 34.95
CA GLU E 7 56.94 -19.36 34.16
C GLU E 7 55.95 -19.04 33.06
N GLY E 8 55.65 -17.76 32.89
CA GLY E 8 54.71 -17.34 31.88
C GLY E 8 55.36 -16.32 30.98
N GLU E 9 54.54 -15.41 30.45
CA GLU E 9 55.06 -14.41 29.54
C GLU E 9 55.98 -13.43 30.23
N ARG E 10 55.56 -12.92 31.37
CA ARG E 10 56.34 -11.86 32.00
C ARG E 10 56.72 -12.22 33.42
N VAL E 11 55.93 -13.10 34.03
CA VAL E 11 56.13 -13.37 35.43
C VAL E 11 56.69 -14.77 35.73
N THR E 12 57.58 -14.86 36.72
CA THR E 12 57.97 -16.14 37.31
C THR E 12 57.40 -16.27 38.72
N TRP E 13 56.81 -17.43 39.02
CA TRP E 13 56.16 -17.67 40.31
C TRP E 13 56.74 -18.93 40.97
N ILE E 14 57.15 -18.76 42.23
CA ILE E 14 57.76 -19.85 43.00
C ILE E 14 56.88 -20.11 44.22
N GLN E 15 56.35 -21.32 44.31
CA GLN E 15 55.47 -21.71 45.39
C GLN E 15 56.36 -22.35 46.44
N ALA E 16 56.70 -21.61 47.50
CA ALA E 16 57.64 -22.10 48.51
C ALA E 16 57.00 -23.09 49.48
N SER E 17 57.65 -24.21 49.74
CA SER E 17 57.05 -25.10 50.74
C SER E 17 57.62 -24.99 52.16
N THR E 18 58.71 -24.27 52.36
CA THR E 18 59.33 -24.18 53.69
C THR E 18 59.72 -22.78 54.03
N LEU E 19 59.66 -22.47 55.32
CA LEU E 19 60.14 -21.18 55.75
C LEU E 19 61.61 -20.88 55.33
N LYS E 20 62.42 -21.93 55.11
CA LYS E 20 63.83 -21.74 54.73
C LYS E 20 63.85 -21.30 53.29
N GLU E 21 63.13 -22.03 52.45
CA GLU E 21 63.06 -21.72 51.06
C GLU E 21 62.64 -20.27 50.87
N LEU E 22 61.58 -19.86 51.57
CA LEU E 22 61.07 -18.50 51.48
C LEU E 22 62.10 -17.48 51.84
N LEU E 23 62.67 -17.65 53.04
CA LEU E 23 63.75 -16.77 53.53
C LEU E 23 64.98 -16.74 52.60
N ASP E 24 65.25 -17.85 51.96
CA ASP E 24 66.40 -17.93 51.06
C ASP E 24 66.11 -17.25 49.74
N LEU E 25 64.94 -17.52 49.17
CA LEU E 25 64.52 -16.88 47.94
C LEU E 25 64.45 -15.36 48.11
N LYS E 26 63.96 -14.91 49.26
CA LYS E 26 63.91 -13.48 49.55
C LYS E 26 65.29 -12.82 49.55
N ALA E 27 66.26 -13.47 50.18
CA ALA E 27 67.63 -13.01 50.16
C ALA E 27 68.17 -13.02 48.73
N GLN E 28 68.00 -14.14 48.03
CA GLN E 28 68.50 -14.25 46.65
C GLN E 28 67.86 -13.24 45.71
N HIS E 29 66.65 -12.79 46.04
CA HIS E 29 65.84 -11.93 45.17
C HIS E 29 65.01 -10.92 46.00
N PRO E 30 65.66 -9.86 46.55
CA PRO E 30 64.89 -9.04 47.49
C PRO E 30 63.68 -8.38 46.84
N GLU E 31 63.76 -8.09 45.54
CA GLU E 31 62.65 -7.51 44.74
C GLU E 31 61.36 -8.33 44.72
N ALA E 32 61.48 -9.66 44.70
CA ALA E 32 60.38 -10.58 44.66
C ALA E 32 59.15 -10.12 45.48
N LYS E 33 58.00 -10.15 44.82
CA LYS E 33 56.75 -9.88 45.49
C LYS E 33 56.18 -11.12 46.16
N LEU E 34 55.78 -10.94 47.41
CA LEU E 34 55.08 -12.02 48.09
C LEU E 34 53.64 -11.92 47.67
N VAL E 35 52.93 -13.04 47.57
CA VAL E 35 51.51 -13.08 47.25
C VAL E 35 50.85 -14.21 48.03
N VAL E 36 49.80 -13.87 48.77
CA VAL E 36 49.03 -14.88 49.46
C VAL E 36 47.63 -14.89 48.87
N GLY E 37 46.74 -14.03 49.32
CA GLY E 37 45.37 -14.02 48.76
C GLY E 37 45.21 -13.32 47.41
N ASN E 38 46.24 -12.62 46.97
CA ASN E 38 46.25 -11.82 45.72
C ASN E 38 45.26 -10.65 45.64
N THR E 39 44.59 -10.31 46.75
CA THR E 39 43.51 -9.34 46.74
C THR E 39 44.00 -7.90 46.74
N GLU E 40 45.31 -7.75 46.74
CA GLU E 40 45.94 -6.45 46.66
C GLU E 40 46.80 -6.44 45.39
N ILE E 41 47.75 -7.40 45.31
CA ILE E 41 48.61 -7.58 44.12
C ILE E 41 47.80 -7.68 42.84
N GLY E 42 46.71 -8.46 42.86
CA GLY E 42 45.76 -8.56 41.74
C GLY E 42 45.24 -7.21 41.23
N ILE E 43 44.87 -6.31 42.15
CA ILE E 43 44.40 -4.97 41.80
C ILE E 43 45.54 -4.18 41.13
N GLU E 44 46.73 -4.24 41.75
CA GLU E 44 47.89 -3.47 41.30
C GLU E 44 48.36 -3.84 39.90
N MET E 45 48.36 -5.14 39.56
CA MET E 45 48.76 -5.60 38.22
C MET E 45 47.74 -5.19 37.21
N LYS E 46 46.46 -5.43 37.50
CA LYS E 46 45.38 -5.08 36.57
C LYS E 46 45.10 -3.59 36.41
N PHE E 47 44.79 -2.89 37.48
CA PHE E 47 44.36 -1.47 37.39
C PHE E 47 45.49 -0.45 37.55
N LYS E 48 46.54 -0.78 38.27
CA LYS E 48 47.58 0.22 38.53
C LYS E 48 48.81 -0.06 37.63
N ASN E 49 48.79 -1.19 36.93
CA ASN E 49 49.80 -1.54 35.93
C ASN E 49 51.21 -1.79 36.42
N GLN E 50 51.31 -2.58 37.47
CA GLN E 50 52.59 -3.00 37.94
C GLN E 50 52.88 -4.36 37.31
N LEU E 51 54.15 -4.58 37.05
CA LEU E 51 54.64 -5.90 36.69
C LEU E 51 55.62 -6.26 37.78
N PHE E 52 55.40 -7.39 38.40
CA PHE E 52 56.37 -7.95 39.32
C PHE E 52 56.89 -9.23 38.65
N PRO E 53 58.09 -9.15 38.06
CA PRO E 53 58.56 -10.24 37.23
C PRO E 53 58.77 -11.50 38.01
N MET E 54 58.79 -11.37 39.33
CA MET E 54 59.17 -12.46 40.25
C MET E 54 58.29 -12.50 41.50
N ILE E 55 57.56 -13.60 41.66
CA ILE E 55 56.60 -13.79 42.77
C ILE E 55 56.90 -15.02 43.59
N ILE E 56 56.72 -14.87 44.91
CA ILE E 56 56.81 -16.01 45.82
C ILE E 56 55.48 -16.15 46.57
N CYS E 57 54.95 -17.36 46.58
CA CYS E 57 53.78 -17.61 47.37
C CYS E 57 54.15 -18.46 48.59
N PRO E 58 54.06 -17.88 49.80
CA PRO E 58 54.39 -18.58 51.02
C PRO E 58 53.17 -19.26 51.68
N ALA E 59 52.02 -19.27 51.02
CA ALA E 59 50.80 -19.78 51.62
C ALA E 59 50.93 -21.19 52.17
N TRP E 60 51.87 -22.00 51.69
CA TRP E 60 51.95 -23.37 52.22
C TRP E 60 52.68 -23.51 53.55
N ILE E 61 53.61 -22.58 53.80
CA ILE E 61 54.49 -22.63 54.96
C ILE E 61 53.73 -22.71 56.28
N PRO E 62 53.93 -23.80 57.06
CA PRO E 62 53.38 -23.82 58.44
C PRO E 62 54.31 -22.91 59.28
N GLU E 63 53.83 -22.31 60.38
CA GLU E 63 54.45 -21.03 60.82
C GLU E 63 53.74 -20.21 59.78
N LEU E 64 53.58 -18.91 59.92
CA LEU E 64 52.82 -18.25 58.83
C LEU E 64 51.33 -18.70 58.73
N ASN E 65 51.01 -19.95 59.11
CA ASN E 65 49.60 -20.38 59.17
C ASN E 65 49.13 -20.71 60.59
N ALA E 66 50.06 -20.65 61.54
CA ALA E 66 49.83 -21.22 62.84
C ALA E 66 49.11 -20.26 63.77
N VAL E 67 48.23 -20.80 64.60
CA VAL E 67 47.49 -20.03 65.57
C VAL E 67 47.93 -20.48 66.97
N GLU E 68 48.61 -19.61 67.70
CA GLU E 68 49.09 -19.94 69.03
C GLU E 68 48.48 -19.02 70.08
N HIS E 69 48.05 -19.59 71.20
CA HIS E 69 47.48 -18.83 72.31
C HIS E 69 48.46 -18.72 73.46
N GLY E 70 49.30 -17.68 73.46
CA GLY E 70 50.26 -17.48 74.52
C GLY E 70 49.68 -16.74 75.73
N PRO E 71 50.56 -16.33 76.67
CA PRO E 71 50.09 -15.60 77.84
C PRO E 71 49.86 -14.10 77.61
N GLU E 72 50.42 -13.56 76.54
CA GLU E 72 50.36 -12.14 76.23
C GLU E 72 49.18 -11.84 75.33
N GLY E 73 48.87 -12.81 74.48
CA GLY E 73 47.79 -12.68 73.53
C GLY E 73 47.77 -13.79 72.51
N ILE E 74 46.98 -13.60 71.45
CA ILE E 74 46.81 -14.61 70.42
C ILE E 74 47.64 -14.31 69.15
N SER E 75 48.51 -15.25 68.84
CA SER E 75 49.40 -15.08 67.71
C SER E 75 48.84 -15.77 66.47
N PHE E 76 48.76 -14.99 65.39
CA PHE E 76 48.40 -15.51 64.07
C PHE E 76 49.60 -15.45 63.14
N GLY E 77 49.86 -16.55 62.44
CA GLY E 77 50.76 -16.47 61.28
C GLY E 77 50.29 -15.43 60.26
N ALA E 78 51.24 -14.73 59.64
CA ALA E 78 50.90 -13.63 58.74
C ALA E 78 50.10 -14.05 57.50
N ALA E 79 50.07 -15.35 57.19
CA ALA E 79 49.28 -15.85 56.05
C ALA E 79 47.83 -16.26 56.35
N CYS E 80 47.46 -16.36 57.62
CA CYS E 80 46.07 -16.71 57.97
C CYS E 80 45.05 -15.75 57.38
N ALA E 81 43.97 -16.30 56.89
CA ALA E 81 42.90 -15.54 56.30
C ALA E 81 42.17 -14.70 57.36
N LEU E 82 41.64 -13.56 56.94
CA LEU E 82 40.89 -12.69 57.83
C LEU E 82 39.72 -13.45 58.46
N SER E 83 39.13 -14.35 57.69
CA SER E 83 38.04 -15.15 58.23
C SER E 83 38.49 -16.11 59.37
N SER E 84 39.74 -16.57 59.38
CA SER E 84 40.30 -17.33 60.50
C SER E 84 40.52 -16.43 61.71
N VAL E 85 41.16 -15.28 61.45
CA VAL E 85 41.33 -14.30 62.47
C VAL E 85 39.95 -14.04 63.06
N GLU E 86 38.97 -13.78 62.21
CA GLU E 86 37.64 -13.48 62.69
C GLU E 86 37.11 -14.65 63.51
N LYS E 87 37.27 -15.89 63.02
CA LYS E 87 36.72 -17.07 63.70
C LYS E 87 37.40 -17.33 65.04
N THR E 88 38.72 -17.33 65.05
CA THR E 88 39.47 -17.48 66.28
C THR E 88 39.06 -16.42 67.29
N LEU E 89 38.88 -15.19 66.81
CA LEU E 89 38.64 -14.06 67.70
C LEU E 89 37.23 -14.07 68.31
N LEU E 90 36.24 -14.38 67.49
CA LEU E 90 34.88 -14.60 67.99
C LEU E 90 34.85 -15.62 69.13
N GLU E 91 35.65 -16.67 69.03
CA GLU E 91 35.65 -17.69 70.07
C GLU E 91 36.23 -17.11 71.35
N ALA E 92 37.42 -16.52 71.25
CA ALA E 92 38.05 -15.82 72.38
C ALA E 92 37.08 -14.87 73.10
N VAL E 93 36.42 -13.97 72.35
CA VAL E 93 35.41 -13.06 72.92
C VAL E 93 34.28 -13.77 73.70
N ALA E 94 33.84 -14.90 73.15
CA ALA E 94 32.78 -15.69 73.74
C ALA E 94 33.21 -16.54 74.95
N LYS E 95 34.52 -16.78 75.12
CA LYS E 95 34.99 -17.70 76.14
C LYS E 95 35.71 -17.07 77.30
N LEU E 96 36.60 -16.13 76.98
CA LEU E 96 37.33 -15.32 77.98
C LEU E 96 36.46 -14.21 78.61
N PRO E 97 36.93 -13.57 79.70
CA PRO E 97 36.08 -12.52 80.30
C PRO E 97 36.22 -11.17 79.57
N THR E 98 35.15 -10.37 79.59
CA THR E 98 35.12 -9.08 78.90
C THR E 98 36.41 -8.28 79.08
N GLN E 99 36.97 -8.31 80.27
CA GLN E 99 38.05 -7.39 80.57
C GLN E 99 39.35 -7.73 79.83
N LYS E 100 39.46 -8.96 79.32
CA LYS E 100 40.67 -9.41 78.61
C LYS E 100 40.51 -9.30 77.07
N THR E 101 39.33 -8.89 76.62
CA THR E 101 38.97 -8.99 75.20
C THR E 101 38.59 -7.68 74.50
N GLU E 102 39.09 -6.52 74.99
CA GLU E 102 38.79 -5.19 74.41
C GLU E 102 39.42 -5.04 73.04
N VAL E 103 40.73 -5.30 72.93
CA VAL E 103 41.39 -5.26 71.63
C VAL E 103 40.68 -6.25 70.65
N PHE E 104 40.60 -7.53 70.97
CA PHE E 104 39.89 -8.46 70.09
C PHE E 104 38.65 -7.82 69.55
N ARG E 105 37.80 -7.31 70.45
CA ARG E 105 36.49 -6.74 70.06
C ARG E 105 36.62 -5.52 69.15
N GLY E 106 37.67 -4.72 69.39
CA GLY E 106 38.12 -3.68 68.45
C GLY E 106 38.33 -4.26 67.05
N VAL E 107 39.21 -5.26 66.96
CA VAL E 107 39.54 -5.88 65.67
C VAL E 107 38.29 -6.40 65.00
N LEU E 108 37.44 -7.07 65.78
CA LEU E 108 36.19 -7.61 65.29
C LEU E 108 35.21 -6.57 64.75
N GLU E 109 35.29 -5.31 65.21
CA GLU E 109 34.40 -4.27 64.68
C GLU E 109 34.81 -3.85 63.28
N GLN E 110 36.10 -3.57 63.09
CA GLN E 110 36.69 -3.31 61.77
C GLN E 110 36.40 -4.45 60.79
N LEU E 111 36.33 -5.67 61.31
CA LEU E 111 36.10 -6.86 60.49
C LEU E 111 34.64 -7.14 60.17
N ARG E 112 33.72 -6.37 60.76
CA ARG E 112 32.29 -6.54 60.45
C ARG E 112 31.95 -6.17 59.02
N TRP E 113 31.93 -4.86 58.75
CA TRP E 113 31.52 -4.34 57.45
C TRP E 113 32.76 -4.05 56.61
N PHE E 114 33.32 -5.13 56.06
CA PHE E 114 34.64 -5.15 55.49
C PHE E 114 34.50 -6.23 54.45
N ALA E 115 34.67 -5.88 53.18
CA ALA E 115 34.64 -6.91 52.14
C ALA E 115 33.48 -7.94 52.32
N GLY E 116 33.73 -9.19 51.94
CA GLY E 116 32.73 -10.25 51.96
C GLY E 116 33.34 -11.57 52.38
N LYS E 117 32.54 -12.64 52.44
CA LYS E 117 33.04 -13.97 52.78
C LYS E 117 34.16 -14.39 51.84
N GLN E 118 33.99 -14.07 50.54
CA GLN E 118 34.95 -14.34 49.49
C GLN E 118 36.28 -13.65 49.78
N VAL E 119 36.27 -12.34 50.00
CA VAL E 119 37.49 -11.61 50.30
C VAL E 119 38.13 -12.06 51.65
N LYS E 120 37.32 -12.07 52.71
CA LYS E 120 37.78 -12.47 54.04
C LYS E 120 38.30 -13.88 54.08
N SER E 121 37.77 -14.75 53.21
CA SER E 121 38.26 -16.14 53.10
C SER E 121 39.66 -16.30 52.53
N VAL E 122 40.17 -15.32 51.78
CA VAL E 122 41.45 -15.49 51.11
C VAL E 122 42.45 -14.40 51.41
N ALA E 123 41.96 -13.23 51.81
CA ALA E 123 42.82 -12.10 52.19
C ALA E 123 43.57 -12.48 53.45
N SER E 124 44.89 -12.30 53.47
CA SER E 124 45.66 -12.61 54.68
C SER E 124 45.78 -11.38 55.59
N LEU E 125 46.17 -11.63 56.84
CA LEU E 125 46.42 -10.64 57.86
C LEU E 125 47.64 -9.84 57.51
N GLY E 126 48.77 -10.55 57.39
CA GLY E 126 50.03 -9.91 57.03
C GLY E 126 49.88 -9.08 55.78
N GLY E 127 49.16 -9.63 54.81
CA GLY E 127 48.94 -8.91 53.55
C GLY E 127 48.36 -7.52 53.80
N ASN E 128 47.29 -7.45 54.62
CA ASN E 128 46.71 -6.14 54.97
C ASN E 128 47.69 -5.21 55.65
N ILE E 129 48.46 -5.74 56.61
CA ILE E 129 49.40 -4.94 57.35
C ILE E 129 50.53 -4.40 56.46
N ILE E 130 51.19 -5.29 55.71
CA ILE E 130 52.24 -4.85 54.81
C ILE E 130 51.76 -3.96 53.63
N THR E 131 50.52 -4.13 53.16
CA THR E 131 49.96 -3.25 52.11
C THR E 131 50.12 -1.75 52.47
N ALA E 132 49.99 -1.43 53.75
CA ALA E 132 50.10 -0.05 54.27
C ALA E 132 49.14 0.99 53.68
N SER E 133 47.95 0.55 53.29
CA SER E 133 46.96 1.48 52.75
C SER E 133 46.65 2.55 53.77
N PRO E 134 46.65 3.81 53.36
CA PRO E 134 46.35 4.87 54.37
C PRO E 134 45.00 4.67 55.08
N ILE E 135 44.14 3.85 54.48
CA ILE E 135 42.77 3.67 54.95
C ILE E 135 42.54 2.20 55.31
N SER E 136 43.64 1.48 55.54
CA SER E 136 43.51 0.19 56.16
C SER E 136 42.79 0.38 57.50
N ASP E 137 41.77 -0.45 57.72
CA ASP E 137 40.96 -0.42 58.93
C ASP E 137 41.61 -1.24 60.07
N LEU E 138 42.68 -1.98 59.78
CA LEU E 138 43.27 -2.83 60.81
C LEU E 138 44.53 -2.19 61.44
N ASN E 139 45.34 -1.55 60.61
CA ASN E 139 46.56 -0.92 61.10
C ASN E 139 46.32 0.14 62.20
N PRO E 140 45.28 0.99 62.06
CA PRO E 140 44.98 1.82 63.22
C PRO E 140 44.75 1.01 64.51
N VAL E 141 44.19 -0.18 64.40
CA VAL E 141 43.88 -0.98 65.56
C VAL E 141 45.17 -1.62 66.09
N PHE E 142 45.98 -2.21 65.21
CA PHE E 142 47.20 -2.84 65.65
C PHE E 142 48.12 -1.82 66.29
N MET E 143 48.09 -0.60 65.77
CA MET E 143 48.95 0.45 66.25
C MET E 143 48.54 0.94 67.64
N ALA E 144 47.26 1.23 67.84
CA ALA E 144 46.83 1.74 69.12
C ALA E 144 47.00 0.68 70.21
N SER E 145 46.95 -0.60 69.83
CA SER E 145 47.08 -1.72 70.79
C SER E 145 48.50 -2.16 70.98
N GLY E 146 49.41 -1.53 70.24
CA GLY E 146 50.83 -1.96 70.22
C GLY E 146 50.98 -3.46 69.94
N THR E 147 50.26 -3.94 68.93
CA THR E 147 50.27 -5.35 68.52
C THR E 147 51.69 -5.75 68.18
N LYS E 148 52.16 -6.88 68.71
CA LYS E 148 53.56 -7.25 68.52
C LYS E 148 53.69 -7.94 67.18
N LEU E 149 54.70 -7.53 66.40
CA LEU E 149 54.94 -8.09 65.06
C LEU E 149 56.23 -8.88 64.97
N THR E 150 56.17 -10.12 64.50
CA THR E 150 57.39 -10.92 64.46
C THR E 150 57.91 -10.97 63.05
N ILE E 151 59.08 -10.36 62.84
CA ILE E 151 59.66 -10.12 61.52
C ILE E 151 60.97 -10.91 61.35
N VAL E 152 61.05 -11.71 60.30
CA VAL E 152 62.17 -12.59 60.12
C VAL E 152 62.83 -12.34 58.78
N SER E 153 64.15 -12.54 58.73
CA SER E 153 64.91 -12.65 57.49
C SER E 153 65.89 -13.80 57.65
N ARG E 154 66.50 -14.27 56.57
CA ARG E 154 67.42 -15.39 56.65
C ARG E 154 68.54 -15.07 57.64
N GLY E 155 68.47 -15.68 58.83
CA GLY E 155 69.46 -15.40 59.85
C GLY E 155 68.94 -14.59 61.03
N THR E 156 68.53 -13.35 60.75
CA THR E 156 67.92 -12.43 61.72
C THR E 156 66.46 -12.76 62.09
N ARG E 157 66.07 -12.45 63.33
CA ARG E 157 64.70 -12.56 63.81
C ARG E 157 64.47 -11.41 64.78
N ARG E 158 63.46 -10.59 64.56
CA ARG E 158 63.08 -9.59 65.58
C ARG E 158 61.56 -9.48 65.80
N THR E 159 61.18 -9.07 67.01
CA THR E 159 59.79 -8.78 67.34
C THR E 159 59.74 -7.31 67.72
N VAL E 160 58.74 -6.60 67.22
CA VAL E 160 58.52 -5.21 67.67
C VAL E 160 57.03 -4.88 67.76
N PRO E 161 56.63 -4.17 68.83
CA PRO E 161 55.25 -3.73 68.89
C PRO E 161 55.03 -2.65 67.84
N MET E 162 53.88 -2.68 67.18
CA MET E 162 53.62 -1.76 66.09
C MET E 162 53.36 -0.37 66.65
N ASP E 163 54.08 0.61 66.12
CA ASP E 163 53.92 2.02 66.51
C ASP E 163 54.14 2.91 65.30
N HIS E 164 54.05 4.22 65.50
CA HIS E 164 54.03 5.15 64.37
C HIS E 164 55.20 4.99 63.39
N THR E 165 56.37 4.64 63.91
CA THR E 165 57.58 4.57 63.10
C THR E 165 57.57 3.37 62.19
N PHE E 166 56.64 2.44 62.43
CA PHE E 166 56.49 1.29 61.56
C PHE E 166 55.99 1.62 60.11
N PHE E 167 55.29 2.76 59.94
CA PHE E 167 54.82 3.22 58.62
C PHE E 167 55.50 4.56 58.27
N PRO E 168 56.68 4.51 57.58
CA PRO E 168 57.53 5.68 57.34
C PRO E 168 56.98 6.66 56.29
N SER E 169 56.56 6.12 55.15
CA SER E 169 56.09 6.93 54.01
C SER E 169 54.96 6.17 53.27
N TYR E 170 54.39 6.80 52.25
CA TYR E 170 53.24 6.25 51.55
C TYR E 170 53.55 4.84 51.06
N ARG E 171 52.66 3.90 51.38
CA ARG E 171 52.82 2.45 51.06
C ARG E 171 54.07 1.72 51.60
N LYS E 172 54.92 2.44 52.33
CA LYS E 172 56.13 1.85 52.85
C LYS E 172 55.90 1.44 54.31
N THR E 173 56.48 0.30 54.70
CA THR E 173 56.48 -0.19 56.08
C THR E 173 57.96 -0.24 56.49
N LEU E 174 58.25 -0.59 57.74
CA LEU E 174 59.62 -0.64 58.17
C LEU E 174 60.16 -2.08 58.11
N LEU E 175 60.05 -2.74 56.95
CA LEU E 175 60.77 -4.01 56.72
C LEU E 175 62.04 -3.76 55.92
N GLY E 176 63.12 -4.47 56.24
CA GLY E 176 64.31 -4.46 55.41
C GLY E 176 63.99 -5.22 54.14
N PRO E 177 64.89 -5.18 53.15
CA PRO E 177 64.47 -5.70 51.82
C PRO E 177 64.43 -7.24 51.74
N GLU E 178 65.00 -7.89 52.75
CA GLU E 178 65.01 -9.34 52.85
C GLU E 178 64.04 -9.88 53.87
N GLU E 179 63.34 -8.99 54.55
CA GLU E 179 62.52 -9.43 55.66
C GLU E 179 61.13 -9.81 55.20
N ILE E 180 60.49 -10.67 55.98
CA ILE E 180 59.11 -11.04 55.75
C ILE E 180 58.40 -10.99 57.11
N LEU E 181 57.11 -10.65 57.12
CA LEU E 181 56.37 -10.62 58.37
C LEU E 181 55.95 -12.05 58.75
N LEU E 182 56.52 -12.58 59.83
CA LEU E 182 56.26 -13.97 60.16
C LEU E 182 54.97 -14.18 60.87
N SER E 183 54.71 -13.38 61.91
CA SER E 183 53.48 -13.53 62.68
C SER E 183 53.06 -12.28 63.43
N ILE E 184 51.80 -12.29 63.86
CA ILE E 184 51.16 -11.16 64.54
C ILE E 184 50.45 -11.63 65.82
N GLU E 185 50.85 -11.07 66.96
CA GLU E 185 50.19 -11.31 68.25
C GLU E 185 49.27 -10.16 68.68
N ILE E 186 47.96 -10.42 68.63
CA ILE E 186 46.97 -9.44 69.05
C ILE E 186 46.81 -9.54 70.56
N PRO E 187 47.06 -8.43 71.31
CA PRO E 187 47.19 -8.50 72.76
C PRO E 187 45.89 -8.66 73.55
N TYR E 188 46.02 -9.40 74.64
CA TYR E 188 45.02 -9.44 75.70
C TYR E 188 44.90 -8.06 76.35
N SER E 189 43.67 -7.57 76.41
CA SER E 189 43.29 -6.44 77.20
C SER E 189 43.59 -6.60 78.72
N ARG E 190 44.37 -5.70 79.30
CA ARG E 190 44.65 -5.80 80.77
C ARG E 190 43.58 -5.19 81.70
N GLU E 191 43.81 -5.28 83.00
CA GLU E 191 42.97 -4.56 83.97
C GLU E 191 43.09 -3.05 83.74
N ASP E 192 41.96 -2.34 83.82
CA ASP E 192 41.90 -0.87 83.72
C ASP E 192 42.14 -0.39 82.30
N GLU E 193 42.03 -1.32 81.34
CA GLU E 193 42.46 -1.08 79.94
C GLU E 193 41.27 -1.22 79.02
N PHE E 194 40.94 -0.15 78.29
CA PHE E 194 39.75 -0.15 77.44
C PHE E 194 40.08 0.22 75.98
N PHE E 195 39.30 -0.31 75.05
CA PHE E 195 39.56 -0.14 73.63
C PHE E 195 38.29 0.06 72.81
N SER E 196 38.41 0.85 71.73
CA SER E 196 37.34 1.06 70.76
C SER E 196 37.90 1.17 69.34
N ALA E 197 37.06 0.88 68.37
CA ALA E 197 37.46 1.02 66.98
C ALA E 197 36.29 1.49 66.17
N PHE E 198 36.53 2.57 65.44
CA PHE E 198 35.50 3.19 64.62
C PHE E 198 35.97 3.40 63.19
N LYS E 199 35.02 3.51 62.26
CA LYS E 199 35.38 3.74 60.87
C LYS E 199 34.27 4.43 60.10
N GLN E 200 34.68 5.29 59.19
CA GLN E 200 33.77 6.00 58.30
C GLN E 200 32.96 4.98 57.53
N ALA E 201 31.64 5.16 57.49
CA ALA E 201 30.79 4.28 56.73
C ALA E 201 30.68 4.86 55.31
N SER E 202 31.49 4.30 54.40
CA SER E 202 31.56 4.78 53.01
C SER E 202 33.03 4.91 52.65
N ARG E 203 33.30 5.44 51.47
CA ARG E 203 34.64 5.49 50.88
C ARG E 203 34.48 5.91 49.42
N ARG E 204 35.36 6.77 48.95
CA ARG E 204 35.06 7.54 47.76
C ARG E 204 36.23 7.67 46.80
N GLU E 205 37.45 7.62 47.32
CA GLU E 205 38.67 7.51 46.48
C GLU E 205 39.45 6.25 46.86
N ASP E 206 40.25 5.74 45.91
CA ASP E 206 40.83 4.38 46.01
C ASP E 206 41.52 4.04 47.33
N ASP E 207 42.51 4.81 47.76
CA ASP E 207 43.11 4.50 49.06
C ASP E 207 43.42 5.73 49.93
N ILE E 208 42.58 6.76 49.84
CA ILE E 208 42.76 7.90 50.72
C ILE E 208 41.45 8.29 51.37
N ALA E 209 41.53 9.16 52.38
CA ALA E 209 40.35 9.90 52.89
C ALA E 209 39.14 9.11 53.42
N LYS E 210 39.37 7.96 54.05
CA LYS E 210 38.34 7.26 54.77
C LYS E 210 38.76 7.18 56.24
N VAL E 211 38.08 7.90 57.12
CA VAL E 211 38.53 7.94 58.51
C VAL E 211 38.24 6.60 59.16
N THR E 212 39.30 6.04 59.70
CA THR E 212 39.21 4.82 60.47
C THR E 212 40.22 4.86 61.63
N CYS E 213 39.80 4.44 62.83
CA CYS E 213 40.58 4.61 64.03
C CYS E 213 40.55 3.47 65.06
N GLY E 214 41.65 3.36 65.80
CA GLY E 214 41.74 2.50 66.95
C GLY E 214 42.10 3.35 68.14
N MET E 215 41.45 3.09 69.26
CA MET E 215 41.67 3.91 70.45
C MET E 215 41.77 3.07 71.71
N ARG E 216 42.74 3.46 72.54
CA ARG E 216 43.14 2.68 73.69
C ARG E 216 43.54 3.58 74.86
N VAL E 217 42.90 3.35 76.01
CA VAL E 217 43.25 4.02 77.27
C VAL E 217 43.60 2.99 78.36
N LEU E 218 44.72 3.20 79.04
CA LEU E 218 45.06 2.45 80.25
C LEU E 218 45.11 3.39 81.46
N PHE E 219 44.30 3.10 82.47
CA PHE E 219 44.26 3.88 83.70
C PHE E 219 45.15 3.32 84.81
N GLN E 220 45.58 4.20 85.72
CA GLN E 220 46.16 3.79 87.01
C GLN E 220 45.18 2.85 87.69
N PRO E 221 45.70 1.76 88.30
CA PRO E 221 44.92 0.72 88.95
C PRO E 221 43.74 1.28 89.73
N GLY E 222 42.53 0.92 89.31
CA GLY E 222 41.29 1.29 90.01
C GLY E 222 40.85 2.73 89.90
N SER E 223 41.64 3.56 89.21
CA SER E 223 41.35 4.99 89.09
C SER E 223 40.75 5.37 87.75
N MET E 224 40.47 6.67 87.61
CA MET E 224 40.07 7.25 86.34
C MET E 224 41.20 8.12 85.84
N GLN E 225 42.39 7.86 86.34
CA GLN E 225 43.55 8.65 85.95
C GLN E 225 44.32 7.93 84.85
N VAL E 226 44.60 8.68 83.79
CA VAL E 226 45.20 8.16 82.56
C VAL E 226 46.68 7.85 82.71
N LYS E 227 47.07 6.62 82.35
CA LYS E 227 48.47 6.18 82.37
C LYS E 227 49.03 6.04 80.95
N GLU E 228 48.24 5.46 80.05
CA GLU E 228 48.58 5.37 78.63
C GLU E 228 47.34 5.76 77.80
N LEU E 229 47.57 6.43 76.68
CA LEU E 229 46.47 6.83 75.80
C LEU E 229 46.99 6.86 74.39
N ALA E 230 46.29 6.16 73.49
CA ALA E 230 46.73 6.05 72.12
C ALA E 230 45.55 6.25 71.20
N LEU E 231 45.65 7.24 70.33
CA LEU E 231 44.60 7.47 69.35
C LEU E 231 45.24 7.39 67.96
N CYS E 232 44.88 6.36 67.19
CA CYS E 232 45.46 6.14 65.86
C CYS E 232 44.41 6.18 64.79
N TYR E 233 44.75 6.88 63.70
CA TYR E 233 43.85 7.15 62.61
C TYR E 233 44.43 6.72 61.29
N GLY E 234 43.54 6.25 60.41
CA GLY E 234 43.78 6.20 58.99
C GLY E 234 42.85 7.21 58.33
N GLY E 235 43.15 7.53 57.06
CA GLY E 235 42.26 8.34 56.25
C GLY E 235 42.42 9.81 56.52
N MET E 236 43.58 10.18 57.06
CA MET E 236 43.87 11.56 57.46
C MET E 236 45.20 12.07 56.89
N ALA E 237 45.93 11.20 56.22
CA ALA E 237 47.23 11.50 55.69
C ALA E 237 47.53 10.33 54.75
N ASP E 238 48.78 10.20 54.28
CA ASP E 238 49.11 9.14 53.37
C ASP E 238 49.57 7.87 54.12
N ARG E 239 49.12 7.74 55.38
CA ARG E 239 49.47 6.57 56.16
C ARG E 239 48.77 6.58 57.50
N THR E 240 48.77 5.43 58.14
CA THR E 240 48.31 5.32 59.53
C THR E 240 49.16 6.24 60.41
N ILE E 241 48.50 7.15 61.12
CA ILE E 241 49.23 8.04 62.01
C ILE E 241 48.75 7.99 63.48
N SER E 242 49.62 8.45 64.36
CA SER E 242 49.28 8.51 65.75
C SER E 242 49.21 9.95 66.28
N ALA E 243 48.18 10.23 67.08
CA ALA E 243 47.95 11.54 67.67
C ALA E 243 48.87 11.76 68.90
N LEU E 244 50.17 11.72 68.63
CA LEU E 244 51.17 11.65 69.68
C LEU E 244 51.14 12.83 70.62
N LYS E 245 51.38 14.04 70.11
CA LYS E 245 51.35 15.23 70.96
C LYS E 245 50.05 15.33 71.77
N THR E 246 48.91 15.06 71.16
CA THR E 246 47.62 15.16 71.86
C THR E 246 47.56 14.22 73.08
N THR E 247 47.86 12.93 72.86
CA THR E 247 47.74 11.94 73.92
C THR E 247 48.78 12.10 75.04
N GLN E 248 49.98 12.55 74.67
CA GLN E 248 51.09 12.82 75.59
C GLN E 248 50.66 13.84 76.64
N LYS E 249 49.99 14.87 76.17
CA LYS E 249 49.53 15.99 76.97
C LYS E 249 48.51 15.58 78.03
N GLN E 250 47.97 14.36 77.90
CA GLN E 250 46.89 13.89 78.79
C GLN E 250 47.33 12.85 79.82
N LEU E 251 48.61 12.51 79.84
CA LEU E 251 49.09 11.52 80.81
C LEU E 251 48.89 11.94 82.28
N SER E 252 48.37 11.02 83.08
CA SER E 252 47.97 11.26 84.48
C SER E 252 46.92 12.36 84.65
N LYS E 253 46.23 12.70 83.56
CA LYS E 253 45.07 13.59 83.60
C LYS E 253 43.85 12.72 83.91
N PHE E 254 42.78 13.33 84.41
CA PHE E 254 41.58 12.58 84.79
C PHE E 254 40.54 12.53 83.66
N TRP E 255 39.87 11.38 83.53
CA TRP E 255 38.88 11.13 82.49
C TRP E 255 37.57 11.86 82.75
N ASN E 256 37.47 13.10 82.30
CA ASN E 256 36.28 13.90 82.56
C ASN E 256 36.12 14.98 81.51
N GLU E 257 35.04 15.74 81.66
CA GLU E 257 34.66 16.85 80.81
C GLU E 257 35.86 17.65 80.26
N LYS E 258 36.76 18.06 81.14
CA LYS E 258 37.93 18.87 80.77
C LYS E 258 38.85 18.19 79.72
N LEU E 259 39.10 16.90 79.92
CA LEU E 259 40.00 16.12 79.06
C LEU E 259 39.40 16.04 77.66
N LEU E 260 38.09 15.81 77.59
CA LEU E 260 37.39 15.83 76.33
C LEU E 260 37.75 17.12 75.61
N GLN E 261 37.53 18.26 76.27
CA GLN E 261 37.76 19.55 75.64
C GLN E 261 39.20 19.67 75.16
N ASP E 262 40.16 19.27 75.99
CA ASP E 262 41.58 19.29 75.58
C ASP E 262 41.88 18.39 74.38
N VAL E 263 41.48 17.13 74.45
CA VAL E 263 41.75 16.18 73.35
C VAL E 263 41.21 16.69 72.00
N CYS E 264 39.99 17.22 72.01
CA CYS E 264 39.34 17.63 70.80
C CYS E 264 40.07 18.84 70.22
N ALA E 265 40.42 19.81 71.09
CA ALA E 265 41.23 20.93 70.63
C ALA E 265 42.51 20.40 69.99
N GLY E 266 43.08 19.37 70.61
CA GLY E 266 44.33 18.76 70.21
C GLY E 266 44.26 18.03 68.89
N LEU E 267 43.26 17.15 68.74
CA LEU E 267 43.02 16.43 67.49
C LEU E 267 42.78 17.38 66.31
N ALA E 268 42.00 18.43 66.55
CA ALA E 268 41.73 19.45 65.53
C ALA E 268 42.98 20.19 65.12
N GLU E 269 43.91 20.36 66.04
CA GLU E 269 45.16 21.03 65.72
C GLU E 269 46.16 20.06 65.02
N GLU E 270 46.43 18.91 65.63
CA GLU E 270 47.45 17.99 65.17
C GLU E 270 47.08 17.23 63.88
N LEU E 271 45.82 16.80 63.77
CA LEU E 271 45.36 16.08 62.57
C LEU E 271 44.76 17.00 61.47
N SER E 272 44.98 18.31 61.60
CA SER E 272 44.32 19.29 60.74
C SER E 272 44.61 19.09 59.27
N LEU E 273 43.61 19.29 58.46
CA LEU E 273 43.78 19.09 57.02
C LEU E 273 43.77 20.42 56.25
N SER E 274 44.77 20.59 55.39
CA SER E 274 44.74 21.71 54.43
C SER E 274 43.49 21.64 53.53
N PRO E 275 42.99 22.80 53.08
CA PRO E 275 41.72 22.77 52.35
C PRO E 275 41.92 22.26 50.94
N ASP E 276 43.00 21.54 50.72
CA ASP E 276 43.28 20.94 49.43
C ASP E 276 43.96 19.56 49.61
N ALA E 277 43.88 19.03 50.83
CA ALA E 277 44.33 17.68 51.11
C ALA E 277 43.76 16.73 50.08
N PRO E 278 44.52 15.69 49.72
CA PRO E 278 43.95 14.74 48.76
C PRO E 278 42.76 14.00 49.39
N GLY E 279 41.68 13.86 48.63
CA GLY E 279 40.51 13.19 49.16
C GLY E 279 39.33 14.10 49.43
N GLY E 280 39.62 15.38 49.67
CA GLY E 280 38.59 16.36 50.00
C GLY E 280 37.92 16.00 51.31
N MET E 281 36.63 16.32 51.42
CA MET E 281 35.83 16.03 52.60
C MET E 281 36.44 16.60 53.86
N ILE E 282 37.08 17.75 53.75
CA ILE E 282 37.86 18.30 54.86
C ILE E 282 37.08 18.35 56.14
N GLU E 283 35.88 18.92 56.05
CA GLU E 283 35.13 19.27 57.27
C GLU E 283 34.53 18.02 57.97
N PHE E 284 33.95 17.13 57.16
CA PHE E 284 33.49 15.82 57.59
C PHE E 284 34.64 14.97 58.20
N ARG E 285 35.81 15.06 57.61
CA ARG E 285 36.91 14.30 58.17
C ARG E 285 37.31 14.78 59.57
N ARG E 286 37.52 16.09 59.78
CA ARG E 286 37.70 16.69 61.13
C ARG E 286 36.64 16.25 62.09
N THR E 287 35.38 16.33 61.68
CA THR E 287 34.24 16.01 62.56
C THR E 287 34.23 14.55 62.98
N LEU E 288 34.63 13.66 62.09
CA LEU E 288 34.73 12.26 62.47
C LEU E 288 35.81 12.01 63.51
N THR E 289 36.99 12.63 63.35
CA THR E 289 38.09 12.43 64.31
C THR E 289 37.64 12.74 65.72
N LEU E 290 37.00 13.88 65.91
CA LEU E 290 36.49 14.23 67.24
C LEU E 290 35.27 13.43 67.66
N SER E 291 34.34 13.20 66.73
CA SER E 291 33.09 12.53 67.06
C SER E 291 33.42 11.11 67.49
N PHE E 292 34.38 10.49 66.79
CA PHE E 292 34.86 9.12 67.10
C PHE E 292 35.48 9.10 68.50
N PHE E 293 36.28 10.12 68.83
CA PHE E 293 36.80 10.19 70.17
C PHE E 293 35.68 10.34 71.21
N PHE E 294 34.72 11.23 70.94
CA PHE E 294 33.64 11.49 71.89
C PHE E 294 32.98 10.18 72.24
N LYS E 295 32.78 9.36 71.21
CA LYS E 295 32.19 8.06 71.39
C LYS E 295 33.04 7.20 72.26
N PHE E 296 34.36 7.18 72.03
CA PHE E 296 35.32 6.50 72.91
C PHE E 296 35.20 6.98 74.35
N TYR E 297 35.34 8.28 74.55
CA TYR E 297 35.15 8.91 75.82
C TYR E 297 33.86 8.40 76.52
N LEU E 298 32.70 8.61 75.88
CA LEU E 298 31.40 8.15 76.42
C LEU E 298 31.36 6.66 76.71
N THR E 299 31.98 5.85 75.86
CA THR E 299 32.05 4.41 76.07
C THR E 299 32.98 4.05 77.22
N VAL E 300 34.10 4.74 77.33
CA VAL E 300 35.01 4.50 78.45
C VAL E 300 34.31 4.79 79.79
N LEU E 301 33.79 6.00 79.95
CA LEU E 301 32.91 6.33 81.09
C LEU E 301 31.91 5.21 81.49
N LYS E 302 31.23 4.58 80.53
CA LYS E 302 30.30 3.45 80.81
C LYS E 302 31.05 2.23 81.31
N LYS E 303 32.19 1.94 80.69
CA LYS E 303 32.96 0.77 81.08
C LYS E 303 33.55 1.01 82.47
N LEU E 304 33.90 2.25 82.79
CA LEU E 304 34.29 2.63 84.13
C LEU E 304 33.06 2.60 85.05
N ASP F 1 -4.36 -20.35 30.85
CA ASP F 1 -4.48 -18.90 31.17
C ASP F 1 -3.82 -18.63 32.48
N THR F 2 -2.63 -18.06 32.41
CA THR F 2 -1.85 -17.74 33.58
C THR F 2 -1.76 -16.22 33.80
N VAL F 3 -2.60 -15.44 33.14
CA VAL F 3 -2.47 -14.03 33.30
C VAL F 3 -3.01 -13.68 34.66
N GLY F 4 -2.26 -12.91 35.42
CA GLY F 4 -2.69 -12.48 36.76
C GLY F 4 -2.10 -13.40 37.79
N ARG F 5 -1.46 -14.48 37.36
CA ARG F 5 -0.84 -15.45 38.28
C ARG F 5 0.68 -15.25 38.38
N PRO F 6 1.27 -15.47 39.58
CA PRO F 6 2.69 -15.19 39.86
C PRO F 6 3.68 -16.21 39.25
N LEU F 7 3.70 -16.30 37.91
CA LEU F 7 4.53 -17.29 37.20
C LEU F 7 5.99 -16.85 37.25
N PRO F 8 6.88 -17.75 37.68
CA PRO F 8 8.28 -17.31 37.76
C PRO F 8 8.88 -17.01 36.38
N HIS F 9 9.78 -16.01 36.37
CA HIS F 9 10.57 -15.71 35.18
C HIS F 9 10.93 -17.06 34.50
N LEU F 10 10.68 -17.12 33.20
CA LEU F 10 10.85 -18.34 32.40
C LEU F 10 12.29 -18.86 32.29
N ALA F 11 13.26 -18.01 32.60
CA ALA F 11 14.66 -18.34 32.42
C ALA F 11 15.37 -18.47 33.77
N ALA F 12 14.62 -18.28 34.85
CA ALA F 12 15.19 -18.20 36.18
C ALA F 12 16.02 -19.42 36.53
N ALA F 13 15.49 -20.61 36.23
CA ALA F 13 16.19 -21.87 36.58
C ALA F 13 17.50 -21.98 35.78
N MET F 14 17.46 -21.60 34.51
CA MET F 14 18.68 -21.58 33.74
C MET F 14 19.63 -20.48 34.21
N GLN F 15 19.08 -19.43 34.80
CA GLN F 15 19.92 -18.36 35.30
C GLN F 15 20.51 -18.82 36.59
N ALA F 16 19.72 -19.62 37.32
CA ALA F 16 20.15 -20.20 38.59
C ALA F 16 21.24 -21.23 38.42
N SER F 17 21.23 -21.96 37.31
CA SER F 17 22.26 -22.98 37.03
C SER F 17 23.48 -22.50 36.21
N GLY F 18 23.33 -21.42 35.45
CA GLY F 18 24.47 -20.89 34.71
C GLY F 18 24.50 -21.49 33.32
N GLU F 19 23.35 -22.00 32.92
CA GLU F 19 23.15 -22.49 31.58
C GLU F 19 22.67 -21.36 30.69
N ALA F 20 21.97 -20.39 31.29
CA ALA F 20 21.53 -19.20 30.54
C ALA F 20 22.72 -18.51 29.87
N VAL F 21 22.64 -18.32 28.56
CA VAL F 21 23.73 -17.76 27.77
C VAL F 21 23.56 -16.25 27.60
N TYR F 22 24.56 -15.52 28.10
CA TYR F 22 24.72 -14.10 27.83
C TYR F 22 25.76 -13.95 26.75
N CYS F 23 25.75 -12.78 26.12
CA CYS F 23 26.67 -12.45 25.08
C CYS F 23 28.06 -13.09 25.22
N ASP F 24 28.79 -12.81 26.31
CA ASP F 24 30.20 -13.28 26.41
C ASP F 24 30.30 -14.79 26.60
N ASP F 25 29.18 -15.40 26.96
CA ASP F 25 29.20 -16.82 27.21
C ASP F 25 29.11 -17.62 25.91
N ILE F 26 28.71 -16.97 24.80
CA ILE F 26 28.67 -17.59 23.46
C ILE F 26 30.07 -18.07 23.15
N PRO F 27 30.21 -19.34 22.75
CA PRO F 27 31.53 -19.92 22.44
C PRO F 27 32.27 -19.08 21.41
N ARG F 28 33.60 -19.09 21.41
CA ARG F 28 34.41 -18.32 20.45
C ARG F 28 34.65 -19.15 19.25
N TYR F 29 34.87 -18.51 18.09
CA TYR F 29 35.24 -19.22 16.87
C TYR F 29 36.73 -19.53 16.93
N GLU F 30 37.23 -20.43 16.10
CA GLU F 30 38.65 -20.73 16.13
C GLU F 30 39.53 -19.47 15.92
N ASN F 31 39.08 -18.60 15.01
CA ASN F 31 39.84 -17.40 14.65
C ASN F 31 39.39 -16.10 15.32
N GLU F 32 38.46 -16.19 16.29
CA GLU F 32 37.84 -15.00 16.93
C GLU F 32 38.85 -14.06 17.61
N LEU F 33 38.76 -12.76 17.30
CA LEU F 33 39.67 -11.76 17.85
C LEU F 33 39.02 -10.89 18.92
N PHE F 34 39.85 -10.12 19.63
CA PHE F 34 39.39 -9.35 20.80
C PHE F 34 39.81 -7.89 20.69
N LEU F 35 38.88 -6.99 20.98
CA LEU F 35 39.08 -5.55 20.85
C LEU F 35 39.07 -4.88 22.23
N ARG F 36 40.00 -3.94 22.43
CA ARG F 36 39.98 -3.10 23.61
C ARG F 36 40.02 -1.62 23.19
N LEU F 37 38.98 -0.87 23.54
CA LEU F 37 38.97 0.56 23.21
C LEU F 37 40.15 1.33 23.80
N VAL F 38 40.76 2.20 22.99
CA VAL F 38 41.71 3.23 23.48
C VAL F 38 40.97 4.57 23.57
N THR F 39 41.17 5.26 24.66
CA THR F 39 40.20 6.22 25.17
C THR F 39 40.98 7.45 25.65
N SER F 40 40.32 8.58 25.76
CA SER F 40 41.08 9.77 26.07
C SER F 40 41.51 9.85 27.53
N THR F 41 42.62 10.49 27.82
CA THR F 41 42.90 10.78 29.24
C THR F 41 42.80 12.27 29.55
N ARG F 42 42.07 12.99 28.71
CA ARG F 42 41.97 14.44 28.79
C ARG F 42 40.55 14.81 28.54
N ALA F 43 40.09 15.86 29.23
CA ALA F 43 38.73 16.35 29.09
C ALA F 43 38.53 17.11 27.78
N HIS F 44 39.49 17.94 27.40
CA HIS F 44 39.36 18.68 26.15
C HIS F 44 40.76 18.96 25.66
N ALA F 45 41.07 18.42 24.49
CA ALA F 45 42.43 18.53 23.94
C ALA F 45 42.48 18.24 22.45
N LYS F 46 43.58 18.68 21.87
CA LYS F 46 43.85 18.46 20.48
C LYS F 46 44.75 17.22 20.48
N ILE F 47 44.38 16.21 19.67
CA ILE F 47 45.21 15.03 19.54
C ILE F 47 46.38 15.37 18.63
N LYS F 48 47.60 15.26 19.16
CA LYS F 48 48.80 15.73 18.47
C LYS F 48 49.48 14.57 17.75
N SER F 49 49.54 13.40 18.39
CA SER F 49 49.99 12.17 17.69
C SER F 49 49.61 10.90 18.48
N ILE F 50 49.53 9.79 17.78
CA ILE F 50 49.22 8.51 18.39
C ILE F 50 50.37 7.59 18.03
N ASP F 51 50.89 6.88 19.02
CA ASP F 51 52.05 6.03 18.79
C ASP F 51 51.82 4.58 19.24
N VAL F 52 52.00 3.67 18.29
CA VAL F 52 51.63 2.29 18.50
C VAL F 52 52.85 1.42 18.63
N SER F 53 54.03 2.04 18.60
CA SER F 53 55.33 1.38 18.72
C SER F 53 55.38 0.19 19.66
N GLU F 54 54.99 0.43 20.90
CA GLU F 54 55.14 -0.58 21.93
C GLU F 54 54.01 -1.62 21.91
N ALA F 55 52.81 -1.21 21.46
CA ALA F 55 51.65 -2.12 21.39
C ALA F 55 51.88 -3.18 20.33
N GLN F 56 52.60 -2.80 19.26
CA GLN F 56 53.07 -3.71 18.18
C GLN F 56 53.99 -4.82 18.68
N LYS F 57 54.62 -4.63 19.84
CA LYS F 57 55.66 -5.54 20.32
C LYS F 57 55.03 -6.56 21.23
N VAL F 58 53.88 -6.17 21.77
CA VAL F 58 53.03 -7.05 22.56
C VAL F 58 52.63 -8.32 21.76
N PRO F 59 52.85 -9.51 22.36
CA PRO F 59 52.52 -10.79 21.71
C PRO F 59 51.04 -10.82 21.37
N GLY F 60 50.70 -11.25 20.15
CA GLY F 60 49.30 -11.43 19.77
C GLY F 60 48.60 -10.16 19.32
N PHE F 61 49.31 -9.02 19.30
CA PHE F 61 48.78 -7.80 18.69
C PHE F 61 48.42 -8.10 17.27
N VAL F 62 47.31 -7.55 16.82
CA VAL F 62 46.90 -7.65 15.42
C VAL F 62 46.93 -6.26 14.74
N CYS F 63 46.17 -5.30 15.24
CA CYS F 63 46.15 -3.97 14.62
C CYS F 63 45.57 -2.91 15.54
N PHE F 64 46.07 -1.69 15.38
CA PHE F 64 45.45 -0.55 15.97
C PHE F 64 44.48 0.02 14.96
N LEU F 65 43.28 0.38 15.42
CA LEU F 65 42.27 1.03 14.54
C LEU F 65 42.06 2.47 14.94
N SER F 66 41.86 3.33 13.95
CA SER F 66 41.50 4.74 14.17
C SER F 66 40.55 5.19 13.08
N ALA F 67 40.14 6.45 13.14
CA ALA F 67 39.19 7.06 12.23
C ALA F 67 39.48 6.76 10.77
N ASP F 68 40.76 6.74 10.41
CA ASP F 68 41.20 6.58 9.02
C ASP F 68 40.83 5.22 8.45
N ASP F 69 40.58 4.25 9.33
CA ASP F 69 40.30 2.89 8.88
C ASP F 69 38.84 2.72 8.46
N ILE F 70 37.94 3.55 8.98
CA ILE F 70 36.51 3.49 8.69
C ILE F 70 36.16 3.62 7.19
N PRO F 71 35.44 2.65 6.62
CA PRO F 71 35.15 2.73 5.17
C PRO F 71 33.94 3.61 4.78
N GLY F 72 32.94 3.75 5.65
CA GLY F 72 31.73 4.52 5.33
C GLY F 72 31.75 5.91 5.95
N SER F 73 31.27 6.04 7.20
CA SER F 73 31.16 7.34 7.92
C SER F 73 31.65 7.31 9.39
N ASN F 74 32.35 8.38 9.77
CA ASN F 74 32.75 8.61 11.14
C ASN F 74 31.79 9.56 11.89
N GLU F 75 30.61 9.71 11.32
CA GLU F 75 29.56 10.46 11.97
C GLU F 75 28.56 9.44 12.53
N THR F 76 28.36 9.54 13.85
CA THR F 76 27.45 8.65 14.57
C THR F 76 26.65 9.42 15.66
N GLY F 77 25.81 8.69 16.39
CA GLY F 77 24.94 9.28 17.43
C GLY F 77 23.48 9.46 17.03
N LEU F 78 22.61 9.64 18.01
CA LEU F 78 21.21 9.84 17.73
C LEU F 78 21.01 11.08 16.87
N PHE F 79 21.80 12.12 17.13
CA PHE F 79 21.68 13.40 16.41
C PHE F 79 22.95 13.75 15.65
N ASN F 80 23.59 12.72 15.11
CA ASN F 80 24.81 12.85 14.32
C ASN F 80 25.97 13.74 14.81
N ASP F 81 26.00 13.97 16.11
CA ASP F 81 27.01 14.87 16.72
C ASP F 81 28.11 14.14 17.42
N GLU F 82 28.48 12.95 16.94
CA GLU F 82 29.52 12.11 17.56
C GLU F 82 30.45 11.51 16.54
N THR F 83 31.65 11.18 17.01
CA THR F 83 32.58 10.38 16.24
C THR F 83 32.55 8.92 16.69
N VAL F 84 32.84 8.00 15.80
CA VAL F 84 32.97 6.60 16.15
C VAL F 84 34.30 6.55 16.83
N PHE F 85 35.28 7.15 16.17
CA PHE F 85 36.63 7.37 16.69
C PHE F 85 36.97 8.88 16.64
N ALA F 86 37.55 9.41 17.72
CA ALA F 86 37.93 10.83 17.76
C ALA F 86 39.01 11.11 16.72
N LYS F 87 39.00 12.31 16.17
CA LYS F 87 39.98 12.58 15.13
C LYS F 87 41.12 13.57 15.49
N ASP F 88 40.75 14.84 15.61
CA ASP F 88 41.70 15.90 15.81
C ASP F 88 41.61 16.29 17.27
N THR F 89 40.40 16.28 17.81
CA THR F 89 40.18 16.70 19.20
C THR F 89 39.35 15.69 20.00
N VAL F 90 39.68 15.58 21.28
CA VAL F 90 38.91 14.79 22.24
C VAL F 90 38.07 15.73 23.14
N THR F 91 36.85 15.32 23.45
CA THR F 91 35.94 16.24 24.08
C THR F 91 35.46 15.78 25.45
N CYS F 92 36.05 14.69 25.96
CA CYS F 92 35.88 14.23 27.33
C CYS F 92 36.92 13.14 27.75
N VAL F 93 37.04 12.85 29.04
CA VAL F 93 37.97 11.82 29.45
C VAL F 93 37.70 10.42 28.82
N GLY F 94 36.51 9.88 28.83
CA GLY F 94 36.40 8.57 28.15
C GLY F 94 36.19 8.55 26.63
N HIS F 95 36.60 9.62 25.96
CA HIS F 95 36.29 9.78 24.53
C HIS F 95 37.10 8.75 23.77
N ILE F 96 36.43 8.03 22.89
CA ILE F 96 37.01 6.94 22.16
C ILE F 96 37.83 7.52 20.99
N ILE F 97 39.09 7.12 20.92
CA ILE F 97 40.00 7.62 19.94
C ILE F 97 40.22 6.51 18.95
N GLY F 98 40.11 5.28 19.45
CA GLY F 98 40.48 4.10 18.69
C GLY F 98 40.43 2.82 19.50
N ALA F 99 41.05 1.79 18.97
CA ALA F 99 40.96 0.46 19.56
C ALA F 99 42.03 -0.50 19.01
N VAL F 100 42.48 -1.38 19.88
CA VAL F 100 43.48 -2.38 19.59
C VAL F 100 42.75 -3.71 19.47
N VAL F 101 43.24 -4.57 18.61
CA VAL F 101 42.60 -5.83 18.30
C VAL F 101 43.73 -6.80 18.44
N ALA F 102 43.53 -7.90 19.18
CA ALA F 102 44.58 -8.85 19.46
C ALA F 102 43.96 -10.22 19.71
N ASP F 103 44.79 -11.24 19.85
CA ASP F 103 44.30 -12.60 19.94
C ASP F 103 43.69 -13.06 21.29
N THR F 104 43.81 -12.25 22.32
CA THR F 104 43.22 -12.61 23.59
C THR F 104 42.75 -11.35 24.26
N PRO F 105 41.74 -11.44 25.15
CA PRO F 105 41.35 -10.20 25.81
C PRO F 105 42.54 -9.60 26.58
N GLU F 106 43.44 -10.48 27.02
CA GLU F 106 44.58 -10.14 27.83
C GLU F 106 45.58 -9.33 27.04
N HIS F 107 45.95 -9.87 25.88
CA HIS F 107 46.84 -9.18 24.96
C HIS F 107 46.26 -7.87 24.43
N ALA F 108 44.96 -7.87 24.18
CA ALA F 108 44.27 -6.61 23.91
C ALA F 108 44.56 -5.57 25.03
N GLU F 109 44.23 -5.91 26.27
CA GLU F 109 44.48 -5.08 27.44
C GLU F 109 45.92 -4.55 27.62
N ARG F 110 46.95 -5.39 27.44
CA ARG F 110 48.36 -4.93 27.50
C ARG F 110 48.71 -3.99 26.35
N ALA F 111 48.29 -4.35 25.15
CA ALA F 111 48.55 -3.56 23.96
C ALA F 111 47.90 -2.15 24.07
N ALA F 112 46.63 -2.12 24.49
CA ALA F 112 45.87 -0.87 24.58
C ALA F 112 46.50 0.07 25.60
N HIS F 113 46.78 -0.47 26.78
CA HIS F 113 47.37 0.32 27.83
C HIS F 113 48.68 0.99 27.39
N VAL F 114 49.35 0.43 26.39
CA VAL F 114 50.67 0.90 26.03
C VAL F 114 50.75 1.83 24.79
N VAL F 115 49.59 2.20 24.24
CA VAL F 115 49.52 3.21 23.18
C VAL F 115 49.79 4.59 23.78
N LYS F 116 50.78 5.33 23.27
CA LYS F 116 50.97 6.73 23.70
C LYS F 116 50.21 7.74 22.83
N VAL F 117 49.29 8.46 23.45
CA VAL F 117 48.67 9.63 22.84
C VAL F 117 49.38 10.87 23.35
N THR F 118 49.70 11.79 22.44
CA THR F 118 50.26 13.08 22.79
C THR F 118 49.13 14.09 22.68
N TYR F 119 48.95 14.89 23.72
CA TYR F 119 47.83 15.81 23.74
C TYR F 119 48.23 17.29 23.65
N GLU F 120 47.26 18.14 23.33
CA GLU F 120 47.40 19.58 23.51
C GLU F 120 46.17 20.09 24.26
N ASP F 121 46.35 20.49 25.50
CA ASP F 121 45.21 20.87 26.32
C ASP F 121 44.39 22.06 25.78
N LEU F 122 43.07 21.97 25.89
CA LEU F 122 42.16 23.03 25.50
C LEU F 122 41.28 23.46 26.70
N PRO F 123 40.81 24.73 26.71
CA PRO F 123 39.88 25.19 27.76
C PRO F 123 38.69 24.25 27.91
N ALA F 124 38.35 23.88 29.14
CA ALA F 124 37.42 22.78 29.37
C ALA F 124 36.26 23.19 30.25
N ILE F 125 35.05 22.84 29.83
CA ILE F 125 33.88 23.06 30.67
C ILE F 125 33.45 21.79 31.40
N ILE F 126 33.53 21.77 32.72
CA ILE F 126 33.16 20.56 33.43
C ILE F 126 31.79 20.61 34.10
N THR F 127 31.57 21.59 34.99
CA THR F 127 30.36 21.61 35.83
C THR F 127 29.19 22.33 35.15
N ILE F 128 27.99 22.13 35.70
CA ILE F 128 26.82 22.86 35.27
C ILE F 128 27.07 24.37 35.38
N GLU F 129 27.71 24.77 36.48
CA GLU F 129 28.04 26.17 36.75
C GLU F 129 28.94 26.72 35.64
N ASP F 130 29.94 25.96 35.18
CA ASP F 130 30.80 26.43 34.07
C ASP F 130 30.01 26.61 32.78
N ALA F 131 29.14 25.65 32.51
CA ALA F 131 28.32 25.67 31.33
C ALA F 131 27.44 26.90 31.26
N ILE F 132 26.77 27.24 32.36
CA ILE F 132 25.93 28.43 32.39
C ILE F 132 26.78 29.64 32.08
N LYS F 133 27.81 29.83 32.90
CA LYS F 133 28.72 30.95 32.85
C LYS F 133 29.27 31.11 31.44
N ASN F 134 29.66 30.00 30.83
CA ASN F 134 30.19 30.04 29.46
C ASN F 134 29.10 29.99 28.36
N ASN F 135 27.84 30.16 28.74
CA ASN F 135 26.70 29.98 27.82
C ASN F 135 26.86 28.77 26.87
N SER F 136 27.08 27.57 27.42
CA SER F 136 27.36 26.39 26.61
C SER F 136 26.28 25.29 26.69
N PHE F 137 25.29 25.37 25.80
CA PHE F 137 24.15 24.49 25.83
C PHE F 137 23.90 23.80 24.49
N TYR F 138 23.15 22.68 24.51
CA TYR F 138 22.57 22.10 23.31
C TYR F 138 21.15 22.63 23.15
N GLY F 139 20.84 23.20 21.99
CA GLY F 139 19.49 23.70 21.66
C GLY F 139 19.17 24.91 22.49
N SER F 140 17.93 25.38 22.38
CA SER F 140 17.49 26.46 23.26
C SER F 140 16.62 25.95 24.39
N GLU F 141 15.96 26.87 25.07
CA GLU F 141 15.27 26.59 26.32
C GLU F 141 13.97 25.85 26.09
N LEU F 142 13.79 24.73 26.76
CA LEU F 142 12.50 24.06 26.79
C LEU F 142 11.65 24.72 27.88
N LYS F 143 10.33 24.77 27.66
CA LYS F 143 9.43 25.47 28.57
C LYS F 143 7.98 24.93 28.56
N ILE F 144 7.41 24.77 29.75
CA ILE F 144 5.96 24.65 29.94
C ILE F 144 5.49 25.79 30.83
N GLU F 145 4.48 26.53 30.37
CA GLU F 145 3.86 27.59 31.18
C GLU F 145 2.34 27.49 31.16
N LYS F 146 1.75 27.49 32.35
CA LYS F 146 0.32 27.48 32.48
C LYS F 146 -0.03 28.60 33.41
N GLY F 147 -1.20 29.20 33.17
CA GLY F 147 -1.75 30.24 34.05
C GLY F 147 -0.96 31.54 34.00
N ASP F 148 -0.95 32.28 35.12
CA ASP F 148 -0.19 33.53 35.16
C ASP F 148 0.63 33.69 36.42
N LEU F 149 1.93 33.83 36.27
CA LEU F 149 2.82 33.93 37.43
C LEU F 149 2.66 35.21 38.28
N LYS F 150 2.95 36.39 37.71
CA LYS F 150 2.68 37.65 38.43
C LYS F 150 1.20 37.74 38.75
N LYS F 151 0.81 37.42 39.97
CA LYS F 151 -0.62 37.31 40.32
C LYS F 151 -0.77 36.06 41.13
N GLY F 152 0.03 35.05 40.76
CA GLY F 152 0.31 33.94 41.64
C GLY F 152 1.20 34.48 42.73
N PHE F 153 2.28 35.11 42.34
CA PHE F 153 3.20 35.65 43.33
C PHE F 153 2.64 36.85 44.07
N SER F 154 1.80 37.64 43.42
CA SER F 154 1.15 38.77 44.06
C SER F 154 0.14 38.35 45.12
N GLU F 155 -0.67 37.36 44.74
CA GLU F 155 -1.65 36.71 45.62
C GLU F 155 -1.01 35.89 46.78
N ALA F 156 0.30 35.62 46.71
CA ALA F 156 0.97 34.65 47.59
C ALA F 156 1.33 35.19 48.97
N ASP F 157 1.07 34.45 50.04
CA ASP F 157 1.49 34.84 51.40
C ASP F 157 3.02 34.79 51.57
N ASN F 158 3.58 33.59 51.41
CA ASN F 158 5.02 33.38 51.48
C ASN F 158 5.65 32.96 50.14
N VAL F 159 6.92 33.29 49.98
CA VAL F 159 7.66 32.97 48.78
C VAL F 159 9.03 32.42 49.19
N VAL F 160 9.13 31.09 49.21
CA VAL F 160 10.41 30.40 49.38
C VAL F 160 11.09 30.23 48.04
N SER F 161 12.38 30.52 47.98
CA SER F 161 13.17 30.27 46.77
C SER F 161 14.49 29.60 47.16
N GLY F 162 15.22 29.07 46.19
CA GLY F 162 16.53 28.49 46.49
C GLY F 162 17.15 27.75 45.34
N GLU F 163 18.09 26.85 45.65
CA GLU F 163 18.87 26.14 44.65
C GLU F 163 19.14 24.71 45.11
N LEU F 164 18.91 23.74 44.25
CA LEU F 164 19.08 22.32 44.59
C LEU F 164 20.01 21.65 43.57
N TYR F 165 20.71 20.60 43.97
CA TYR F 165 21.51 19.81 43.03
C TYR F 165 21.26 18.34 43.33
N ILE F 166 21.03 17.57 42.27
CA ILE F 166 20.94 16.13 42.36
C ILE F 166 21.97 15.44 41.46
N GLY F 167 22.86 14.66 42.06
CA GLY F 167 24.00 14.04 41.37
C GLY F 167 23.58 12.93 40.43
N GLY F 168 24.49 12.58 39.51
CA GLY F 168 24.24 11.57 38.51
C GLY F 168 24.15 10.17 39.07
N GLN F 169 24.27 9.17 38.22
CA GLN F 169 24.19 7.79 38.67
C GLN F 169 24.73 6.89 37.56
N ASP F 170 25.49 5.86 37.95
CA ASP F 170 25.93 4.83 37.01
C ASP F 170 24.92 3.70 36.95
N HIS F 171 24.67 3.16 35.75
CA HIS F 171 23.71 2.06 35.64
C HIS F 171 24.07 0.84 36.49
N PHE F 172 25.37 0.52 36.53
CA PHE F 172 25.89 -0.64 37.24
C PHE F 172 25.07 -1.88 37.02
N TYR F 173 24.83 -2.21 35.75
CA TYR F 173 24.17 -3.45 35.31
C TYR F 173 25.21 -4.52 35.49
N LEU F 174 24.88 -5.62 36.11
CA LEU F 174 25.94 -6.57 36.43
C LEU F 174 26.72 -7.05 35.20
N GLU F 175 26.02 -7.25 34.10
CA GLU F 175 26.73 -7.49 32.81
C GLU F 175 27.08 -6.15 32.12
N THR F 176 28.35 -5.92 31.77
CA THR F 176 28.75 -4.65 31.09
C THR F 176 28.39 -4.65 29.58
N HIS F 177 28.75 -3.61 28.85
CA HIS F 177 28.49 -3.70 27.42
C HIS F 177 29.27 -4.83 26.78
N CYS F 178 28.65 -5.42 25.78
CA CYS F 178 29.24 -6.50 25.08
C CYS F 178 28.72 -6.61 23.63
N THR F 179 29.63 -6.93 22.71
CA THR F 179 29.29 -7.23 21.31
C THR F 179 30.23 -8.30 20.70
N ILE F 180 29.62 -9.29 20.04
CA ILE F 180 30.30 -10.18 19.10
C ILE F 180 29.80 -9.79 17.73
N ALA F 181 30.75 -9.54 16.81
CA ALA F 181 30.47 -9.23 15.41
C ALA F 181 31.11 -10.28 14.54
N ILE F 182 30.26 -10.89 13.70
CA ILE F 182 30.67 -11.88 12.72
C ILE F 182 30.50 -11.33 11.29
N PRO F 183 31.66 -11.11 10.61
CA PRO F 183 31.64 -10.62 9.21
C PRO F 183 31.47 -11.82 8.30
N LYS F 184 30.44 -11.82 7.46
CA LYS F 184 30.15 -13.00 6.62
C LYS F 184 31.02 -13.27 5.39
N GLY F 185 31.78 -12.27 4.93
CA GLY F 185 32.62 -12.41 3.72
C GLY F 185 31.93 -12.07 2.41
N GLU F 186 30.60 -12.16 2.35
CA GLU F 186 29.83 -11.79 1.16
C GLU F 186 29.02 -10.48 1.35
N GLU F 187 29.10 -9.59 0.36
CA GLU F 187 28.15 -8.48 0.19
C GLU F 187 28.09 -7.54 1.40
N GLY F 188 29.14 -7.56 2.22
CA GLY F 188 29.19 -6.81 3.47
C GLY F 188 28.20 -7.25 4.53
N GLU F 189 27.70 -8.48 4.43
CA GLU F 189 26.79 -9.05 5.41
C GLU F 189 27.53 -9.20 6.71
N MET F 190 26.83 -9.04 7.83
CA MET F 190 27.41 -9.13 9.15
C MET F 190 26.34 -9.55 10.14
N GLU F 191 26.72 -10.39 11.10
CA GLU F 191 25.82 -10.85 12.14
C GLU F 191 26.45 -10.49 13.49
N LEU F 192 25.60 -9.92 14.38
CA LEU F 192 26.01 -9.35 15.68
C LEU F 192 25.19 -9.86 16.87
N PHE F 193 25.85 -10.19 17.94
CA PHE F 193 25.16 -10.59 19.14
C PHE F 193 25.51 -9.49 20.10
N VAL F 194 24.50 -8.81 20.64
CA VAL F 194 24.78 -7.65 21.50
C VAL F 194 23.94 -7.62 22.76
N SER F 195 24.58 -7.16 23.81
CA SER F 195 23.92 -6.71 25.00
C SER F 195 23.32 -5.28 24.72
N THR F 196 22.11 -5.21 24.19
CA THR F 196 21.48 -3.93 23.89
C THR F 196 19.95 -3.98 23.98
N GLN F 197 19.39 -2.80 24.26
CA GLN F 197 17.95 -2.53 24.31
C GLN F 197 17.43 -2.03 22.97
N ASN F 198 18.36 -1.79 22.05
CA ASN F 198 18.10 -1.06 20.81
C ASN F 198 18.82 -1.71 19.62
N ALA F 199 18.30 -2.86 19.18
CA ALA F 199 18.85 -3.53 17.99
C ALA F 199 18.63 -2.79 16.68
N MET F 200 17.58 -1.96 16.57
CA MET F 200 17.42 -1.12 15.38
C MET F 200 18.58 -0.11 15.22
N LYS F 201 18.93 0.60 16.30
CA LYS F 201 20.00 1.59 16.22
C LYS F 201 21.39 0.94 16.16
N THR F 202 21.54 -0.24 16.77
CA THR F 202 22.78 -0.99 16.59
C THR F 202 22.96 -1.33 15.09
N GLN F 203 21.86 -1.77 14.46
CA GLN F 203 21.81 -2.05 13.03
C GLN F 203 22.22 -0.85 12.14
N SER F 204 21.48 0.26 12.26
CA SER F 204 21.72 1.51 11.48
C SER F 204 23.14 2.03 11.62
N PHE F 205 23.64 2.07 12.85
CA PHE F 205 24.91 2.73 13.13
C PHE F 205 26.05 1.91 12.56
N VAL F 206 25.90 0.58 12.60
CA VAL F 206 26.91 -0.34 12.04
C VAL F 206 26.94 -0.12 10.53
N ALA F 207 25.80 -0.28 9.88
CA ALA F 207 25.65 0.00 8.44
C ALA F 207 26.17 1.41 8.00
N LYS F 208 25.74 2.47 8.69
CA LYS F 208 26.20 3.82 8.41
C LYS F 208 27.71 3.87 8.45
N MET F 209 28.30 3.24 9.46
CA MET F 209 29.76 3.33 9.60
C MET F 209 30.47 2.51 8.48
N LEU F 210 29.90 1.37 8.14
CA LEU F 210 30.45 0.51 7.12
C LEU F 210 30.14 1.00 5.71
N GLY F 211 29.16 1.90 5.56
CA GLY F 211 28.72 2.39 4.28
C GLY F 211 27.99 1.35 3.42
N VAL F 212 27.13 0.55 4.03
CA VAL F 212 26.46 -0.58 3.38
C VAL F 212 24.97 -0.54 3.73
N PRO F 213 24.10 -1.00 2.81
CA PRO F 213 22.68 -0.86 3.19
C PRO F 213 22.31 -1.65 4.45
N VAL F 214 21.27 -1.19 5.15
CA VAL F 214 20.83 -1.76 6.42
C VAL F 214 20.47 -3.24 6.35
N ASN F 215 20.00 -3.65 5.19
CA ASN F 215 19.56 -5.03 4.91
C ASN F 215 20.72 -6.04 4.90
N ARG F 216 21.96 -5.56 4.98
CA ARG F 216 23.13 -6.43 5.13
C ARG F 216 23.51 -6.76 6.58
N ILE F 217 22.87 -6.08 7.53
CA ILE F 217 23.25 -6.11 8.93
C ILE F 217 22.17 -6.76 9.84
N LEU F 218 22.55 -7.88 10.46
CA LEU F 218 21.66 -8.64 11.34
C LEU F 218 22.10 -8.48 12.79
N VAL F 219 21.23 -7.96 13.63
CA VAL F 219 21.52 -7.85 15.06
C VAL F 219 20.67 -8.84 15.87
N ARG F 220 21.30 -9.62 16.71
CA ARG F 220 20.56 -10.53 17.60
C ARG F 220 20.87 -10.27 19.08
N VAL F 221 19.80 -10.27 19.91
CA VAL F 221 19.85 -10.02 21.34
C VAL F 221 19.05 -11.09 22.02
N LYS F 222 19.72 -12.07 22.64
CA LYS F 222 19.09 -13.12 23.43
C LYS F 222 18.47 -12.58 24.73
N ARG F 223 19.35 -11.95 25.54
CA ARG F 223 19.02 -11.34 26.84
C ARG F 223 20.14 -10.37 27.30
N MET F 224 19.81 -9.45 28.19
CA MET F 224 20.87 -8.69 28.82
C MET F 224 20.93 -8.99 30.28
N GLY F 225 22.15 -8.94 30.82
CA GLY F 225 22.42 -8.86 32.25
C GLY F 225 22.19 -7.46 32.84
N GLY F 226 21.04 -6.86 32.51
CA GLY F 226 20.72 -5.49 32.93
C GLY F 226 20.86 -4.46 31.83
N GLY F 227 19.99 -3.44 31.86
CA GLY F 227 20.00 -2.35 30.89
C GLY F 227 19.77 -1.01 31.62
N PHE F 228 18.58 -0.89 32.23
CA PHE F 228 18.21 0.29 32.98
C PHE F 228 18.41 1.63 32.19
N GLY F 229 18.49 1.54 30.86
CA GLY F 229 18.63 2.75 30.04
C GLY F 229 20.02 2.90 29.43
N GLY F 230 21.02 2.33 30.08
CA GLY F 230 22.41 2.45 29.62
C GLY F 230 22.66 1.74 28.32
N LYS F 231 21.74 0.84 27.94
CA LYS F 231 21.84 0.10 26.68
C LYS F 231 20.71 0.44 25.74
N GLU F 232 20.06 1.58 25.97
CA GLU F 232 19.09 2.10 25.01
C GLU F 232 19.81 2.64 23.76
N THR F 233 20.93 3.33 23.98
CA THR F 233 21.67 3.93 22.91
C THR F 233 23.15 3.69 23.04
N ARG F 234 23.67 3.83 24.25
CA ARG F 234 25.11 3.90 24.47
C ARG F 234 25.88 2.63 24.14
N SER F 235 25.13 1.52 24.01
CA SER F 235 25.65 0.21 23.61
C SER F 235 26.45 0.25 22.33
N THR F 236 26.19 1.27 21.52
CA THR F 236 26.69 1.30 20.17
C THR F 236 28.15 1.74 20.09
N LEU F 237 28.68 2.33 21.17
CA LEU F 237 30.11 2.74 21.21
C LEU F 237 31.01 1.54 21.11
N VAL F 238 30.57 0.44 21.73
CA VAL F 238 31.25 -0.83 21.56
C VAL F 238 30.86 -1.47 20.21
N SER F 239 29.56 -1.49 19.90
CA SER F 239 29.08 -2.29 18.80
C SER F 239 29.79 -1.92 17.50
N VAL F 240 29.94 -0.61 17.33
CA VAL F 240 30.35 -0.01 16.10
C VAL F 240 31.83 -0.24 15.93
N ALA F 241 32.57 -0.08 17.03
CA ALA F 241 34.00 -0.39 17.11
C ALA F 241 34.32 -1.88 16.83
N VAL F 242 33.57 -2.81 17.42
CA VAL F 242 33.76 -4.23 17.20
C VAL F 242 33.43 -4.59 15.73
N ALA F 243 32.36 -4.01 15.20
CA ALA F 243 32.00 -4.20 13.81
C ALA F 243 33.13 -3.78 12.87
N LEU F 244 33.73 -2.62 13.12
CA LEU F 244 34.84 -2.16 12.27
C LEU F 244 36.00 -3.17 12.27
N ALA F 245 36.41 -3.60 13.47
CA ALA F 245 37.44 -4.60 13.65
C ALA F 245 37.12 -5.86 12.86
N ALA F 246 35.84 -6.25 12.85
CA ALA F 246 35.41 -7.39 12.08
C ALA F 246 35.58 -7.09 10.58
N TYR F 247 35.08 -5.93 10.14
CA TYR F 247 35.29 -5.48 8.77
C TYR F 247 36.76 -5.49 8.36
N LYS F 248 37.63 -4.81 9.12
CA LYS F 248 39.03 -4.64 8.73
C LYS F 248 39.88 -5.94 8.65
N THR F 249 39.62 -6.87 9.54
CA THR F 249 40.39 -8.12 9.67
C THR F 249 39.70 -9.32 8.97
N GLY F 250 38.41 -9.19 8.68
CA GLY F 250 37.69 -10.33 8.11
C GLY F 250 37.51 -11.51 9.06
N HIS F 251 37.85 -11.34 10.35
CA HIS F 251 37.62 -12.36 11.42
C HIS F 251 36.49 -11.94 12.35
N PRO F 252 35.83 -12.93 12.99
CA PRO F 252 34.89 -12.59 14.09
C PRO F 252 35.61 -11.80 15.20
N VAL F 253 34.94 -10.83 15.79
CA VAL F 253 35.59 -10.05 16.85
C VAL F 253 34.66 -9.77 18.04
N ARG F 254 35.19 -9.78 19.27
CA ARG F 254 34.34 -9.46 20.42
C ARG F 254 34.95 -8.48 21.42
N CYS F 255 34.06 -7.85 22.19
CA CYS F 255 34.46 -7.02 23.30
C CYS F 255 33.42 -7.09 24.40
N MET F 256 33.89 -7.29 25.63
CA MET F 256 33.13 -6.98 26.82
C MET F 256 33.99 -6.00 27.64
N LEU F 257 33.43 -4.88 28.09
CA LEU F 257 34.23 -3.93 28.88
C LEU F 257 34.41 -4.43 30.31
N ASP F 258 35.53 -4.07 30.94
CA ASP F 258 35.65 -4.25 32.37
C ASP F 258 34.75 -3.19 32.97
N ARG F 259 34.47 -3.30 34.25
CA ARG F 259 33.69 -2.26 34.89
C ARG F 259 34.23 -0.85 34.78
N ASN F 260 35.54 -0.67 35.02
CA ASN F 260 36.11 0.68 35.06
C ASN F 260 35.96 1.39 33.69
N GLU F 261 36.11 0.60 32.61
CA GLU F 261 35.98 1.11 31.25
C GLU F 261 34.55 1.63 31.04
N ASP F 262 33.59 0.75 31.36
CA ASP F 262 32.15 0.97 31.22
C ASP F 262 31.70 2.20 31.97
N MET F 263 32.09 2.32 33.24
CA MET F 263 31.79 3.49 34.07
C MET F 263 32.38 4.78 33.53
N LEU F 264 33.52 4.68 32.87
CA LEU F 264 34.12 5.87 32.28
C LEU F 264 33.44 6.26 30.96
N ILE F 265 33.16 5.28 30.11
CA ILE F 265 32.81 5.57 28.74
C ILE F 265 31.31 5.68 28.54
N THR F 266 30.52 4.82 29.19
CA THR F 266 29.12 4.61 28.73
C THR F 266 28.15 5.67 29.11
N GLY F 267 28.51 6.55 30.03
CA GLY F 267 27.58 7.58 30.51
C GLY F 267 26.62 7.02 31.55
N GLY F 268 26.05 7.88 32.36
CA GLY F 268 24.92 7.49 33.23
C GLY F 268 23.83 8.55 33.29
N ARG F 269 23.17 8.63 34.43
CA ARG F 269 22.04 9.54 34.62
C ARG F 269 22.48 10.98 34.57
N HIS F 270 21.59 11.85 34.09
CA HIS F 270 21.90 13.29 34.08
C HIS F 270 21.85 13.93 35.47
N PRO F 271 23.00 14.38 35.98
CA PRO F 271 22.82 15.28 37.11
C PRO F 271 21.96 16.52 36.74
N PHE F 272 21.10 16.95 37.66
CA PHE F 272 20.29 18.18 37.53
C PHE F 272 20.65 19.23 38.59
N LEU F 273 20.63 20.50 38.18
CA LEU F 273 20.69 21.67 39.07
C LEU F 273 19.37 22.38 38.82
N ALA F 274 18.78 22.90 39.88
CA ALA F 274 17.49 23.54 39.80
C ALA F 274 17.56 24.78 40.65
N ARG F 275 16.99 25.85 40.13
CA ARG F 275 16.82 27.12 40.83
C ARG F 275 15.32 27.32 40.83
N TYR F 276 14.74 27.36 42.04
CA TYR F 276 13.30 27.33 42.23
C TYR F 276 12.77 28.48 43.07
N LYS F 277 11.47 28.75 42.92
CA LYS F 277 10.75 29.82 43.66
C LYS F 277 9.27 29.41 43.82
N VAL F 278 8.84 29.15 45.05
CA VAL F 278 7.46 28.72 45.31
C VAL F 278 6.66 29.77 46.09
N GLY F 279 5.40 29.95 45.70
CA GLY F 279 4.48 30.85 46.39
C GLY F 279 3.28 30.10 46.93
N PHE F 280 2.93 30.38 48.18
CA PHE F 280 1.97 29.57 48.92
C PHE F 280 1.27 30.33 50.03
N MET F 281 0.09 29.85 50.40
CA MET F 281 -0.67 30.47 51.47
C MET F 281 -0.20 29.93 52.81
N LYS F 282 -0.52 30.67 53.88
CA LYS F 282 -0.21 30.22 55.22
C LYS F 282 -0.75 28.83 55.43
N THR F 283 -1.78 28.51 54.66
CA THR F 283 -2.44 27.19 54.65
C THR F 283 -1.53 26.09 54.10
N GLY F 284 -0.56 26.46 53.27
CA GLY F 284 0.27 25.49 52.56
C GLY F 284 -0.24 25.12 51.16
N THR F 285 -1.29 25.80 50.69
CA THR F 285 -1.70 25.69 49.30
C THR F 285 -0.69 26.40 48.38
N ILE F 286 -0.18 25.68 47.39
CA ILE F 286 0.76 26.27 46.42
C ILE F 286 -0.03 27.22 45.50
N VAL F 287 0.50 28.41 45.28
CA VAL F 287 -0.21 29.36 44.43
C VAL F 287 0.58 29.64 43.16
N ALA F 288 1.90 29.68 43.28
CA ALA F 288 2.77 29.80 42.10
C ALA F 288 4.07 29.01 42.27
N LEU F 289 4.63 28.57 41.14
CA LEU F 289 5.88 27.83 41.11
C LEU F 289 6.66 28.19 39.87
N GLU F 290 7.95 28.44 40.05
CA GLU F 290 8.85 28.76 38.95
C GLU F 290 10.11 27.93 39.17
N VAL F 291 10.44 27.04 38.24
CA VAL F 291 11.63 26.19 38.37
C VAL F 291 12.36 26.23 37.07
N ASP F 292 13.65 26.57 37.10
CA ASP F 292 14.51 26.42 35.92
C ASP F 292 15.39 25.23 36.17
N HIS F 293 15.42 24.33 35.21
CA HIS F 293 16.19 23.10 35.35
C HIS F 293 17.43 23.19 34.47
N TYR F 294 18.56 22.70 34.99
CA TYR F 294 19.76 22.50 34.15
C TYR F 294 20.24 21.11 34.27
N SER F 295 20.51 20.44 33.14
CA SER F 295 21.09 19.09 33.21
C SER F 295 22.49 19.10 32.65
N ASN F 296 23.34 18.23 33.19
CA ASN F 296 24.68 18.07 32.67
C ASN F 296 24.66 17.01 31.58
N ALA F 297 24.58 17.45 30.32
CA ALA F 297 24.43 16.51 29.18
C ALA F 297 25.72 15.77 28.79
N GLY F 298 26.88 16.39 28.89
CA GLY F 298 28.09 15.70 28.47
C GLY F 298 28.42 16.06 27.03
N ASN F 299 29.24 15.26 26.36
CA ASN F 299 29.72 15.72 25.07
C ASN F 299 28.95 15.31 23.85
N SER F 300 27.70 14.88 24.00
CA SER F 300 26.86 14.72 22.85
C SER F 300 25.39 14.91 23.28
N ARG F 301 24.53 15.12 22.29
CA ARG F 301 23.10 15.26 22.53
C ARG F 301 22.47 13.99 23.06
N ASP F 302 22.74 12.88 22.41
CA ASP F 302 22.11 11.64 22.73
C ASP F 302 20.62 11.83 23.10
N LEU F 303 20.22 11.43 24.32
CA LEU F 303 18.79 11.43 24.68
C LEU F 303 18.45 12.62 25.52
N SER F 304 19.44 13.45 25.75
CA SER F 304 19.32 14.53 26.71
C SER F 304 18.08 15.42 26.53
N HIS F 305 17.69 15.70 25.28
CA HIS F 305 16.51 16.54 25.00
C HIS F 305 15.18 15.92 25.47
N SER F 306 14.98 14.64 25.19
CA SER F 306 13.76 13.95 25.67
C SER F 306 13.77 13.68 27.17
N ILE F 307 14.96 13.57 27.75
CA ILE F 307 15.15 13.58 29.21
C ILE F 307 14.64 14.88 29.83
N MET F 308 15.07 16.03 29.32
CA MET F 308 14.54 17.32 29.80
C MET F 308 13.01 17.45 29.64
N GLU F 309 12.46 16.93 28.55
CA GLU F 309 11.02 16.93 28.37
C GLU F 309 10.28 16.13 29.42
N ARG F 310 10.71 14.91 29.69
CA ARG F 310 10.10 14.13 30.75
C ARG F 310 10.28 14.81 32.12
N ALA F 311 11.47 15.37 32.36
CA ALA F 311 11.67 16.22 33.53
C ALA F 311 10.58 17.29 33.63
N LEU F 312 10.41 18.07 32.54
CA LEU F 312 9.42 19.14 32.55
C LEU F 312 7.99 18.63 32.79
N PHE F 313 7.70 17.42 32.32
CA PHE F 313 6.36 16.82 32.45
C PHE F 313 6.04 16.34 33.88
N HIS F 314 7.07 16.32 34.74
CA HIS F 314 6.95 15.73 36.05
C HIS F 314 7.24 16.68 37.18
N MET F 315 7.49 17.94 36.83
CA MET F 315 7.81 18.98 37.80
C MET F 315 6.66 19.33 38.76
N ASP F 316 5.52 18.63 38.63
CA ASP F 316 4.32 18.85 39.46
C ASP F 316 4.11 17.72 40.47
N ASN F 317 4.77 16.59 40.22
CA ASN F 317 4.49 15.31 40.88
C ASN F 317 2.95 15.11 40.92
N CYS F 318 2.35 15.08 42.12
CA CYS F 318 0.90 14.89 42.20
C CYS F 318 0.13 16.14 42.69
N TYR F 319 0.69 17.31 42.41
CA TYR F 319 0.18 18.56 42.91
C TYR F 319 -0.39 19.48 41.86
N LYS F 320 -1.58 19.97 42.20
CA LYS F 320 -2.33 20.93 41.42
C LYS F 320 -1.70 22.29 41.70
N ILE F 321 -1.11 22.89 40.68
CA ILE F 321 -0.43 24.18 40.83
C ILE F 321 -0.97 25.12 39.77
N PRO F 322 -1.81 26.09 40.17
CA PRO F 322 -2.55 27.00 39.25
C PRO F 322 -1.64 27.84 38.35
N ASN F 323 -0.50 28.29 38.87
CA ASN F 323 0.37 29.20 38.12
C ASN F 323 1.79 28.71 38.17
N ILE F 324 2.30 28.38 36.99
CA ILE F 324 3.39 27.45 36.93
C ILE F 324 4.21 27.65 35.68
N ARG F 325 5.52 27.73 35.88
CA ARG F 325 6.46 27.92 34.79
C ARG F 325 7.72 27.07 35.03
N GLY F 326 7.99 26.18 34.09
CA GLY F 326 9.18 25.33 34.17
C GLY F 326 10.01 25.46 32.92
N THR F 327 11.29 25.76 33.08
CA THR F 327 12.19 25.77 31.94
C THR F 327 13.24 24.68 32.07
N GLY F 328 13.82 24.29 30.95
CA GLY F 328 14.92 23.33 30.97
C GLY F 328 16.05 23.71 30.06
N ARG F 329 17.25 23.41 30.49
CA ARG F 329 18.39 23.78 29.71
C ARG F 329 19.42 22.66 29.72
N LEU F 330 19.98 22.36 28.57
CA LEU F 330 20.85 21.22 28.44
C LEU F 330 22.25 21.76 28.35
N CYS F 331 23.10 21.42 29.32
CA CYS F 331 24.47 21.95 29.31
C CYS F 331 25.41 21.07 28.50
N LYS F 332 26.05 21.69 27.53
CA LYS F 332 27.04 21.04 26.68
C LYS F 332 28.36 21.07 27.44
N THR F 333 28.82 19.91 27.91
CA THR F 333 30.04 19.81 28.74
C THR F 333 31.06 18.74 28.30
N ASN F 334 32.31 18.91 28.76
CA ASN F 334 33.39 17.95 28.51
C ASN F 334 33.41 16.69 29.35
N LEU F 335 32.35 15.90 29.24
CA LEU F 335 32.16 14.72 30.07
C LEU F 335 31.50 13.66 29.21
N SER F 336 31.76 12.40 29.49
CA SER F 336 31.03 11.32 28.84
C SER F 336 29.57 11.67 28.69
N SER F 337 29.04 11.54 27.46
CA SER F 337 27.63 11.84 27.19
C SER F 337 26.72 11.03 28.08
N ASN F 338 25.92 11.74 28.88
CA ASN F 338 24.89 11.10 29.71
C ASN F 338 23.68 10.72 28.88
N THR F 339 22.92 9.77 29.39
CA THR F 339 21.94 9.05 28.58
C THR F 339 20.75 8.64 29.44
N ALA F 340 19.93 7.73 28.93
CA ALA F 340 18.77 7.25 29.68
C ALA F 340 19.17 6.44 30.88
N PHE F 341 18.46 6.65 31.97
CA PHE F 341 18.55 5.82 33.12
C PHE F 341 17.14 5.76 33.66
N ARG F 342 16.61 4.54 33.76
CA ARG F 342 15.35 4.21 34.41
C ARG F 342 14.68 5.37 35.11
N GLY F 343 13.69 5.98 34.48
CA GLY F 343 13.01 7.14 35.02
C GLY F 343 13.18 8.32 34.05
N PHE F 344 14.33 8.38 33.40
CA PHE F 344 14.51 9.25 32.22
C PHE F 344 14.22 10.74 32.48
N GLY F 345 14.71 11.28 33.60
CA GLY F 345 14.43 12.69 33.92
C GLY F 345 13.29 12.92 34.90
N GLY F 346 12.37 11.98 35.00
CA GLY F 346 11.31 12.05 35.99
C GLY F 346 11.79 12.08 37.45
N PRO F 347 12.66 11.12 37.84
CA PRO F 347 13.20 11.13 39.21
C PRO F 347 13.76 12.49 39.62
N GLN F 348 14.57 13.10 38.76
CA GLN F 348 15.15 14.41 39.04
C GLN F 348 14.10 15.51 39.23
N ALA F 349 13.11 15.57 38.34
CA ALA F 349 12.10 16.60 38.43
C ALA F 349 11.25 16.32 39.64
N LEU F 350 10.92 15.05 39.84
CA LEU F 350 10.05 14.65 40.96
C LEU F 350 10.66 14.95 42.31
N PHE F 351 11.98 14.71 42.44
CA PHE F 351 12.78 15.07 43.62
C PHE F 351 12.82 16.59 43.87
N ILE F 352 13.03 17.38 42.81
CA ILE F 352 12.99 18.84 42.90
C ILE F 352 11.65 19.26 43.53
N ALA F 353 10.55 18.76 42.98
CA ALA F 353 9.21 19.11 43.43
C ALA F 353 9.03 18.72 44.90
N GLU F 354 9.50 17.53 45.28
CA GLU F 354 9.30 17.12 46.68
C GLU F 354 10.21 17.93 47.59
N ASN F 355 11.32 18.41 47.05
CA ASN F 355 12.12 19.32 47.83
C ASN F 355 11.46 20.66 48.21
N TRP F 356 10.94 21.44 47.24
CA TRP F 356 10.21 22.66 47.62
C TRP F 356 8.97 22.38 48.46
N MET F 357 8.38 21.21 48.29
CA MET F 357 7.15 20.89 48.97
C MET F 357 7.46 20.60 50.41
N SER F 358 8.61 20.01 50.69
CA SER F 358 8.93 19.68 52.07
C SER F 358 9.23 20.97 52.82
N GLU F 359 9.60 22.00 52.06
CA GLU F 359 9.93 23.33 52.57
C GLU F 359 8.73 24.21 52.85
N VAL F 360 7.73 24.10 51.99
CA VAL F 360 6.44 24.76 52.17
C VAL F 360 5.91 24.33 53.53
N ALA F 361 6.01 23.02 53.81
CA ALA F 361 5.42 22.42 54.99
C ALA F 361 6.15 22.78 56.28
N VAL F 362 7.45 23.04 56.18
CA VAL F 362 8.22 23.55 57.31
C VAL F 362 7.93 25.05 57.51
N THR F 363 8.00 25.81 56.42
CA THR F 363 7.79 27.25 56.49
C THR F 363 6.44 27.61 57.11
N CYS F 364 5.39 26.82 56.83
CA CYS F 364 4.06 26.99 57.42
C CYS F 364 3.91 26.31 58.74
N GLY F 365 4.96 25.62 59.20
CA GLY F 365 4.91 24.85 60.47
C GLY F 365 3.73 23.87 60.57
N LEU F 366 3.36 23.24 59.45
CA LEU F 366 2.27 22.29 59.39
C LEU F 366 2.90 20.96 59.11
N PRO F 367 2.23 19.85 59.45
CA PRO F 367 2.73 18.50 59.12
C PRO F 367 2.85 18.27 57.61
N ALA F 368 3.81 17.46 57.20
CA ALA F 368 4.00 17.26 55.77
C ALA F 368 2.77 16.66 55.05
N GLU F 369 2.23 15.56 55.59
CA GLU F 369 1.14 14.79 54.95
C GLU F 369 -0.11 15.63 54.72
N GLU F 370 -0.36 16.58 55.63
CA GLU F 370 -1.52 17.49 55.59
C GLU F 370 -1.32 18.39 54.37
N VAL F 371 -0.11 18.94 54.26
CA VAL F 371 0.23 19.84 53.17
C VAL F 371 0.27 19.11 51.82
N ARG F 372 0.90 17.95 51.76
CA ARG F 372 0.92 17.20 50.51
C ARG F 372 -0.50 16.90 50.03
N TRP F 373 -1.33 16.41 50.96
CA TRP F 373 -2.75 16.10 50.72
C TRP F 373 -3.56 17.31 50.25
N LYS F 374 -3.53 18.41 50.99
CA LYS F 374 -4.19 19.67 50.57
C LYS F 374 -3.90 20.04 49.11
N ASN F 375 -2.71 19.67 48.62
CA ASN F 375 -2.22 20.15 47.32
C ASN F 375 -2.40 19.21 46.13
N MET F 376 -2.96 18.04 46.44
CA MET F 376 -3.08 16.95 45.48
C MET F 376 -4.14 17.18 44.41
N TYR F 377 -3.87 16.63 43.22
CA TYR F 377 -4.84 16.55 42.14
C TYR F 377 -6.13 15.80 42.53
N LYS F 378 -7.23 16.18 41.91
CA LYS F 378 -8.47 15.44 42.05
C LYS F 378 -8.67 14.68 40.74
N GLU F 379 -9.39 13.57 40.80
CA GLU F 379 -9.97 13.02 39.59
C GLU F 379 -10.36 14.11 38.58
N GLY F 380 -9.73 14.09 37.40
CA GLY F 380 -10.18 14.90 36.31
C GLY F 380 -9.53 16.27 36.17
N ASP F 381 -8.68 16.63 37.13
CA ASP F 381 -7.85 17.86 37.02
C ASP F 381 -6.93 17.78 35.82
N LEU F 382 -6.51 18.94 35.30
CA LEU F 382 -5.52 18.99 34.22
C LEU F 382 -4.11 19.25 34.77
N THR F 383 -3.14 18.48 34.28
CA THR F 383 -1.72 18.73 34.51
C THR F 383 -1.31 20.11 34.01
N HIS F 384 -0.18 20.61 34.49
CA HIS F 384 0.37 21.87 34.01
C HIS F 384 0.57 21.86 32.50
N PHE F 385 0.54 20.66 31.90
CA PHE F 385 0.62 20.50 30.44
C PHE F 385 -0.74 20.19 29.81
N ASN F 386 -1.80 20.45 30.55
CA ASN F 386 -3.17 20.39 30.01
C ASN F 386 -3.68 19.00 29.64
N GLN F 387 -3.14 17.98 30.30
CA GLN F 387 -3.71 16.64 30.13
C GLN F 387 -4.63 16.24 31.26
N ARG F 388 -5.76 15.66 30.87
CA ARG F 388 -6.74 15.17 31.80
C ARG F 388 -6.18 13.97 32.60
N LEU F 389 -6.42 13.97 33.90
CA LEU F 389 -6.00 12.84 34.73
C LEU F 389 -7.17 11.89 34.99
N GLU F 390 -7.26 10.81 34.22
CA GLU F 390 -8.34 9.83 34.40
C GLU F 390 -7.91 8.62 35.23
N GLY F 391 -8.76 8.21 36.15
CA GLY F 391 -8.44 7.07 37.01
C GLY F 391 -7.23 7.35 37.89
N PHE F 392 -7.19 8.56 38.44
CA PHE F 392 -6.15 9.06 39.31
C PHE F 392 -6.24 8.33 40.64
N SER F 393 -5.42 7.29 40.83
CA SER F 393 -5.66 6.42 41.99
C SER F 393 -4.81 6.69 43.23
N VAL F 394 -4.14 7.85 43.25
CA VAL F 394 -3.23 8.22 44.35
C VAL F 394 -3.88 8.37 45.72
N PRO F 395 -5.08 9.00 45.82
CA PRO F 395 -5.79 8.97 47.11
C PRO F 395 -5.99 7.56 47.68
N ARG F 396 -6.39 6.60 46.85
CA ARG F 396 -6.53 5.23 47.29
C ARG F 396 -5.17 4.67 47.75
N CYS F 397 -4.12 4.93 46.95
CA CYS F 397 -2.76 4.48 47.29
C CYS F 397 -2.31 5.13 48.60
N TRP F 398 -2.61 6.42 48.74
CA TRP F 398 -2.26 7.22 49.90
C TRP F 398 -2.98 6.79 51.18
N ASP F 399 -4.32 6.60 51.16
CA ASP F 399 -5.10 6.23 52.37
C ASP F 399 -4.69 4.87 52.81
N GLU F 400 -4.65 3.95 51.85
CA GLU F 400 -4.26 2.56 52.08
C GLU F 400 -2.81 2.47 52.59
N CYS F 401 -1.93 3.29 52.01
CA CYS F 401 -0.54 3.28 52.49
C CYS F 401 -0.47 3.74 53.93
N LEU F 402 -1.11 4.86 54.24
CA LEU F 402 -1.20 5.39 55.61
C LEU F 402 -1.71 4.33 56.59
N LYS F 403 -2.71 3.57 56.14
CA LYS F 403 -3.40 2.64 57.00
C LYS F 403 -2.54 1.40 57.29
N SER F 404 -2.13 0.64 56.27
CA SER F 404 -1.24 -0.52 56.50
C SER F 404 0.18 -0.19 56.97
N SER F 405 0.64 1.03 56.74
CA SER F 405 1.92 1.45 57.26
C SER F 405 1.84 1.93 58.72
N GLN F 406 0.60 2.16 59.20
CA GLN F 406 0.37 2.63 60.58
C GLN F 406 1.12 3.93 60.84
N TYR F 407 0.92 4.86 59.93
CA TYR F 407 1.73 6.04 59.88
C TYR F 407 1.56 6.94 61.11
N TYR F 408 0.32 7.23 61.47
CA TYR F 408 0.06 8.17 62.55
C TYR F 408 0.59 7.62 63.87
N ALA F 409 0.48 6.30 64.06
CA ALA F 409 1.02 5.63 65.27
C ALA F 409 2.56 5.64 65.34
N ARG F 410 3.18 5.37 64.19
CA ARG F 410 4.64 5.33 64.08
C ARG F 410 5.22 6.73 64.15
N LYS F 411 4.42 7.74 63.79
CA LYS F 411 4.89 9.11 63.90
C LYS F 411 4.96 9.53 65.34
N SER F 412 4.09 8.96 66.17
CA SER F 412 4.13 9.20 67.59
C SER F 412 5.42 8.62 68.12
N GLU F 413 5.68 7.35 67.79
CA GLU F 413 6.91 6.64 68.19
C GLU F 413 8.18 7.43 67.82
N VAL F 414 8.11 8.15 66.70
CA VAL F 414 9.26 8.88 66.21
C VAL F 414 9.63 10.05 67.09
N ASP F 415 8.72 11.02 67.28
CA ASP F 415 8.96 12.20 68.16
C ASP F 415 9.25 11.76 69.59
N LYS F 416 8.62 10.66 70.01
CA LYS F 416 8.95 10.05 71.29
C LYS F 416 10.44 9.69 71.28
N PHE F 417 10.87 8.84 70.36
CA PHE F 417 12.27 8.41 70.28
C PHE F 417 13.24 9.60 70.23
N ASN F 418 12.86 10.65 69.53
CA ASN F 418 13.71 11.83 69.47
C ASN F 418 13.83 12.63 70.77
N LYS F 419 12.81 12.60 71.63
CA LYS F 419 12.86 13.25 72.96
C LYS F 419 13.81 12.51 73.91
N GLU F 420 13.79 11.18 73.86
CA GLU F 420 14.63 10.37 74.73
C GLU F 420 16.01 10.06 74.14
N ASN F 421 16.24 10.43 72.89
CA ASN F 421 17.53 10.16 72.23
C ASN F 421 18.24 11.42 71.79
N CYS F 422 19.54 11.44 72.05
CA CYS F 422 20.26 12.69 71.97
C CYS F 422 21.20 12.81 70.75
N TRP F 423 21.93 11.74 70.48
CA TRP F 423 22.93 11.66 69.39
C TRP F 423 22.50 10.70 68.28
N LYS F 424 21.29 10.18 68.41
CA LYS F 424 20.59 9.44 67.39
C LYS F 424 19.20 10.10 67.18
N LYS F 425 18.73 10.12 65.94
CA LYS F 425 17.37 10.56 65.65
C LYS F 425 16.66 9.67 64.62
N ARG F 426 15.34 9.76 64.62
CA ARG F 426 14.57 9.04 63.63
C ARG F 426 13.73 9.96 62.75
N GLY F 427 13.42 9.47 61.54
CA GLY F 427 12.61 10.21 60.59
C GLY F 427 11.61 9.30 59.94
N LEU F 428 10.49 9.89 59.51
CA LEU F 428 9.40 9.16 58.84
C LEU F 428 8.78 10.03 57.73
N CYS F 429 8.75 9.55 56.49
CA CYS F 429 8.16 10.35 55.46
C CYS F 429 7.28 9.53 54.56
N ILE F 430 6.19 10.14 54.11
CA ILE F 430 5.29 9.50 53.14
C ILE F 430 5.18 10.34 51.86
N ILE F 431 5.57 9.73 50.74
CA ILE F 431 5.69 10.40 49.45
C ILE F 431 4.89 9.69 48.34
N PRO F 432 4.13 10.45 47.55
CA PRO F 432 3.46 9.95 46.35
C PRO F 432 4.34 10.04 45.08
N THR F 433 3.83 9.46 43.99
CA THR F 433 4.37 9.70 42.64
C THR F 433 3.36 9.37 41.57
N LYS F 434 3.54 10.03 40.44
CA LYS F 434 2.84 9.64 39.28
C LYS F 434 3.87 9.62 38.18
N PHE F 435 3.69 8.78 37.19
CA PHE F 435 4.67 8.69 36.12
C PHE F 435 3.93 8.51 34.81
N GLY F 436 4.17 9.38 33.85
CA GLY F 436 3.50 9.34 32.53
C GLY F 436 4.01 8.22 31.62
N ILE F 437 3.11 7.37 31.15
CA ILE F 437 3.49 6.20 30.36
C ILE F 437 3.36 6.42 28.85
N SER F 438 4.49 6.28 28.12
CA SER F 438 4.63 6.56 26.66
C SER F 438 5.97 7.25 26.39
N PHE F 439 6.59 6.95 25.24
CA PHE F 439 7.72 7.77 24.79
C PHE F 439 7.19 9.17 24.48
N THR F 440 7.88 10.20 24.96
CA THR F 440 7.58 11.60 24.74
C THR F 440 7.52 11.90 23.24
N VAL F 441 8.37 11.22 22.47
CA VAL F 441 8.36 11.41 21.02
C VAL F 441 7.32 10.45 20.39
N PRO F 442 6.30 10.99 19.74
CA PRO F 442 5.17 10.06 19.40
C PRO F 442 5.50 8.84 18.46
N PHE F 443 6.33 9.04 17.47
CA PHE F 443 6.69 7.94 16.55
C PHE F 443 7.35 6.68 17.13
N LEU F 444 7.84 6.73 18.38
CA LEU F 444 8.41 5.52 18.96
C LEU F 444 7.33 4.59 19.52
N ASN F 445 6.12 5.11 19.70
CA ASN F 445 5.05 4.29 20.24
C ASN F 445 4.42 3.37 19.20
N GLN F 446 5.25 2.46 18.70
CA GLN F 446 4.82 1.41 17.79
C GLN F 446 5.54 0.13 18.17
N ALA F 447 5.03 -1.00 17.70
CA ALA F 447 5.55 -2.32 18.04
C ALA F 447 5.09 -3.39 17.08
N GLY F 448 6.02 -4.27 16.71
CA GLY F 448 5.68 -5.37 15.82
C GLY F 448 5.98 -6.67 16.53
N ALA F 449 5.20 -7.69 16.17
CA ALA F 449 5.46 -9.07 16.58
C ALA F 449 5.34 -9.98 15.33
N LEU F 450 5.85 -11.22 15.46
CA LEU F 450 5.82 -12.22 14.41
C LEU F 450 5.62 -13.62 15.04
N ILE F 451 4.52 -14.28 14.69
CA ILE F 451 4.18 -15.62 15.20
C ILE F 451 4.24 -16.67 14.08
N HIS F 452 4.96 -17.74 14.33
CA HIS F 452 4.84 -18.92 13.52
C HIS F 452 4.20 -20.00 14.39
N VAL F 453 3.35 -20.80 13.78
CA VAL F 453 2.80 -21.99 14.42
C VAL F 453 3.25 -23.14 13.57
N TYR F 454 4.12 -23.99 14.15
CA TYR F 454 4.64 -25.18 13.45
C TYR F 454 3.67 -26.35 13.54
N THR F 455 3.96 -27.39 12.74
CA THR F 455 2.98 -28.45 12.43
C THR F 455 2.79 -29.51 13.48
N ASP F 456 3.62 -29.47 14.52
CA ASP F 456 3.45 -30.24 15.74
C ASP F 456 2.57 -29.40 16.68
N GLY F 457 2.10 -28.26 16.16
CA GLY F 457 1.31 -27.33 16.95
C GLY F 457 2.10 -26.43 17.89
N SER F 458 3.44 -26.57 17.95
CA SER F 458 4.22 -25.68 18.83
C SER F 458 4.35 -24.28 18.25
N VAL F 459 4.57 -23.30 19.14
CA VAL F 459 4.51 -21.89 18.78
C VAL F 459 5.81 -21.09 19.01
N LEU F 460 6.22 -20.35 17.99
CA LEU F 460 7.38 -19.46 18.12
C LEU F 460 6.93 -18.02 18.04
N VAL F 461 7.01 -17.33 19.16
CA VAL F 461 6.72 -15.91 19.23
C VAL F 461 8.00 -15.08 19.13
N SER F 462 7.93 -14.04 18.33
CA SER F 462 9.02 -13.10 18.21
C SER F 462 8.44 -11.67 18.25
N HIS F 463 9.10 -10.73 18.91
CA HIS F 463 8.61 -9.38 18.89
C HIS F 463 9.79 -8.45 19.04
N GLY F 464 9.53 -7.16 18.83
CA GLY F 464 10.54 -6.10 18.92
C GLY F 464 11.18 -5.89 20.29
N GLY F 465 10.52 -6.28 21.40
CA GLY F 465 11.07 -6.12 22.74
C GLY F 465 12.26 -7.02 23.08
N THR F 466 13.18 -6.49 23.89
CA THR F 466 14.31 -7.28 24.38
C THR F 466 14.11 -7.56 25.88
N GLU F 467 14.67 -8.71 26.31
CA GLU F 467 14.67 -9.17 27.68
C GLU F 467 15.96 -8.74 28.42
N MET F 468 15.77 -7.98 29.49
CA MET F 468 16.86 -7.53 30.35
C MET F 468 16.63 -7.87 31.83
N GLY F 469 15.80 -8.86 32.13
CA GLY F 469 15.49 -9.26 33.51
C GLY F 469 14.12 -8.84 34.00
N GLN F 470 13.48 -7.93 33.25
CA GLN F 470 12.17 -7.41 33.61
C GLN F 470 11.04 -8.38 33.31
N GLY F 471 11.33 -9.52 32.67
CA GLY F 471 10.33 -10.56 32.43
C GLY F 471 9.39 -10.24 31.25
N LEU F 472 9.92 -9.49 30.30
CA LEU F 472 9.15 -9.13 29.15
C LEU F 472 8.72 -10.39 28.43
N HIS F 473 9.66 -11.26 28.04
CA HIS F 473 9.32 -12.53 27.37
C HIS F 473 8.34 -13.39 28.15
N THR F 474 8.54 -13.50 29.47
CA THR F 474 7.58 -14.19 30.32
C THR F 474 6.17 -13.61 30.11
N LYS F 475 6.04 -12.29 30.21
CA LYS F 475 4.72 -11.68 30.11
C LYS F 475 4.11 -11.85 28.71
N MET F 476 4.95 -11.76 27.69
CA MET F 476 4.49 -11.99 26.33
C MET F 476 4.02 -13.43 26.11
N VAL F 477 4.72 -14.36 26.77
CA VAL F 477 4.36 -15.74 26.64
C VAL F 477 3.03 -15.98 27.31
N GLN F 478 2.79 -15.28 28.44
CA GLN F 478 1.53 -15.44 29.17
C GLN F 478 0.37 -14.91 28.35
N VAL F 479 0.56 -13.78 27.69
CA VAL F 479 -0.46 -13.19 26.85
C VAL F 479 -0.80 -14.12 25.67
N ALA F 480 0.23 -14.62 24.97
CA ALA F 480 0.02 -15.43 23.77
C ALA F 480 -0.82 -16.65 24.12
N SER F 481 -0.46 -17.26 25.24
CA SER F 481 -1.08 -18.45 25.76
C SER F 481 -2.52 -18.23 26.18
N LYS F 482 -2.83 -17.05 26.69
CA LYS F 482 -4.20 -16.67 26.98
C LYS F 482 -4.96 -16.28 25.72
N ALA F 483 -4.34 -15.50 24.85
CA ALA F 483 -4.99 -15.15 23.59
C ALA F 483 -5.32 -16.38 22.78
N LEU F 484 -4.35 -17.31 22.67
CA LEU F 484 -4.49 -18.48 21.80
C LEU F 484 -5.33 -19.58 22.45
N LYS F 485 -5.49 -19.50 23.77
CA LYS F 485 -6.16 -20.54 24.56
C LYS F 485 -5.42 -21.87 24.46
N ILE F 486 -4.13 -21.85 24.80
CA ILE F 486 -3.28 -23.04 24.86
C ILE F 486 -2.27 -22.90 26.01
N PRO F 487 -1.64 -24.03 26.41
CA PRO F 487 -0.68 -24.01 27.52
C PRO F 487 0.53 -23.15 27.21
N ILE F 488 1.11 -22.54 28.25
CA ILE F 488 2.35 -21.80 28.05
C ILE F 488 3.44 -22.76 27.52
N SER F 489 3.32 -24.04 27.87
CA SER F 489 4.39 -24.98 27.57
C SER F 489 4.55 -25.09 26.07
N LYS F 490 3.48 -24.87 25.32
CA LYS F 490 3.51 -24.97 23.86
C LYS F 490 4.13 -23.75 23.11
N ILE F 491 4.49 -22.71 23.86
CA ILE F 491 4.97 -21.47 23.28
C ILE F 491 6.42 -21.17 23.69
N TYR F 492 7.13 -20.48 22.82
CA TYR F 492 8.52 -20.16 23.08
C TYR F 492 8.92 -18.87 22.40
N ILE F 493 9.82 -18.15 23.06
CA ILE F 493 10.53 -17.01 22.50
C ILE F 493 12.01 -17.32 22.59
N SER F 494 12.70 -17.26 21.48
CA SER F 494 14.10 -17.57 21.45
C SER F 494 14.91 -16.35 21.74
N GLU F 495 14.63 -15.29 20.99
CA GLU F 495 15.44 -14.08 20.98
C GLU F 495 14.74 -12.96 20.23
N THR F 496 15.35 -11.80 20.24
CA THR F 496 14.91 -10.61 19.54
C THR F 496 15.95 -10.44 18.44
N SER F 497 15.49 -10.18 17.23
CA SER F 497 16.40 -10.04 16.07
C SER F 497 15.82 -9.15 14.98
N THR F 498 16.69 -8.51 14.21
CA THR F 498 16.26 -7.51 13.23
C THR F 498 15.74 -8.16 11.96
N ASN F 499 16.01 -9.45 11.79
CA ASN F 499 15.48 -10.17 10.65
C ASN F 499 14.08 -10.80 10.89
N THR F 500 13.64 -10.83 12.15
CA THR F 500 12.19 -11.15 12.44
C THR F 500 11.28 -9.91 12.59
N VAL F 501 11.71 -8.92 13.37
CA VAL F 501 10.96 -7.66 13.51
C VAL F 501 11.85 -6.48 13.23
N PRO F 502 11.52 -5.74 12.21
CA PRO F 502 12.39 -4.67 11.83
C PRO F 502 11.91 -3.38 12.47
N ASN F 503 12.78 -2.38 12.47
CA ASN F 503 12.43 -1.03 12.85
C ASN F 503 11.81 -0.89 14.24
N SER F 504 12.35 -1.63 15.19
CA SER F 504 11.76 -1.63 16.52
C SER F 504 12.27 -0.43 17.35
N SER F 505 11.39 0.19 18.12
CA SER F 505 11.82 1.19 19.07
C SER F 505 12.63 0.48 20.12
N PRO F 506 13.57 1.19 20.78
CA PRO F 506 14.31 0.54 21.89
C PRO F 506 13.40 -0.01 23.00
N THR F 507 13.83 -1.01 23.72
CA THR F 507 13.01 -1.54 24.78
C THR F 507 13.24 -0.56 25.94
N ALA F 508 12.21 0.23 26.25
CA ALA F 508 12.39 1.41 27.09
C ALA F 508 11.07 2.06 27.43
N ALA F 509 11.11 3.11 28.24
CA ALA F 509 9.93 3.93 28.58
C ALA F 509 8.84 3.19 29.38
N SER F 510 9.18 1.97 29.83
CA SER F 510 8.25 1.14 30.57
C SER F 510 7.04 0.63 29.79
N VAL F 511 7.01 0.80 28.46
CA VAL F 511 5.78 0.49 27.67
C VAL F 511 5.82 -0.83 26.91
N SER F 512 6.82 -1.65 27.18
CA SER F 512 7.05 -2.83 26.34
C SER F 512 5.95 -3.87 26.49
N THR F 513 5.57 -4.19 27.72
CA THR F 513 4.46 -5.09 27.94
C THR F 513 3.24 -4.57 27.19
N ASP F 514 3.03 -3.25 27.25
CA ASP F 514 1.84 -2.62 26.68
C ASP F 514 1.78 -2.80 25.16
N ILE F 515 2.88 -2.46 24.50
CA ILE F 515 2.91 -2.37 23.06
C ILE F 515 3.22 -3.72 22.39
N TYR F 516 4.19 -4.43 22.93
CA TYR F 516 4.51 -5.74 22.40
C TYR F 516 3.40 -6.71 22.74
N GLY F 517 2.90 -6.66 23.97
CA GLY F 517 1.69 -7.44 24.38
C GLY F 517 0.53 -7.33 23.40
N GLN F 518 0.27 -6.11 22.98
CA GLN F 518 -0.77 -5.77 22.04
C GLN F 518 -0.43 -6.26 20.62
N ALA F 519 0.86 -6.21 20.23
CA ALA F 519 1.27 -6.75 18.93
C ALA F 519 1.14 -8.27 18.86
N VAL F 520 1.54 -8.96 19.92
CA VAL F 520 1.39 -10.39 20.03
C VAL F 520 -0.08 -10.83 20.05
N TYR F 521 -0.90 -10.04 20.75
CA TYR F 521 -2.36 -10.23 20.73
C TYR F 521 -2.93 -10.21 19.33
N GLU F 522 -2.55 -9.20 18.56
CA GLU F 522 -3.03 -9.08 17.18
C GLU F 522 -2.57 -10.27 16.38
N ALA F 523 -1.31 -10.66 16.58
CA ALA F 523 -0.76 -11.73 15.79
C ALA F 523 -1.60 -12.97 16.07
N CYS F 524 -1.77 -13.24 17.36
CA CYS F 524 -2.60 -14.32 17.84
C CYS F 524 -4.00 -14.29 17.20
N GLN F 525 -4.70 -13.16 17.26
CA GLN F 525 -6.03 -13.06 16.70
C GLN F 525 -6.09 -13.57 15.27
N THR F 526 -5.14 -13.13 14.45
CA THR F 526 -5.10 -13.50 13.03
C THR F 526 -4.99 -15.00 12.87
N ILE F 527 -4.20 -15.59 13.75
CA ILE F 527 -4.06 -17.03 13.75
C ILE F 527 -5.38 -17.69 14.09
N LEU F 528 -6.07 -17.15 15.09
CA LEU F 528 -7.40 -17.63 15.49
C LEU F 528 -8.48 -17.51 14.40
N LYS F 529 -8.52 -16.40 13.66
CA LYS F 529 -9.42 -16.30 12.51
C LYS F 529 -9.12 -17.44 11.60
N ARG F 530 -7.84 -17.60 11.26
CA ARG F 530 -7.40 -18.57 10.28
C ARG F 530 -7.78 -19.99 10.63
N LEU F 531 -7.68 -20.31 11.90
CA LEU F 531 -7.99 -21.65 12.32
C LEU F 531 -9.48 -21.86 12.54
N GLU F 532 -10.26 -20.78 12.61
CA GLU F 532 -11.69 -20.88 12.92
C GLU F 532 -12.45 -22.02 12.18
N PRO F 533 -12.38 -22.06 10.83
CA PRO F 533 -13.10 -23.10 10.07
C PRO F 533 -12.83 -24.52 10.52
N PHE F 534 -11.56 -24.81 10.80
CA PHE F 534 -11.14 -26.15 11.15
C PHE F 534 -11.57 -26.50 12.56
N LYS F 535 -11.61 -25.47 13.42
CA LYS F 535 -12.19 -25.55 14.77
C LYS F 535 -13.67 -25.98 14.70
N LYS F 536 -14.48 -25.25 13.94
CA LYS F 536 -15.88 -25.63 13.64
C LYS F 536 -16.07 -27.03 13.01
N LYS F 537 -15.33 -27.33 11.94
CA LYS F 537 -15.31 -28.68 11.38
C LYS F 537 -14.97 -29.77 12.43
N ASN F 538 -14.15 -29.45 13.43
CA ASN F 538 -13.75 -30.47 14.42
C ASN F 538 -13.81 -30.07 15.89
N PRO F 539 -15.00 -29.74 16.40
CA PRO F 539 -15.09 -29.04 17.70
C PRO F 539 -14.41 -29.76 18.85
N ASP F 540 -14.39 -31.08 18.76
CA ASP F 540 -13.82 -31.93 19.82
C ASP F 540 -12.35 -32.29 19.66
N GLY F 541 -11.76 -31.97 18.50
CA GLY F 541 -10.35 -32.21 18.26
C GLY F 541 -9.44 -31.29 19.04
N SER F 542 -8.15 -31.63 19.05
CA SER F 542 -7.11 -30.85 19.74
C SER F 542 -6.56 -29.69 18.87
N TRP F 543 -5.86 -28.77 19.54
CA TRP F 543 -5.13 -27.67 18.88
C TRP F 543 -4.26 -28.21 17.74
N GLU F 544 -3.54 -29.32 18.01
CA GLU F 544 -2.68 -30.03 17.05
C GLU F 544 -3.42 -30.52 15.83
N ASP F 545 -4.67 -30.91 15.98
CA ASP F 545 -5.53 -31.31 14.84
C ASP F 545 -5.91 -30.14 13.99
N TRP F 546 -6.30 -29.04 14.62
CA TRP F 546 -6.66 -27.82 13.89
C TRP F 546 -5.44 -27.35 13.13
N VAL F 547 -4.33 -27.21 13.87
CA VAL F 547 -3.06 -26.83 13.27
C VAL F 547 -2.71 -27.69 12.07
N MET F 548 -2.72 -29.02 12.21
CA MET F 548 -2.39 -29.94 11.13
C MET F 548 -3.37 -29.86 9.97
N ALA F 549 -4.66 -29.78 10.30
CA ALA F 549 -5.72 -29.69 9.29
C ALA F 549 -5.60 -28.42 8.48
N ALA F 550 -5.21 -27.33 9.12
CA ALA F 550 -4.96 -26.06 8.41
C ALA F 550 -3.76 -26.14 7.47
N TYR F 551 -2.66 -26.75 7.91
CA TYR F 551 -1.51 -26.94 7.03
C TYR F 551 -1.87 -27.81 5.85
N GLN F 552 -2.57 -28.92 6.08
CA GLN F 552 -3.00 -29.81 4.98
C GLN F 552 -3.86 -29.03 3.98
N ASP F 553 -4.61 -28.06 4.47
CA ASP F 553 -5.51 -27.31 3.59
C ASP F 553 -4.87 -26.08 2.96
N ARG F 554 -3.57 -25.93 3.20
CA ARG F 554 -2.76 -24.81 2.70
C ARG F 554 -3.21 -23.41 3.19
N VAL F 555 -3.40 -23.31 4.50
CA VAL F 555 -3.54 -22.04 5.21
C VAL F 555 -2.23 -21.69 5.91
N SER F 556 -1.78 -20.45 5.72
CA SER F 556 -0.60 -19.89 6.42
C SER F 556 -0.73 -19.95 7.96
N LEU F 557 0.33 -20.38 8.62
CA LEU F 557 0.33 -20.42 10.06
C LEU F 557 1.41 -19.46 10.56
N SER F 558 1.60 -18.39 9.80
CA SER F 558 2.60 -17.38 10.08
C SER F 558 1.95 -16.01 9.84
N THR F 559 2.14 -15.06 10.74
CA THR F 559 1.57 -13.71 10.59
C THR F 559 2.31 -12.71 11.45
N THR F 560 2.36 -11.47 10.93
CA THR F 560 2.83 -10.32 11.69
C THR F 560 1.69 -9.80 12.58
N GLY F 561 2.00 -8.85 13.44
CA GLY F 561 1.04 -8.19 14.29
C GLY F 561 1.63 -6.84 14.57
N PHE F 562 0.78 -5.87 14.83
CA PHE F 562 1.27 -4.51 14.98
C PHE F 562 0.39 -3.68 15.88
N TYR F 563 1.01 -2.68 16.52
CA TYR F 563 0.29 -1.80 17.42
C TYR F 563 0.84 -0.40 17.40
N ARG F 564 -0.08 0.56 17.52
CA ARG F 564 0.15 1.97 17.37
C ARG F 564 -0.56 2.58 18.55
N THR F 565 0.13 3.33 19.40
CA THR F 565 -0.58 3.97 20.53
C THR F 565 -1.48 5.14 20.06
N PRO F 566 -2.81 5.01 20.30
CA PRO F 566 -3.74 6.00 19.75
C PRO F 566 -3.66 7.37 20.44
N ASN F 567 -4.03 8.45 19.74
CA ASN F 567 -4.19 9.83 20.36
C ASN F 567 -3.01 10.46 21.12
N LEU F 568 -1.82 10.41 20.54
CA LEU F 568 -0.65 11.00 21.18
C LEU F 568 -0.17 12.23 20.42
N GLY F 569 0.56 13.11 21.09
CA GLY F 569 1.13 14.28 20.42
C GLY F 569 1.00 15.59 21.17
N TYR F 570 1.81 15.76 22.21
CA TYR F 570 1.86 17.01 22.92
C TYR F 570 2.60 18.02 22.04
N SER F 571 2.24 19.30 22.20
CA SER F 571 2.93 20.39 21.52
C SER F 571 3.48 21.40 22.55
N PHE F 572 4.75 21.77 22.45
CA PHE F 572 5.34 22.77 23.37
C PHE F 572 4.92 24.22 23.07
N GLU F 573 4.70 24.57 21.81
CA GLU F 573 3.87 25.72 21.48
C GLU F 573 2.45 25.19 21.64
N THR F 574 1.51 26.01 22.08
CA THR F 574 0.09 25.58 22.37
C THR F 574 -0.11 24.84 23.67
N ASN F 575 0.86 24.03 24.09
CA ASN F 575 0.75 23.31 25.38
C ASN F 575 -0.55 22.43 25.48
N SER F 576 -0.74 21.54 24.50
CA SER F 576 -1.90 20.65 24.46
C SER F 576 -1.68 19.36 23.61
N GLY F 577 -2.64 18.44 23.70
CA GLY F 577 -2.44 17.10 23.17
C GLY F 577 -1.84 16.17 24.25
N ASN F 578 -2.22 14.90 24.20
CA ASN F 578 -1.69 13.92 25.15
C ASN F 578 -0.19 13.67 25.03
N ALA F 579 0.53 13.74 26.15
CA ALA F 579 1.93 13.38 26.11
C ALA F 579 2.02 11.88 26.37
N PHE F 580 1.08 11.40 27.18
CA PHE F 580 1.06 10.02 27.66
C PHE F 580 -0.28 9.35 27.39
N HIS F 581 -0.28 8.04 27.48
CA HIS F 581 -1.48 7.28 27.25
C HIS F 581 -2.24 7.19 28.57
N TYR F 582 -1.51 7.07 29.66
CA TYR F 582 -2.07 6.98 31.02
C TYR F 582 -0.90 7.15 32.05
N PHE F 583 -1.25 7.27 33.33
CA PHE F 583 -0.21 7.38 34.35
C PHE F 583 -0.24 6.17 35.25
N THR F 584 0.95 5.73 35.67
CA THR F 584 1.11 4.75 36.74
C THR F 584 1.30 5.58 38.01
N TYR F 585 0.77 5.09 39.12
CA TYR F 585 0.76 5.83 40.37
C TYR F 585 1.24 4.98 41.55
N GLY F 586 1.83 5.63 42.54
CA GLY F 586 2.15 4.91 43.79
C GLY F 586 2.47 5.84 44.95
N VAL F 587 2.68 5.25 46.13
CA VAL F 587 2.98 6.01 47.31
C VAL F 587 3.90 5.17 48.16
N ALA F 588 4.90 5.80 48.75
CA ALA F 588 5.79 5.08 49.65
C ALA F 588 6.02 5.81 50.97
N CYS F 589 6.11 5.02 52.02
CA CYS F 589 6.38 5.56 53.35
C CYS F 589 7.60 4.84 53.89
N SER F 590 8.55 5.61 54.42
CA SER F 590 9.83 5.05 54.88
C SER F 590 10.25 5.66 56.18
N GLU F 591 10.82 4.82 57.06
CA GLU F 591 11.37 5.25 58.34
C GLU F 591 12.85 4.88 58.45
N VAL F 592 13.66 5.87 58.80
CA VAL F 592 15.09 5.66 58.92
C VAL F 592 15.51 6.05 60.33
N GLU F 593 16.73 5.66 60.70
CA GLU F 593 17.34 6.15 61.92
C GLU F 593 18.74 6.57 61.55
N ILE F 594 19.08 7.81 61.87
CA ILE F 594 20.40 8.35 61.56
C ILE F 594 21.31 8.34 62.78
N ASP F 595 22.62 8.26 62.58
CA ASP F 595 23.51 8.44 63.71
C ASP F 595 24.11 9.82 63.52
N CYS F 596 23.80 10.77 64.38
CA CYS F 596 24.24 12.17 64.21
C CYS F 596 25.69 12.38 64.52
N LEU F 597 26.37 11.34 64.96
CA LEU F 597 27.79 11.48 65.23
C LEU F 597 28.68 10.96 64.07
N THR F 598 28.12 10.16 63.17
CA THR F 598 28.90 9.62 62.10
C THR F 598 28.24 9.88 60.75
N GLY F 599 27.02 10.37 60.74
CA GLY F 599 26.30 10.46 59.44
C GLY F 599 25.81 9.13 58.85
N ASP F 600 26.08 8.02 59.54
CA ASP F 600 25.53 6.74 59.14
C ASP F 600 24.01 6.59 59.39
N HIS F 601 23.35 5.63 58.74
CA HIS F 601 21.89 5.43 58.96
C HIS F 601 21.39 4.04 58.69
N LYS F 602 20.38 3.59 59.43
CA LYS F 602 19.62 2.35 59.11
C LYS F 602 18.27 2.69 58.41
N ASN F 603 17.86 1.89 57.43
CA ASN F 603 16.51 2.02 56.86
C ASN F 603 15.66 1.03 57.63
N LEU F 604 14.74 1.51 58.43
CA LEU F 604 14.09 0.62 59.38
C LEU F 604 12.91 -0.07 58.74
N ARG F 605 12.14 0.68 57.95
CA ARG F 605 10.87 0.20 57.41
C ARG F 605 10.40 0.98 56.20
N THR F 606 9.87 0.26 55.21
CA THR F 606 9.27 0.89 54.07
C THR F 606 8.06 0.10 53.64
N ASP F 607 6.96 0.83 53.46
CA ASP F 607 5.72 0.27 52.93
C ASP F 607 5.50 0.89 51.60
N ILE F 608 5.03 0.09 50.66
CA ILE F 608 4.76 0.61 49.33
C ILE F 608 3.42 0.07 48.87
N VAL F 609 2.65 0.94 48.19
CA VAL F 609 1.39 0.60 47.58
C VAL F 609 1.42 1.21 46.19
N MET F 610 1.60 0.36 45.17
CA MET F 610 1.62 0.77 43.75
C MET F 610 0.29 0.49 43.08
N ASP F 611 -0.16 1.43 42.24
CA ASP F 611 -1.23 1.15 41.28
C ASP F 611 -0.64 0.65 39.95
N VAL F 612 -0.67 -0.68 39.76
CA VAL F 612 -0.28 -1.31 38.50
C VAL F 612 -1.51 -1.78 37.69
N GLY F 613 -2.70 -1.42 38.13
CA GLY F 613 -3.90 -1.98 37.55
C GLY F 613 -3.93 -3.44 37.88
N SER F 614 -4.41 -4.25 36.94
CA SER F 614 -4.43 -5.70 37.12
C SER F 614 -3.17 -6.33 36.56
N SER F 615 -2.22 -6.56 37.45
CA SER F 615 -0.97 -7.12 37.04
C SER F 615 -1.14 -8.39 36.22
N LEU F 616 -0.34 -8.53 35.16
CA LEU F 616 -0.31 -9.78 34.37
C LEU F 616 0.43 -10.89 35.13
N ASN F 617 1.29 -10.46 36.06
CA ASN F 617 2.15 -11.32 36.85
C ASN F 617 2.57 -10.57 38.13
N PRO F 618 1.77 -10.70 39.21
CA PRO F 618 2.07 -10.09 40.54
C PRO F 618 3.52 -10.25 40.97
N ALA F 619 4.03 -11.46 40.86
CA ALA F 619 5.40 -11.76 41.29
C ALA F 619 6.41 -10.88 40.55
N ILE F 620 6.32 -10.85 39.23
CA ILE F 620 7.15 -10.00 38.40
C ILE F 620 6.98 -8.54 38.80
N ASP F 621 5.72 -8.08 38.87
CA ASP F 621 5.46 -6.66 39.13
C ASP F 621 5.92 -6.23 40.53
N ILE F 622 5.70 -7.05 41.55
CA ILE F 622 6.24 -6.72 42.84
C ILE F 622 7.78 -6.62 42.70
N GLY F 623 8.32 -7.52 41.89
CA GLY F 623 9.76 -7.65 41.69
C GLY F 623 10.25 -6.43 40.98
N GLN F 624 9.36 -5.78 40.23
CA GLN F 624 9.71 -4.53 39.54
C GLN F 624 9.71 -3.32 40.46
N VAL F 625 8.70 -3.22 41.33
CA VAL F 625 8.64 -2.23 42.41
C VAL F 625 9.84 -2.29 43.35
N GLU F 626 10.22 -3.48 43.79
CA GLU F 626 11.31 -3.61 44.77
C GLU F 626 12.64 -3.21 44.14
N GLY F 627 12.86 -3.65 42.91
CA GLY F 627 14.07 -3.26 42.16
C GLY F 627 14.11 -1.77 41.87
N ALA F 628 13.05 -1.25 41.28
CA ALA F 628 13.00 0.19 41.01
C ALA F 628 13.33 1.00 42.27
N PHE F 629 12.65 0.66 43.37
CA PHE F 629 12.80 1.34 44.66
C PHE F 629 14.23 1.34 45.20
N VAL F 630 14.90 0.23 45.06
CA VAL F 630 16.22 0.10 45.67
C VAL F 630 17.28 0.85 44.86
N GLN F 631 17.05 0.96 43.54
CA GLN F 631 17.91 1.77 42.71
C GLN F 631 17.70 3.24 42.99
N GLY F 632 16.42 3.66 43.13
CA GLY F 632 16.10 5.00 43.68
C GLY F 632 16.77 5.28 45.02
N LEU F 633 16.57 4.39 45.99
CA LEU F 633 17.22 4.52 47.27
C LEU F 633 18.73 4.69 47.07
N GLY F 634 19.23 4.18 45.94
CA GLY F 634 20.65 4.21 45.67
C GLY F 634 21.00 5.57 45.12
N LEU F 635 20.18 6.02 44.19
CA LEU F 635 20.28 7.37 43.65
C LEU F 635 20.28 8.50 44.71
N PHE F 636 19.35 8.43 45.67
CA PHE F 636 19.18 9.47 46.66
C PHE F 636 19.98 9.37 47.94
N THR F 637 20.50 8.19 48.28
CA THR F 637 21.25 8.08 49.56
C THR F 637 22.65 7.43 49.55
N LEU F 638 23.16 6.96 48.42
CA LEU F 638 24.29 6.05 48.47
C LEU F 638 25.28 6.18 47.32
N GLU F 639 24.77 6.43 46.11
CA GLU F 639 25.61 6.35 44.93
C GLU F 639 26.08 7.72 44.60
N GLU F 640 27.40 7.81 44.49
CA GLU F 640 28.08 9.06 44.27
C GLU F 640 29.26 8.91 43.28
N LEU F 641 29.12 9.54 42.10
CA LEU F 641 30.21 9.70 41.13
C LEU F 641 31.06 10.90 41.48
N HIS F 642 32.35 10.70 41.65
CA HIS F 642 33.19 11.83 42.01
C HIS F 642 34.31 12.05 40.98
N TYR F 643 34.49 13.30 40.55
CA TYR F 643 35.44 13.63 39.47
C TYR F 643 36.58 14.49 39.99
N SER F 644 37.71 14.53 39.27
CA SER F 644 38.81 15.45 39.59
C SER F 644 38.44 16.88 39.17
N PRO F 645 39.18 17.91 39.65
CA PRO F 645 38.87 19.24 39.10
C PRO F 645 39.01 19.23 37.59
N GLU F 646 39.87 18.35 37.07
CA GLU F 646 40.12 18.24 35.60
C GLU F 646 39.07 17.46 34.81
N GLY F 647 38.14 16.79 35.49
CA GLY F 647 37.08 16.07 34.80
C GLY F 647 37.27 14.58 34.65
N SER F 648 38.27 14.05 35.33
CA SER F 648 38.57 12.65 35.32
C SER F 648 37.75 11.98 36.44
N LEU F 649 36.95 10.99 36.08
CA LEU F 649 36.18 10.19 37.04
C LEU F 649 37.05 9.36 38.02
N HIS F 650 36.81 9.48 39.32
CA HIS F 650 37.57 8.72 40.34
C HIS F 650 36.89 7.39 40.72
N THR F 651 35.55 7.42 40.71
CA THR F 651 34.77 6.29 41.15
C THR F 651 34.52 5.33 39.98
N ARG F 652 35.32 4.25 39.92
CA ARG F 652 35.34 3.34 38.76
C ARG F 652 35.18 1.84 39.09
N GLY F 653 34.61 1.54 40.24
CA GLY F 653 34.36 0.16 40.60
C GLY F 653 33.49 0.13 41.82
N PRO F 654 33.05 -1.08 42.24
CA PRO F 654 32.24 -1.31 43.45
C PRO F 654 32.90 -0.80 44.73
N SER F 655 34.23 -0.78 44.77
CA SER F 655 34.93 -0.34 45.98
C SER F 655 34.81 1.16 46.26
N THR F 656 34.59 1.99 45.24
CA THR F 656 34.46 3.45 45.45
C THR F 656 33.08 4.00 45.09
N TYR F 657 32.34 3.25 44.28
CA TYR F 657 30.94 3.55 43.99
C TYR F 657 30.05 2.46 44.65
N LYS F 658 29.20 2.90 45.58
CA LYS F 658 28.45 1.98 46.44
C LYS F 658 27.02 1.92 46.03
N ILE F 659 26.69 0.95 45.21
CA ILE F 659 25.31 0.62 44.97
C ILE F 659 24.74 -0.14 46.19
N PRO F 660 23.41 -0.19 46.32
CA PRO F 660 22.83 -0.93 47.46
C PRO F 660 23.21 -2.42 47.59
N ALA F 661 23.53 -2.83 48.82
CA ALA F 661 23.98 -4.18 49.17
C ALA F 661 22.83 -4.89 49.87
N PHE F 662 22.87 -6.22 49.98
CA PHE F 662 21.86 -6.96 50.80
C PHE F 662 21.35 -6.15 52.02
N GLY F 663 22.29 -5.82 52.91
CA GLY F 663 22.02 -5.15 54.17
C GLY F 663 21.73 -3.67 54.11
N SER F 664 21.55 -3.12 52.92
CA SER F 664 21.13 -1.74 52.79
C SER F 664 19.62 -1.65 52.83
N ILE F 665 18.92 -2.71 52.37
CA ILE F 665 17.48 -2.64 52.20
C ILE F 665 16.76 -2.50 53.53
N PRO F 666 15.54 -1.93 53.51
CA PRO F 666 14.93 -1.73 54.82
C PRO F 666 14.72 -3.08 55.46
N THR F 667 15.04 -3.14 56.74
CA THR F 667 14.78 -4.29 57.58
C THR F 667 13.36 -4.84 57.36
N GLU F 668 12.38 -3.92 57.30
CA GLU F 668 10.99 -4.25 57.06
C GLU F 668 10.60 -3.61 55.73
N PHE F 669 10.35 -4.45 54.74
CA PHE F 669 10.20 -4.00 53.37
C PHE F 669 8.92 -4.64 52.85
N ARG F 670 7.82 -3.89 52.90
CA ARG F 670 6.49 -4.35 52.46
C ARG F 670 6.02 -3.68 51.17
N VAL F 671 5.56 -4.47 50.21
CA VAL F 671 5.03 -3.92 48.96
C VAL F 671 3.63 -4.48 48.72
N SER F 672 2.67 -3.64 48.38
CA SER F 672 1.35 -4.13 48.02
C SER F 672 0.92 -3.56 46.67
N LEU F 673 0.23 -4.39 45.89
CA LEU F 673 -0.34 -3.91 44.66
C LEU F 673 -1.79 -3.47 44.94
N LEU F 674 -2.20 -2.34 44.35
CA LEU F 674 -3.54 -1.84 44.63
C LEU F 674 -4.58 -2.76 43.99
N ARG F 675 -5.67 -3.00 44.72
CA ARG F 675 -6.68 -3.97 44.29
C ARG F 675 -7.86 -3.29 43.60
N ASP F 676 -8.41 -3.99 42.62
CA ASP F 676 -9.61 -3.58 41.87
C ASP F 676 -9.49 -2.22 41.22
N CYS F 677 -8.43 -2.05 40.44
CA CYS F 677 -8.26 -0.85 39.67
C CYS F 677 -7.82 -1.16 38.24
N PRO F 678 -8.72 -1.81 37.46
CA PRO F 678 -8.40 -2.13 36.08
C PRO F 678 -7.99 -0.87 35.30
N ASN F 679 -7.08 -1.02 34.33
CA ASN F 679 -6.68 0.04 33.39
C ASN F 679 -7.20 -0.26 31.96
N LYS F 680 -8.20 0.49 31.51
CA LYS F 680 -8.81 0.34 30.18
C LYS F 680 -7.80 0.56 29.05
N LYS F 681 -6.77 1.37 29.30
CA LYS F 681 -5.91 1.85 28.23
C LYS F 681 -4.82 0.86 27.79
N ALA F 682 -4.71 -0.30 28.42
CA ALA F 682 -3.59 -1.21 28.12
C ALA F 682 -3.93 -2.69 28.22
N ILE F 683 -3.11 -3.51 27.55
CA ILE F 683 -3.34 -4.95 27.42
C ILE F 683 -3.79 -5.61 28.73
N TYR F 684 -4.97 -6.23 28.68
CA TYR F 684 -5.59 -6.93 29.82
C TYR F 684 -5.68 -6.11 31.13
N ALA F 685 -5.99 -4.83 30.99
CA ALA F 685 -6.23 -3.92 32.13
C ALA F 685 -5.03 -3.73 33.06
N SER F 686 -3.82 -4.02 32.59
CA SER F 686 -2.58 -3.85 33.38
C SER F 686 -1.95 -2.47 33.18
N LYS F 687 -0.85 -2.22 33.93
CA LYS F 687 -0.08 -0.95 33.86
C LYS F 687 1.41 -1.15 33.79
N ALA F 688 2.09 -0.26 33.08
CA ALA F 688 3.57 -0.22 33.10
C ALA F 688 4.06 -0.04 34.55
N VAL F 689 5.12 -0.79 34.88
CA VAL F 689 5.64 -0.87 36.24
C VAL F 689 7.16 -0.64 36.34
N GLY F 690 7.84 -0.58 35.21
CA GLY F 690 9.32 -0.50 35.21
C GLY F 690 9.98 0.74 35.83
N GLU F 691 9.63 1.92 35.33
CA GLU F 691 10.26 3.14 35.82
C GLU F 691 9.50 3.86 36.94
N PRO F 692 8.14 3.84 36.93
CA PRO F 692 7.39 4.57 37.94
C PRO F 692 7.85 4.42 39.40
N PRO F 693 8.19 3.19 39.87
CA PRO F 693 8.49 3.10 41.31
C PRO F 693 9.82 3.66 41.75
N LEU F 694 10.81 3.76 40.86
CA LEU F 694 12.14 4.28 41.25
C LEU F 694 12.10 5.48 42.17
N PHE F 695 11.25 6.44 41.87
CA PHE F 695 11.29 7.71 42.59
C PHE F 695 10.79 7.57 44.00
N LEU F 696 9.97 6.57 44.27
CA LEU F 696 9.53 6.33 45.62
C LEU F 696 10.69 6.11 46.64
N GLY F 697 11.87 5.75 46.14
CA GLY F 697 13.08 5.65 46.97
C GLY F 697 13.48 6.98 47.63
N ALA F 698 13.01 8.09 47.07
CA ALA F 698 13.22 9.39 47.69
C ALA F 698 12.55 9.42 49.05
N SER F 699 11.60 8.53 49.32
CA SER F 699 10.97 8.51 50.63
C SER F 699 12.02 8.31 51.75
N VAL F 700 13.13 7.65 51.42
CA VAL F 700 14.23 7.56 52.34
C VAL F 700 14.99 8.87 52.40
N PHE F 701 15.31 9.48 51.27
CA PHE F 701 15.90 10.82 51.32
C PHE F 701 15.22 11.74 52.37
N PHE F 702 13.88 11.86 52.28
CA PHE F 702 13.14 12.83 53.07
C PHE F 702 12.95 12.35 54.49
N ALA F 703 12.94 11.04 54.70
CA ALA F 703 12.87 10.54 56.07
C ALA F 703 14.16 10.88 56.78
N ILE F 704 15.25 10.91 56.02
CA ILE F 704 16.55 11.25 56.57
C ILE F 704 16.56 12.74 56.81
N LYS F 705 15.85 13.50 55.97
CA LYS F 705 15.82 14.97 56.06
C LYS F 705 15.04 15.37 57.31
N ASP F 706 14.05 14.55 57.61
CA ASP F 706 13.24 14.68 58.81
C ASP F 706 14.11 14.47 60.08
N ALA F 707 14.95 13.45 60.02
CA ALA F 707 15.80 13.07 61.11
C ALA F 707 16.88 14.09 61.27
N ILE F 708 17.35 14.65 60.18
CA ILE F 708 18.36 15.69 60.27
C ILE F 708 17.73 16.91 60.94
N ARG F 709 16.55 17.36 60.47
CA ARG F 709 15.81 18.49 61.08
C ARG F 709 15.78 18.35 62.60
N ALA F 710 15.48 17.14 63.03
CA ALA F 710 15.29 16.80 64.43
C ALA F 710 16.58 16.93 65.21
N ALA F 711 17.69 16.48 64.61
CA ALA F 711 18.99 16.60 65.25
C ALA F 711 19.42 18.04 65.27
N ARG F 712 19.00 18.83 64.29
CA ARG F 712 19.33 20.24 64.30
C ARG F 712 18.64 21.00 65.41
N ALA F 713 17.33 20.78 65.61
CA ALA F 713 16.57 21.47 66.67
C ALA F 713 17.10 21.10 68.06
N GLN F 714 17.64 19.89 68.19
CA GLN F 714 18.38 19.44 69.40
C GLN F 714 19.64 20.25 69.68
N HIS F 715 20.53 20.31 68.69
CA HIS F 715 21.92 20.69 68.91
C HIS F 715 22.40 21.93 68.20
N THR F 716 21.54 22.60 67.43
CA THR F 716 21.98 23.83 66.75
C THR F 716 21.11 25.03 67.21
N ASN F 717 20.53 25.77 66.27
CA ASN F 717 19.54 26.81 66.60
C ASN F 717 18.15 26.24 67.02
N ASN F 718 17.10 27.07 66.87
CA ASN F 718 15.76 26.77 67.40
C ASN F 718 14.61 27.15 66.43
N ASN F 719 14.94 27.38 65.17
CA ASN F 719 13.91 27.54 64.15
C ASN F 719 13.18 26.24 63.85
N THR F 720 12.02 26.07 64.46
CA THR F 720 11.01 25.15 63.93
C THR F 720 10.84 25.40 62.41
N LYS F 721 11.23 26.62 61.95
CA LYS F 721 10.89 27.18 60.61
C LYS F 721 12.07 27.57 59.66
N GLU F 722 13.29 27.18 60.02
CA GLU F 722 14.48 27.32 59.15
C GLU F 722 14.54 26.22 58.10
N LEU F 723 15.22 26.54 57.00
CA LEU F 723 15.45 25.58 55.95
C LEU F 723 16.95 25.54 55.71
N PHE F 724 17.52 24.35 55.62
CA PHE F 724 18.93 24.20 55.20
C PHE F 724 18.92 23.48 53.86
N ARG F 725 20.00 23.61 53.09
CA ARG F 725 20.06 22.94 51.83
C ARG F 725 20.70 21.57 51.98
N LEU F 726 19.97 20.54 51.55
CA LEU F 726 20.46 19.18 51.50
C LEU F 726 20.31 18.69 50.05
N ASP F 727 21.46 18.49 49.40
CA ASP F 727 21.47 18.03 48.03
C ASP F 727 21.36 16.49 47.98
N SER F 728 21.05 15.96 46.80
CA SER F 728 21.10 14.53 46.55
C SER F 728 22.47 14.22 45.94
N PRO F 729 23.07 13.07 46.27
CA PRO F 729 22.57 12.09 47.21
C PRO F 729 23.00 12.47 48.61
N ALA F 730 22.14 12.15 49.59
CA ALA F 730 22.44 12.40 50.99
C ALA F 730 23.35 11.34 51.54
N THR F 731 24.63 11.44 51.29
CA THR F 731 25.55 10.42 51.83
C THR F 731 25.95 10.67 53.30
N PRO F 732 26.76 9.76 53.85
CA PRO F 732 27.25 9.99 55.21
C PRO F 732 27.91 11.36 55.41
N GLU F 733 28.79 11.80 54.51
CA GLU F 733 29.34 13.16 54.63
C GLU F 733 28.24 14.21 54.80
N LYS F 734 27.29 14.27 53.86
CA LYS F 734 26.37 15.39 53.79
C LYS F 734 25.50 15.36 55.03
N ILE F 735 25.17 14.14 55.45
CA ILE F 735 24.33 13.96 56.60
C ILE F 735 25.03 14.43 57.86
N ARG F 736 26.27 13.98 58.09
CA ARG F 736 27.00 14.41 59.29
C ARG F 736 27.19 15.92 59.34
N ASN F 737 27.48 16.53 58.18
CA ASN F 737 27.79 17.97 58.11
C ASN F 737 26.61 18.85 58.49
N ALA F 738 25.40 18.35 58.29
CA ALA F 738 24.16 19.09 58.54
C ALA F 738 23.71 18.89 59.98
N CYS F 739 24.30 17.93 60.67
CA CYS F 739 24.11 17.79 62.13
C CYS F 739 25.07 18.72 62.86
N VAL F 740 24.79 20.02 62.69
CA VAL F 740 25.65 21.03 63.25
C VAL F 740 25.64 20.83 64.78
N ASP F 741 26.83 20.68 65.37
CA ASP F 741 26.87 20.52 66.81
C ASP F 741 28.19 21.05 67.41
N LYS F 742 28.33 20.88 68.72
CA LYS F 742 29.54 21.29 69.40
C LYS F 742 30.81 20.73 68.73
N PHE F 743 30.68 19.71 67.86
CA PHE F 743 31.86 19.14 67.16
C PHE F 743 32.15 19.72 65.78
N THR F 744 31.11 19.95 64.98
CA THR F 744 31.30 20.49 63.61
C THR F 744 31.72 21.97 63.62
N THR F 745 31.36 22.65 64.71
CA THR F 745 31.83 23.99 65.08
C THR F 745 32.79 23.71 66.23
N ALA G 3 -20.34 41.11 -44.62
CA ALA G 3 -21.17 39.97 -45.09
C ALA G 3 -22.65 40.29 -44.96
N ASP G 4 -23.44 39.87 -45.94
CA ASP G 4 -24.88 40.03 -45.87
C ASP G 4 -25.49 39.20 -44.73
N GLU G 5 -26.76 39.46 -44.42
CA GLU G 5 -27.50 38.72 -43.41
C GLU G 5 -28.19 37.51 -44.01
N LEU G 6 -28.28 36.42 -43.26
CA LEU G 6 -29.06 35.29 -43.70
C LEU G 6 -30.41 35.32 -42.95
N VAL G 7 -31.49 35.22 -43.70
CA VAL G 7 -32.84 35.36 -43.15
C VAL G 7 -33.66 34.16 -43.62
N PHE G 8 -34.12 33.36 -42.67
CA PHE G 8 -35.00 32.24 -42.99
C PHE G 8 -35.94 32.04 -41.84
N PHE G 9 -36.87 31.10 -41.98
CA PHE G 9 -37.86 30.84 -40.92
C PHE G 9 -37.78 29.41 -40.36
N VAL G 10 -38.13 29.26 -39.09
CA VAL G 10 -38.17 27.95 -38.50
C VAL G 10 -39.45 27.88 -37.68
N ASN G 11 -40.34 26.96 -38.04
CA ASN G 11 -41.62 26.83 -37.35
C ASN G 11 -42.29 28.20 -37.30
N GLY G 12 -42.36 28.87 -38.46
CA GLY G 12 -43.00 30.20 -38.61
C GLY G 12 -42.35 31.34 -37.84
N LYS G 13 -41.15 31.09 -37.32
CA LYS G 13 -40.46 32.09 -36.52
C LYS G 13 -39.14 32.51 -37.16
N LYS G 14 -38.95 33.81 -37.32
CA LYS G 14 -37.84 34.38 -38.07
C LYS G 14 -36.48 34.22 -37.38
N VAL G 15 -35.48 33.89 -38.18
CA VAL G 15 -34.10 33.77 -37.74
C VAL G 15 -33.28 34.72 -38.61
N VAL G 16 -32.60 35.66 -37.98
CA VAL G 16 -31.73 36.57 -38.70
C VAL G 16 -30.30 36.25 -38.30
N GLU G 17 -29.62 35.46 -39.12
CA GLU G 17 -28.21 35.13 -38.89
C GLU G 17 -27.28 36.13 -39.57
N LYS G 18 -26.58 36.91 -38.76
CA LYS G 18 -25.78 38.01 -39.27
C LYS G 18 -24.42 37.50 -39.69
N ASN G 19 -24.03 36.36 -39.15
CA ASN G 19 -22.69 35.79 -39.38
C ASN G 19 -22.66 34.38 -39.95
N ALA G 20 -23.54 34.11 -40.91
CA ALA G 20 -23.64 32.76 -41.38
C ALA G 20 -22.25 32.25 -41.78
N ASP G 21 -21.83 31.12 -41.19
CA ASP G 21 -20.73 30.32 -41.74
C ASP G 21 -21.28 29.45 -42.88
N PRO G 22 -20.61 29.43 -44.06
CA PRO G 22 -21.04 28.64 -45.21
C PRO G 22 -21.08 27.15 -44.88
N GLU G 23 -20.19 26.73 -44.00
CA GLU G 23 -20.04 25.33 -43.65
C GLU G 23 -21.07 24.84 -42.64
N THR G 24 -21.97 25.72 -42.20
CA THR G 24 -23.02 25.31 -41.29
C THR G 24 -24.19 24.56 -41.96
N THR G 25 -24.43 23.35 -41.49
CA THR G 25 -25.60 22.57 -41.89
C THR G 25 -26.89 23.03 -41.18
N LEU G 26 -28.03 22.84 -41.81
CA LEU G 26 -29.27 23.10 -41.12
C LEU G 26 -29.36 22.26 -39.85
N LEU G 27 -28.84 21.04 -39.91
CA LEU G 27 -29.07 20.11 -38.80
C LEU G 27 -28.42 20.67 -37.54
N ALA G 28 -27.14 21.04 -37.67
CA ALA G 28 -26.36 21.61 -36.59
C ALA G 28 -26.93 22.95 -36.14
N TYR G 29 -27.41 23.79 -37.07
CA TYR G 29 -28.00 25.04 -36.66
C TYR G 29 -29.24 24.87 -35.81
N LEU G 30 -30.11 23.95 -36.19
CA LEU G 30 -31.31 23.70 -35.40
C LEU G 30 -30.95 23.15 -34.03
N ARG G 31 -30.06 22.16 -34.02
CA ARG G 31 -29.79 21.40 -32.79
C ARG G 31 -29.08 22.28 -31.77
N ARG G 32 -28.03 22.97 -32.22
CA ARG G 32 -27.04 23.58 -31.35
C ARG G 32 -27.11 25.11 -31.24
N LYS G 33 -27.64 25.77 -32.25
CA LYS G 33 -27.87 27.20 -32.12
C LYS G 33 -29.31 27.48 -31.68
N LEU G 34 -30.29 26.75 -32.19
CA LEU G 34 -31.69 27.06 -31.94
C LEU G 34 -32.28 26.18 -30.87
N GLY G 35 -31.70 25.01 -30.63
CA GLY G 35 -32.12 24.18 -29.50
C GLY G 35 -33.36 23.37 -29.80
N LEU G 36 -33.64 23.17 -31.08
CA LEU G 36 -34.69 22.27 -31.49
C LEU G 36 -34.05 20.90 -31.72
N ARG G 37 -34.16 20.01 -30.75
CA ARG G 37 -33.43 18.74 -30.83
C ARG G 37 -34.16 17.56 -31.38
N GLY G 38 -35.43 17.78 -31.74
CA GLY G 38 -36.30 16.77 -32.37
C GLY G 38 -35.71 16.24 -33.65
N THR G 39 -34.97 17.09 -34.38
CA THR G 39 -34.23 16.63 -35.53
C THR G 39 -32.89 15.99 -35.11
N LYS G 40 -32.69 14.74 -35.56
CA LYS G 40 -31.60 13.86 -35.12
C LYS G 40 -30.58 13.61 -36.19
N LEU G 41 -29.34 13.47 -35.74
CA LEU G 41 -28.24 13.01 -36.56
C LEU G 41 -28.25 11.51 -36.54
N GLY G 42 -28.43 10.91 -37.71
CA GLY G 42 -28.31 9.45 -37.90
C GLY G 42 -27.08 8.93 -38.65
N CYS G 43 -26.53 9.74 -39.57
CA CYS G 43 -25.42 9.31 -40.43
C CYS G 43 -24.61 10.42 -41.11
N GLY G 44 -25.19 11.61 -41.22
CA GLY G 44 -24.51 12.75 -41.83
C GLY G 44 -24.21 12.57 -43.32
N GLU G 45 -24.94 11.70 -44.02
CA GLU G 45 -24.62 11.37 -45.41
C GLU G 45 -25.83 11.01 -46.30
N GLY G 46 -27.04 11.40 -45.89
CA GLY G 46 -28.23 11.35 -46.73
C GLY G 46 -29.01 10.05 -46.80
N GLY G 47 -28.64 9.06 -45.98
CA GLY G 47 -29.10 7.68 -46.17
C GLY G 47 -30.20 7.23 -45.23
N CYS G 48 -30.23 7.80 -44.02
CA CYS G 48 -31.12 7.34 -42.97
C CYS G 48 -32.41 8.16 -42.76
N GLY G 49 -32.41 9.45 -43.15
CA GLY G 49 -33.58 10.33 -42.96
C GLY G 49 -33.91 10.65 -41.51
N ALA G 50 -32.99 10.43 -40.58
CA ALA G 50 -33.26 10.82 -39.19
C ALA G 50 -33.41 12.34 -39.02
N CYS G 51 -32.65 13.07 -39.84
CA CYS G 51 -32.60 14.51 -39.84
C CYS G 51 -33.55 15.18 -40.82
N THR G 52 -34.69 14.53 -41.11
CA THR G 52 -35.63 15.04 -42.12
C THR G 52 -36.51 16.21 -41.70
N VAL G 53 -36.51 17.29 -42.49
CA VAL G 53 -37.41 18.41 -42.22
C VAL G 53 -38.28 18.73 -43.45
N MET G 54 -39.27 19.60 -43.28
CA MET G 54 -39.95 20.15 -44.45
C MET G 54 -39.41 21.55 -44.77
N LEU G 55 -39.27 21.83 -46.07
CA LEU G 55 -38.87 23.13 -46.52
C LEU G 55 -39.99 23.74 -47.37
N SER G 56 -40.18 25.05 -47.23
CA SER G 56 -41.19 25.74 -47.99
C SER G 56 -40.57 26.96 -48.58
N LYS G 57 -40.81 27.15 -49.86
CA LYS G 57 -40.48 28.40 -50.52
C LYS G 57 -41.54 28.74 -51.54
N TYR G 58 -41.65 30.04 -51.81
CA TYR G 58 -42.47 30.55 -52.88
C TYR G 58 -41.70 30.29 -54.17
N ASP G 59 -42.34 29.65 -55.13
CA ASP G 59 -41.70 29.44 -56.41
C ASP G 59 -42.07 30.54 -57.42
N ARG G 60 -41.04 31.28 -57.86
CA ARG G 60 -41.20 32.42 -58.76
C ARG G 60 -41.64 32.04 -60.20
N LEU G 61 -42.20 30.85 -60.38
CA LEU G 61 -42.55 30.32 -61.70
C LEU G 61 -43.88 29.59 -61.60
N GLN G 62 -43.89 28.41 -60.96
CA GLN G 62 -45.14 27.67 -60.79
C GLN G 62 -46.19 28.51 -60.03
N ASP G 63 -45.84 29.81 -59.83
CA ASP G 63 -46.49 30.69 -58.86
C ASP G 63 -46.38 30.09 -57.44
N LYS G 64 -47.35 29.28 -57.03
CA LYS G 64 -47.51 28.75 -55.65
C LYS G 64 -46.30 28.58 -54.70
N ILE G 65 -46.63 28.37 -53.44
CA ILE G 65 -45.65 27.93 -52.47
C ILE G 65 -45.44 26.42 -52.64
N ILE G 66 -44.20 25.95 -52.71
CA ILE G 66 -43.98 24.51 -52.78
C ILE G 66 -43.50 23.96 -51.44
N HIS G 67 -43.73 22.66 -51.23
CA HIS G 67 -43.32 22.00 -50.01
C HIS G 67 -42.61 20.71 -50.39
N PHE G 68 -41.40 20.52 -49.89
CA PHE G 68 -40.68 19.26 -50.12
C PHE G 68 -39.90 18.88 -48.89
N SER G 69 -39.38 17.65 -48.87
CA SER G 69 -38.63 17.20 -47.73
C SER G 69 -37.17 17.33 -48.10
N ALA G 70 -36.27 17.42 -47.11
CA ALA G 70 -34.82 17.56 -47.34
C ALA G 70 -34.06 17.00 -46.17
N ASN G 71 -32.87 16.45 -46.40
CA ASN G 71 -32.03 16.01 -45.28
C ASN G 71 -31.35 17.21 -44.61
N ALA G 72 -31.57 17.41 -43.30
CA ALA G 72 -31.01 18.58 -42.63
C ALA G 72 -29.47 18.53 -42.44
N CYS G 73 -28.92 17.30 -42.49
CA CYS G 73 -27.49 17.05 -42.27
C CYS G 73 -26.68 17.43 -43.49
N LEU G 74 -27.36 17.76 -44.59
CA LEU G 74 -26.70 18.09 -45.85
C LEU G 74 -27.09 19.43 -46.42
N ALA G 75 -28.12 20.06 -45.88
CA ALA G 75 -28.54 21.38 -46.36
C ALA G 75 -27.64 22.46 -45.76
N PRO G 76 -26.83 23.12 -46.59
CA PRO G 76 -26.12 24.24 -46.01
C PRO G 76 -27.16 25.32 -45.62
N ILE G 77 -26.99 26.00 -44.49
CA ILE G 77 -27.97 27.02 -44.13
C ILE G 77 -27.95 28.14 -45.17
N CYS G 78 -26.77 28.40 -45.75
CA CYS G 78 -26.64 29.45 -46.80
C CYS G 78 -27.44 29.23 -48.06
N THR G 79 -28.07 28.07 -48.20
CA THR G 79 -29.03 27.88 -49.30
C THR G 79 -30.45 28.23 -48.87
N LEU G 80 -30.62 28.64 -47.63
CA LEU G 80 -31.95 28.70 -47.04
C LEU G 80 -32.58 30.09 -46.96
N HIS G 81 -31.88 31.09 -47.53
CA HIS G 81 -32.36 32.45 -47.49
C HIS G 81 -33.75 32.47 -48.11
N HIS G 82 -34.69 33.00 -47.32
CA HIS G 82 -36.11 33.11 -47.69
C HIS G 82 -36.80 31.77 -47.92
N VAL G 83 -36.28 30.75 -47.25
CA VAL G 83 -36.85 29.42 -47.28
C VAL G 83 -37.37 29.23 -45.89
N ALA G 84 -38.43 28.44 -45.74
CA ALA G 84 -39.05 28.20 -44.44
C ALA G 84 -38.95 26.72 -43.98
N VAL G 85 -38.33 26.51 -42.83
CA VAL G 85 -38.10 25.17 -42.28
C VAL G 85 -39.26 24.86 -41.37
N THR G 86 -39.70 23.61 -41.42
CA THR G 86 -40.62 23.06 -40.45
C THR G 86 -40.00 21.77 -39.94
N THR G 87 -39.79 21.69 -38.61
CA THR G 87 -39.22 20.51 -37.99
C THR G 87 -40.32 19.80 -37.25
N VAL G 88 -40.00 18.65 -36.65
CA VAL G 88 -41.01 17.85 -35.95
C VAL G 88 -41.78 18.66 -34.91
N GLU G 89 -41.10 19.42 -34.06
CA GLU G 89 -41.80 20.23 -33.04
C GLU G 89 -42.57 21.43 -33.64
N GLY G 90 -42.53 21.54 -34.97
CA GLY G 90 -43.30 22.57 -35.65
C GLY G 90 -44.75 22.18 -35.93
N ILE G 91 -45.08 20.88 -35.78
CA ILE G 91 -46.40 20.36 -36.20
C ILE G 91 -47.32 19.87 -35.08
N GLY G 92 -46.84 19.87 -33.84
CA GLY G 92 -47.57 19.26 -32.74
C GLY G 92 -46.64 18.86 -31.62
N SER G 93 -47.22 18.60 -30.44
CA SER G 93 -46.47 18.34 -29.20
C SER G 93 -47.44 17.83 -28.12
N THR G 94 -46.93 17.03 -27.19
CA THR G 94 -47.77 16.48 -26.14
C THR G 94 -48.13 17.57 -25.12
N LYS G 95 -47.58 18.76 -25.28
CA LYS G 95 -47.92 19.88 -24.43
C LYS G 95 -49.16 20.62 -24.91
N THR G 96 -49.47 20.48 -26.19
CA THR G 96 -50.61 21.12 -26.85
C THR G 96 -51.43 20.05 -27.62
N ARG G 97 -51.08 19.80 -28.87
CA ARG G 97 -51.79 18.82 -29.68
C ARG G 97 -50.84 18.08 -30.57
N LEU G 98 -50.93 16.76 -30.60
CA LEU G 98 -50.16 16.01 -31.58
C LEU G 98 -50.80 16.27 -32.92
N HIS G 99 -50.00 16.28 -33.98
CA HIS G 99 -50.55 16.29 -35.32
C HIS G 99 -51.06 14.87 -35.58
N PRO G 100 -52.14 14.72 -36.38
CA PRO G 100 -52.57 13.33 -36.71
C PRO G 100 -51.42 12.36 -37.08
N VAL G 101 -50.40 12.84 -37.79
CA VAL G 101 -49.29 11.97 -38.16
C VAL G 101 -48.57 11.42 -36.93
N GLN G 102 -48.40 12.28 -35.96
CA GLN G 102 -47.75 11.88 -34.71
C GLN G 102 -48.60 10.85 -33.95
N GLU G 103 -49.84 11.21 -33.65
CA GLU G 103 -50.74 10.36 -32.88
C GLU G 103 -50.84 8.94 -33.49
N ARG G 104 -51.00 8.91 -34.80
CA ARG G 104 -51.17 7.70 -35.62
C ARG G 104 -49.98 6.75 -35.56
N ILE G 105 -48.77 7.29 -35.60
CA ILE G 105 -47.58 6.44 -35.50
C ILE G 105 -47.38 5.98 -34.06
N ALA G 106 -47.75 6.80 -33.09
CA ALA G 106 -47.66 6.35 -31.71
C ALA G 106 -48.64 5.21 -31.41
N LYS G 107 -49.94 5.45 -31.62
CA LYS G 107 -50.97 4.49 -31.19
C LYS G 107 -50.88 3.23 -32.03
N SER G 108 -50.22 3.35 -33.18
CA SER G 108 -49.99 2.26 -34.10
C SER G 108 -48.81 1.38 -33.82
N HIS G 109 -48.06 1.58 -32.72
CA HIS G 109 -46.84 0.78 -32.41
C HIS G 109 -45.78 0.97 -33.48
N GLY G 110 -45.80 2.16 -34.08
CA GLY G 110 -44.82 2.58 -35.11
C GLY G 110 -43.52 3.17 -34.60
N SER G 111 -43.45 3.40 -33.30
CA SER G 111 -42.22 3.83 -32.67
C SER G 111 -41.81 2.87 -31.57
N GLN G 112 -40.55 2.46 -31.60
CA GLN G 112 -39.98 1.58 -30.57
C GLN G 112 -38.90 2.34 -29.78
N CYS G 113 -37.62 2.27 -30.17
CA CYS G 113 -36.62 3.19 -29.59
C CYS G 113 -36.96 4.65 -29.83
N GLY G 114 -37.56 4.95 -30.98
CA GLY G 114 -38.12 6.30 -31.24
C GLY G 114 -37.23 7.31 -31.96
N PHE G 115 -36.01 6.93 -32.32
CA PHE G 115 -35.03 7.85 -32.88
C PHE G 115 -35.34 8.29 -34.28
N CYS G 116 -35.96 7.39 -35.04
CA CYS G 116 -36.24 7.61 -36.46
C CYS G 116 -37.63 8.14 -36.68
N THR G 117 -38.43 8.21 -35.61
CA THR G 117 -39.80 8.71 -35.68
C THR G 117 -39.91 10.14 -36.19
N PRO G 118 -39.20 11.09 -35.55
CA PRO G 118 -39.37 12.49 -36.00
C PRO G 118 -39.18 12.59 -37.51
N GLY G 119 -38.17 11.90 -38.03
CA GLY G 119 -37.91 11.92 -39.45
C GLY G 119 -38.99 11.29 -40.29
N ILE G 120 -39.52 10.16 -39.83
CA ILE G 120 -40.55 9.47 -40.60
C ILE G 120 -41.82 10.30 -40.56
N VAL G 121 -42.11 10.86 -39.38
CA VAL G 121 -43.24 11.77 -39.25
C VAL G 121 -43.12 12.93 -40.25
N MET G 122 -41.92 13.50 -40.36
CA MET G 122 -41.73 14.58 -41.32
C MET G 122 -41.87 14.13 -42.79
N SER G 123 -41.45 12.91 -43.09
CA SER G 123 -41.63 12.39 -44.45
C SER G 123 -43.10 12.17 -44.82
N MET G 124 -43.94 11.84 -43.83
CA MET G 124 -45.37 11.62 -44.05
C MET G 124 -46.10 12.96 -43.95
N TYR G 125 -45.68 13.80 -43.03
CA TYR G 125 -46.23 15.15 -42.94
C TYR G 125 -46.08 15.92 -44.25
N THR G 126 -44.95 15.71 -44.90
CA THR G 126 -44.65 16.36 -46.17
C THR G 126 -45.50 15.78 -47.30
N LEU G 127 -45.53 14.44 -47.46
CA LEU G 127 -46.46 13.83 -48.42
C LEU G 127 -47.91 14.35 -48.29
N LEU G 128 -48.44 14.44 -47.06
CA LEU G 128 -49.81 14.91 -46.79
C LEU G 128 -49.99 16.41 -47.10
N ARG G 129 -48.90 17.15 -47.03
CA ARG G 129 -48.95 18.56 -47.34
C ARG G 129 -49.09 18.84 -48.85
N ASN G 130 -48.44 18.03 -49.68
CA ASN G 130 -48.56 18.12 -51.13
C ASN G 130 -49.80 17.42 -51.65
N GLN G 131 -50.32 16.47 -50.87
CA GLN G 131 -51.39 15.58 -51.30
C GLN G 131 -52.24 15.10 -50.12
N PRO G 132 -53.36 15.81 -49.84
CA PRO G 132 -54.12 15.56 -48.62
C PRO G 132 -54.72 14.17 -48.63
N GLU G 133 -54.93 13.60 -49.81
CA GLU G 133 -55.46 12.23 -49.91
C GLU G 133 -54.72 11.27 -50.87
N PRO G 134 -53.57 10.74 -50.42
CA PRO G 134 -52.70 9.88 -51.22
C PRO G 134 -53.14 8.41 -51.29
N THR G 135 -52.53 7.67 -52.22
CA THR G 135 -52.86 6.25 -52.48
C THR G 135 -51.86 5.47 -51.68
N VAL G 136 -52.19 4.20 -51.41
CA VAL G 136 -51.34 3.34 -50.59
C VAL G 136 -49.98 3.25 -51.23
N GLU G 137 -49.99 3.27 -52.57
CA GLU G 137 -48.77 3.30 -53.34
C GLU G 137 -47.98 4.52 -52.94
N GLU G 138 -48.61 5.70 -53.03
CA GLU G 138 -47.93 6.98 -52.75
C GLU G 138 -47.27 7.03 -51.37
N ILE G 139 -47.97 6.48 -50.38
CA ILE G 139 -47.49 6.42 -49.01
C ILE G 139 -46.22 5.57 -48.92
N GLU G 140 -46.26 4.32 -49.37
CA GLU G 140 -45.10 3.42 -49.22
C GLU G 140 -43.80 3.97 -49.84
N ASP G 141 -43.95 4.89 -50.77
CA ASP G 141 -42.80 5.46 -51.47
C ASP G 141 -42.21 6.69 -50.81
N ALA G 142 -43.02 7.32 -49.96
CA ALA G 142 -42.60 8.55 -49.26
C ALA G 142 -41.43 8.30 -48.31
N PHE G 143 -41.06 7.04 -48.16
CA PHE G 143 -40.16 6.67 -47.07
C PHE G 143 -38.92 5.95 -47.52
N GLN G 144 -38.50 6.11 -48.77
CA GLN G 144 -37.30 5.36 -49.21
C GLN G 144 -36.08 5.87 -48.49
N GLY G 145 -36.08 7.17 -48.20
CA GLY G 145 -34.97 7.81 -47.49
C GLY G 145 -35.00 7.70 -45.98
N ASN G 146 -35.83 6.82 -45.42
CA ASN G 146 -35.96 6.68 -43.94
C ASN G 146 -35.71 5.27 -43.44
N LEU G 147 -34.71 5.10 -42.56
CA LEU G 147 -34.34 3.78 -42.02
C LEU G 147 -34.82 3.61 -40.56
N CYS G 148 -35.43 2.45 -40.27
CA CYS G 148 -35.80 2.10 -38.91
C CYS G 148 -35.27 0.71 -38.60
N ARG G 149 -34.53 0.61 -37.50
CA ARG G 149 -33.89 -0.63 -37.11
C ARG G 149 -34.77 -1.53 -36.22
N CYS G 150 -35.79 -0.94 -35.60
CA CYS G 150 -36.52 -1.63 -34.54
C CYS G 150 -37.81 -2.27 -35.02
N THR G 151 -38.57 -1.53 -35.83
CA THR G 151 -39.98 -1.85 -36.00
C THR G 151 -40.23 -2.98 -36.97
N GLY G 152 -39.39 -3.05 -38.00
CA GLY G 152 -39.62 -3.94 -39.16
C GLY G 152 -40.61 -3.36 -40.16
N TYR G 153 -40.93 -2.09 -39.94
CA TYR G 153 -41.71 -1.25 -40.85
C TYR G 153 -43.23 -1.47 -40.91
N ARG G 154 -43.66 -2.75 -40.96
CA ARG G 154 -45.10 -3.15 -41.10
C ARG G 154 -46.12 -2.23 -40.37
N PRO G 155 -45.87 -1.92 -39.07
CA PRO G 155 -46.87 -1.19 -38.32
C PRO G 155 -46.87 0.28 -38.67
N ILE G 156 -45.70 0.84 -39.00
CA ILE G 156 -45.69 2.22 -39.52
C ILE G 156 -46.61 2.34 -40.75
N LEU G 157 -46.38 1.49 -41.76
CA LEU G 157 -47.21 1.49 -43.00
C LEU G 157 -48.69 1.26 -42.70
N GLN G 158 -48.97 0.26 -41.86
CA GLN G 158 -50.36 -0.05 -41.54
C GLN G 158 -51.02 1.21 -40.96
N GLY G 159 -50.35 1.82 -40.00
CA GLY G 159 -50.87 3.01 -39.36
C GLY G 159 -51.08 4.16 -40.31
N PHE G 160 -50.23 4.34 -41.30
CA PHE G 160 -50.42 5.46 -42.22
C PHE G 160 -51.32 5.14 -43.40
N ARG G 161 -51.77 3.89 -43.48
CA ARG G 161 -52.71 3.46 -44.49
C ARG G 161 -54.05 4.19 -44.29
N THR G 162 -54.42 4.38 -43.03
CA THR G 162 -55.60 5.16 -42.67
C THR G 162 -55.72 6.53 -43.37
N PHE G 163 -54.67 6.99 -44.04
CA PHE G 163 -54.72 8.28 -44.73
C PHE G 163 -55.12 8.11 -46.20
N PRO H 1 -34.12 40.81 -56.06
CA PRO H 1 -33.30 39.69 -55.58
C PRO H 1 -31.85 39.89 -55.91
N LYS H 2 -31.03 40.12 -54.89
CA LYS H 2 -29.64 40.56 -55.10
C LYS H 2 -28.61 39.49 -54.73
N GLN H 3 -27.37 39.70 -55.15
CA GLN H 3 -26.28 38.82 -54.79
C GLN H 3 -25.95 38.93 -53.29
N LEU H 4 -25.90 37.79 -52.61
CA LEU H 4 -25.52 37.75 -51.21
C LEU H 4 -24.15 37.12 -51.09
N ARG H 5 -23.43 37.49 -50.03
CA ARG H 5 -22.08 37.04 -49.77
C ARG H 5 -21.96 36.65 -48.29
N PHE H 6 -21.61 35.40 -48.01
CA PHE H 6 -21.36 34.92 -46.63
C PHE H 6 -19.90 34.48 -46.41
N GLU H 7 -19.32 34.89 -45.29
CA GLU H 7 -17.92 34.57 -45.02
C GLU H 7 -17.89 33.81 -43.75
N GLY H 8 -17.08 32.77 -43.73
CA GLY H 8 -16.94 31.92 -42.55
C GLY H 8 -15.50 31.70 -42.22
N GLU H 9 -15.22 30.64 -41.48
CA GLU H 9 -13.86 30.41 -40.98
C GLU H 9 -12.85 30.07 -42.07
N ARG H 10 -13.28 29.30 -43.06
CA ARG H 10 -12.38 28.88 -44.11
C ARG H 10 -12.98 29.02 -45.48
N VAL H 11 -14.30 29.25 -45.56
CA VAL H 11 -14.98 29.31 -46.84
C VAL H 11 -15.64 30.67 -47.08
N THR H 12 -15.59 31.12 -48.34
CA THR H 12 -16.43 32.22 -48.82
C THR H 12 -17.56 31.70 -49.70
N TRP H 13 -18.77 32.15 -49.43
CA TRP H 13 -19.93 31.74 -50.21
C TRP H 13 -20.64 32.92 -50.84
N ILE H 14 -20.93 32.76 -52.14
CA ILE H 14 -21.58 33.78 -52.93
C ILE H 14 -22.84 33.14 -53.53
N GLN H 15 -23.98 33.71 -53.19
CA GLN H 15 -25.22 33.30 -53.82
C GLN H 15 -25.36 34.20 -55.06
N ALA H 16 -25.17 33.63 -56.26
CA ALA H 16 -25.35 34.37 -57.54
C ALA H 16 -26.83 34.53 -57.89
N SER H 17 -27.23 35.73 -58.31
CA SER H 17 -28.65 36.00 -58.65
C SER H 17 -28.95 36.00 -60.14
N THR H 18 -27.92 36.04 -60.98
CA THR H 18 -28.11 36.09 -62.43
C THR H 18 -27.09 35.25 -63.10
N LEU H 19 -27.46 34.65 -64.24
CA LEU H 19 -26.51 33.93 -65.07
C LEU H 19 -25.22 34.70 -65.38
N LYS H 20 -25.31 36.03 -65.47
CA LYS H 20 -24.12 36.84 -65.81
C LYS H 20 -23.20 36.84 -64.60
N GLU H 21 -23.78 37.11 -63.42
CA GLU H 21 -23.02 37.21 -62.19
C GLU H 21 -22.18 35.95 -62.04
N LEU H 22 -22.82 34.81 -62.32
CA LEU H 22 -22.25 33.49 -62.23
C LEU H 22 -21.13 33.29 -63.21
N LEU H 23 -21.36 33.63 -64.46
CA LEU H 23 -20.35 33.43 -65.48
C LEU H 23 -19.16 34.38 -65.24
N ASP H 24 -19.44 35.54 -64.63
CA ASP H 24 -18.39 36.51 -64.30
C ASP H 24 -17.55 35.96 -63.15
N LEU H 25 -18.21 35.61 -62.05
CA LEU H 25 -17.53 35.04 -60.89
C LEU H 25 -16.79 33.79 -61.33
N LYS H 26 -17.45 32.92 -62.08
CA LYS H 26 -16.73 31.76 -62.58
C LYS H 26 -15.45 32.14 -63.38
N ALA H 27 -15.54 33.19 -64.20
CA ALA H 27 -14.37 33.67 -64.92
C ALA H 27 -13.32 34.25 -63.99
N GLN H 28 -13.73 34.97 -62.95
CA GLN H 28 -12.76 35.61 -62.02
C GLN H 28 -12.11 34.59 -61.07
N HIS H 29 -12.85 33.52 -60.74
CA HIS H 29 -12.42 32.50 -59.79
C HIS H 29 -12.68 31.05 -60.30
N PRO H 30 -11.83 30.53 -61.23
CA PRO H 30 -12.20 29.25 -61.89
C PRO H 30 -12.26 28.06 -60.93
N GLU H 31 -11.37 28.05 -59.95
CA GLU H 31 -11.33 27.06 -58.87
C GLU H 31 -12.63 26.97 -58.05
N ALA H 32 -13.38 28.07 -58.01
CA ALA H 32 -14.65 28.17 -57.27
C ALA H 32 -15.50 26.98 -57.54
N LYS H 33 -16.18 26.52 -56.51
CA LYS H 33 -17.03 25.36 -56.61
C LYS H 33 -18.48 25.80 -56.73
N LEU H 34 -19.18 25.21 -57.69
CA LEU H 34 -20.63 25.34 -57.69
C LEU H 34 -21.13 24.40 -56.61
N VAL H 35 -22.20 24.82 -55.91
CA VAL H 35 -22.94 23.98 -54.96
C VAL H 35 -24.40 24.30 -55.15
N VAL H 36 -25.20 23.26 -55.38
CA VAL H 36 -26.64 23.37 -55.55
C VAL H 36 -27.36 22.63 -54.42
N GLY H 37 -27.43 21.32 -54.52
CA GLY H 37 -28.08 20.55 -53.48
C GLY H 37 -27.13 20.11 -52.38
N ASN H 38 -25.82 20.28 -52.58
CA ASN H 38 -24.78 19.89 -51.61
C ASN H 38 -24.60 18.40 -51.30
N THR H 39 -25.39 17.55 -51.96
CA THR H 39 -25.45 16.14 -51.65
C THR H 39 -24.25 15.39 -52.16
N GLU H 40 -23.38 16.11 -52.85
CA GLU H 40 -22.10 15.59 -53.27
C GLU H 40 -21.02 16.35 -52.49
N ILE H 41 -21.06 17.69 -52.54
CA ILE H 41 -20.01 18.53 -51.92
C ILE H 41 -19.92 18.32 -50.40
N GLY H 42 -21.08 18.28 -49.74
CA GLY H 42 -21.17 17.91 -48.31
C GLY H 42 -20.46 16.60 -47.94
N ILE H 43 -20.64 15.55 -48.75
CA ILE H 43 -19.95 14.28 -48.55
C ILE H 43 -18.44 14.44 -48.66
N GLU H 44 -17.99 15.22 -49.67
CA GLU H 44 -16.57 15.49 -49.91
C GLU H 44 -15.92 16.30 -48.82
N MET H 45 -16.58 17.35 -48.35
CA MET H 45 -16.02 18.18 -47.26
C MET H 45 -15.95 17.43 -45.93
N LYS H 46 -17.01 16.70 -45.60
CA LYS H 46 -17.07 15.99 -44.33
C LYS H 46 -16.25 14.71 -44.30
N PHE H 47 -16.48 13.80 -45.24
CA PHE H 47 -15.88 12.47 -45.20
C PHE H 47 -14.59 12.33 -46.03
N LYS H 48 -14.31 13.25 -46.94
CA LYS H 48 -13.09 13.09 -47.72
C LYS H 48 -12.16 14.30 -47.53
N ASN H 49 -12.49 15.10 -46.52
CA ASN H 49 -11.72 16.28 -46.10
C ASN H 49 -11.29 17.28 -47.20
N GLN H 50 -12.16 17.47 -48.18
CA GLN H 50 -12.00 18.53 -49.14
C GLN H 50 -12.29 19.85 -48.47
N LEU H 51 -11.54 20.88 -48.86
CA LEU H 51 -11.88 22.25 -48.53
C LEU H 51 -11.92 23.08 -49.81
N PHE H 52 -13.09 23.65 -50.12
CA PHE H 52 -13.25 24.57 -51.24
C PHE H 52 -13.45 25.96 -50.67
N PRO H 53 -12.41 26.80 -50.71
CA PRO H 53 -12.45 28.09 -50.02
C PRO H 53 -13.42 29.10 -50.64
N MET H 54 -13.78 28.84 -51.90
CA MET H 54 -14.73 29.64 -52.66
C MET H 54 -15.89 28.79 -53.21
N ILE H 55 -17.09 29.14 -52.78
CA ILE H 55 -18.33 28.46 -53.22
C ILE H 55 -19.28 29.43 -53.91
N ILE H 56 -19.66 29.12 -55.15
CA ILE H 56 -20.76 29.79 -55.79
C ILE H 56 -22.00 28.90 -55.81
N CYS H 57 -23.12 29.44 -55.34
CA CYS H 57 -24.39 28.78 -55.48
C CYS H 57 -25.35 29.45 -56.48
N PRO H 58 -25.62 28.77 -57.62
CA PRO H 58 -26.46 29.31 -58.67
C PRO H 58 -27.95 28.91 -58.56
N ALA H 59 -28.35 28.19 -57.52
CA ALA H 59 -29.76 27.77 -57.36
C ALA H 59 -30.82 28.79 -57.79
N TRP H 60 -30.53 30.09 -57.69
CA TRP H 60 -31.55 31.11 -57.94
C TRP H 60 -31.73 31.48 -59.41
N ILE H 61 -30.74 31.18 -60.23
CA ILE H 61 -30.67 31.71 -61.58
C ILE H 61 -31.80 31.11 -62.35
N PRO H 62 -32.67 31.95 -62.93
CA PRO H 62 -33.70 31.37 -63.85
C PRO H 62 -32.90 31.01 -65.08
N GLU H 63 -33.19 29.90 -65.75
CA GLU H 63 -32.19 29.28 -66.67
C GLU H 63 -31.45 28.49 -65.63
N LEU H 64 -31.17 27.23 -65.88
CA LEU H 64 -30.77 26.43 -64.72
C LEU H 64 -32.02 25.97 -63.97
N ASN H 65 -33.14 26.69 -64.06
CA ASN H 65 -34.37 26.14 -63.48
C ASN H 65 -35.50 25.92 -64.49
N ALA H 66 -35.19 26.28 -65.73
CA ALA H 66 -36.13 26.29 -66.85
C ALA H 66 -36.42 24.90 -67.38
N VAL H 67 -37.70 24.64 -67.61
CA VAL H 67 -38.16 23.42 -68.27
C VAL H 67 -38.82 23.79 -69.60
N GLU H 68 -38.20 23.43 -70.71
CA GLU H 68 -38.78 23.72 -72.02
C GLU H 68 -39.06 22.46 -72.80
N HIS H 69 -40.27 22.40 -73.34
CA HIS H 69 -40.61 21.32 -74.24
C HIS H 69 -40.34 21.79 -75.65
N GLY H 70 -39.30 21.25 -76.27
CA GLY H 70 -38.94 21.64 -77.63
C GLY H 70 -39.21 20.56 -78.65
N PRO H 71 -38.80 20.78 -79.90
CA PRO H 71 -39.19 19.80 -80.92
C PRO H 71 -38.35 18.51 -80.90
N GLU H 72 -37.28 18.53 -80.10
CA GLU H 72 -36.27 17.46 -80.11
C GLU H 72 -36.38 16.56 -78.88
N GLY H 73 -36.57 17.20 -77.73
CA GLY H 73 -36.79 16.51 -76.48
C GLY H 73 -37.28 17.52 -75.47
N ILE H 74 -36.99 17.26 -74.20
CA ILE H 74 -37.39 18.16 -73.12
C ILE H 74 -36.14 18.70 -72.44
N SER H 75 -36.05 20.01 -72.34
CA SER H 75 -34.88 20.61 -71.74
C SER H 75 -35.06 20.97 -70.25
N PHE H 76 -34.11 20.55 -69.40
CA PHE H 76 -34.09 20.88 -67.97
C PHE H 76 -32.86 21.70 -67.73
N GLY H 77 -33.03 22.81 -67.01
CA GLY H 77 -31.90 23.58 -66.52
C GLY H 77 -31.06 22.73 -65.59
N ALA H 78 -29.77 22.92 -65.64
CA ALA H 78 -28.85 22.10 -64.86
C ALA H 78 -29.11 22.07 -63.37
N ALA H 79 -29.87 23.05 -62.85
CA ALA H 79 -30.16 23.10 -61.41
C ALA H 79 -31.48 22.44 -60.97
N CYS H 80 -32.26 21.96 -61.93
CA CYS H 80 -33.48 21.23 -61.62
C CYS H 80 -33.21 20.02 -60.75
N ALA H 81 -34.00 19.89 -59.71
CA ALA H 81 -33.94 18.77 -58.80
C ALA H 81 -34.46 17.46 -59.42
N LEU H 82 -33.92 16.34 -58.97
CA LEU H 82 -34.26 15.09 -59.58
C LEU H 82 -35.75 14.80 -59.54
N SER H 83 -36.44 15.35 -58.55
CA SER H 83 -37.89 15.17 -58.46
C SER H 83 -38.68 16.05 -59.44
N SER H 84 -38.10 17.15 -59.93
CA SER H 84 -38.72 17.86 -61.04
C SER H 84 -38.52 17.07 -62.32
N VAL H 85 -37.35 16.51 -62.52
CA VAL H 85 -37.08 15.76 -63.73
C VAL H 85 -38.01 14.56 -63.75
N GLU H 86 -38.06 13.84 -62.61
CA GLU H 86 -38.92 12.67 -62.49
C GLU H 86 -40.35 13.02 -62.77
N LYS H 87 -40.90 14.00 -62.04
CA LYS H 87 -42.32 14.42 -62.18
C LYS H 87 -42.72 14.80 -63.61
N THR H 88 -41.86 15.60 -64.25
CA THR H 88 -42.07 16.10 -65.61
C THR H 88 -42.05 14.94 -66.62
N LEU H 89 -41.08 14.04 -66.46
CA LEU H 89 -40.98 12.90 -67.36
C LEU H 89 -42.16 11.98 -67.20
N LEU H 90 -42.68 11.89 -65.99
CA LEU H 90 -43.86 11.06 -65.72
C LEU H 90 -45.10 11.63 -66.38
N GLU H 91 -45.20 12.96 -66.37
CA GLU H 91 -46.24 13.64 -67.14
C GLU H 91 -46.11 13.25 -68.61
N ALA H 92 -44.90 13.42 -69.17
CA ALA H 92 -44.61 13.09 -70.57
C ALA H 92 -44.94 11.63 -70.98
N VAL H 93 -44.48 10.64 -70.20
CA VAL H 93 -44.80 9.24 -70.47
C VAL H 93 -46.31 8.98 -70.48
N ALA H 94 -47.05 9.71 -69.63
CA ALA H 94 -48.49 9.46 -69.45
C ALA H 94 -49.33 10.15 -70.52
N LYS H 95 -48.73 11.04 -71.29
CA LYS H 95 -49.47 11.80 -72.30
C LYS H 95 -49.05 11.46 -73.71
N LEU H 96 -47.75 11.25 -73.92
CA LEU H 96 -47.21 11.05 -75.26
C LEU H 96 -47.31 9.58 -75.75
N PRO H 97 -47.23 9.36 -77.09
CA PRO H 97 -47.25 7.96 -77.54
C PRO H 97 -46.00 7.24 -77.08
N THR H 98 -46.18 5.97 -76.68
CA THR H 98 -45.08 5.10 -76.26
C THR H 98 -43.79 5.27 -77.08
N GLN H 99 -43.93 5.38 -78.40
CA GLN H 99 -42.78 5.30 -79.27
C GLN H 99 -41.85 6.50 -79.14
N LYS H 100 -42.36 7.60 -78.58
CA LYS H 100 -41.56 8.82 -78.39
C LYS H 100 -40.92 8.86 -76.97
N THR H 101 -41.29 7.92 -76.09
CA THR H 101 -40.87 7.99 -74.68
C THR H 101 -39.89 6.91 -74.16
N GLU H 102 -39.22 6.21 -75.06
CA GLU H 102 -38.27 5.17 -74.64
C GLU H 102 -37.17 5.70 -73.69
N VAL H 103 -36.50 6.79 -74.10
CA VAL H 103 -35.45 7.45 -73.28
C VAL H 103 -35.99 7.92 -71.89
N PHE H 104 -37.11 8.63 -71.86
CA PHE H 104 -37.75 9.01 -70.58
C PHE H 104 -38.04 7.81 -69.70
N ARG H 105 -38.57 6.75 -70.30
CA ARG H 105 -38.81 5.48 -69.59
C ARG H 105 -37.54 4.92 -68.96
N GLY H 106 -36.43 4.99 -69.71
CA GLY H 106 -35.12 4.61 -69.17
C GLY H 106 -34.61 5.50 -68.04
N VAL H 107 -34.84 6.79 -68.17
CA VAL H 107 -34.41 7.71 -67.14
C VAL H 107 -35.23 7.45 -65.89
N LEU H 108 -36.54 7.27 -66.07
CA LEU H 108 -37.43 7.00 -64.94
C LEU H 108 -37.11 5.70 -64.20
N GLU H 109 -36.68 4.68 -64.95
CA GLU H 109 -36.22 3.42 -64.35
C GLU H 109 -35.06 3.67 -63.41
N GLN H 110 -34.06 4.41 -63.88
CA GLN H 110 -32.87 4.68 -63.07
C GLN H 110 -33.23 5.48 -61.83
N LEU H 111 -34.23 6.36 -61.96
CA LEU H 111 -34.68 7.21 -60.85
C LEU H 111 -35.68 6.53 -59.93
N ARG H 112 -36.17 5.35 -60.28
CA ARG H 112 -37.08 4.64 -59.38
C ARG H 112 -36.44 4.27 -58.04
N TRP H 113 -35.45 3.37 -58.08
CA TRP H 113 -34.94 2.78 -56.85
C TRP H 113 -33.68 3.49 -56.34
N PHE H 114 -33.79 4.80 -56.20
CA PHE H 114 -32.67 5.72 -56.20
C PHE H 114 -32.83 6.56 -54.95
N ALA H 115 -31.79 6.63 -54.12
CA ALA H 115 -31.87 7.51 -52.94
C ALA H 115 -33.29 7.54 -52.31
N GLY H 116 -33.94 8.69 -52.28
CA GLY H 116 -35.18 8.88 -51.51
C GLY H 116 -35.74 10.26 -51.79
N LYS H 117 -36.90 10.60 -51.22
CA LYS H 117 -37.57 11.89 -51.56
C LYS H 117 -36.73 13.09 -51.13
N GLN H 118 -36.13 12.97 -49.93
CA GLN H 118 -35.27 13.99 -49.32
C GLN H 118 -34.10 14.33 -50.23
N VAL H 119 -33.53 13.32 -50.85
CA VAL H 119 -32.37 13.48 -51.70
C VAL H 119 -32.79 13.91 -53.11
N LYS H 120 -33.88 13.35 -53.60
CA LYS H 120 -34.30 13.70 -54.93
C LYS H 120 -34.81 15.12 -55.01
N SER H 121 -35.28 15.66 -53.89
CA SER H 121 -35.90 17.00 -53.88
C SER H 121 -34.88 18.12 -53.85
N VAL H 122 -33.62 17.84 -53.59
CA VAL H 122 -32.62 18.93 -53.56
C VAL H 122 -31.44 18.67 -54.47
N ALA H 123 -31.24 17.42 -54.89
CA ALA H 123 -30.14 17.07 -55.77
C ALA H 123 -30.49 17.46 -57.18
N SER H 124 -29.63 18.26 -57.81
CA SER H 124 -29.81 18.69 -59.19
C SER H 124 -29.33 17.66 -60.22
N LEU H 125 -29.95 17.67 -61.41
CA LEU H 125 -29.42 17.02 -62.64
C LEU H 125 -27.95 17.29 -62.90
N GLY H 126 -27.63 18.58 -63.12
CA GLY H 126 -26.27 19.02 -63.44
C GLY H 126 -25.29 18.46 -62.44
N GLY H 127 -25.71 18.46 -61.17
CA GLY H 127 -24.91 17.94 -60.07
C GLY H 127 -24.48 16.49 -60.26
N ASN H 128 -25.45 15.62 -60.55
CA ASN H 128 -25.14 14.23 -60.86
C ASN H 128 -24.18 14.21 -62.03
N ILE H 129 -24.58 14.84 -63.14
CA ILE H 129 -23.82 14.77 -64.37
C ILE H 129 -22.37 15.20 -64.16
N ILE H 130 -22.15 16.41 -63.69
CA ILE H 130 -20.78 16.91 -63.53
C ILE H 130 -19.99 16.16 -62.42
N THR H 131 -20.70 15.59 -61.44
CA THR H 131 -20.01 14.87 -60.38
C THR H 131 -19.12 13.77 -60.99
N ALA H 132 -19.65 13.11 -62.02
CA ALA H 132 -18.87 12.16 -62.80
C ALA H 132 -18.45 10.92 -62.04
N SER H 133 -19.35 10.46 -61.18
CA SER H 133 -19.14 9.23 -60.40
C SER H 133 -19.06 8.07 -61.37
N PRO H 134 -18.03 7.21 -61.21
CA PRO H 134 -17.98 5.99 -62.01
C PRO H 134 -19.32 5.24 -61.96
N ILE H 135 -20.01 5.33 -60.83
CA ILE H 135 -21.28 4.59 -60.64
C ILE H 135 -22.55 5.44 -60.85
N SER H 136 -22.39 6.67 -61.34
CA SER H 136 -23.55 7.46 -61.69
C SER H 136 -24.56 6.57 -62.45
N ASP H 137 -25.80 6.54 -61.96
CA ASP H 137 -26.94 5.86 -62.63
C ASP H 137 -27.56 6.65 -63.81
N LEU H 138 -27.33 7.97 -63.88
CA LEU H 138 -27.95 8.79 -64.93
C LEU H 138 -27.01 8.97 -66.10
N ASN H 139 -25.70 9.09 -65.85
CA ASN H 139 -24.76 9.22 -66.97
C ASN H 139 -24.81 8.09 -68.03
N PRO H 140 -24.88 6.81 -67.64
CA PRO H 140 -24.93 5.84 -68.75
C PRO H 140 -26.15 6.04 -69.66
N VAL H 141 -27.30 6.31 -69.06
CA VAL H 141 -28.49 6.69 -69.81
C VAL H 141 -28.25 7.89 -70.75
N PHE H 142 -27.65 8.95 -70.23
CA PHE H 142 -27.46 10.17 -71.02
C PHE H 142 -26.45 9.97 -72.14
N MET H 143 -25.49 9.08 -71.95
CA MET H 143 -24.51 8.85 -72.99
C MET H 143 -25.10 7.97 -74.11
N ALA H 144 -25.83 6.93 -73.71
CA ALA H 144 -26.32 5.98 -74.66
C ALA H 144 -27.43 6.58 -75.52
N SER H 145 -28.07 7.64 -75.03
CA SER H 145 -29.14 8.31 -75.78
C SER H 145 -28.60 9.56 -76.52
N GLY H 146 -27.35 9.92 -76.24
CA GLY H 146 -26.72 11.13 -76.79
C GLY H 146 -27.44 12.42 -76.40
N THR H 147 -27.69 12.58 -75.09
CA THR H 147 -28.41 13.73 -74.51
C THR H 147 -27.63 15.02 -74.78
N LYS H 148 -28.33 16.10 -75.12
CA LYS H 148 -27.61 17.33 -75.50
C LYS H 148 -27.34 18.21 -74.28
N LEU H 149 -26.06 18.43 -73.99
CA LEU H 149 -25.63 19.30 -72.89
C LEU H 149 -25.27 20.71 -73.35
N THR H 150 -26.03 21.67 -72.91
CA THR H 150 -25.72 23.04 -73.29
C THR H 150 -24.80 23.57 -72.22
N ILE H 151 -23.60 23.98 -72.67
CA ILE H 151 -22.52 24.43 -71.80
C ILE H 151 -22.13 25.86 -72.15
N VAL H 152 -21.98 26.68 -71.10
CA VAL H 152 -21.74 28.15 -71.23
C VAL H 152 -20.53 28.63 -70.41
N SER H 153 -19.88 29.69 -70.86
CA SER H 153 -18.97 30.48 -70.02
C SER H 153 -19.30 31.94 -70.32
N ARG H 154 -18.63 32.87 -69.65
CA ARG H 154 -18.81 34.27 -70.06
C ARG H 154 -18.21 34.42 -71.46
N GLY H 155 -19.08 34.63 -72.44
CA GLY H 155 -18.64 34.65 -73.84
C GLY H 155 -19.09 33.47 -74.69
N THR H 156 -18.63 32.27 -74.34
CA THR H 156 -18.90 31.06 -75.14
C THR H 156 -20.24 30.40 -74.80
N ARG H 157 -20.90 29.86 -75.83
CA ARG H 157 -22.00 28.89 -75.64
C ARG H 157 -21.84 27.67 -76.58
N ARG H 158 -21.83 26.46 -76.04
CA ARG H 158 -21.76 25.28 -76.92
C ARG H 158 -22.73 24.20 -76.52
N THR H 159 -23.28 23.49 -77.49
CA THR H 159 -24.19 22.39 -77.22
C THR H 159 -23.54 21.14 -77.81
N VAL H 160 -23.37 20.09 -77.01
CA VAL H 160 -22.80 18.82 -77.52
C VAL H 160 -23.63 17.61 -77.08
N PRO H 161 -23.77 16.60 -77.96
CA PRO H 161 -24.42 15.38 -77.44
C PRO H 161 -23.42 14.70 -76.52
N MET H 162 -23.86 14.08 -75.44
CA MET H 162 -22.95 13.40 -74.53
C MET H 162 -22.50 12.09 -75.15
N ASP H 163 -21.21 11.80 -74.99
CA ASP H 163 -20.61 10.62 -75.59
C ASP H 163 -19.38 10.29 -74.75
N HIS H 164 -18.66 9.24 -75.14
CA HIS H 164 -17.57 8.71 -74.34
C HIS H 164 -16.43 9.68 -74.10
N THR H 165 -16.28 10.67 -74.94
CA THR H 165 -15.17 11.61 -74.78
C THR H 165 -15.42 12.59 -73.63
N PHE H 166 -16.70 12.75 -73.27
CA PHE H 166 -17.12 13.74 -72.26
C PHE H 166 -16.62 13.44 -70.83
N PHE H 167 -16.11 12.22 -70.60
CA PHE H 167 -15.49 11.84 -69.33
C PHE H 167 -14.04 11.39 -69.53
N PRO H 168 -13.09 12.37 -69.58
CA PRO H 168 -11.70 12.09 -69.97
C PRO H 168 -11.07 11.07 -69.01
N SER H 169 -11.21 11.31 -67.71
CA SER H 169 -10.51 10.59 -66.68
C SER H 169 -11.36 10.58 -65.42
N TYR H 170 -10.81 9.98 -64.37
CA TYR H 170 -11.54 9.75 -63.12
C TYR H 170 -12.13 11.04 -62.54
N ARG H 171 -13.46 11.10 -62.46
CA ARG H 171 -14.20 12.25 -61.85
C ARG H 171 -14.05 13.56 -62.60
N LYS H 172 -13.69 13.47 -63.88
CA LYS H 172 -13.44 14.66 -64.69
C LYS H 172 -14.35 14.70 -65.92
N THR H 173 -14.76 15.90 -66.31
CA THR H 173 -15.69 16.07 -67.43
C THR H 173 -15.04 16.99 -68.46
N LEU H 174 -15.64 17.12 -69.63
CA LEU H 174 -15.02 17.93 -70.69
C LEU H 174 -15.51 19.39 -70.62
N LEU H 175 -15.56 19.94 -69.41
CA LEU H 175 -15.82 21.35 -69.20
C LEU H 175 -14.53 22.13 -69.04
N GLY H 176 -14.48 23.32 -69.67
CA GLY H 176 -13.38 24.24 -69.46
C GLY H 176 -13.40 24.72 -68.02
N PRO H 177 -12.25 25.18 -67.51
CA PRO H 177 -12.28 25.63 -66.09
C PRO H 177 -13.28 26.76 -65.83
N GLU H 178 -13.73 27.47 -66.87
CA GLU H 178 -14.71 28.57 -66.70
C GLU H 178 -16.11 28.28 -67.18
N GLU H 179 -16.36 27.08 -67.66
CA GLU H 179 -17.68 26.75 -68.16
C GLU H 179 -18.53 26.18 -67.04
N ILE H 180 -19.85 26.26 -67.22
CA ILE H 180 -20.78 25.65 -66.30
C ILE H 180 -21.85 25.05 -67.13
N LEU H 181 -22.47 24.00 -66.61
CA LEU H 181 -23.52 23.31 -67.33
C LEU H 181 -24.79 24.13 -67.19
N LEU H 182 -25.31 24.62 -68.30
CA LEU H 182 -26.51 25.43 -68.25
C LEU H 182 -27.80 24.62 -68.31
N SER H 183 -27.83 23.61 -69.18
CA SER H 183 -29.04 22.81 -69.37
C SER H 183 -28.80 21.48 -70.10
N ILE H 184 -29.76 20.58 -69.89
CA ILE H 184 -29.76 19.25 -70.45
C ILE H 184 -31.08 19.01 -71.19
N GLU H 185 -31.01 18.51 -72.42
CA GLU H 185 -32.21 18.14 -73.19
C GLU H 185 -32.32 16.63 -73.34
N ILE H 186 -33.29 16.03 -72.66
CA ILE H 186 -33.47 14.58 -72.75
C ILE H 186 -34.31 14.26 -74.02
N PRO H 187 -33.68 13.67 -75.07
CA PRO H 187 -34.29 13.56 -76.41
C PRO H 187 -35.48 12.63 -76.46
N TYR H 188 -36.38 12.87 -77.42
CA TYR H 188 -37.47 11.93 -77.65
C TYR H 188 -36.93 10.74 -78.40
N SER H 189 -37.56 9.62 -78.13
CA SER H 189 -37.43 8.42 -78.91
C SER H 189 -38.05 8.61 -80.31
N ARG H 190 -37.36 8.09 -81.32
CA ARG H 190 -37.86 8.12 -82.70
C ARG H 190 -38.56 6.82 -83.16
N GLU H 191 -38.90 6.77 -84.45
CA GLU H 191 -39.40 5.54 -85.07
C GLU H 191 -38.29 4.50 -85.14
N ASP H 192 -38.59 3.25 -84.80
CA ASP H 192 -37.59 2.19 -84.94
C ASP H 192 -36.45 2.33 -83.89
N GLU H 193 -36.68 3.19 -82.88
CA GLU H 193 -35.71 3.46 -81.80
C GLU H 193 -36.19 2.89 -80.47
N PHE H 194 -35.32 2.14 -79.80
CA PHE H 194 -35.71 1.49 -78.55
C PHE H 194 -34.65 1.67 -77.44
N PHE H 195 -35.14 1.85 -76.21
CA PHE H 195 -34.28 2.15 -75.07
C PHE H 195 -34.61 1.37 -73.80
N SER H 196 -33.57 0.87 -73.12
CA SER H 196 -33.66 0.22 -71.81
C SER H 196 -32.57 0.67 -70.83
N ALA H 197 -32.88 0.61 -69.55
CA ALA H 197 -31.89 0.94 -68.52
C ALA H 197 -31.92 -0.07 -67.37
N PHE H 198 -30.74 -0.43 -66.89
CA PHE H 198 -30.64 -1.41 -65.81
C PHE H 198 -29.59 -1.01 -64.80
N LYS H 199 -29.75 -1.52 -63.58
CA LYS H 199 -28.77 -1.31 -62.54
C LYS H 199 -28.65 -2.45 -61.54
N GLN H 200 -27.42 -2.65 -61.09
CA GLN H 200 -27.08 -3.65 -60.10
C GLN H 200 -27.80 -3.21 -58.88
N ALA H 201 -28.62 -4.11 -58.37
CA ALA H 201 -29.39 -3.88 -57.16
C ALA H 201 -28.57 -4.16 -55.88
N SER H 202 -27.44 -3.46 -55.74
CA SER H 202 -26.68 -3.36 -54.47
C SER H 202 -25.60 -2.31 -54.65
N ARG H 203 -24.58 -2.34 -53.81
CA ARG H 203 -23.51 -1.36 -53.85
C ARG H 203 -22.72 -1.58 -52.59
N ARG H 204 -21.41 -1.59 -52.72
CA ARG H 204 -20.55 -2.13 -51.69
C ARG H 204 -19.30 -1.28 -51.47
N GLU H 205 -18.95 -0.44 -52.43
CA GLU H 205 -17.81 0.44 -52.28
C GLU H 205 -18.30 1.83 -52.63
N ASP H 206 -17.58 2.85 -52.14
CA ASP H 206 -18.02 4.26 -52.22
C ASP H 206 -18.60 4.64 -53.57
N ASP H 207 -17.74 4.67 -54.59
CA ASP H 207 -18.25 4.97 -55.92
C ASP H 207 -17.65 4.10 -57.04
N ILE H 208 -17.42 2.82 -56.77
CA ILE H 208 -16.90 1.92 -57.79
C ILE H 208 -17.61 0.58 -57.83
N ALA H 209 -17.48 -0.11 -58.95
CA ALA H 209 -17.89 -1.49 -59.07
C ALA H 209 -19.38 -1.76 -58.73
N LYS H 210 -20.28 -1.01 -59.37
CA LYS H 210 -21.73 -1.23 -59.30
C LYS H 210 -22.30 -1.10 -60.70
N VAL H 211 -22.63 -2.22 -61.36
CA VAL H 211 -22.92 -2.13 -62.79
C VAL H 211 -24.23 -1.40 -63.01
N THR H 212 -24.15 -0.32 -63.79
CA THR H 212 -25.33 0.41 -64.21
C THR H 212 -25.20 0.80 -65.69
N CYS H 213 -26.29 0.68 -66.44
CA CYS H 213 -26.19 0.87 -67.88
C CYS H 213 -27.36 1.59 -68.56
N GLY H 214 -27.08 2.05 -69.79
CA GLY H 214 -28.08 2.56 -70.70
C GLY H 214 -27.86 1.94 -72.06
N MET H 215 -28.96 1.65 -72.75
CA MET H 215 -28.89 0.92 -74.01
C MET H 215 -29.92 1.41 -75.04
N ARG H 216 -29.42 1.74 -76.21
CA ARG H 216 -30.22 2.29 -77.26
C ARG H 216 -30.00 1.53 -78.56
N VAL H 217 -31.09 1.26 -79.27
CA VAL H 217 -30.96 0.71 -80.61
C VAL H 217 -31.89 1.40 -81.62
N LEU H 218 -31.32 1.91 -82.72
CA LEU H 218 -32.12 2.40 -83.88
C LEU H 218 -31.97 1.47 -85.08
N PHE H 219 -33.09 0.93 -85.53
CA PHE H 219 -33.15 0.10 -86.74
C PHE H 219 -33.42 0.90 -88.03
N GLN H 220 -33.15 0.28 -89.19
CA GLN H 220 -33.61 0.80 -90.48
C GLN H 220 -35.13 0.84 -90.48
N PRO H 221 -35.73 1.86 -91.15
CA PRO H 221 -37.16 2.09 -91.08
C PRO H 221 -37.94 0.81 -91.38
N GLY H 222 -38.74 0.37 -90.41
CA GLY H 222 -39.64 -0.78 -90.61
C GLY H 222 -39.00 -2.14 -90.57
N SER H 223 -37.66 -2.16 -90.50
CA SER H 223 -36.86 -3.39 -90.52
C SER H 223 -36.34 -3.79 -89.13
N MET H 224 -35.66 -4.94 -89.08
CA MET H 224 -34.98 -5.45 -87.90
C MET H 224 -33.47 -5.35 -88.04
N GLN H 225 -33.04 -4.38 -88.85
CA GLN H 225 -31.62 -4.20 -89.13
C GLN H 225 -31.02 -3.01 -88.34
N VAL H 226 -29.96 -3.26 -87.59
CA VAL H 226 -29.34 -2.22 -86.77
C VAL H 226 -28.80 -1.05 -87.60
N LYS H 227 -29.12 0.19 -87.24
CA LYS H 227 -28.46 1.36 -87.85
C LYS H 227 -27.53 2.01 -86.83
N GLU H 228 -28.00 2.13 -85.59
CA GLU H 228 -27.12 2.56 -84.49
C GLU H 228 -27.39 1.72 -83.26
N LEU H 229 -26.33 1.45 -82.53
CA LEU H 229 -26.41 0.65 -81.32
C LEU H 229 -25.47 1.33 -80.41
N ALA H 230 -25.93 1.59 -79.20
CA ALA H 230 -25.07 2.21 -78.22
C ALA H 230 -25.30 1.52 -76.87
N LEU H 231 -24.23 0.95 -76.32
CA LEU H 231 -24.29 0.28 -75.03
C LEU H 231 -23.27 0.94 -74.10
N CYS H 232 -23.76 1.68 -73.09
CA CYS H 232 -22.89 2.44 -72.20
C CYS H 232 -23.02 1.91 -70.79
N TYR H 233 -21.90 1.89 -70.05
CA TYR H 233 -21.85 1.30 -68.71
C TYR H 233 -21.13 2.13 -67.67
N GLY H 234 -21.69 2.12 -66.46
CA GLY H 234 -20.98 2.49 -65.22
C GLY H 234 -20.58 1.23 -64.44
N GLY H 235 -19.70 1.39 -63.44
CA GLY H 235 -19.26 0.27 -62.62
C GLY H 235 -18.28 -0.71 -63.25
N MET H 236 -17.56 -0.29 -64.29
CA MET H 236 -16.71 -1.20 -65.08
C MET H 236 -15.32 -0.61 -65.32
N ALA H 237 -15.15 0.65 -64.99
CA ALA H 237 -13.90 1.35 -65.16
C ALA H 237 -14.08 2.57 -64.25
N ASP H 238 -13.10 3.48 -64.22
CA ASP H 238 -13.16 4.64 -63.30
C ASP H 238 -14.06 5.81 -63.81
N ARG H 239 -14.84 5.51 -64.84
CA ARG H 239 -15.71 6.49 -65.48
C ARG H 239 -16.78 5.74 -66.25
N THR H 240 -17.84 6.45 -66.65
CA THR H 240 -18.85 5.93 -67.58
C THR H 240 -18.16 5.65 -68.90
N ILE H 241 -18.48 4.52 -69.52
CA ILE H 241 -17.80 4.12 -70.77
C ILE H 241 -18.83 3.50 -71.72
N SER H 242 -18.51 3.53 -73.01
CA SER H 242 -19.37 2.92 -74.02
C SER H 242 -18.65 1.73 -74.66
N ALA H 243 -19.41 0.68 -74.99
CA ALA H 243 -18.86 -0.51 -75.61
C ALA H 243 -18.68 -0.29 -77.11
N LEU H 244 -17.84 0.70 -77.43
CA LEU H 244 -17.71 1.20 -78.79
C LEU H 244 -17.34 0.15 -79.81
N LYS H 245 -16.22 -0.56 -79.58
CA LYS H 245 -15.71 -1.54 -80.52
C LYS H 245 -16.79 -2.58 -80.73
N THR H 246 -17.47 -2.98 -79.66
CA THR H 246 -18.50 -4.00 -79.75
C THR H 246 -19.71 -3.59 -80.62
N THR H 247 -20.34 -2.47 -80.27
CA THR H 247 -21.55 -1.96 -80.96
C THR H 247 -21.35 -1.67 -82.46
N GLN H 248 -20.17 -1.14 -82.77
CA GLN H 248 -19.71 -0.88 -84.13
C GLN H 248 -19.82 -2.10 -85.02
N LYS H 249 -19.34 -3.23 -84.52
CA LYS H 249 -19.21 -4.44 -85.31
C LYS H 249 -20.59 -4.97 -85.66
N GLN H 250 -21.64 -4.32 -85.14
CA GLN H 250 -23.03 -4.79 -85.32
C GLN H 250 -23.88 -3.91 -86.23
N LEU H 251 -23.32 -2.81 -86.71
CA LEU H 251 -24.05 -1.92 -87.64
C LEU H 251 -24.49 -2.69 -88.88
N SER H 252 -25.80 -2.62 -89.16
CA SER H 252 -26.49 -3.33 -90.27
C SER H 252 -26.40 -4.88 -90.25
N LYS H 253 -26.21 -5.44 -89.05
CA LYS H 253 -26.54 -6.83 -88.78
C LYS H 253 -28.02 -6.90 -88.46
N PHE H 254 -28.62 -8.09 -88.49
CA PHE H 254 -30.02 -8.25 -88.09
C PHE H 254 -30.16 -8.73 -86.64
N TRP H 255 -31.24 -8.33 -85.97
CA TRP H 255 -31.44 -8.62 -84.56
C TRP H 255 -31.85 -10.06 -84.37
N ASN H 256 -30.89 -10.90 -83.99
CA ASN H 256 -31.18 -12.32 -83.82
C ASN H 256 -30.15 -13.05 -82.98
N GLU H 257 -30.41 -14.35 -82.79
CA GLU H 257 -29.58 -15.28 -82.03
C GLU H 257 -28.07 -15.00 -82.20
N LYS H 258 -27.64 -14.89 -83.45
CA LYS H 258 -26.24 -14.64 -83.78
C LYS H 258 -25.75 -13.31 -83.19
N LEU H 259 -26.57 -12.26 -83.36
CA LEU H 259 -26.24 -10.93 -82.86
C LEU H 259 -25.98 -11.02 -81.36
N LEU H 260 -26.91 -11.66 -80.65
CA LEU H 260 -26.79 -11.86 -79.22
C LEU H 260 -25.45 -12.47 -78.86
N GLN H 261 -25.07 -13.57 -79.51
CA GLN H 261 -23.83 -14.27 -79.19
C GLN H 261 -22.60 -13.42 -79.52
N ASP H 262 -22.72 -12.50 -80.45
CA ASP H 262 -21.56 -11.69 -80.80
C ASP H 262 -21.35 -10.50 -79.85
N VAL H 263 -22.44 -9.81 -79.54
CA VAL H 263 -22.38 -8.74 -78.55
C VAL H 263 -21.78 -9.24 -77.24
N CYS H 264 -22.24 -10.38 -76.75
CA CYS H 264 -21.74 -10.95 -75.52
C CYS H 264 -20.25 -11.20 -75.61
N ALA H 265 -19.83 -11.87 -76.69
CA ALA H 265 -18.41 -12.20 -76.88
C ALA H 265 -17.64 -10.89 -76.89
N GLY H 266 -18.26 -9.88 -77.53
CA GLY H 266 -17.72 -8.52 -77.57
C GLY H 266 -17.58 -7.90 -76.21
N LEU H 267 -18.67 -7.89 -75.45
CA LEU H 267 -18.71 -7.29 -74.12
C LEU H 267 -17.75 -7.95 -73.12
N ALA H 268 -17.76 -9.27 -73.09
CA ALA H 268 -16.92 -10.01 -72.14
C ALA H 268 -15.48 -9.67 -72.42
N GLU H 269 -15.17 -9.48 -73.71
CA GLU H 269 -13.82 -9.12 -74.10
C GLU H 269 -13.49 -7.64 -73.86
N GLU H 270 -14.21 -6.75 -74.53
CA GLU H 270 -13.97 -5.31 -74.43
C GLU H 270 -14.08 -4.75 -73.00
N LEU H 271 -15.07 -5.19 -72.24
CA LEU H 271 -15.27 -4.62 -70.90
C LEU H 271 -14.59 -5.45 -69.80
N SER H 272 -13.58 -6.22 -70.19
CA SER H 272 -13.05 -7.22 -69.29
C SER H 272 -12.27 -6.58 -68.18
N LEU H 273 -12.19 -7.31 -67.07
CA LEU H 273 -11.67 -6.79 -65.84
C LEU H 273 -10.50 -7.65 -65.43
N SER H 274 -9.47 -7.02 -64.89
CA SER H 274 -8.33 -7.74 -64.35
C SER H 274 -8.75 -8.29 -63.00
N PRO H 275 -8.11 -9.39 -62.52
CA PRO H 275 -8.58 -9.95 -61.25
C PRO H 275 -8.10 -9.15 -60.05
N ASP H 276 -7.80 -7.87 -60.25
CA ASP H 276 -7.37 -7.01 -59.15
C ASP H 276 -8.04 -5.65 -59.32
N ALA H 277 -8.95 -5.59 -60.29
CA ALA H 277 -9.73 -4.40 -60.57
C ALA H 277 -10.38 -3.89 -59.31
N PRO H 278 -10.24 -2.58 -59.04
CA PRO H 278 -10.81 -2.05 -57.82
C PRO H 278 -12.30 -2.34 -57.75
N GLY H 279 -12.74 -2.82 -56.59
CA GLY H 279 -14.14 -3.17 -56.35
C GLY H 279 -14.41 -4.67 -56.22
N GLY H 280 -13.61 -5.47 -56.91
CA GLY H 280 -13.82 -6.90 -56.91
C GLY H 280 -15.12 -7.25 -57.60
N MET H 281 -15.75 -8.33 -57.16
CA MET H 281 -16.95 -8.86 -57.79
C MET H 281 -16.76 -9.04 -59.31
N ILE H 282 -15.54 -9.42 -59.68
CA ILE H 282 -15.07 -9.57 -61.07
C ILE H 282 -15.99 -10.43 -61.91
N GLU H 283 -16.32 -11.60 -61.37
CA GLU H 283 -17.13 -12.58 -62.10
C GLU H 283 -18.60 -12.09 -62.22
N PHE H 284 -19.15 -11.70 -61.08
CA PHE H 284 -20.49 -11.10 -61.01
C PHE H 284 -20.65 -9.91 -61.95
N ARG H 285 -19.64 -9.06 -62.04
CA ARG H 285 -19.79 -7.90 -62.87
C ARG H 285 -19.86 -8.27 -64.35
N ARG H 286 -18.96 -9.14 -64.82
CA ARG H 286 -19.06 -9.59 -66.22
C ARG H 286 -20.46 -10.04 -66.46
N THR H 287 -20.94 -10.95 -65.61
CA THR H 287 -22.24 -11.59 -65.84
C THR H 287 -23.34 -10.57 -66.00
N LEU H 288 -23.35 -9.54 -65.16
CA LEU H 288 -24.34 -8.50 -65.31
C LEU H 288 -24.24 -7.80 -66.64
N THR H 289 -23.03 -7.63 -67.19
CA THR H 289 -22.92 -6.85 -68.46
C THR H 289 -23.65 -7.57 -69.57
N LEU H 290 -23.40 -8.88 -69.68
CA LEU H 290 -24.09 -9.71 -70.65
C LEU H 290 -25.57 -9.84 -70.31
N SER H 291 -25.87 -10.23 -69.07
CA SER H 291 -27.26 -10.43 -68.60
C SER H 291 -28.17 -9.22 -68.88
N PHE H 292 -27.69 -8.04 -68.51
CA PHE H 292 -28.41 -6.80 -68.81
C PHE H 292 -28.65 -6.66 -70.32
N PHE H 293 -27.59 -6.86 -71.10
CA PHE H 293 -27.80 -6.85 -72.54
C PHE H 293 -28.89 -7.83 -72.98
N PHE H 294 -28.83 -9.07 -72.48
CA PHE H 294 -29.80 -10.14 -72.85
C PHE H 294 -31.21 -9.67 -72.60
N LYS H 295 -31.43 -8.96 -71.50
CA LYS H 295 -32.74 -8.37 -71.27
C LYS H 295 -33.06 -7.35 -72.36
N PHE H 296 -32.11 -6.47 -72.66
CA PHE H 296 -32.30 -5.50 -73.72
C PHE H 296 -32.70 -6.26 -74.99
N TYR H 297 -31.89 -7.24 -75.40
CA TYR H 297 -32.18 -8.08 -76.54
C TYR H 297 -33.60 -8.67 -76.50
N LEU H 298 -33.95 -9.40 -75.45
CA LEU H 298 -35.32 -9.93 -75.37
C LEU H 298 -36.39 -8.84 -75.45
N THR H 299 -36.18 -7.74 -74.73
CA THR H 299 -37.15 -6.62 -74.64
C THR H 299 -37.32 -5.97 -76.00
N VAL H 300 -36.21 -5.89 -76.73
CA VAL H 300 -36.25 -5.29 -78.05
C VAL H 300 -37.08 -6.15 -79.00
N LEU H 301 -36.78 -7.45 -79.06
CA LEU H 301 -37.63 -8.44 -79.75
C LEU H 301 -39.14 -8.35 -79.47
N LYS H 302 -39.51 -8.12 -78.21
CA LYS H 302 -40.93 -7.97 -77.83
C LYS H 302 -41.53 -6.64 -78.31
N LYS H 303 -40.70 -5.60 -78.41
CA LYS H 303 -41.17 -4.31 -78.89
C LYS H 303 -41.21 -4.25 -80.42
N LEU H 304 -40.53 -5.18 -81.07
CA LEU H 304 -40.56 -5.37 -82.53
C LEU H 304 -41.63 -6.39 -83.00
N GLY H 305 -41.61 -7.61 -82.41
CA GLY H 305 -42.42 -8.77 -82.84
C GLY H 305 -43.87 -8.68 -82.44
N ASP I 1 -55.47 -3.13 -14.31
CA ASP I 1 -54.75 -4.34 -14.80
C ASP I 1 -54.67 -4.34 -16.32
N THR I 2 -53.54 -3.90 -16.84
CA THR I 2 -53.34 -3.85 -18.30
C THR I 2 -52.53 -5.03 -18.80
N VAL I 3 -52.05 -5.90 -17.91
CA VAL I 3 -51.23 -7.03 -18.36
C VAL I 3 -52.00 -7.86 -19.38
N GLY I 4 -51.33 -8.18 -20.49
CA GLY I 4 -51.93 -8.91 -21.60
C GLY I 4 -52.67 -8.03 -22.57
N ARG I 5 -52.64 -6.72 -22.35
CA ARG I 5 -53.29 -5.76 -23.28
C ARG I 5 -52.29 -4.97 -24.10
N PRO I 6 -52.64 -4.68 -25.38
CA PRO I 6 -51.80 -3.94 -26.34
C PRO I 6 -51.57 -2.47 -26.00
N LEU I 7 -50.95 -2.23 -24.86
CA LEU I 7 -50.64 -0.88 -24.43
C LEU I 7 -49.50 -0.33 -25.28
N PRO I 8 -49.70 0.84 -25.91
CA PRO I 8 -48.55 1.31 -26.71
C PRO I 8 -47.38 1.75 -25.81
N HIS I 9 -46.19 1.86 -26.43
CA HIS I 9 -44.98 2.33 -25.73
C HIS I 9 -45.28 3.64 -24.97
N LEU I 10 -44.91 3.69 -23.70
CA LEU I 10 -45.27 4.80 -22.81
C LEU I 10 -44.70 6.14 -23.27
N ALA I 11 -43.61 6.07 -24.04
CA ALA I 11 -42.88 7.22 -24.56
C ALA I 11 -43.17 7.49 -26.06
N ALA I 12 -44.06 6.71 -26.64
CA ALA I 12 -44.26 6.72 -28.08
C ALA I 12 -44.72 8.08 -28.58
N ALA I 13 -45.67 8.70 -27.85
CA ALA I 13 -46.12 10.04 -28.22
C ALA I 13 -44.96 11.04 -28.19
N MET I 14 -44.12 10.99 -27.16
CA MET I 14 -43.02 11.91 -27.09
C MET I 14 -41.93 11.63 -28.12
N GLN I 15 -41.83 10.36 -28.50
CA GLN I 15 -40.84 9.96 -29.46
C GLN I 15 -41.26 10.52 -30.82
N ALA I 16 -42.58 10.59 -31.03
CA ALA I 16 -43.18 11.05 -32.29
C ALA I 16 -43.29 12.57 -32.37
N SER I 17 -43.22 13.22 -31.21
CA SER I 17 -43.22 14.68 -31.13
C SER I 17 -41.79 15.25 -31.12
N GLY I 18 -40.82 14.37 -30.85
CA GLY I 18 -39.41 14.75 -30.80
C GLY I 18 -39.10 15.41 -29.48
N GLU I 19 -39.98 15.22 -28.50
CA GLU I 19 -39.79 15.73 -27.15
C GLU I 19 -38.99 14.76 -26.32
N ALA I 20 -39.19 13.44 -26.55
CA ALA I 20 -38.35 12.40 -25.93
C ALA I 20 -36.88 12.84 -25.97
N VAL I 21 -36.24 12.91 -24.82
CA VAL I 21 -34.84 13.33 -24.74
C VAL I 21 -33.87 12.16 -24.74
N TYR I 22 -32.96 12.18 -25.71
CA TYR I 22 -31.86 11.22 -25.84
C TYR I 22 -30.61 11.96 -25.46
N CYS I 23 -29.52 11.23 -25.32
CA CYS I 23 -28.33 11.71 -24.67
C CYS I 23 -27.78 13.02 -25.28
N ASP I 24 -27.73 13.09 -26.62
CA ASP I 24 -27.23 14.32 -27.25
C ASP I 24 -28.23 15.44 -27.16
N ASP I 25 -29.48 15.12 -26.87
CA ASP I 25 -30.51 16.13 -26.78
C ASP I 25 -30.44 16.88 -25.45
N ILE I 26 -29.73 16.34 -24.46
CA ILE I 26 -29.49 17.06 -23.21
C ILE I 26 -28.73 18.32 -23.54
N PRO I 27 -29.27 19.48 -23.09
CA PRO I 27 -28.65 20.79 -23.25
C PRO I 27 -27.19 20.81 -22.79
N ARG I 28 -26.37 21.66 -23.41
CA ARG I 28 -24.98 21.85 -23.01
C ARG I 28 -24.85 22.76 -21.80
N TYR I 29 -23.74 22.63 -21.08
CA TYR I 29 -23.39 23.60 -20.07
C TYR I 29 -22.71 24.74 -20.80
N GLU I 30 -22.77 25.95 -20.24
CA GLU I 30 -22.07 27.11 -20.82
C GLU I 30 -20.61 26.81 -21.16
N ASN I 31 -19.98 25.93 -20.39
CA ASN I 31 -18.56 25.63 -20.56
C ASN I 31 -18.31 24.24 -21.11
N GLU I 32 -19.36 23.57 -21.58
CA GLU I 32 -19.25 22.19 -22.05
C GLU I 32 -18.31 22.03 -23.30
N LEU I 33 -17.38 21.09 -23.24
CA LEU I 33 -16.46 20.84 -24.36
C LEU I 33 -16.80 19.52 -25.07
N PHE I 34 -16.21 19.30 -26.24
CA PHE I 34 -16.57 18.18 -27.13
C PHE I 34 -15.34 17.37 -27.43
N LEU I 35 -15.51 16.06 -27.51
CA LEU I 35 -14.38 15.15 -27.77
C LEU I 35 -14.53 14.35 -29.06
N ARG I 36 -13.43 14.18 -29.75
CA ARG I 36 -13.38 13.35 -30.94
C ARG I 36 -12.19 12.41 -30.79
N LEU I 37 -12.40 11.13 -31.09
CA LEU I 37 -11.36 10.13 -30.90
C LEU I 37 -10.34 10.12 -32.03
N VAL I 38 -9.08 9.91 -31.67
CA VAL I 38 -8.04 9.70 -32.70
C VAL I 38 -7.69 8.25 -32.80
N THR I 39 -7.89 7.73 -33.99
CA THR I 39 -7.99 6.30 -34.23
C THR I 39 -6.87 5.79 -35.14
N SER I 40 -6.57 4.49 -35.05
CA SER I 40 -5.53 3.93 -35.88
C SER I 40 -5.91 3.82 -37.35
N THR I 41 -4.98 4.12 -38.25
CA THR I 41 -5.24 3.85 -39.65
C THR I 41 -4.49 2.59 -40.14
N ARG I 42 -4.13 1.73 -39.22
CA ARG I 42 -3.36 0.52 -39.53
C ARG I 42 -3.89 -0.62 -38.69
N ALA I 43 -3.76 -1.84 -39.21
CA ALA I 43 -4.27 -3.04 -38.56
C ALA I 43 -3.32 -3.60 -37.47
N HIS I 44 -2.02 -3.43 -37.65
CA HIS I 44 -1.05 -3.90 -36.67
C HIS I 44 0.21 -3.08 -36.90
N ALA I 45 0.63 -2.35 -35.87
CA ALA I 45 1.78 -1.46 -36.03
C ALA I 45 2.30 -0.80 -34.77
N LYS I 46 3.57 -0.45 -34.85
CA LYS I 46 4.25 0.29 -33.81
C LYS I 46 3.89 1.77 -33.94
N ILE I 47 3.49 2.41 -32.83
CA ILE I 47 3.35 3.87 -32.86
C ILE I 47 4.71 4.54 -32.72
N LYS I 48 5.22 5.10 -33.83
CA LYS I 48 6.56 5.66 -33.80
C LYS I 48 6.58 7.09 -33.19
N SER I 49 5.51 7.86 -33.43
CA SER I 49 5.33 9.24 -32.89
C SER I 49 3.95 9.84 -33.22
N ILE I 50 3.49 10.77 -32.40
CA ILE I 50 2.21 11.46 -32.60
C ILE I 50 2.41 12.98 -32.67
N ASP I 51 1.80 13.62 -33.67
CA ASP I 51 2.04 15.05 -33.88
C ASP I 51 0.81 15.93 -33.87
N VAL I 52 0.72 16.76 -32.84
CA VAL I 52 -0.46 17.56 -32.62
C VAL I 52 -0.28 19.00 -33.07
N SER I 53 0.85 19.29 -33.72
CA SER I 53 1.20 20.66 -34.17
C SER I 53 0.10 21.38 -34.92
N GLU I 54 -0.37 20.73 -35.97
CA GLU I 54 -1.37 21.33 -36.83
C GLU I 54 -2.72 21.39 -36.15
N ALA I 55 -3.04 20.39 -35.31
CA ALA I 55 -4.28 20.37 -34.52
C ALA I 55 -4.33 21.52 -33.55
N GLN I 56 -3.19 21.84 -32.93
CA GLN I 56 -3.07 22.98 -32.04
C GLN I 56 -3.51 24.29 -32.68
N LYS I 57 -3.44 24.35 -34.00
CA LYS I 57 -3.70 25.57 -34.73
C LYS I 57 -5.18 25.73 -35.13
N VAL I 58 -5.98 24.69 -34.90
CA VAL I 58 -7.41 24.74 -35.21
C VAL I 58 -8.08 25.63 -34.17
N PRO I 59 -8.98 26.52 -34.60
CA PRO I 59 -9.67 27.43 -33.66
C PRO I 59 -10.51 26.65 -32.66
N GLY I 60 -10.41 27.00 -31.38
CA GLY I 60 -11.18 26.36 -30.31
C GLY I 60 -10.61 25.08 -29.76
N PHE I 61 -9.41 24.70 -30.21
CA PHE I 61 -8.71 23.53 -29.69
C PHE I 61 -8.32 23.70 -28.23
N VAL I 62 -8.52 22.66 -27.43
CA VAL I 62 -8.21 22.67 -26.02
C VAL I 62 -7.00 21.75 -25.67
N CYS I 63 -7.11 20.45 -25.94
CA CYS I 63 -5.95 19.56 -25.73
C CYS I 63 -6.08 18.27 -26.49
N PHE I 64 -4.96 17.58 -26.65
CA PHE I 64 -4.94 16.20 -27.12
C PHE I 64 -4.65 15.33 -25.91
N LEU I 65 -5.35 14.20 -25.78
CA LEU I 65 -5.17 13.26 -24.68
C LEU I 65 -4.64 11.87 -25.10
N SER I 66 -3.63 11.34 -24.39
CA SER I 66 -3.20 9.95 -24.58
C SER I 66 -3.19 9.18 -23.28
N ALA I 67 -2.57 8.00 -23.38
CA ALA I 67 -2.32 7.12 -22.25
C ALA I 67 -1.71 7.84 -21.07
N ASP I 68 -0.77 8.74 -21.35
CA ASP I 68 -0.02 9.47 -20.31
C ASP I 68 -0.87 10.40 -19.46
N ASP I 69 -2.00 10.83 -19.97
CA ASP I 69 -2.86 11.69 -19.20
C ASP I 69 -3.73 10.95 -18.18
N ILE I 70 -3.72 9.61 -18.24
CA ILE I 70 -4.58 8.80 -17.37
C ILE I 70 -4.09 8.72 -15.90
N PRO I 71 -4.91 9.21 -14.96
CA PRO I 71 -4.43 9.25 -13.58
C PRO I 71 -4.41 7.87 -12.86
N GLY I 72 -5.31 6.94 -13.23
CA GLY I 72 -5.39 5.62 -12.60
C GLY I 72 -4.80 4.50 -13.44
N SER I 73 -5.62 3.77 -14.20
CA SER I 73 -5.17 2.60 -14.96
C SER I 73 -5.49 2.74 -16.44
N ASN I 74 -4.56 2.36 -17.31
CA ASN I 74 -4.86 2.35 -18.76
C ASN I 74 -5.30 0.93 -19.20
N GLU I 75 -5.71 0.15 -18.23
CA GLU I 75 -6.12 -1.19 -18.54
C GLU I 75 -7.60 -1.35 -18.27
N THR I 76 -8.31 -1.72 -19.34
CA THR I 76 -9.77 -1.72 -19.37
C THR I 76 -10.24 -2.99 -20.09
N GLY I 77 -11.54 -3.07 -20.34
CA GLY I 77 -12.10 -4.24 -21.00
C GLY I 77 -12.55 -5.30 -20.01
N LEU I 78 -13.51 -6.12 -20.43
CA LEU I 78 -14.13 -7.10 -19.57
C LEU I 78 -13.07 -8.01 -18.99
N PHE I 79 -12.01 -8.25 -19.77
CA PHE I 79 -10.96 -9.15 -19.30
C PHE I 79 -9.58 -8.51 -19.14
N ASN I 80 -9.55 -7.18 -19.12
CA ASN I 80 -8.32 -6.43 -18.83
C ASN I 80 -7.21 -6.65 -19.84
N ASP I 81 -7.64 -6.93 -21.08
CA ASP I 81 -6.78 -7.08 -22.28
C ASP I 81 -6.85 -5.88 -23.21
N GLU I 82 -7.55 -4.83 -22.84
CA GLU I 82 -7.62 -3.60 -23.64
C GLU I 82 -6.91 -2.41 -23.00
N THR I 83 -6.33 -1.56 -23.83
CA THR I 83 -5.95 -0.20 -23.41
C THR I 83 -7.12 0.82 -23.52
N VAL I 84 -7.07 1.89 -22.74
CA VAL I 84 -8.07 2.94 -22.88
C VAL I 84 -7.65 3.75 -24.05
N PHE I 85 -6.37 4.09 -24.05
CA PHE I 85 -5.69 4.75 -25.16
C PHE I 85 -4.47 3.89 -25.51
N ALA I 86 -4.27 3.59 -26.79
CA ALA I 86 -3.17 2.75 -27.21
C ALA I 86 -1.86 3.41 -26.85
N LYS I 87 -0.88 2.60 -26.46
CA LYS I 87 0.39 3.14 -25.98
C LYS I 87 1.58 2.97 -26.92
N ASP I 88 2.10 1.74 -27.02
CA ASP I 88 3.25 1.49 -27.91
C ASP I 88 2.80 0.92 -29.26
N THR I 89 1.72 0.16 -29.26
CA THR I 89 1.29 -0.50 -30.48
C THR I 89 -0.24 -0.39 -30.72
N VAL I 90 -0.61 -0.24 -31.99
CA VAL I 90 -2.00 -0.42 -32.43
C VAL I 90 -2.22 -1.82 -33.03
N THR I 91 -3.37 -2.40 -32.71
CA THR I 91 -3.68 -3.81 -33.04
C THR I 91 -4.93 -3.99 -33.94
N CYS I 92 -5.55 -2.87 -34.36
CA CYS I 92 -6.59 -2.86 -35.40
C CYS I 92 -6.83 -1.47 -35.94
N VAL I 93 -7.47 -1.37 -37.11
CA VAL I 93 -7.73 -0.07 -37.72
C VAL I 93 -8.53 0.84 -36.77
N GLY I 94 -9.74 0.52 -36.34
CA GLY I 94 -10.40 1.48 -35.40
C GLY I 94 -9.85 1.79 -33.99
N HIS I 95 -8.61 1.36 -33.72
CA HIS I 95 -8.04 1.33 -32.38
C HIS I 95 -7.80 2.72 -31.83
N ILE I 96 -8.33 2.99 -30.64
CA ILE I 96 -8.26 4.31 -30.04
C ILE I 96 -6.84 4.66 -29.48
N ILE I 97 -6.24 5.72 -30.02
CA ILE I 97 -4.92 6.10 -29.64
C ILE I 97 -4.95 7.22 -28.62
N GLY I 98 -6.02 8.01 -28.68
CA GLY I 98 -6.04 9.29 -28.01
C GLY I 98 -7.29 10.03 -28.41
N ALA I 99 -7.36 11.31 -28.03
CA ALA I 99 -8.55 12.10 -28.36
C ALA I 99 -8.34 13.60 -28.24
N VAL I 100 -9.02 14.32 -29.11
CA VAL I 100 -8.88 15.75 -29.19
C VAL I 100 -10.09 16.29 -28.51
N VAL I 101 -9.92 17.39 -27.78
CA VAL I 101 -11.00 18.02 -27.05
C VAL I 101 -11.04 19.45 -27.53
N ALA I 102 -12.19 19.92 -28.00
CA ALA I 102 -12.33 21.29 -28.50
C ALA I 102 -13.64 21.91 -28.08
N ASP I 103 -13.84 23.18 -28.42
CA ASP I 103 -15.02 23.88 -27.98
C ASP I 103 -16.29 23.66 -28.80
N THR I 104 -16.17 23.04 -29.97
CA THR I 104 -17.33 22.64 -30.73
C THR I 104 -17.06 21.23 -31.26
N PRO I 105 -18.12 20.52 -31.70
CA PRO I 105 -17.89 19.22 -32.33
C PRO I 105 -17.21 19.35 -33.68
N GLU I 106 -17.42 20.50 -34.33
CA GLU I 106 -16.81 20.79 -35.64
C GLU I 106 -15.33 20.94 -35.47
N HIS I 107 -14.95 21.89 -34.61
CA HIS I 107 -13.54 22.13 -34.32
C HIS I 107 -12.82 20.83 -33.97
N ALA I 108 -13.42 20.06 -33.08
CA ALA I 108 -12.85 18.78 -32.68
C ALA I 108 -12.65 17.83 -33.86
N GLU I 109 -13.62 17.78 -34.77
CA GLU I 109 -13.51 17.01 -36.00
C GLU I 109 -12.33 17.49 -36.86
N ARG I 110 -12.27 18.78 -37.19
CA ARG I 110 -11.16 19.30 -37.98
C ARG I 110 -9.80 18.97 -37.37
N ALA I 111 -9.70 19.09 -36.04
CA ALA I 111 -8.44 18.91 -35.31
C ALA I 111 -8.01 17.43 -35.16
N ALA I 112 -8.96 16.56 -34.87
CA ALA I 112 -8.72 15.13 -34.82
C ALA I 112 -8.11 14.65 -36.14
N HIS I 113 -8.63 15.17 -37.23
CA HIS I 113 -8.21 14.75 -38.56
C HIS I 113 -6.78 15.23 -38.88
N VAL I 114 -6.33 16.30 -38.22
CA VAL I 114 -5.01 16.88 -38.48
C VAL I 114 -3.88 16.27 -37.59
N VAL I 115 -4.21 15.39 -36.67
CA VAL I 115 -3.16 14.72 -35.90
C VAL I 115 -2.33 13.74 -36.75
N LYS I 116 -1.04 14.02 -37.00
CA LYS I 116 -0.20 13.01 -37.72
C LYS I 116 0.30 11.92 -36.79
N VAL I 117 0.06 10.66 -37.18
CA VAL I 117 0.57 9.50 -36.46
C VAL I 117 1.58 8.73 -37.32
N THR I 118 2.79 8.54 -36.83
CA THR I 118 3.77 7.78 -37.59
C THR I 118 3.79 6.34 -37.13
N TYR I 119 3.91 5.43 -38.08
CA TYR I 119 3.70 4.01 -37.81
C TYR I 119 4.88 3.19 -38.30
N GLU I 120 5.05 2.02 -37.72
CA GLU I 120 5.90 0.99 -38.30
C GLU I 120 5.07 -0.27 -38.33
N ASP I 121 4.81 -0.77 -39.54
CA ASP I 121 3.90 -1.91 -39.70
C ASP I 121 4.42 -3.23 -39.14
N LEU I 122 3.50 -4.08 -38.69
CA LEU I 122 3.83 -5.37 -38.15
C LEU I 122 3.01 -6.43 -38.90
N PRO I 123 3.41 -7.72 -38.85
CA PRO I 123 2.58 -8.76 -39.51
C PRO I 123 1.16 -8.69 -38.96
N ALA I 124 0.19 -8.79 -39.85
CA ALA I 124 -1.18 -8.63 -39.43
C ALA I 124 -2.00 -9.91 -39.64
N ILE I 125 -2.85 -10.25 -38.70
CA ILE I 125 -3.72 -11.39 -38.87
C ILE I 125 -5.15 -10.88 -39.05
N ILE I 126 -5.75 -11.16 -40.22
CA ILE I 126 -7.07 -10.61 -40.51
C ILE I 126 -8.22 -11.63 -40.57
N THR I 127 -8.08 -12.66 -41.38
CA THR I 127 -9.19 -13.60 -41.60
C THR I 127 -9.17 -14.71 -40.58
N ILE I 128 -10.26 -15.47 -40.54
CA ILE I 128 -10.32 -16.67 -39.74
C ILE I 128 -9.22 -17.69 -40.19
N GLU I 129 -9.06 -17.84 -41.52
CA GLU I 129 -8.03 -18.71 -42.13
C GLU I 129 -6.65 -18.28 -41.64
N ASP I 130 -6.43 -16.97 -41.59
CA ASP I 130 -5.14 -16.42 -41.11
C ASP I 130 -4.93 -16.77 -39.66
N ALA I 131 -5.99 -16.69 -38.87
CA ALA I 131 -5.92 -17.08 -37.47
C ALA I 131 -5.50 -18.54 -37.31
N ILE I 132 -6.18 -19.45 -38.01
CA ILE I 132 -5.87 -20.88 -37.92
C ILE I 132 -4.41 -21.14 -38.35
N LYS I 133 -4.07 -20.85 -39.60
CA LYS I 133 -2.69 -20.98 -40.05
C LYS I 133 -1.64 -20.52 -39.01
N ASN I 134 -1.91 -19.45 -38.28
CA ASN I 134 -0.97 -18.94 -37.27
C ASN I 134 -1.26 -19.32 -35.79
N ASN I 135 -2.24 -20.20 -35.57
CA ASN I 135 -2.56 -20.60 -34.21
C ASN I 135 -2.69 -19.36 -33.31
N SER I 136 -3.54 -18.44 -33.74
CA SER I 136 -3.75 -17.18 -33.04
C SER I 136 -5.15 -17.11 -32.41
N PHE I 137 -5.26 -17.59 -31.16
CA PHE I 137 -6.54 -17.75 -30.50
C PHE I 137 -6.59 -17.09 -29.11
N TYR I 138 -7.82 -16.84 -28.62
CA TYR I 138 -8.02 -16.47 -27.23
C TYR I 138 -8.45 -17.72 -26.51
N GLY I 139 -7.64 -18.16 -25.52
CA GLY I 139 -7.95 -19.34 -24.74
C GLY I 139 -7.95 -20.62 -25.55
N SER I 140 -8.34 -21.73 -24.92
CA SER I 140 -8.43 -23.00 -25.61
C SER I 140 -9.85 -23.39 -26.03
N GLU I 141 -9.93 -24.54 -26.71
CA GLU I 141 -11.14 -25.05 -27.33
C GLU I 141 -12.35 -25.25 -26.39
N LEU I 142 -13.52 -24.78 -26.79
CA LEU I 142 -14.76 -25.12 -26.09
C LEU I 142 -15.39 -26.34 -26.73
N LYS I 143 -16.09 -27.15 -25.93
CA LYS I 143 -16.64 -28.41 -26.45
C LYS I 143 -17.86 -28.96 -25.71
N ILE I 144 -18.83 -29.42 -26.49
CA ILE I 144 -19.93 -30.22 -25.97
C ILE I 144 -19.91 -31.53 -26.77
N GLU I 145 -20.00 -32.65 -26.06
CA GLU I 145 -19.99 -33.95 -26.72
C GLU I 145 -20.95 -34.86 -25.98
N LYS I 146 -21.81 -35.53 -26.72
CA LYS I 146 -22.74 -36.48 -26.13
C LYS I 146 -22.77 -37.69 -27.02
N GLY I 147 -22.96 -38.87 -26.46
CA GLY I 147 -23.11 -40.07 -27.28
C GLY I 147 -21.77 -40.57 -27.79
N ASP I 148 -21.80 -41.33 -28.88
CA ASP I 148 -20.53 -41.81 -29.45
C ASP I 148 -20.36 -41.53 -30.92
N LEU I 149 -19.34 -40.73 -31.25
CA LEU I 149 -19.15 -40.28 -32.63
C LEU I 149 -18.85 -41.44 -33.59
N LYS I 150 -17.69 -42.07 -33.46
CA LYS I 150 -17.43 -43.26 -34.27
C LYS I 150 -18.47 -44.30 -33.87
N LYS I 151 -19.37 -44.66 -34.78
CA LYS I 151 -20.45 -45.59 -34.44
C LYS I 151 -21.78 -45.03 -34.90
N GLY I 152 -22.00 -43.75 -34.59
CA GLY I 152 -23.03 -42.97 -35.28
C GLY I 152 -22.61 -43.00 -36.73
N PHE I 153 -21.38 -42.55 -36.99
CA PHE I 153 -20.78 -42.59 -38.32
C PHE I 153 -20.63 -44.00 -38.90
N SER I 154 -20.36 -45.00 -38.05
CA SER I 154 -20.43 -46.41 -38.48
C SER I 154 -21.83 -46.84 -38.89
N GLU I 155 -22.83 -46.36 -38.14
CA GLU I 155 -24.23 -46.63 -38.41
C GLU I 155 -24.78 -45.95 -39.68
N ALA I 156 -24.17 -44.83 -40.10
CA ALA I 156 -24.75 -43.94 -41.11
C ALA I 156 -24.74 -44.51 -42.52
N ASP I 157 -25.81 -44.25 -43.25
CA ASP I 157 -25.94 -44.58 -44.67
C ASP I 157 -25.15 -43.62 -45.55
N ASN I 158 -25.35 -42.32 -45.30
CA ASN I 158 -24.64 -41.23 -45.98
C ASN I 158 -23.95 -40.31 -44.99
N VAL I 159 -22.86 -39.73 -45.46
CA VAL I 159 -22.11 -38.73 -44.72
C VAL I 159 -21.87 -37.51 -45.65
N VAL I 160 -22.51 -36.39 -45.34
CA VAL I 160 -22.23 -35.14 -46.04
C VAL I 160 -21.29 -34.34 -45.18
N SER I 161 -20.35 -33.64 -45.79
CA SER I 161 -19.45 -32.82 -45.02
C SER I 161 -19.07 -31.56 -45.75
N GLY I 162 -18.71 -30.53 -45.01
CA GLY I 162 -18.33 -29.31 -45.68
C GLY I 162 -17.83 -28.19 -44.81
N GLU I 163 -17.88 -26.99 -45.38
CA GLU I 163 -17.50 -25.76 -44.70
C GLU I 163 -18.42 -24.58 -45.09
N LEU I 164 -18.78 -23.78 -44.09
CA LEU I 164 -19.73 -22.65 -44.24
C LEU I 164 -19.16 -21.40 -43.61
N TYR I 165 -19.57 -20.25 -44.11
CA TYR I 165 -19.16 -18.99 -43.51
C TYR I 165 -20.41 -18.12 -43.34
N ILE I 166 -20.46 -17.39 -42.24
CA ILE I 166 -21.44 -16.33 -42.10
C ILE I 166 -20.79 -14.99 -41.68
N GLY I 167 -20.98 -13.98 -42.53
CA GLY I 167 -20.40 -12.67 -42.35
C GLY I 167 -20.93 -12.03 -41.08
N GLY I 168 -20.22 -11.01 -40.57
CA GLY I 168 -20.58 -10.34 -39.34
C GLY I 168 -21.86 -9.54 -39.48
N GLN I 169 -21.94 -8.39 -38.82
CA GLN I 169 -23.13 -7.49 -38.92
C GLN I 169 -22.95 -6.23 -38.06
N ASP I 170 -23.26 -5.08 -38.62
CA ASP I 170 -23.20 -3.84 -37.81
C ASP I 170 -24.52 -3.60 -37.11
N HIS I 171 -24.47 -3.16 -35.86
CA HIS I 171 -25.69 -2.94 -35.12
C HIS I 171 -26.70 -2.00 -35.78
N PHE I 172 -26.15 -0.93 -36.37
CA PHE I 172 -26.89 0.16 -36.96
C PHE I 172 -28.08 0.62 -36.15
N TYR I 173 -27.82 0.85 -34.86
CA TYR I 173 -28.76 1.51 -33.94
C TYR I 173 -28.88 2.90 -34.50
N LEU I 174 -30.08 3.43 -34.64
CA LEU I 174 -30.19 4.77 -35.23
C LEU I 174 -29.40 5.86 -34.51
N GLU I 175 -29.39 5.80 -33.18
CA GLU I 175 -28.54 6.69 -32.37
C GLU I 175 -27.15 6.05 -32.10
N THR I 176 -26.08 6.73 -32.46
CA THR I 176 -24.72 6.19 -32.23
C THR I 176 -24.30 6.20 -30.74
N HIS I 177 -23.08 5.81 -30.42
CA HIS I 177 -22.63 5.90 -29.03
C HIS I 177 -22.47 7.34 -28.61
N CYS I 178 -22.61 7.53 -27.32
CA CYS I 178 -22.80 8.84 -26.81
C CYS I 178 -22.60 8.91 -25.31
N THR I 179 -21.87 9.90 -24.84
CA THR I 179 -21.60 10.09 -23.41
C THR I 179 -21.42 11.56 -23.05
N ILE I 180 -22.17 12.03 -22.07
CA ILE I 180 -21.88 13.30 -21.41
C ILE I 180 -21.25 12.99 -20.04
N ALA I 181 -20.06 13.53 -19.78
CA ALA I 181 -19.37 13.38 -18.50
C ALA I 181 -19.34 14.71 -17.78
N ILE I 182 -19.87 14.72 -16.56
CA ILE I 182 -19.84 15.96 -15.77
C ILE I 182 -18.96 15.83 -14.50
N PRO I 183 -17.81 16.54 -14.47
CA PRO I 183 -16.90 16.50 -13.30
C PRO I 183 -17.45 17.43 -12.26
N LYS I 184 -17.65 16.90 -11.07
CA LYS I 184 -18.40 17.57 -10.04
C LYS I 184 -17.49 18.40 -9.13
N GLY I 185 -16.19 18.49 -9.43
CA GLY I 185 -15.24 19.24 -8.61
C GLY I 185 -14.75 18.63 -7.31
N GLU I 186 -15.63 17.97 -6.56
CA GLU I 186 -15.33 17.46 -5.20
C GLU I 186 -14.94 15.99 -5.29
N GLU I 187 -13.90 15.62 -4.54
CA GLU I 187 -13.69 14.23 -4.15
C GLU I 187 -13.58 13.22 -5.26
N GLY I 188 -13.32 13.71 -6.45
CA GLY I 188 -13.34 12.88 -7.65
C GLY I 188 -14.72 12.48 -8.16
N GLU I 189 -15.79 13.04 -7.62
CA GLU I 189 -17.11 12.64 -8.09
C GLU I 189 -17.31 13.03 -9.53
N MET I 190 -18.16 12.30 -10.24
CA MET I 190 -18.47 12.61 -11.61
C MET I 190 -19.82 11.99 -11.95
N GLU I 191 -20.67 12.75 -12.66
CA GLU I 191 -22.00 12.31 -13.06
C GLU I 191 -22.00 12.15 -14.57
N LEU I 192 -22.35 10.96 -15.07
CA LEU I 192 -22.39 10.69 -16.53
C LEU I 192 -23.77 10.37 -17.08
N PHE I 193 -24.01 10.75 -18.31
CA PHE I 193 -25.25 10.41 -19.01
C PHE I 193 -24.82 9.68 -20.23
N VAL I 194 -25.14 8.38 -20.29
CA VAL I 194 -24.65 7.59 -21.42
C VAL I 194 -25.74 6.76 -22.07
N SER I 195 -25.54 6.53 -23.36
CA SER I 195 -26.34 5.65 -24.19
C SER I 195 -25.70 4.25 -24.07
N THR I 196 -26.14 3.51 -23.06
CA THR I 196 -25.57 2.20 -22.73
C THR I 196 -26.62 1.28 -22.09
N GLN I 197 -26.42 -0.02 -22.26
CA GLN I 197 -27.27 -1.06 -21.67
C GLN I 197 -26.58 -1.55 -20.40
N ASN I 198 -25.38 -1.07 -20.16
CA ASN I 198 -24.56 -1.56 -19.07
C ASN I 198 -24.07 -0.37 -18.23
N ALA I 199 -24.98 0.09 -17.37
CA ALA I 199 -24.68 1.21 -16.48
C ALA I 199 -23.51 0.87 -15.54
N MET I 200 -23.56 -0.30 -14.91
CA MET I 200 -22.51 -0.72 -13.97
C MET I 200 -21.07 -0.82 -14.54
N LYS I 201 -20.91 -1.43 -15.72
CA LYS I 201 -19.59 -1.60 -16.29
C LYS I 201 -19.06 -0.23 -16.64
N THR I 202 -19.96 0.67 -17.03
CA THR I 202 -19.55 2.02 -17.34
C THR I 202 -18.97 2.66 -16.08
N GLN I 203 -19.71 2.55 -14.96
CA GLN I 203 -19.28 3.07 -13.66
C GLN I 203 -17.93 2.51 -13.28
N SER I 204 -17.79 1.20 -13.40
CA SER I 204 -16.56 0.53 -13.00
C SER I 204 -15.38 0.99 -13.80
N PHE I 205 -15.55 1.01 -15.11
CA PHE I 205 -14.46 1.35 -16.00
C PHE I 205 -14.08 2.82 -15.89
N VAL I 206 -15.05 3.68 -15.60
CA VAL I 206 -14.72 5.08 -15.41
C VAL I 206 -13.85 5.22 -14.16
N ALA I 207 -14.25 4.52 -13.10
CA ALA I 207 -13.62 4.56 -11.78
C ALA I 207 -12.22 3.95 -11.78
N LYS I 208 -12.07 2.81 -12.45
CA LYS I 208 -10.79 2.14 -12.58
C LYS I 208 -9.84 3.07 -13.28
N MET I 209 -10.25 3.64 -14.42
CA MET I 209 -9.36 4.55 -15.13
C MET I 209 -8.97 5.79 -14.30
N LEU I 210 -9.85 6.29 -13.45
CA LEU I 210 -9.54 7.48 -12.66
C LEU I 210 -8.75 7.12 -11.43
N GLY I 211 -8.83 5.85 -11.03
CA GLY I 211 -8.15 5.38 -9.82
C GLY I 211 -8.89 5.92 -8.61
N VAL I 212 -10.18 5.66 -8.58
CA VAL I 212 -11.12 6.30 -7.67
C VAL I 212 -12.19 5.27 -7.29
N PRO I 213 -12.68 5.33 -6.05
CA PRO I 213 -13.69 4.29 -5.74
C PRO I 213 -14.93 4.42 -6.59
N VAL I 214 -15.60 3.29 -6.83
CA VAL I 214 -16.83 3.22 -7.62
C VAL I 214 -17.95 4.14 -7.11
N ASN I 215 -17.84 4.54 -5.85
CA ASN I 215 -18.96 5.21 -5.18
C ASN I 215 -18.90 6.73 -5.47
N ARG I 216 -17.88 7.12 -6.22
CA ARG I 216 -17.80 8.49 -6.71
C ARG I 216 -18.55 8.66 -8.04
N ILE I 217 -18.84 7.55 -8.71
CA ILE I 217 -19.28 7.59 -10.10
C ILE I 217 -20.79 7.29 -10.24
N LEU I 218 -21.53 8.24 -10.79
CA LEU I 218 -22.95 8.10 -10.95
C LEU I 218 -23.26 8.02 -12.45
N VAL I 219 -23.91 6.93 -12.86
CA VAL I 219 -24.22 6.72 -14.30
C VAL I 219 -25.73 6.67 -14.50
N ARG I 220 -26.18 7.43 -15.48
CA ARG I 220 -27.60 7.71 -15.67
C ARG I 220 -27.93 7.49 -17.13
N VAL I 221 -28.99 6.71 -17.34
CA VAL I 221 -29.40 6.24 -18.66
C VAL I 221 -30.90 6.47 -18.78
N LYS I 222 -31.29 7.54 -19.45
CA LYS I 222 -32.69 7.79 -19.69
C LYS I 222 -33.27 6.71 -20.65
N ARG I 223 -32.77 6.73 -21.89
CA ARG I 223 -33.15 5.78 -22.94
C ARG I 223 -32.02 5.71 -23.99
N MET I 224 -32.05 4.68 -24.84
CA MET I 224 -31.19 4.61 -25.97
C MET I 224 -32.02 4.59 -27.24
N GLY I 225 -31.46 5.18 -28.30
CA GLY I 225 -31.91 4.98 -29.69
C GLY I 225 -31.40 3.66 -30.28
N GLY I 226 -31.78 2.56 -29.64
CA GLY I 226 -31.36 1.23 -30.06
C GLY I 226 -30.04 0.89 -29.40
N GLY I 227 -29.83 -0.41 -29.13
CA GLY I 227 -28.55 -0.92 -28.64
C GLY I 227 -28.23 -2.29 -29.23
N PHE I 228 -29.23 -3.18 -29.27
CA PHE I 228 -29.11 -4.50 -29.88
C PHE I 228 -27.82 -5.23 -29.51
N GLY I 229 -27.30 -4.95 -28.31
CA GLY I 229 -26.08 -5.61 -27.82
C GLY I 229 -24.80 -4.82 -28.02
N GLY I 230 -24.79 -3.96 -29.04
CA GLY I 230 -23.60 -3.22 -29.40
C GLY I 230 -23.20 -2.27 -28.31
N LYS I 231 -24.18 -1.94 -27.46
CA LYS I 231 -23.99 -1.13 -26.28
C LYS I 231 -24.01 -1.91 -24.99
N GLU I 232 -23.81 -3.26 -25.04
CA GLU I 232 -23.65 -4.07 -23.80
C GLU I 232 -22.25 -3.86 -23.15
N THR I 233 -21.25 -3.53 -23.95
CA THR I 233 -19.91 -3.34 -23.40
C THR I 233 -19.11 -2.30 -24.13
N ARG I 234 -19.38 -2.12 -25.42
CA ARG I 234 -18.49 -1.31 -26.24
C ARG I 234 -18.71 0.19 -26.07
N SER I 235 -19.76 0.55 -25.32
CA SER I 235 -20.10 1.92 -24.98
C SER I 235 -18.99 2.48 -24.17
N THR I 236 -18.29 1.63 -23.44
CA THR I 236 -17.30 2.13 -22.53
C THR I 236 -16.05 2.75 -23.22
N LEU I 237 -15.90 2.51 -24.54
CA LEU I 237 -14.78 3.03 -25.34
C LEU I 237 -14.90 4.54 -25.45
N VAL I 238 -16.14 5.01 -25.60
CA VAL I 238 -16.41 6.42 -25.65
C VAL I 238 -16.55 6.95 -24.23
N SER I 239 -17.14 6.14 -23.34
CA SER I 239 -17.41 6.63 -21.99
C SER I 239 -16.15 6.96 -21.23
N VAL I 240 -15.25 6.00 -21.20
CA VAL I 240 -14.04 6.17 -20.44
C VAL I 240 -13.22 7.35 -20.97
N ALA I 241 -13.16 7.51 -22.29
CA ALA I 241 -12.46 8.60 -22.91
C ALA I 241 -13.10 10.01 -22.62
N VAL I 242 -14.43 10.08 -22.63
CA VAL I 242 -15.15 11.29 -22.25
C VAL I 242 -14.91 11.65 -20.77
N ALA I 243 -14.87 10.63 -19.92
CA ALA I 243 -14.52 10.85 -18.51
C ALA I 243 -13.14 11.43 -18.32
N LEU I 244 -12.15 10.90 -19.04
CA LEU I 244 -10.79 11.45 -18.95
C LEU I 244 -10.73 12.95 -19.25
N ALA I 245 -11.38 13.38 -20.31
CA ALA I 245 -11.39 14.79 -20.66
C ALA I 245 -12.06 15.58 -19.57
N ALA I 246 -13.12 15.03 -18.98
CA ALA I 246 -13.84 15.74 -17.92
C ALA I 246 -12.91 15.99 -16.72
N TYR I 247 -12.33 14.91 -16.20
CA TYR I 247 -11.27 14.97 -15.21
C TYR I 247 -10.12 15.93 -15.58
N LYS I 248 -9.56 15.74 -16.76
CA LYS I 248 -8.34 16.45 -17.10
C LYS I 248 -8.52 17.96 -17.26
N THR I 249 -9.69 18.39 -17.72
CA THR I 249 -9.93 19.79 -18.08
C THR I 249 -10.77 20.46 -17.03
N GLY I 250 -11.43 19.68 -16.19
CA GLY I 250 -12.35 20.22 -15.18
C GLY I 250 -13.72 20.64 -15.72
N HIS I 251 -13.94 20.49 -17.01
CA HIS I 251 -15.22 20.91 -17.67
C HIS I 251 -16.14 19.73 -18.01
N PRO I 252 -17.45 19.98 -18.08
CA PRO I 252 -18.32 19.05 -18.81
C PRO I 252 -17.77 18.70 -20.19
N VAL I 253 -17.68 17.42 -20.53
CA VAL I 253 -17.35 16.99 -21.91
C VAL I 253 -18.39 16.02 -22.50
N ARG I 254 -18.69 16.15 -23.79
CA ARG I 254 -19.51 15.14 -24.43
C ARG I 254 -18.93 14.66 -25.71
N CYS I 255 -19.45 13.52 -26.19
CA CYS I 255 -19.15 13.03 -27.53
C CYS I 255 -20.29 12.20 -28.06
N MET I 256 -20.63 12.37 -29.32
CA MET I 256 -21.53 11.44 -29.96
C MET I 256 -20.81 11.10 -31.23
N LEU I 257 -20.60 9.82 -31.52
CA LEU I 257 -19.84 9.45 -32.72
C LEU I 257 -20.59 9.73 -34.02
N ASP I 258 -19.87 9.99 -35.11
CA ASP I 258 -20.52 9.95 -36.41
C ASP I 258 -20.63 8.49 -36.86
N ARG I 259 -21.63 8.20 -37.68
CA ARG I 259 -21.83 6.86 -38.16
C ARG I 259 -20.57 6.09 -38.55
N ASN I 260 -19.68 6.73 -39.29
CA ASN I 260 -18.47 6.06 -39.76
C ASN I 260 -17.48 5.77 -38.64
N GLU I 261 -17.41 6.65 -37.66
CA GLU I 261 -16.60 6.38 -36.49
C GLU I 261 -17.13 5.11 -35.75
N ASP I 262 -18.45 5.04 -35.62
CA ASP I 262 -19.14 3.99 -34.86
C ASP I 262 -18.97 2.59 -35.45
N MET I 263 -19.09 2.50 -36.77
CA MET I 263 -18.95 1.26 -37.53
C MET I 263 -17.53 0.74 -37.61
N LEU I 264 -16.57 1.65 -37.59
CA LEU I 264 -15.20 1.24 -37.54
C LEU I 264 -14.87 0.77 -36.10
N ILE I 265 -15.27 1.55 -35.10
CA ILE I 265 -14.74 1.42 -33.74
C ILE I 265 -15.46 0.41 -32.83
N THR I 266 -16.80 0.44 -32.79
CA THR I 266 -17.60 -0.27 -31.79
C THR I 266 -17.71 -1.78 -31.97
N GLY I 267 -17.35 -2.28 -33.14
CA GLY I 267 -17.46 -3.74 -33.37
C GLY I 267 -18.88 -4.13 -33.66
N GLY I 268 -19.07 -5.35 -34.13
CA GLY I 268 -20.39 -5.87 -34.49
C GLY I 268 -20.47 -7.36 -34.21
N ARG I 269 -21.36 -8.07 -34.89
CA ARG I 269 -21.56 -9.50 -34.68
C ARG I 269 -20.33 -10.35 -35.07
N HIS I 270 -20.18 -11.50 -34.45
CA HIS I 270 -19.08 -12.40 -34.79
C HIS I 270 -19.20 -13.15 -36.12
N PRO I 271 -18.33 -12.81 -37.10
CA PRO I 271 -18.33 -13.70 -38.25
C PRO I 271 -17.95 -15.13 -37.78
N PHE I 272 -18.51 -16.14 -38.42
CA PHE I 272 -18.27 -17.53 -38.08
C PHE I 272 -17.86 -18.38 -39.26
N LEU I 273 -16.91 -19.29 -39.04
CA LEU I 273 -16.62 -20.33 -40.03
C LEU I 273 -16.87 -21.66 -39.40
N ALA I 274 -17.68 -22.47 -40.03
CA ALA I 274 -17.91 -23.79 -39.51
C ALA I 274 -17.42 -24.85 -40.48
N ARG I 275 -16.69 -25.83 -39.94
CA ARG I 275 -16.36 -27.08 -40.65
C ARG I 275 -17.23 -28.15 -40.02
N TYR I 276 -18.03 -28.82 -40.85
CA TYR I 276 -19.07 -29.77 -40.38
C TYR I 276 -19.11 -31.10 -41.16
N LYS I 277 -19.70 -32.10 -40.51
CA LYS I 277 -19.83 -33.47 -41.00
C LYS I 277 -21.11 -34.02 -40.38
N VAL I 278 -22.08 -34.40 -41.22
CA VAL I 278 -23.32 -35.05 -40.75
C VAL I 278 -23.40 -36.48 -41.23
N GLY I 279 -23.98 -37.33 -40.40
CA GLY I 279 -24.21 -38.73 -40.70
C GLY I 279 -25.67 -39.05 -40.51
N PHE I 280 -26.29 -39.57 -41.57
CA PHE I 280 -27.73 -39.75 -41.56
C PHE I 280 -28.15 -41.00 -42.31
N MET I 281 -29.43 -41.35 -42.22
CA MET I 281 -29.93 -42.54 -42.87
C MET I 281 -30.58 -42.12 -44.18
N LYS I 282 -30.99 -43.09 -44.98
CA LYS I 282 -31.80 -42.85 -46.17
C LYS I 282 -33.24 -42.40 -45.85
N THR I 283 -33.63 -42.48 -44.57
CA THR I 283 -34.88 -41.89 -44.08
C THR I 283 -34.75 -40.37 -43.97
N GLY I 284 -33.52 -39.87 -43.88
CA GLY I 284 -33.27 -38.46 -43.48
C GLY I 284 -33.04 -38.27 -41.98
N THR I 285 -32.97 -39.39 -41.25
CA THR I 285 -32.81 -39.38 -39.82
C THR I 285 -31.35 -39.16 -39.48
N ILE I 286 -31.05 -38.04 -38.81
CA ILE I 286 -29.67 -37.71 -38.41
C ILE I 286 -29.19 -38.63 -37.30
N VAL I 287 -27.94 -39.06 -37.38
CA VAL I 287 -27.45 -40.07 -36.44
C VAL I 287 -26.14 -39.66 -35.77
N ALA I 288 -25.39 -38.82 -36.47
CA ALA I 288 -24.09 -38.35 -36.01
C ALA I 288 -23.92 -36.96 -36.56
N LEU I 289 -23.43 -36.04 -35.72
CA LEU I 289 -23.08 -34.67 -36.13
C LEU I 289 -21.74 -34.20 -35.53
N GLU I 290 -20.89 -33.61 -36.34
CA GLU I 290 -19.65 -33.05 -35.85
C GLU I 290 -19.45 -31.66 -36.44
N VAL I 291 -19.23 -30.65 -35.60
CA VAL I 291 -19.09 -29.30 -36.10
C VAL I 291 -18.05 -28.53 -35.30
N ASP I 292 -17.02 -28.04 -36.00
CA ASP I 292 -16.01 -27.19 -35.43
C ASP I 292 -16.31 -25.75 -35.79
N HIS I 293 -16.56 -24.92 -34.76
CA HIS I 293 -16.88 -23.51 -34.98
C HIS I 293 -15.64 -22.65 -34.79
N TYR I 294 -15.54 -21.57 -35.57
CA TYR I 294 -14.50 -20.56 -35.40
C TYR I 294 -15.16 -19.21 -35.53
N SER I 295 -15.12 -18.39 -34.48
CA SER I 295 -15.56 -16.98 -34.60
C SER I 295 -14.39 -16.04 -34.84
N ASN I 296 -14.66 -14.87 -35.36
CA ASN I 296 -13.62 -13.92 -35.59
C ASN I 296 -13.68 -12.88 -34.49
N ALA I 297 -12.94 -13.10 -33.40
CA ALA I 297 -13.05 -12.21 -32.21
C ALA I 297 -12.57 -10.75 -32.39
N GLY I 298 -11.53 -10.54 -33.19
CA GLY I 298 -10.92 -9.23 -33.24
C GLY I 298 -9.90 -9.03 -32.12
N ASN I 299 -9.72 -7.79 -31.68
CA ASN I 299 -8.48 -7.53 -30.94
C ASN I 299 -8.57 -7.54 -29.44
N SER I 300 -9.68 -8.04 -28.92
CA SER I 300 -9.81 -8.28 -27.48
C SER I 300 -10.84 -9.38 -27.28
N ARG I 301 -10.85 -10.02 -26.12
CA ARG I 301 -11.83 -11.03 -25.76
C ARG I 301 -13.24 -10.46 -25.76
N ASP I 302 -13.48 -9.43 -24.94
CA ASP I 302 -14.85 -8.95 -24.69
C ASP I 302 -15.76 -10.12 -24.34
N LEU I 303 -16.82 -10.30 -25.14
CA LEU I 303 -17.89 -11.26 -24.86
C LEU I 303 -17.74 -12.55 -25.68
N SER I 304 -16.63 -12.65 -26.42
CA SER I 304 -16.46 -13.75 -27.33
C SER I 304 -16.64 -15.16 -26.70
N HIS I 305 -16.07 -15.39 -25.52
CA HIS I 305 -16.13 -16.74 -24.91
C HIS I 305 -17.58 -17.17 -24.80
N SER I 306 -18.39 -16.23 -24.28
CA SER I 306 -19.79 -16.40 -23.98
C SER I 306 -20.64 -16.52 -25.25
N ILE I 307 -20.22 -15.79 -26.29
CA ILE I 307 -20.86 -15.91 -27.60
C ILE I 307 -20.62 -17.29 -28.23
N MET I 308 -19.42 -17.85 -28.04
CA MET I 308 -19.19 -19.24 -28.47
C MET I 308 -19.98 -20.28 -27.69
N GLU I 309 -20.12 -20.07 -26.37
CA GLU I 309 -20.92 -20.96 -25.53
C GLU I 309 -22.40 -21.02 -25.90
N ARG I 310 -23.00 -19.88 -26.19
CA ARG I 310 -24.37 -19.88 -26.66
C ARG I 310 -24.45 -20.54 -28.05
N ALA I 311 -23.49 -20.22 -28.92
CA ALA I 311 -23.43 -20.88 -30.21
C ALA I 311 -23.52 -22.38 -30.02
N LEU I 312 -22.67 -22.91 -29.12
CA LEU I 312 -22.55 -24.34 -28.90
C LEU I 312 -23.84 -24.85 -28.29
N PHE I 313 -24.54 -23.99 -27.55
CA PHE I 313 -25.75 -24.46 -26.91
C PHE I 313 -26.85 -24.61 -27.91
N HIS I 314 -26.56 -24.24 -29.17
CA HIS I 314 -27.61 -24.04 -30.16
C HIS I 314 -27.39 -24.80 -31.46
N MET I 315 -26.25 -25.50 -31.53
CA MET I 315 -25.87 -26.30 -32.70
C MET I 315 -26.87 -27.42 -33.06
N ASP I 316 -27.84 -27.67 -32.20
CA ASP I 316 -28.87 -28.65 -32.50
C ASP I 316 -30.12 -28.05 -33.16
N ASN I 317 -30.31 -26.75 -32.96
CA ASN I 317 -31.61 -26.13 -33.21
C ASN I 317 -32.75 -26.97 -32.56
N CYS I 318 -33.64 -27.54 -33.38
CA CYS I 318 -34.81 -28.30 -32.86
C CYS I 318 -34.73 -29.83 -33.03
N TYR I 319 -33.51 -30.35 -33.17
CA TYR I 319 -33.25 -31.71 -33.61
C TYR I 319 -32.55 -32.65 -32.60
N LYS I 320 -33.13 -33.81 -32.41
CA LYS I 320 -32.57 -34.81 -31.52
C LYS I 320 -31.40 -35.39 -32.26
N ILE I 321 -30.22 -35.38 -31.66
CA ILE I 321 -29.02 -35.93 -32.29
C ILE I 321 -28.24 -36.81 -31.30
N PRO I 322 -28.33 -38.16 -31.45
CA PRO I 322 -27.90 -39.05 -30.39
C PRO I 322 -26.39 -38.98 -30.16
N ASN I 323 -25.64 -38.72 -31.23
CA ASN I 323 -24.17 -38.65 -31.21
C ASN I 323 -23.76 -37.35 -31.87
N ILE I 324 -23.13 -36.48 -31.06
CA ILE I 324 -22.94 -35.08 -31.42
C ILE I 324 -21.68 -34.50 -30.75
N ARG I 325 -20.86 -33.84 -31.56
CA ARG I 325 -19.62 -33.29 -31.06
C ARG I 325 -19.39 -31.88 -31.63
N GLY I 326 -19.42 -30.91 -30.74
CA GLY I 326 -19.32 -29.53 -31.14
C GLY I 326 -18.13 -28.92 -30.46
N THR I 327 -17.28 -28.28 -31.26
CA THR I 327 -16.13 -27.51 -30.76
C THR I 327 -16.30 -26.09 -31.22
N GLY I 328 -15.67 -25.16 -30.53
CA GLY I 328 -15.63 -23.76 -30.92
C GLY I 328 -14.32 -23.13 -30.50
N ARG I 329 -13.91 -22.13 -31.27
CA ARG I 329 -12.59 -21.58 -31.13
C ARG I 329 -12.60 -20.09 -31.41
N LEU I 330 -12.12 -19.29 -30.47
CA LEU I 330 -12.10 -17.82 -30.63
C LEU I 330 -10.81 -17.35 -31.35
N CYS I 331 -10.99 -16.79 -32.54
CA CYS I 331 -9.86 -16.30 -33.36
C CYS I 331 -9.41 -14.89 -32.98
N LYS I 332 -8.13 -14.79 -32.57
CA LYS I 332 -7.49 -13.53 -32.21
C LYS I 332 -6.99 -12.90 -33.52
N THR I 333 -7.55 -11.74 -33.87
CA THR I 333 -7.26 -11.03 -35.12
C THR I 333 -7.11 -9.52 -34.95
N ASN I 334 -6.34 -8.91 -35.84
CA ASN I 334 -6.21 -7.46 -35.84
C ASN I 334 -7.44 -6.74 -36.44
N LEU I 335 -8.58 -6.91 -35.80
CA LEU I 335 -9.79 -6.29 -36.25
C LEU I 335 -10.42 -5.81 -35.00
N SER I 336 -11.26 -4.78 -35.11
CA SER I 336 -12.07 -4.30 -34.01
C SER I 336 -12.69 -5.46 -33.27
N SER I 337 -12.55 -5.45 -31.95
CA SER I 337 -13.10 -6.45 -31.10
C SER I 337 -14.60 -6.64 -31.36
N ASN I 338 -15.01 -7.84 -31.74
CA ASN I 338 -16.45 -8.08 -31.86
C ASN I 338 -17.11 -8.32 -30.50
N THR I 339 -18.43 -8.08 -30.46
CA THR I 339 -19.17 -8.09 -29.21
C THR I 339 -20.57 -8.72 -29.33
N ALA I 340 -21.43 -8.44 -28.36
CA ALA I 340 -22.79 -8.98 -28.40
C ALA I 340 -23.64 -8.38 -29.54
N PHE I 341 -24.47 -9.20 -30.18
CA PHE I 341 -25.49 -8.75 -31.13
C PHE I 341 -26.69 -9.66 -30.99
N ARG I 342 -27.86 -9.04 -30.82
CA ARG I 342 -29.15 -9.70 -30.78
C ARG I 342 -29.08 -11.14 -31.29
N GLY I 343 -28.93 -12.08 -30.38
CA GLY I 343 -28.78 -13.47 -30.74
C GLY I 343 -27.57 -14.07 -30.08
N PHE I 344 -26.51 -13.28 -29.94
CA PHE I 344 -25.38 -13.67 -29.11
C PHE I 344 -24.85 -15.04 -29.49
N GLY I 345 -24.45 -15.23 -30.75
CA GLY I 345 -23.87 -16.49 -31.16
C GLY I 345 -24.89 -17.54 -31.54
N GLY I 346 -26.11 -17.40 -31.07
CA GLY I 346 -27.18 -18.32 -31.43
C GLY I 346 -27.52 -18.34 -32.91
N PRO I 347 -27.78 -17.18 -33.54
CA PRO I 347 -28.09 -17.20 -34.98
C PRO I 347 -27.01 -17.87 -35.87
N GLN I 348 -25.74 -17.70 -35.54
CA GLN I 348 -24.64 -18.28 -36.33
C GLN I 348 -24.71 -19.80 -36.27
N ALA I 349 -24.78 -20.36 -35.07
CA ALA I 349 -24.86 -21.81 -34.88
C ALA I 349 -26.17 -22.37 -35.38
N LEU I 350 -27.25 -21.60 -35.32
CA LEU I 350 -28.55 -22.07 -35.78
C LEU I 350 -28.60 -22.16 -37.31
N PHE I 351 -28.11 -21.10 -37.99
CA PHE I 351 -27.85 -21.11 -39.44
C PHE I 351 -27.04 -22.36 -39.88
N ILE I 352 -25.89 -22.55 -39.22
CA ILE I 352 -25.04 -23.69 -39.51
C ILE I 352 -25.89 -24.95 -39.51
N ALA I 353 -26.65 -25.17 -38.42
CA ALA I 353 -27.47 -26.40 -38.26
C ALA I 353 -28.55 -26.54 -39.35
N GLU I 354 -29.25 -25.44 -39.72
CA GLU I 354 -30.23 -25.46 -40.80
C GLU I 354 -29.56 -25.60 -42.18
N ASN I 355 -28.26 -25.36 -42.24
CA ASN I 355 -27.56 -25.57 -43.52
C ASN I 355 -27.36 -27.05 -43.79
N TRP I 356 -26.67 -27.75 -42.89
CA TRP I 356 -26.45 -29.19 -43.09
C TRP I 356 -27.75 -29.97 -43.18
N MET I 357 -28.74 -29.55 -42.40
CA MET I 357 -30.06 -30.12 -42.44
C MET I 357 -30.62 -29.95 -43.84
N SER I 358 -30.56 -28.75 -44.41
CA SER I 358 -31.17 -28.58 -45.72
C SER I 358 -30.47 -29.53 -46.70
N GLU I 359 -29.19 -29.80 -46.46
CA GLU I 359 -28.43 -30.73 -47.32
C GLU I 359 -28.78 -32.22 -47.16
N VAL I 360 -29.07 -32.65 -45.93
CA VAL I 360 -29.57 -34.02 -45.69
C VAL I 360 -30.79 -34.28 -46.59
N ALA I 361 -31.71 -33.30 -46.61
CA ALA I 361 -32.99 -33.39 -47.33
C ALA I 361 -32.82 -33.45 -48.83
N VAL I 362 -31.79 -32.76 -49.31
CA VAL I 362 -31.46 -32.78 -50.74
C VAL I 362 -30.77 -34.11 -51.12
N THR I 363 -29.84 -34.56 -50.28
CA THR I 363 -29.14 -35.79 -50.54
C THR I 363 -30.12 -36.94 -50.54
N CYS I 364 -31.07 -36.93 -49.61
CA CYS I 364 -32.03 -38.02 -49.51
C CYS I 364 -33.04 -37.91 -50.67
N GLY I 365 -33.12 -36.73 -51.28
CA GLY I 365 -34.19 -36.48 -52.24
C GLY I 365 -35.55 -36.48 -51.56
N LEU I 366 -35.60 -36.07 -50.28
CA LEU I 366 -36.87 -35.99 -49.56
C LEU I 366 -37.34 -34.56 -49.52
N PRO I 367 -38.64 -34.33 -49.30
CA PRO I 367 -39.09 -32.94 -49.11
C PRO I 367 -38.52 -32.41 -47.79
N ALA I 368 -38.18 -31.12 -47.77
CA ALA I 368 -37.56 -30.51 -46.58
C ALA I 368 -38.38 -30.59 -45.25
N GLU I 369 -39.69 -30.33 -45.30
CA GLU I 369 -40.56 -30.37 -44.11
C GLU I 369 -40.62 -31.73 -43.45
N GLU I 370 -40.55 -32.76 -44.29
CA GLU I 370 -40.62 -34.13 -43.86
C GLU I 370 -39.40 -34.42 -43.00
N VAL I 371 -38.25 -34.00 -43.52
CA VAL I 371 -36.95 -34.30 -42.89
C VAL I 371 -36.78 -33.56 -41.58
N ARG I 372 -37.15 -32.27 -41.55
CA ARG I 372 -37.01 -31.47 -40.35
C ARG I 372 -37.94 -32.04 -39.26
N TRP I 373 -39.16 -32.36 -39.66
CA TRP I 373 -40.14 -33.00 -38.79
C TRP I 373 -39.61 -34.29 -38.16
N LYS I 374 -39.23 -35.28 -38.96
CA LYS I 374 -38.63 -36.52 -38.40
C LYS I 374 -37.56 -36.25 -37.36
N ASN I 375 -36.66 -35.29 -37.62
CA ASN I 375 -35.51 -35.04 -36.73
C ASN I 375 -35.77 -34.25 -35.45
N MET I 376 -37.01 -33.80 -35.30
CA MET I 376 -37.41 -32.94 -34.22
C MET I 376 -37.51 -33.66 -32.85
N TYR I 377 -36.96 -32.99 -31.83
CA TYR I 377 -37.22 -33.30 -30.43
C TYR I 377 -38.68 -33.59 -30.11
N LYS I 378 -38.88 -34.47 -29.14
CA LYS I 378 -40.20 -34.74 -28.57
C LYS I 378 -40.26 -33.96 -27.27
N GLU I 379 -41.47 -33.56 -26.86
CA GLU I 379 -41.69 -33.23 -25.45
C GLU I 379 -40.94 -34.18 -24.46
N GLY I 380 -40.05 -33.61 -23.64
CA GLY I 380 -39.37 -34.38 -22.59
C GLY I 380 -37.99 -34.88 -22.97
N ASP I 381 -37.64 -34.68 -24.25
CA ASP I 381 -36.33 -35.09 -24.75
C ASP I 381 -35.21 -34.27 -24.10
N LEU I 382 -33.98 -34.75 -24.21
CA LEU I 382 -32.81 -33.99 -23.75
C LEU I 382 -32.00 -33.48 -24.91
N THR I 383 -31.44 -32.28 -24.69
CA THR I 383 -30.57 -31.63 -25.64
C THR I 383 -29.20 -32.29 -25.61
N HIS I 384 -28.36 -31.92 -26.56
CA HIS I 384 -26.95 -32.32 -26.57
C HIS I 384 -26.20 -32.03 -25.24
N PHE I 385 -26.70 -31.07 -24.48
CA PHE I 385 -26.05 -30.73 -23.20
C PHE I 385 -26.87 -31.22 -22.05
N ASN I 386 -27.85 -32.05 -22.33
CA ASN I 386 -28.57 -32.77 -21.29
C ASN I 386 -29.57 -31.97 -20.50
N GLN I 387 -30.27 -31.05 -21.16
CA GLN I 387 -31.35 -30.39 -20.46
C GLN I 387 -32.69 -30.85 -20.99
N ARG I 388 -33.59 -31.17 -20.06
CA ARG I 388 -34.98 -31.58 -20.37
C ARG I 388 -35.72 -30.41 -21.02
N LEU I 389 -36.45 -30.68 -22.11
CA LEU I 389 -37.25 -29.63 -22.78
C LEU I 389 -38.71 -29.76 -22.41
N GLU I 390 -39.09 -29.04 -21.36
CA GLU I 390 -40.46 -29.10 -20.87
C GLU I 390 -41.27 -27.96 -21.45
N GLY I 391 -42.49 -28.26 -21.88
CA GLY I 391 -43.34 -27.28 -22.55
C GLY I 391 -42.79 -27.00 -23.93
N PHE I 392 -42.32 -28.04 -24.60
CA PHE I 392 -41.65 -27.93 -25.88
C PHE I 392 -42.67 -27.70 -26.98
N SER I 393 -42.96 -26.45 -27.30
CA SER I 393 -44.12 -26.14 -28.15
C SER I 393 -43.87 -26.00 -29.66
N VAL I 394 -42.64 -26.22 -30.11
CA VAL I 394 -42.32 -26.16 -31.52
C VAL I 394 -43.30 -26.87 -32.47
N PRO I 395 -43.80 -28.07 -32.08
CA PRO I 395 -44.75 -28.79 -32.95
C PRO I 395 -46.03 -28.01 -33.23
N ARG I 396 -46.66 -27.46 -32.18
CA ARG I 396 -47.88 -26.70 -32.32
C ARG I 396 -47.60 -25.53 -33.24
N CYS I 397 -46.51 -24.81 -32.96
CA CYS I 397 -46.06 -23.73 -33.78
C CYS I 397 -45.94 -24.23 -35.19
N TRP I 398 -45.32 -25.41 -35.34
CA TRP I 398 -45.09 -26.03 -36.66
C TRP I 398 -46.39 -26.40 -37.39
N ASP I 399 -47.30 -27.12 -36.71
CA ASP I 399 -48.55 -27.59 -37.36
C ASP I 399 -49.41 -26.39 -37.72
N GLU I 400 -49.50 -25.42 -36.81
CA GLU I 400 -50.28 -24.22 -37.03
C GLU I 400 -49.68 -23.30 -38.11
N CYS I 401 -48.36 -23.16 -38.09
CA CYS I 401 -47.69 -22.35 -39.09
C CYS I 401 -47.93 -22.88 -40.47
N LEU I 402 -47.79 -24.20 -40.64
CA LEU I 402 -48.03 -24.87 -41.93
C LEU I 402 -49.42 -24.57 -42.45
N LYS I 403 -50.37 -24.67 -41.53
CA LYS I 403 -51.80 -24.62 -41.80
C LYS I 403 -52.26 -23.21 -42.16
N SER I 404 -51.88 -22.20 -41.38
CA SER I 404 -52.31 -20.83 -41.65
C SER I 404 -51.48 -20.18 -42.75
N SER I 405 -50.27 -20.70 -42.99
CA SER I 405 -49.43 -20.27 -44.11
C SER I 405 -49.83 -20.94 -45.45
N GLN I 406 -50.72 -21.94 -45.38
CA GLN I 406 -51.19 -22.73 -46.54
C GLN I 406 -50.02 -23.34 -47.26
N TYR I 407 -49.07 -23.83 -46.50
CA TYR I 407 -47.78 -24.26 -46.99
C TYR I 407 -47.81 -25.20 -48.20
N TYR I 408 -48.56 -26.30 -48.07
CA TYR I 408 -48.58 -27.36 -49.09
C TYR I 408 -49.16 -26.90 -50.42
N ALA I 409 -50.16 -26.03 -50.37
CA ALA I 409 -50.86 -25.58 -51.60
C ALA I 409 -50.01 -24.53 -52.32
N ARG I 410 -49.23 -23.80 -51.52
CA ARG I 410 -48.36 -22.78 -52.03
C ARG I 410 -47.05 -23.40 -52.53
N LYS I 411 -46.74 -24.57 -51.99
CA LYS I 411 -45.60 -25.32 -52.48
C LYS I 411 -45.93 -25.89 -53.83
N SER I 412 -47.22 -25.96 -54.14
CA SER I 412 -47.66 -26.30 -55.49
C SER I 412 -47.55 -25.10 -56.38
N GLU I 413 -48.15 -23.98 -56.00
CA GLU I 413 -48.11 -22.77 -56.83
C GLU I 413 -46.66 -22.37 -57.17
N VAL I 414 -45.72 -22.71 -56.30
CA VAL I 414 -44.30 -22.48 -56.55
C VAL I 414 -43.79 -23.42 -57.64
N ASP I 415 -43.99 -24.73 -57.47
CA ASP I 415 -43.61 -25.72 -58.50
C ASP I 415 -44.21 -25.41 -59.87
N LYS I 416 -45.46 -24.94 -59.90
CA LYS I 416 -46.09 -24.45 -61.13
C LYS I 416 -45.35 -23.24 -61.70
N PHE I 417 -45.22 -22.16 -60.91
CA PHE I 417 -44.49 -20.95 -61.35
C PHE I 417 -43.11 -21.35 -61.94
N ASN I 418 -42.44 -22.28 -61.28
CA ASN I 418 -41.10 -22.69 -61.69
C ASN I 418 -41.03 -23.39 -63.04
N LYS I 419 -42.13 -24.06 -63.40
CA LYS I 419 -42.22 -24.78 -64.68
C LYS I 419 -42.68 -23.92 -65.86
N GLU I 420 -43.30 -22.76 -65.60
CA GLU I 420 -43.71 -21.82 -66.65
C GLU I 420 -42.75 -20.62 -66.79
N ASN I 421 -41.75 -20.51 -65.90
CA ASN I 421 -40.83 -19.35 -65.91
C ASN I 421 -39.36 -19.75 -66.03
N CYS I 422 -38.66 -18.99 -66.86
CA CYS I 422 -37.37 -19.42 -67.28
C CYS I 422 -36.22 -18.71 -66.59
N TRP I 423 -36.35 -17.40 -66.43
CA TRP I 423 -35.27 -16.58 -65.86
C TRP I 423 -35.62 -15.97 -64.49
N LYS I 424 -36.80 -16.34 -64.00
CA LYS I 424 -37.29 -16.04 -62.65
C LYS I 424 -37.64 -17.35 -61.98
N LYS I 425 -37.47 -17.45 -60.67
CA LYS I 425 -37.83 -18.67 -59.97
C LYS I 425 -38.27 -18.36 -58.57
N ARG I 426 -39.13 -19.21 -58.02
CA ARG I 426 -39.53 -19.11 -56.62
C ARG I 426 -38.95 -20.20 -55.69
N GLY I 427 -38.92 -19.85 -54.40
CA GLY I 427 -38.58 -20.78 -53.33
C GLY I 427 -39.44 -20.56 -52.10
N LEU I 428 -39.64 -21.64 -51.36
CA LEU I 428 -40.52 -21.61 -50.20
C LEU I 428 -39.86 -22.46 -49.12
N CYS I 429 -39.86 -21.98 -47.88
CA CYS I 429 -39.18 -22.75 -46.84
C CYS I 429 -39.74 -22.42 -45.48
N ILE I 430 -39.94 -23.46 -44.67
CA ILE I 430 -40.51 -23.33 -43.35
C ILE I 430 -39.46 -23.79 -42.36
N ILE I 431 -39.10 -22.91 -41.42
CA ILE I 431 -37.99 -23.17 -40.53
C ILE I 431 -38.34 -22.90 -39.06
N PRO I 432 -37.96 -23.83 -38.17
CA PRO I 432 -38.23 -23.70 -36.74
C PRO I 432 -37.05 -23.11 -35.98
N THR I 433 -37.33 -22.72 -34.73
CA THR I 433 -36.30 -22.37 -33.78
C THR I 433 -36.67 -22.50 -32.33
N LYS I 434 -35.60 -22.69 -31.54
CA LYS I 434 -35.68 -22.62 -30.12
C LYS I 434 -34.52 -21.77 -29.66
N PHE I 435 -34.69 -21.10 -28.52
CA PHE I 435 -33.64 -20.24 -27.99
C PHE I 435 -33.64 -20.30 -26.45
N GLY I 436 -32.48 -20.63 -25.88
CA GLY I 436 -32.36 -20.79 -24.44
C GLY I 436 -32.30 -19.46 -23.73
N ILE I 437 -33.22 -19.25 -22.78
CA ILE I 437 -33.39 -17.98 -22.07
C ILE I 437 -32.64 -17.93 -20.74
N SER I 438 -31.64 -17.06 -20.66
CA SER I 438 -30.82 -16.86 -19.45
C SER I 438 -29.41 -16.52 -19.86
N PHE I 439 -28.70 -15.71 -19.05
CA PHE I 439 -27.27 -15.45 -19.29
C PHE I 439 -26.51 -16.74 -19.09
N THR I 440 -25.64 -17.11 -20.03
CA THR I 440 -24.84 -18.33 -19.88
C THR I 440 -23.96 -18.24 -18.68
N VAL I 441 -23.62 -17.03 -18.25
CA VAL I 441 -22.86 -16.90 -17.00
C VAL I 441 -23.88 -16.80 -15.87
N PRO I 442 -23.92 -17.85 -15.02
CA PRO I 442 -24.93 -17.95 -13.95
C PRO I 442 -25.09 -16.70 -13.06
N PHE I 443 -24.01 -16.00 -12.71
CA PHE I 443 -24.19 -14.86 -11.81
C PHE I 443 -24.87 -13.59 -12.41
N LEU I 444 -24.89 -13.42 -13.73
CA LEU I 444 -25.59 -12.28 -14.30
C LEU I 444 -27.11 -12.40 -14.14
N ASN I 445 -27.56 -13.59 -13.74
CA ASN I 445 -28.98 -13.83 -13.58
C ASN I 445 -29.54 -13.34 -12.22
N GLN I 446 -29.40 -12.02 -12.05
CA GLN I 446 -29.89 -11.27 -10.88
C GLN I 446 -30.43 -9.89 -11.29
N ALA I 447 -31.36 -9.38 -10.50
CA ALA I 447 -32.09 -8.14 -10.80
C ALA I 447 -32.63 -7.50 -9.53
N GLY I 448 -32.30 -6.22 -9.33
CA GLY I 448 -32.88 -5.41 -8.26
C GLY I 448 -33.87 -4.33 -8.74
N ALA I 449 -34.59 -3.78 -7.76
CA ALA I 449 -35.57 -2.73 -7.98
C ALA I 449 -35.68 -1.87 -6.72
N LEU I 450 -36.20 -0.65 -6.92
CA LEU I 450 -36.41 0.33 -5.87
C LEU I 450 -37.69 1.15 -6.08
N ILE I 451 -38.66 0.94 -5.17
CA ILE I 451 -39.97 1.60 -5.27
C ILE I 451 -40.23 2.63 -4.15
N HIS I 452 -40.78 3.79 -4.55
CA HIS I 452 -41.20 4.82 -3.62
C HIS I 452 -42.67 5.15 -3.81
N VAL I 453 -43.39 5.28 -2.70
CA VAL I 453 -44.75 5.78 -2.79
C VAL I 453 -44.79 7.11 -2.05
N TYR I 454 -44.98 8.18 -2.79
CA TYR I 454 -44.99 9.51 -2.19
C TYR I 454 -46.37 9.80 -1.62
N THR I 455 -46.44 10.90 -0.86
CA THR I 455 -47.58 11.18 -0.04
C THR I 455 -48.79 11.63 -0.80
N ASP I 456 -48.69 11.84 -2.11
CA ASP I 456 -49.88 12.02 -2.95
C ASP I 456 -50.32 10.68 -3.50
N GLY I 457 -49.60 9.64 -3.10
CA GLY I 457 -49.90 8.29 -3.55
C GLY I 457 -49.24 7.87 -4.84
N SER I 458 -48.63 8.82 -5.57
CA SER I 458 -47.92 8.46 -6.80
C SER I 458 -46.68 7.60 -6.48
N VAL I 459 -46.26 6.82 -7.49
CA VAL I 459 -45.19 5.81 -7.37
C VAL I 459 -44.10 6.01 -8.41
N LEU I 460 -42.88 5.93 -7.93
CA LEU I 460 -41.69 5.99 -8.76
C LEU I 460 -41.04 4.64 -8.70
N VAL I 461 -41.05 3.92 -9.82
CA VAL I 461 -40.37 2.62 -9.92
C VAL I 461 -39.01 2.75 -10.56
N SER I 462 -38.03 2.13 -9.92
CA SER I 462 -36.65 2.17 -10.39
C SER I 462 -36.19 0.70 -10.44
N HIS I 463 -35.46 0.33 -11.51
CA HIS I 463 -34.87 -1.02 -11.62
C HIS I 463 -33.57 -1.03 -12.44
N GLY I 464 -32.87 -2.16 -12.39
CA GLY I 464 -31.56 -2.27 -12.99
C GLY I 464 -31.57 -2.20 -14.52
N GLY I 465 -32.76 -2.38 -15.12
CA GLY I 465 -32.92 -2.45 -16.59
C GLY I 465 -33.01 -1.13 -17.30
N THR I 466 -32.29 -1.02 -18.41
CA THR I 466 -32.34 0.17 -19.22
C THR I 466 -33.29 -0.07 -20.41
N GLU I 467 -33.92 1.02 -20.89
CA GLU I 467 -34.87 1.03 -22.00
C GLU I 467 -34.16 1.36 -23.32
N MET I 468 -34.33 0.52 -24.33
CA MET I 468 -33.70 0.78 -25.62
C MET I 468 -34.70 0.62 -26.76
N GLY I 469 -35.97 0.82 -26.44
CA GLY I 469 -37.05 0.72 -27.42
C GLY I 469 -37.85 -0.57 -27.41
N GLN I 470 -37.36 -1.55 -26.66
CA GLN I 470 -38.02 -2.85 -26.53
C GLN I 470 -39.21 -2.77 -25.57
N GLY I 471 -39.39 -1.65 -24.87
CA GLY I 471 -40.60 -1.44 -24.03
C GLY I 471 -40.45 -2.08 -22.65
N LEU I 472 -39.21 -2.17 -22.18
CA LEU I 472 -39.00 -2.61 -20.83
C LEU I 472 -39.80 -1.74 -19.84
N HIS I 473 -39.58 -0.44 -19.82
CA HIS I 473 -40.29 0.40 -18.85
C HIS I 473 -41.81 0.29 -18.98
N THR I 474 -42.32 0.17 -20.23
CA THR I 474 -43.76 -0.05 -20.47
C THR I 474 -44.27 -1.31 -19.75
N LYS I 475 -43.53 -2.40 -19.89
CA LYS I 475 -43.88 -3.66 -19.26
C LYS I 475 -43.73 -3.67 -17.71
N MET I 476 -42.77 -2.94 -17.20
CA MET I 476 -42.60 -2.86 -15.75
C MET I 476 -43.73 -2.05 -15.08
N VAL I 477 -44.18 -1.02 -15.77
CA VAL I 477 -45.29 -0.23 -15.23
C VAL I 477 -46.54 -1.10 -15.26
N GLN I 478 -46.68 -1.92 -16.31
CA GLN I 478 -47.85 -2.78 -16.41
C GLN I 478 -47.78 -3.73 -15.25
N VAL I 479 -46.63 -4.33 -15.03
CA VAL I 479 -46.46 -5.21 -13.89
C VAL I 479 -46.78 -4.56 -12.54
N ALA I 480 -46.20 -3.37 -12.27
CA ALA I 480 -46.36 -2.71 -10.97
C ALA I 480 -47.83 -2.36 -10.66
N SER I 481 -48.56 -2.00 -11.70
CA SER I 481 -49.96 -1.65 -11.62
C SER I 481 -50.86 -2.83 -11.31
N LYS I 482 -50.44 -4.01 -11.74
CA LYS I 482 -51.24 -5.20 -11.52
C LYS I 482 -50.93 -5.72 -10.13
N ALA I 483 -49.66 -5.74 -9.76
CA ALA I 483 -49.29 -6.11 -8.38
C ALA I 483 -49.90 -5.16 -7.34
N LEU I 484 -49.75 -3.86 -7.52
CA LEU I 484 -50.28 -2.89 -6.56
C LEU I 484 -51.78 -2.69 -6.64
N LYS I 485 -52.39 -3.12 -7.75
CA LYS I 485 -53.82 -2.96 -8.03
C LYS I 485 -54.20 -1.48 -7.97
N ILE I 486 -53.56 -0.69 -8.85
CA ILE I 486 -53.75 0.77 -9.02
C ILE I 486 -53.48 1.10 -10.51
N PRO I 487 -54.23 2.05 -11.08
CA PRO I 487 -54.08 2.36 -12.53
C PRO I 487 -52.63 2.68 -12.95
N ILE I 488 -52.34 2.59 -14.26
CA ILE I 488 -50.98 2.87 -14.73
C ILE I 488 -50.55 4.36 -14.57
N SER I 489 -51.51 5.28 -14.64
CA SER I 489 -51.25 6.69 -14.49
C SER I 489 -50.62 7.13 -13.16
N LYS I 490 -50.72 6.32 -12.12
CA LYS I 490 -50.13 6.64 -10.79
C LYS I 490 -48.71 6.07 -10.63
N ILE I 491 -48.22 5.43 -11.69
CA ILE I 491 -46.86 4.90 -11.67
C ILE I 491 -45.99 5.57 -12.74
N TYR I 492 -44.74 5.83 -12.39
CA TYR I 492 -43.78 6.40 -13.32
C TYR I 492 -42.39 5.76 -13.18
N ILE I 493 -41.73 5.51 -14.31
CA ILE I 493 -40.31 5.20 -14.34
C ILE I 493 -39.66 6.32 -15.07
N SER I 494 -38.55 6.82 -14.55
CA SER I 494 -37.88 7.99 -15.07
C SER I 494 -36.58 7.68 -15.81
N GLU I 495 -35.79 6.82 -15.20
CA GLU I 495 -34.44 6.54 -15.68
C GLU I 495 -33.87 5.33 -14.94
N THR I 496 -32.71 4.86 -15.42
CA THR I 496 -31.89 3.84 -14.79
C THR I 496 -30.62 4.55 -14.29
N SER I 497 -30.25 4.29 -13.03
CA SER I 497 -29.10 4.94 -12.42
C SER I 497 -28.44 4.05 -11.36
N THR I 498 -27.11 4.17 -11.28
CA THR I 498 -26.29 3.39 -10.32
C THR I 498 -26.45 3.80 -8.84
N ASN I 499 -27.18 4.87 -8.55
CA ASN I 499 -27.41 5.28 -7.17
C ASN I 499 -28.82 4.93 -6.66
N THR I 500 -29.62 4.30 -7.52
CA THR I 500 -30.87 3.72 -7.09
C THR I 500 -30.77 2.21 -7.01
N VAL I 501 -30.23 1.59 -8.06
CA VAL I 501 -30.00 0.15 -8.14
C VAL I 501 -28.57 -0.13 -8.60
N PRO I 502 -27.76 -0.64 -7.68
CA PRO I 502 -26.35 -0.88 -7.87
C PRO I 502 -26.06 -2.22 -8.50
N ASN I 503 -24.84 -2.38 -9.00
CA ASN I 503 -24.30 -3.68 -9.41
C ASN I 503 -25.17 -4.47 -10.36
N SER I 504 -25.87 -3.85 -11.29
CA SER I 504 -26.80 -4.65 -12.07
C SER I 504 -26.19 -5.19 -13.38
N SER I 505 -26.71 -6.33 -13.85
CA SER I 505 -26.24 -6.94 -15.09
C SER I 505 -26.61 -6.11 -16.31
N PRO I 506 -25.89 -6.28 -17.42
CA PRO I 506 -26.36 -5.53 -18.61
C PRO I 506 -27.79 -5.83 -19.02
N THR I 507 -28.50 -4.83 -19.55
CA THR I 507 -29.84 -5.06 -20.06
C THR I 507 -29.59 -5.86 -21.31
N ALA I 508 -29.88 -7.16 -21.22
CA ALA I 508 -29.45 -8.08 -22.25
C ALA I 508 -29.97 -9.46 -21.98
N ALA I 509 -29.61 -10.38 -22.86
CA ALA I 509 -29.95 -11.82 -22.79
C ALA I 509 -31.44 -12.08 -22.99
N SER I 510 -32.17 -11.07 -23.43
CA SER I 510 -33.63 -11.20 -23.53
C SER I 510 -34.38 -11.35 -22.21
N VAL I 511 -33.69 -11.45 -21.06
CA VAL I 511 -34.36 -11.78 -19.77
C VAL I 511 -34.79 -10.62 -18.89
N SER I 512 -34.63 -9.41 -19.38
CA SER I 512 -34.86 -8.26 -18.53
C SER I 512 -36.30 -8.21 -17.97
N THR I 513 -37.28 -8.56 -18.82
CA THR I 513 -38.67 -8.54 -18.40
C THR I 513 -38.88 -9.55 -17.29
N ASP I 514 -38.28 -10.73 -17.46
CA ASP I 514 -38.44 -11.81 -16.48
C ASP I 514 -37.89 -11.36 -15.15
N ILE I 515 -36.69 -10.81 -15.19
CA ILE I 515 -35.97 -10.58 -13.97
C ILE I 515 -36.33 -9.26 -13.31
N TYR I 516 -36.45 -8.18 -14.07
CA TYR I 516 -36.80 -6.93 -13.40
C TYR I 516 -38.26 -6.98 -12.98
N GLY I 517 -39.04 -7.78 -13.71
CA GLY I 517 -40.45 -8.07 -13.41
C GLY I 517 -40.67 -8.67 -12.03
N GLN I 518 -39.92 -9.73 -11.74
CA GLN I 518 -39.99 -10.40 -10.47
C GLN I 518 -39.50 -9.47 -9.34
N ALA I 519 -38.34 -8.87 -9.54
CA ALA I 519 -37.79 -7.86 -8.64
C ALA I 519 -38.75 -6.69 -8.30
N VAL I 520 -39.44 -6.21 -9.32
CA VAL I 520 -40.47 -5.19 -9.14
C VAL I 520 -41.67 -5.76 -8.40
N TYR I 521 -42.17 -6.90 -8.87
CA TYR I 521 -43.20 -7.63 -8.15
C TYR I 521 -42.85 -7.73 -6.63
N GLU I 522 -41.67 -8.25 -6.31
CA GLU I 522 -41.31 -8.44 -4.91
C GLU I 522 -41.35 -7.14 -4.14
N ALA I 523 -40.79 -6.10 -4.73
CA ALA I 523 -40.85 -4.78 -4.09
C ALA I 523 -42.31 -4.37 -3.89
N CYS I 524 -43.16 -4.61 -4.88
CA CYS I 524 -44.53 -4.24 -4.72
C CYS I 524 -45.16 -4.99 -3.55
N GLN I 525 -44.88 -6.30 -3.45
CA GLN I 525 -45.44 -7.10 -2.36
C GLN I 525 -45.09 -6.51 -1.01
N THR I 526 -43.83 -6.13 -0.81
CA THR I 526 -43.43 -5.53 0.46
C THR I 526 -44.35 -4.36 0.85
N ILE I 527 -44.55 -3.46 -0.11
CA ILE I 527 -45.42 -2.28 0.07
C ILE I 527 -46.82 -2.65 0.54
N LEU I 528 -47.40 -3.69 -0.09
CA LEU I 528 -48.72 -4.19 0.25
C LEU I 528 -48.79 -4.80 1.66
N LYS I 529 -47.75 -5.49 2.14
CA LYS I 529 -47.76 -5.99 3.53
C LYS I 529 -47.89 -4.79 4.43
N ARG I 530 -47.01 -3.80 4.21
CA ARG I 530 -46.98 -2.55 4.96
C ARG I 530 -48.31 -1.79 4.98
N LEU I 531 -49.03 -1.84 3.87
CA LEU I 531 -50.31 -1.15 3.73
C LEU I 531 -51.50 -1.96 4.19
N GLU I 532 -51.39 -3.29 4.12
CA GLU I 532 -52.48 -4.20 4.51
C GLU I 532 -53.22 -3.78 5.80
N PRO I 533 -52.50 -3.48 6.89
CA PRO I 533 -53.19 -3.10 8.14
C PRO I 533 -54.13 -1.89 8.00
N PHE I 534 -53.70 -0.88 7.27
CA PHE I 534 -54.52 0.30 7.01
C PHE I 534 -55.66 0.00 6.05
N LYS I 535 -55.38 -0.85 5.07
CA LYS I 535 -56.38 -1.33 4.13
C LYS I 535 -57.55 -1.91 4.94
N LYS I 536 -57.21 -2.66 5.99
CA LYS I 536 -58.19 -3.29 6.88
C LYS I 536 -59.06 -2.26 7.64
N LYS I 537 -58.40 -1.40 8.42
CA LYS I 537 -59.08 -0.33 9.14
C LYS I 537 -59.99 0.52 8.24
N ASN I 538 -59.68 0.60 6.95
CA ASN I 538 -60.45 1.43 6.04
C ASN I 538 -60.74 0.77 4.69
N PRO I 539 -61.55 -0.29 4.67
CA PRO I 539 -61.55 -1.04 3.42
C PRO I 539 -62.20 -0.22 2.31
N ASP I 540 -62.99 0.77 2.72
CA ASP I 540 -63.64 1.69 1.78
C ASP I 540 -62.76 2.81 1.24
N GLY I 541 -61.64 3.08 1.93
CA GLY I 541 -60.64 4.04 1.48
C GLY I 541 -60.11 3.83 0.08
N SER I 542 -59.76 4.95 -0.57
CA SER I 542 -59.03 4.94 -1.83
C SER I 542 -57.56 4.75 -1.48
N TRP I 543 -56.74 4.40 -2.48
CA TRP I 543 -55.28 4.14 -2.31
C TRP I 543 -54.58 5.28 -1.56
N GLU I 544 -54.91 6.54 -1.95
CA GLU I 544 -54.28 7.74 -1.42
C GLU I 544 -54.52 7.91 0.06
N ASP I 545 -55.69 7.43 0.52
CA ASP I 545 -55.96 7.39 1.95
C ASP I 545 -55.03 6.45 2.66
N TRP I 546 -54.90 5.22 2.16
CA TRP I 546 -54.10 4.18 2.83
C TRP I 546 -52.67 4.69 2.94
N VAL I 547 -52.13 5.16 1.81
CA VAL I 547 -50.75 5.71 1.75
C VAL I 547 -50.51 6.78 2.81
N MET I 548 -51.39 7.80 2.86
CA MET I 548 -51.37 8.88 3.84
C MET I 548 -51.47 8.36 5.25
N ALA I 549 -52.42 7.47 5.50
CA ALA I 549 -52.60 6.99 6.86
C ALA I 549 -51.30 6.37 7.32
N ALA I 550 -50.58 5.71 6.39
CA ALA I 550 -49.43 4.87 6.72
C ALA I 550 -48.25 5.77 7.04
N TYR I 551 -48.18 6.85 6.26
CA TYR I 551 -47.17 7.88 6.49
C TYR I 551 -47.31 8.49 7.88
N GLN I 552 -48.51 9.01 8.19
CA GLN I 552 -48.83 9.55 9.54
C GLN I 552 -48.45 8.54 10.67
N ASP I 553 -48.57 7.24 10.39
CA ASP I 553 -48.26 6.23 11.39
C ASP I 553 -46.78 5.82 11.34
N ARG I 554 -46.02 6.55 10.49
CA ARG I 554 -44.56 6.35 10.29
C ARG I 554 -44.18 4.93 9.88
N VAL I 555 -44.92 4.40 8.91
CA VAL I 555 -44.56 3.14 8.25
C VAL I 555 -43.84 3.54 6.98
N SER I 556 -42.73 2.86 6.68
CA SER I 556 -41.86 3.21 5.55
C SER I 556 -42.50 2.89 4.21
N LEU I 557 -42.48 3.84 3.30
CA LEU I 557 -43.10 3.60 2.01
C LEU I 557 -42.04 3.46 0.89
N SER I 558 -40.89 2.92 1.23
CA SER I 558 -39.81 2.77 0.28
C SER I 558 -39.12 1.45 0.52
N THR I 559 -38.91 0.67 -0.53
CA THR I 559 -38.38 -0.69 -0.41
C THR I 559 -37.65 -1.20 -1.64
N THR I 560 -36.72 -2.12 -1.42
CA THR I 560 -36.04 -2.77 -2.53
C THR I 560 -36.78 -4.03 -2.91
N GLY I 561 -36.41 -4.56 -4.05
CA GLY I 561 -36.83 -5.88 -4.45
C GLY I 561 -35.65 -6.52 -5.15
N PHE I 562 -35.58 -7.84 -5.08
CA PHE I 562 -34.48 -8.57 -5.66
C PHE I 562 -34.98 -9.91 -6.18
N TYR I 563 -34.45 -10.34 -7.32
CA TYR I 563 -34.75 -11.66 -7.80
C TYR I 563 -33.47 -12.34 -8.24
N ARG I 564 -33.51 -13.66 -8.11
CA ARG I 564 -32.42 -14.56 -8.38
C ARG I 564 -32.98 -15.66 -9.29
N THR I 565 -32.40 -15.93 -10.46
CA THR I 565 -32.92 -17.03 -11.29
C THR I 565 -32.56 -18.40 -10.66
N PRO I 566 -33.57 -19.24 -10.39
CA PRO I 566 -33.33 -20.48 -9.67
C PRO I 566 -32.83 -21.64 -10.53
N ASN I 567 -32.01 -22.51 -9.91
CA ASN I 567 -31.59 -23.82 -10.47
C ASN I 567 -30.73 -23.76 -11.76
N LEU I 568 -29.68 -22.95 -11.75
CA LEU I 568 -28.86 -22.69 -12.94
C LEU I 568 -27.41 -22.96 -12.65
N GLY I 569 -26.65 -23.30 -13.69
CA GLY I 569 -25.24 -23.61 -13.50
C GLY I 569 -24.87 -24.88 -14.26
N TYR I 570 -24.56 -24.69 -15.53
CA TYR I 570 -24.19 -25.77 -16.41
C TYR I 570 -22.71 -25.97 -16.28
N SER I 571 -22.29 -27.23 -16.39
CA SER I 571 -20.87 -27.57 -16.39
C SER I 571 -20.36 -28.12 -17.74
N PHE I 572 -19.27 -27.56 -18.25
CA PHE I 572 -18.69 -28.07 -19.47
C PHE I 572 -17.93 -29.37 -19.16
N GLU I 573 -17.13 -29.40 -18.10
CA GLU I 573 -16.58 -30.66 -17.59
C GLU I 573 -17.71 -31.31 -16.87
N THR I 574 -18.21 -32.44 -17.40
CA THR I 574 -19.41 -33.19 -16.89
C THR I 574 -20.68 -33.02 -17.74
N ASN I 575 -20.80 -31.89 -18.43
CA ASN I 575 -21.92 -31.68 -19.34
C ASN I 575 -23.31 -31.92 -18.69
N SER I 576 -23.56 -31.20 -17.58
CA SER I 576 -24.83 -31.30 -16.86
C SER I 576 -25.12 -30.02 -16.08
N GLY I 577 -26.35 -29.97 -15.53
CA GLY I 577 -26.90 -28.77 -14.88
C GLY I 577 -27.52 -27.82 -15.90
N ASN I 578 -28.59 -27.14 -15.50
CA ASN I 578 -29.33 -26.23 -16.36
C ASN I 578 -28.52 -25.04 -16.86
N ALA I 579 -28.51 -24.87 -18.18
CA ALA I 579 -27.90 -23.75 -18.80
C ALA I 579 -28.95 -22.64 -18.88
N PHE I 580 -30.19 -23.01 -19.16
CA PHE I 580 -31.24 -22.02 -19.34
C PHE I 580 -32.38 -22.25 -18.34
N HIS I 581 -33.23 -21.25 -18.16
CA HIS I 581 -34.33 -21.39 -17.23
C HIS I 581 -35.53 -21.95 -17.98
N TYR I 582 -35.53 -21.71 -19.29
CA TYR I 582 -36.53 -22.25 -20.22
C TYR I 582 -36.12 -21.90 -21.60
N PHE I 583 -36.93 -22.31 -22.57
CA PHE I 583 -36.72 -21.93 -23.98
C PHE I 583 -37.90 -21.16 -24.59
N THR I 584 -37.59 -20.24 -25.51
CA THR I 584 -38.63 -19.60 -26.34
C THR I 584 -38.58 -20.28 -27.72
N TYR I 585 -39.75 -20.48 -28.31
CA TYR I 585 -39.92 -21.28 -29.53
C TYR I 585 -40.66 -20.50 -30.62
N GLY I 586 -40.30 -20.77 -31.88
CA GLY I 586 -40.98 -20.14 -33.02
C GLY I 586 -40.82 -20.91 -34.32
N VAL I 587 -41.62 -20.57 -35.33
CA VAL I 587 -41.47 -21.19 -36.64
C VAL I 587 -41.87 -20.20 -37.68
N ALA I 588 -41.12 -20.15 -38.79
CA ALA I 588 -41.45 -19.20 -39.85
C ALA I 588 -41.29 -19.81 -41.24
N CYS I 589 -42.13 -19.36 -42.14
CA CYS I 589 -42.13 -19.88 -43.46
C CYS I 589 -42.15 -18.65 -44.30
N SER I 590 -41.24 -18.58 -45.28
CA SER I 590 -41.12 -17.44 -46.22
C SER I 590 -41.13 -17.90 -47.68
N GLU I 591 -41.68 -17.06 -48.56
CA GLU I 591 -41.63 -17.29 -50.00
C GLU I 591 -40.93 -16.13 -50.69
N VAL I 592 -40.00 -16.45 -51.57
CA VAL I 592 -39.24 -15.44 -52.29
C VAL I 592 -39.27 -15.76 -53.77
N GLU I 593 -38.96 -14.74 -54.58
CA GLU I 593 -38.81 -14.91 -56.00
C GLU I 593 -37.52 -14.23 -56.39
N ILE I 594 -36.61 -14.99 -57.02
CA ILE I 594 -35.37 -14.38 -57.55
C ILE I 594 -35.43 -13.97 -59.03
N ASP I 595 -34.58 -13.03 -59.40
CA ASP I 595 -34.37 -12.77 -60.81
C ASP I 595 -33.07 -13.45 -61.18
N CYS I 596 -33.14 -14.63 -61.79
CA CYS I 596 -31.90 -15.37 -62.09
C CYS I 596 -30.92 -14.62 -62.97
N LEU I 597 -31.39 -13.57 -63.63
CA LEU I 597 -30.49 -12.78 -64.48
C LEU I 597 -29.74 -11.60 -63.74
N THR I 598 -30.19 -11.26 -62.52
CA THR I 598 -29.63 -10.12 -61.82
C THR I 598 -29.17 -10.43 -60.39
N GLY I 599 -29.73 -11.45 -59.77
CA GLY I 599 -29.46 -11.71 -58.37
C GLY I 599 -30.30 -10.86 -57.41
N ASP I 600 -31.17 -10.02 -57.95
CA ASP I 600 -32.17 -9.38 -57.11
C ASP I 600 -33.26 -10.36 -56.69
N HIS I 601 -33.99 -10.04 -55.62
CA HIS I 601 -35.12 -10.87 -55.18
C HIS I 601 -36.18 -10.04 -54.52
N LYS I 602 -37.40 -10.60 -54.48
CA LYS I 602 -38.49 -9.97 -53.76
C LYS I 602 -38.96 -10.93 -52.66
N ASN I 603 -39.17 -10.40 -51.47
CA ASN I 603 -39.75 -11.19 -50.41
C ASN I 603 -41.25 -11.11 -50.61
N LEU I 604 -41.89 -12.27 -50.87
CA LEU I 604 -43.30 -12.29 -51.26
C LEU I 604 -44.25 -12.35 -50.07
N ARG I 605 -43.98 -13.31 -49.18
CA ARG I 605 -44.82 -13.62 -48.04
C ARG I 605 -44.00 -14.32 -46.95
N THR I 606 -44.26 -13.93 -45.69
CA THR I 606 -43.67 -14.50 -44.50
C THR I 606 -44.80 -14.68 -43.48
N ASP I 607 -44.88 -15.88 -42.88
CA ASP I 607 -45.85 -16.19 -41.83
C ASP I 607 -45.09 -16.70 -40.62
N ILE I 608 -45.38 -16.15 -39.44
CA ILE I 608 -44.63 -16.51 -38.22
C ILE I 608 -45.59 -16.85 -37.09
N VAL I 609 -45.26 -17.91 -36.39
CA VAL I 609 -45.99 -18.33 -35.22
C VAL I 609 -44.90 -18.41 -34.16
N MET I 610 -44.98 -17.53 -33.15
CA MET I 610 -44.03 -17.50 -32.03
C MET I 610 -44.75 -17.92 -30.77
N ASP I 611 -44.06 -18.74 -29.95
CA ASP I 611 -44.49 -19.07 -28.59
C ASP I 611 -43.77 -18.12 -27.60
N VAL I 612 -44.48 -17.05 -27.22
CA VAL I 612 -44.01 -16.10 -26.23
C VAL I 612 -44.76 -16.24 -24.89
N GLY I 613 -45.28 -17.44 -24.62
CA GLY I 613 -46.18 -17.67 -23.48
C GLY I 613 -47.43 -16.80 -23.50
N SER I 614 -47.90 -16.42 -22.33
CA SER I 614 -49.02 -15.45 -22.20
C SER I 614 -48.46 -14.00 -22.07
N SER I 615 -48.23 -13.40 -23.22
CA SER I 615 -47.62 -12.09 -23.38
C SER I 615 -48.10 -11.01 -22.42
N LEU I 616 -47.21 -10.12 -22.01
CA LEU I 616 -47.56 -8.99 -21.12
C LEU I 616 -48.19 -7.87 -21.90
N ASN I 617 -47.85 -7.83 -23.18
CA ASN I 617 -48.31 -6.78 -24.08
C ASN I 617 -48.12 -7.32 -25.48
N PRO I 618 -49.15 -7.94 -26.05
CA PRO I 618 -49.04 -8.47 -27.41
C PRO I 618 -48.54 -7.45 -28.42
N ALA I 619 -48.97 -6.19 -28.31
CA ALA I 619 -48.51 -5.18 -29.28
C ALA I 619 -46.99 -5.11 -29.27
N ILE I 620 -46.39 -5.00 -28.07
CA ILE I 620 -44.92 -4.94 -27.87
C ILE I 620 -44.26 -6.20 -28.44
N ASP I 621 -44.85 -7.36 -28.12
CA ASP I 621 -44.30 -8.67 -28.47
C ASP I 621 -44.34 -8.91 -30.00
N ILE I 622 -45.45 -8.59 -30.65
CA ILE I 622 -45.49 -8.69 -32.11
C ILE I 622 -44.41 -7.79 -32.73
N GLY I 623 -44.23 -6.61 -32.13
CA GLY I 623 -43.26 -5.60 -32.57
C GLY I 623 -41.82 -6.08 -32.43
N GLN I 624 -41.52 -6.83 -31.37
CA GLN I 624 -40.19 -7.43 -31.13
C GLN I 624 -39.96 -8.60 -32.05
N VAL I 625 -41.01 -9.37 -32.31
CA VAL I 625 -40.93 -10.47 -33.26
C VAL I 625 -40.70 -9.94 -34.67
N GLU I 626 -41.49 -8.95 -35.07
CA GLU I 626 -41.28 -8.35 -36.40
C GLU I 626 -39.93 -7.75 -36.54
N GLY I 627 -39.53 -6.97 -35.53
CA GLY I 627 -38.23 -6.34 -35.46
C GLY I 627 -37.06 -7.31 -35.49
N ALA I 628 -37.10 -8.33 -34.65
CA ALA I 628 -36.03 -9.31 -34.63
C ALA I 628 -35.92 -10.00 -35.99
N PHE I 629 -37.07 -10.31 -36.59
CA PHE I 629 -37.10 -10.97 -37.90
C PHE I 629 -36.46 -10.14 -39.05
N VAL I 630 -36.93 -8.92 -39.20
CA VAL I 630 -36.46 -8.08 -40.24
C VAL I 630 -34.93 -7.91 -40.14
N GLN I 631 -34.43 -7.88 -38.90
CA GLN I 631 -33.02 -7.74 -38.63
C GLN I 631 -32.23 -9.05 -38.94
N GLY I 632 -32.85 -10.23 -38.71
CA GLY I 632 -32.30 -11.49 -39.22
C GLY I 632 -32.27 -11.53 -40.74
N LEU I 633 -33.39 -11.10 -41.32
CA LEU I 633 -33.46 -10.97 -42.79
C LEU I 633 -32.30 -10.12 -43.33
N GLY I 634 -31.93 -9.08 -42.59
CA GLY I 634 -30.78 -8.23 -42.93
C GLY I 634 -29.49 -9.03 -42.90
N LEU I 635 -29.27 -9.70 -41.78
CA LEU I 635 -28.08 -10.49 -41.56
C LEU I 635 -27.82 -11.53 -42.63
N PHE I 636 -28.88 -12.17 -43.06
CA PHE I 636 -28.77 -13.29 -44.00
C PHE I 636 -28.92 -12.97 -45.48
N THR I 637 -29.33 -11.74 -45.81
CA THR I 637 -29.54 -11.37 -47.22
C THR I 637 -29.07 -9.99 -47.67
N LEU I 638 -28.93 -9.03 -46.76
CA LEU I 638 -28.69 -7.66 -47.21
C LEU I 638 -27.38 -7.14 -46.72
N GLU I 639 -27.13 -7.32 -45.43
CA GLU I 639 -26.10 -6.56 -44.78
C GLU I 639 -24.75 -7.20 -45.01
N GLU I 640 -23.83 -6.41 -45.58
CA GLU I 640 -22.49 -6.90 -45.87
C GLU I 640 -21.38 -5.93 -45.49
N LEU I 641 -20.52 -6.36 -44.55
CA LEU I 641 -19.27 -5.66 -44.21
C LEU I 641 -18.14 -6.06 -45.12
N HIS I 642 -17.38 -5.09 -45.60
CA HIS I 642 -16.33 -5.42 -46.52
C HIS I 642 -15.00 -4.70 -46.18
N TYR I 643 -13.90 -5.47 -46.17
CA TYR I 643 -12.58 -4.96 -45.70
C TYR I 643 -11.53 -4.93 -46.78
N SER I 644 -10.59 -4.01 -46.71
CA SER I 644 -9.44 -4.05 -47.60
C SER I 644 -8.60 -5.31 -47.26
N PRO I 645 -7.70 -5.74 -48.16
CA PRO I 645 -6.76 -6.80 -47.72
C PRO I 645 -5.88 -6.36 -46.55
N GLU I 646 -5.72 -5.04 -46.38
CA GLU I 646 -4.95 -4.47 -45.24
C GLU I 646 -5.77 -4.43 -43.94
N GLY I 647 -7.08 -4.68 -44.01
CA GLY I 647 -7.88 -4.80 -42.79
C GLY I 647 -8.75 -3.61 -42.43
N SER I 648 -8.87 -2.72 -43.39
CA SER I 648 -9.60 -1.49 -43.23
C SER I 648 -11.01 -1.67 -43.75
N LEU I 649 -11.98 -1.41 -42.88
CA LEU I 649 -13.38 -1.45 -43.27
C LEU I 649 -13.75 -0.39 -44.36
N HIS I 650 -14.38 -0.86 -45.44
CA HIS I 650 -14.82 0.00 -46.52
C HIS I 650 -16.27 0.45 -46.32
N THR I 651 -17.07 -0.39 -45.66
CA THR I 651 -18.50 -0.16 -45.60
C THR I 651 -18.86 0.64 -44.33
N ARG I 652 -18.87 1.96 -44.41
CA ARG I 652 -18.99 2.76 -43.19
C ARG I 652 -20.21 3.71 -43.13
N GLY I 653 -21.28 3.42 -43.85
CA GLY I 653 -22.47 4.24 -43.80
C GLY I 653 -23.61 3.59 -44.54
N PRO I 654 -24.82 4.18 -44.49
CA PRO I 654 -26.01 3.68 -45.21
C PRO I 654 -25.82 3.56 -46.72
N SER I 655 -24.91 4.34 -47.30
CA SER I 655 -24.69 4.26 -48.76
C SER I 655 -24.06 2.93 -49.22
N THR I 656 -23.27 2.27 -48.37
CA THR I 656 -22.57 1.03 -48.76
C THR I 656 -22.87 -0.17 -47.87
N TYR I 657 -23.54 0.05 -46.74
CA TYR I 657 -23.96 -1.04 -45.88
C TYR I 657 -25.49 -0.97 -45.86
N LYS I 658 -26.13 -2.03 -46.37
CA LYS I 658 -27.60 -1.98 -46.59
C LYS I 658 -28.36 -2.75 -45.52
N ILE I 659 -29.01 -2.00 -44.61
CA ILE I 659 -29.97 -2.57 -43.68
C ILE I 659 -31.37 -2.60 -44.31
N PRO I 660 -32.25 -3.53 -43.88
CA PRO I 660 -33.54 -3.56 -44.61
C PRO I 660 -34.22 -2.18 -44.65
N ALA I 661 -34.85 -1.87 -45.75
CA ALA I 661 -35.57 -0.60 -45.87
C ALA I 661 -37.04 -0.96 -45.84
N PHE I 662 -37.91 0.05 -45.82
CA PHE I 662 -39.35 -0.14 -45.99
C PHE I 662 -39.70 -1.15 -47.06
N GLY I 663 -39.16 -0.95 -48.26
CA GLY I 663 -39.39 -1.83 -49.37
C GLY I 663 -38.81 -3.25 -49.28
N SER I 664 -37.96 -3.49 -48.30
CA SER I 664 -37.31 -4.79 -48.21
C SER I 664 -38.21 -5.85 -47.56
N ILE I 665 -39.13 -5.42 -46.71
CA ILE I 665 -39.99 -6.36 -45.97
C ILE I 665 -40.90 -7.20 -46.89
N PRO I 666 -41.36 -8.38 -46.42
CA PRO I 666 -42.19 -9.23 -47.31
C PRO I 666 -43.53 -8.56 -47.58
N THR I 667 -44.00 -8.66 -48.83
CA THR I 667 -45.23 -8.00 -49.21
C THR I 667 -46.36 -8.47 -48.27
N GLU I 668 -46.42 -9.78 -48.02
CA GLU I 668 -47.31 -10.35 -47.00
C GLU I 668 -46.56 -10.74 -45.73
N PHE I 669 -46.72 -9.96 -44.68
CA PHE I 669 -45.95 -10.12 -43.47
C PHE I 669 -46.90 -10.39 -42.28
N ARG I 670 -46.98 -11.67 -41.85
CA ARG I 670 -47.95 -12.14 -40.82
C ARG I 670 -47.35 -12.77 -39.56
N VAL I 671 -47.78 -12.27 -38.40
CA VAL I 671 -47.24 -12.71 -37.11
C VAL I 671 -48.42 -13.12 -36.24
N SER I 672 -48.34 -14.29 -35.63
CA SER I 672 -49.31 -14.76 -34.69
C SER I 672 -48.54 -15.16 -33.46
N LEU I 673 -49.12 -14.88 -32.29
CA LEU I 673 -48.60 -15.41 -31.05
C LEU I 673 -49.41 -16.67 -30.70
N LEU I 674 -48.72 -17.79 -30.40
CA LEU I 674 -49.37 -19.07 -30.09
C LEU I 674 -50.33 -18.95 -28.90
N ARG I 675 -51.56 -19.41 -29.06
CA ARG I 675 -52.56 -19.24 -28.01
C ARG I 675 -52.47 -20.34 -26.98
N ASP I 676 -52.94 -20.05 -25.77
CA ASP I 676 -53.05 -21.06 -24.71
C ASP I 676 -51.76 -21.82 -24.41
N CYS I 677 -50.71 -21.09 -24.03
CA CYS I 677 -49.43 -21.72 -23.70
C CYS I 677 -48.63 -21.06 -22.59
N PRO I 678 -49.21 -20.95 -21.38
CA PRO I 678 -48.54 -20.34 -20.20
C PRO I 678 -47.16 -20.95 -19.84
N ASN I 679 -46.19 -20.08 -19.54
CA ASN I 679 -44.84 -20.47 -19.06
C ASN I 679 -44.75 -20.32 -17.51
N LYS I 680 -44.56 -21.42 -16.80
CA LYS I 680 -44.56 -21.37 -15.33
C LYS I 680 -43.35 -20.65 -14.82
N LYS I 681 -42.23 -20.83 -15.51
CA LYS I 681 -40.95 -20.33 -15.05
C LYS I 681 -40.83 -18.79 -15.02
N ALA I 682 -41.68 -18.06 -15.73
CA ALA I 682 -41.51 -16.61 -15.80
C ALA I 682 -42.68 -15.78 -15.28
N ILE I 683 -42.42 -14.50 -15.03
CA ILE I 683 -43.42 -13.56 -14.49
C ILE I 683 -44.74 -13.57 -15.27
N TYR I 684 -45.84 -13.80 -14.54
CA TYR I 684 -47.21 -13.87 -15.10
C TYR I 684 -47.38 -14.76 -16.34
N ALA I 685 -46.59 -15.83 -16.43
CA ALA I 685 -46.77 -16.84 -17.50
C ALA I 685 -46.22 -16.45 -18.87
N SER I 686 -45.48 -15.33 -18.92
CA SER I 686 -44.89 -14.74 -20.16
C SER I 686 -43.58 -15.42 -20.58
N LYS I 687 -43.04 -15.02 -21.73
CA LYS I 687 -41.74 -15.52 -22.18
C LYS I 687 -40.92 -14.39 -22.75
N ALA I 688 -39.59 -14.51 -22.65
CA ALA I 688 -38.62 -13.66 -23.36
C ALA I 688 -38.87 -13.63 -24.88
N VAL I 689 -38.61 -12.49 -25.49
CA VAL I 689 -39.01 -12.29 -26.88
C VAL I 689 -37.96 -11.50 -27.73
N GLY I 690 -37.06 -10.78 -27.08
CA GLY I 690 -36.08 -9.93 -27.77
C GLY I 690 -35.23 -10.56 -28.87
N GLU I 691 -34.37 -11.50 -28.46
CA GLU I 691 -33.53 -12.25 -29.37
C GLU I 691 -34.21 -13.42 -30.15
N PRO I 692 -34.98 -14.32 -29.49
CA PRO I 692 -35.54 -15.53 -30.16
C PRO I 692 -36.05 -15.46 -31.62
N PRO I 693 -36.81 -14.41 -32.00
CA PRO I 693 -37.35 -14.47 -33.34
C PRO I 693 -36.34 -14.10 -34.40
N LEU I 694 -35.16 -13.66 -34.02
CA LEU I 694 -34.21 -13.23 -35.05
C LEU I 694 -33.87 -14.34 -36.08
N PHE I 695 -33.50 -15.53 -35.62
CA PHE I 695 -33.02 -16.55 -36.53
C PHE I 695 -34.02 -16.89 -37.62
N LEU I 696 -35.29 -16.78 -37.30
CA LEU I 696 -36.36 -17.08 -38.24
C LEU I 696 -36.24 -16.28 -39.55
N GLY I 697 -35.54 -15.14 -39.49
CA GLY I 697 -35.15 -14.39 -40.66
C GLY I 697 -34.47 -15.29 -41.68
N ALA I 698 -33.79 -16.34 -41.19
CA ALA I 698 -33.02 -17.19 -42.05
C ALA I 698 -33.91 -17.92 -43.01
N SER I 699 -35.19 -18.04 -42.69
CA SER I 699 -36.08 -18.81 -43.58
C SER I 699 -36.15 -18.15 -44.96
N VAL I 700 -35.90 -16.84 -44.98
CA VAL I 700 -35.80 -16.07 -46.22
C VAL I 700 -34.57 -16.53 -47.02
N PHE I 701 -33.44 -16.71 -46.33
CA PHE I 701 -32.22 -17.32 -46.88
C PHE I 701 -32.45 -18.68 -47.53
N PHE I 702 -33.12 -19.56 -46.82
CA PHE I 702 -33.36 -20.90 -47.32
C PHE I 702 -34.44 -20.94 -48.40
N ALA I 703 -35.40 -20.01 -48.33
CA ALA I 703 -36.27 -19.80 -49.46
C ALA I 703 -35.44 -19.45 -50.74
N ILE I 704 -34.45 -18.57 -50.63
CA ILE I 704 -33.61 -18.22 -51.77
C ILE I 704 -32.78 -19.41 -52.24
N LYS I 705 -32.17 -20.14 -51.29
CA LYS I 705 -31.43 -21.36 -51.65
C LYS I 705 -32.32 -22.36 -52.40
N ASP I 706 -33.59 -22.41 -51.99
CA ASP I 706 -34.58 -23.23 -52.65
C ASP I 706 -34.69 -22.85 -54.10
N ALA I 707 -34.82 -21.55 -54.32
CA ALA I 707 -35.07 -21.00 -55.63
C ALA I 707 -33.83 -21.12 -56.49
N ILE I 708 -32.66 -21.01 -55.88
CA ILE I 708 -31.44 -21.22 -56.62
C ILE I 708 -31.37 -22.68 -57.12
N ARG I 709 -31.76 -23.64 -56.27
CA ARG I 709 -31.82 -25.05 -56.72
C ARG I 709 -32.60 -25.17 -58.02
N ALA I 710 -33.70 -24.43 -58.10
CA ALA I 710 -34.63 -24.48 -59.20
C ALA I 710 -33.98 -23.89 -60.45
N ALA I 711 -33.21 -22.81 -60.27
CA ALA I 711 -32.51 -22.17 -61.38
C ALA I 711 -31.39 -23.07 -61.91
N ARG I 712 -30.74 -23.81 -61.02
CA ARG I 712 -29.62 -24.63 -61.43
C ARG I 712 -30.11 -25.83 -62.20
N ALA I 713 -31.01 -26.63 -61.61
CA ALA I 713 -31.70 -27.70 -62.32
C ALA I 713 -32.27 -27.21 -63.67
N GLN I 714 -32.53 -25.91 -63.80
CA GLN I 714 -32.98 -25.36 -65.08
C GLN I 714 -31.84 -25.17 -66.11
N HIS I 715 -30.73 -24.56 -65.71
CA HIS I 715 -29.70 -24.09 -66.67
C HIS I 715 -28.30 -24.69 -66.53
N THR I 716 -28.03 -25.37 -65.42
CA THR I 716 -26.75 -26.06 -65.20
C THR I 716 -26.87 -27.60 -65.48
N ASN I 717 -26.58 -28.40 -64.46
CA ASN I 717 -26.66 -29.86 -64.54
C ASN I 717 -28.06 -30.48 -64.26
N ASN I 718 -28.10 -31.83 -64.32
CA ASN I 718 -29.28 -32.64 -63.91
C ASN I 718 -29.08 -33.38 -62.56
N ASN I 719 -28.21 -32.83 -61.71
CA ASN I 719 -28.03 -33.43 -60.41
C ASN I 719 -29.11 -32.95 -59.43
N THR I 720 -30.22 -33.71 -59.41
CA THR I 720 -31.28 -33.53 -58.44
C THR I 720 -30.63 -33.23 -57.07
N LYS I 721 -29.57 -34.01 -56.79
CA LYS I 721 -29.09 -34.31 -55.46
C LYS I 721 -27.70 -33.74 -55.12
N GLU I 722 -27.15 -32.90 -56.01
CA GLU I 722 -25.89 -32.18 -55.77
C GLU I 722 -26.09 -30.97 -54.85
N LEU I 723 -25.05 -30.71 -54.07
CA LEU I 723 -25.02 -29.59 -53.13
C LEU I 723 -24.03 -28.53 -53.57
N PHE I 724 -24.43 -27.27 -53.44
CA PHE I 724 -23.53 -26.14 -53.65
C PHE I 724 -23.38 -25.32 -52.36
N ARG I 725 -22.25 -24.64 -52.22
CA ARG I 725 -22.03 -23.79 -51.07
C ARG I 725 -22.59 -22.38 -51.24
N LEU I 726 -23.58 -22.03 -50.42
CA LEU I 726 -24.05 -20.66 -50.33
C LEU I 726 -23.70 -20.14 -48.95
N ASP I 727 -22.80 -19.15 -48.88
CA ASP I 727 -22.44 -18.54 -47.60
C ASP I 727 -23.43 -17.44 -47.26
N SER I 728 -23.43 -17.01 -46.01
CA SER I 728 -24.28 -15.90 -45.62
C SER I 728 -23.38 -14.64 -45.48
N PRO I 729 -23.87 -13.47 -45.93
CA PRO I 729 -25.20 -13.21 -46.47
C PRO I 729 -25.32 -13.58 -47.95
N ALA I 730 -26.43 -14.19 -48.34
CA ALA I 730 -26.69 -14.41 -49.76
C ALA I 730 -27.10 -13.10 -50.42
N THR I 731 -26.10 -12.31 -50.80
CA THR I 731 -26.31 -11.03 -51.48
C THR I 731 -26.63 -11.25 -52.96
N PRO I 732 -26.97 -10.18 -53.69
CA PRO I 732 -27.15 -10.36 -55.14
C PRO I 732 -25.92 -10.95 -55.90
N GLU I 733 -24.69 -10.51 -55.58
CA GLU I 733 -23.50 -11.18 -56.09
C GLU I 733 -23.62 -12.71 -56.00
N LYS I 734 -23.80 -13.21 -54.79
CA LYS I 734 -23.77 -14.65 -54.54
C LYS I 734 -24.93 -15.34 -55.25
N ILE I 735 -26.10 -14.72 -55.21
CA ILE I 735 -27.31 -15.29 -55.81
C ILE I 735 -27.15 -15.35 -57.32
N ARG I 736 -26.58 -14.31 -57.93
CA ARG I 736 -26.37 -14.36 -59.35
C ARG I 736 -25.34 -15.45 -59.69
N ASN I 737 -24.19 -15.48 -59.01
CA ASN I 737 -23.10 -16.46 -59.29
C ASN I 737 -23.58 -17.90 -59.19
N ALA I 738 -24.49 -18.16 -58.25
CA ALA I 738 -24.98 -19.51 -57.97
C ALA I 738 -25.87 -20.05 -59.09
N CYS I 739 -26.53 -19.12 -59.81
CA CYS I 739 -27.42 -19.45 -60.94
C CYS I 739 -26.61 -19.64 -62.19
N VAL I 740 -25.82 -20.72 -62.24
CA VAL I 740 -24.81 -20.90 -63.29
C VAL I 740 -25.50 -21.14 -64.62
N ASP I 741 -25.23 -20.29 -65.62
CA ASP I 741 -25.94 -20.45 -66.92
C ASP I 741 -25.03 -20.07 -68.07
N LYS I 742 -25.63 -19.97 -69.26
CA LYS I 742 -24.89 -19.67 -70.49
C LYS I 742 -24.18 -18.33 -70.41
N PHE I 743 -24.41 -17.57 -69.34
CA PHE I 743 -23.81 -16.23 -69.15
C PHE I 743 -22.66 -16.26 -68.15
N THR I 744 -22.87 -16.91 -67.01
CA THR I 744 -21.80 -17.03 -66.03
C THR I 744 -20.56 -17.74 -66.65
N THR I 745 -20.85 -18.66 -67.58
CA THR I 745 -19.88 -19.48 -68.27
C THR I 745 -19.80 -18.96 -69.68
N THR J 2 -14.86 51.72 -30.11
CA THR J 2 -13.60 52.38 -29.65
C THR J 2 -13.57 52.57 -28.12
N ALA J 3 -13.65 51.47 -27.40
CA ALA J 3 -13.33 51.46 -25.98
C ALA J 3 -12.00 50.77 -25.88
N ASP J 4 -11.19 51.17 -24.91
CA ASP J 4 -9.88 50.55 -24.70
C ASP J 4 -10.07 49.19 -24.05
N GLU J 5 -9.01 48.37 -24.09
CA GLU J 5 -9.03 47.05 -23.48
C GLU J 5 -8.72 47.11 -22.00
N LEU J 6 -9.42 46.30 -21.21
CA LEU J 6 -9.09 46.09 -19.81
C LEU J 6 -8.19 44.85 -19.63
N VAL J 7 -7.09 45.05 -18.92
CA VAL J 7 -6.05 44.05 -18.74
C VAL J 7 -5.69 43.86 -17.27
N PHE J 8 -6.01 42.67 -16.75
CA PHE J 8 -5.65 42.29 -15.40
C PHE J 8 -5.34 40.83 -15.30
N PHE J 9 -4.84 40.42 -14.15
CA PHE J 9 -4.46 39.05 -13.94
C PHE J 9 -5.32 38.37 -12.89
N VAL J 10 -5.54 37.07 -13.05
CA VAL J 10 -6.25 36.32 -12.00
C VAL J 10 -5.52 35.00 -11.78
N ASN J 11 -5.08 34.76 -10.55
CA ASN J 11 -4.21 33.64 -10.25
C ASN J 11 -3.07 33.55 -11.26
N GLY J 12 -2.38 34.65 -11.50
CA GLY J 12 -1.24 34.67 -12.42
C GLY J 12 -1.59 34.56 -13.89
N LYS J 13 -2.87 34.48 -14.21
CA LYS J 13 -3.31 34.22 -15.58
C LYS J 13 -3.98 35.44 -16.20
N LYS J 14 -3.43 35.90 -17.32
CA LYS J 14 -3.86 37.13 -18.03
C LYS J 14 -5.30 37.13 -18.57
N VAL J 15 -6.03 38.20 -18.26
CA VAL J 15 -7.42 38.44 -18.72
C VAL J 15 -7.46 39.73 -19.56
N VAL J 16 -7.81 39.60 -20.83
CA VAL J 16 -7.92 40.75 -21.70
C VAL J 16 -9.41 40.93 -21.93
N GLU J 17 -10.03 41.89 -21.26
CA GLU J 17 -11.46 42.16 -21.48
C GLU J 17 -11.66 43.32 -22.43
N LYS J 18 -12.11 42.99 -23.64
CA LYS J 18 -12.16 43.96 -24.72
C LYS J 18 -13.40 44.84 -24.62
N ASN J 19 -14.39 44.38 -23.86
CA ASN J 19 -15.65 45.06 -23.74
C ASN J 19 -16.10 45.27 -22.30
N ALA J 20 -15.21 45.78 -21.46
CA ALA J 20 -15.52 45.95 -20.05
C ALA J 20 -16.73 46.85 -19.86
N ASP J 21 -17.73 46.34 -19.15
CA ASP J 21 -18.84 47.16 -18.71
C ASP J 21 -18.52 47.77 -17.32
N PRO J 22 -18.64 49.10 -17.17
CA PRO J 22 -18.23 49.82 -15.98
C PRO J 22 -18.98 49.33 -14.76
N GLU J 23 -20.18 48.80 -15.02
CA GLU J 23 -21.04 48.25 -13.96
C GLU J 23 -20.65 46.84 -13.46
N THR J 24 -19.65 46.20 -14.06
CA THR J 24 -19.24 44.87 -13.60
C THR J 24 -18.43 44.89 -12.29
N THR J 25 -18.93 44.17 -11.31
CA THR J 25 -18.14 43.87 -10.11
C THR J 25 -17.13 42.75 -10.38
N LEU J 26 -15.94 42.84 -9.77
CA LEU J 26 -15.01 41.71 -9.81
C LEU J 26 -15.72 40.42 -9.46
N LEU J 27 -16.59 40.44 -8.45
CA LEU J 27 -17.17 39.22 -7.97
C LEU J 27 -17.92 38.53 -9.06
N ALA J 28 -18.75 39.27 -9.78
CA ALA J 28 -19.54 38.67 -10.85
C ALA J 28 -18.64 38.23 -11.99
N TYR J 29 -17.56 38.95 -12.24
CA TYR J 29 -16.64 38.57 -13.30
C TYR J 29 -15.96 37.22 -13.01
N LEU J 30 -15.53 37.03 -11.78
CA LEU J 30 -14.91 35.79 -11.38
C LEU J 30 -15.90 34.63 -11.43
N ARG J 31 -17.12 34.83 -10.95
CA ARG J 31 -18.03 33.72 -10.79
C ARG J 31 -18.63 33.31 -12.14
N ARG J 32 -19.07 34.30 -12.91
CA ARG J 32 -19.91 34.04 -14.07
C ARG J 32 -19.22 34.19 -15.45
N LYS J 33 -18.11 34.92 -15.52
CA LYS J 33 -17.34 34.99 -16.75
C LYS J 33 -16.17 34.02 -16.69
N LEU J 34 -15.46 33.98 -15.57
CA LEU J 34 -14.25 33.16 -15.45
C LEU J 34 -14.43 31.77 -14.77
N GLY J 35 -15.54 31.56 -14.06
CA GLY J 35 -15.86 30.22 -13.55
C GLY J 35 -15.15 29.86 -12.25
N LEU J 36 -14.56 30.85 -11.59
CA LEU J 36 -13.89 30.60 -10.34
C LEU J 36 -14.93 30.81 -9.26
N ARG J 37 -15.59 29.73 -8.82
CA ARG J 37 -16.71 29.88 -7.86
C ARG J 37 -16.36 29.86 -6.41
N GLY J 38 -15.07 29.69 -6.11
CA GLY J 38 -14.56 29.80 -4.75
C GLY J 38 -14.92 31.08 -4.02
N THR J 39 -15.00 32.20 -4.72
CA THR J 39 -15.40 33.47 -4.13
C THR J 39 -16.95 33.55 -4.08
N LYS J 40 -17.49 33.92 -2.92
CA LYS J 40 -18.93 33.84 -2.68
C LYS J 40 -19.57 35.17 -2.45
N LEU J 41 -20.83 35.25 -2.89
CA LEU J 41 -21.67 36.36 -2.58
C LEU J 41 -22.32 36.11 -1.24
N GLY J 42 -22.03 36.99 -0.28
CA GLY J 42 -22.69 36.97 1.04
C GLY J 42 -23.65 38.10 1.35
N CYS J 43 -23.50 39.26 0.72
CA CYS J 43 -24.36 40.40 1.03
C CYS J 43 -24.35 41.57 0.05
N GLY J 44 -23.39 41.57 -0.88
CA GLY J 44 -23.27 42.63 -1.89
C GLY J 44 -23.02 44.04 -1.38
N GLU J 45 -22.64 44.18 -0.09
CA GLU J 45 -22.51 45.49 0.54
C GLU J 45 -21.29 45.70 1.46
N GLY J 46 -20.30 44.83 1.37
CA GLY J 46 -19.02 45.06 1.98
C GLY J 46 -18.90 44.63 3.41
N GLY J 47 -19.96 44.06 4.00
CA GLY J 47 -19.98 43.71 5.45
C GLY J 47 -19.59 42.29 5.89
N CYS J 48 -19.73 41.28 5.02
CA CYS J 48 -19.52 39.89 5.43
C CYS J 48 -18.16 39.25 5.05
N GLY J 49 -17.53 39.73 4.00
CA GLY J 49 -16.22 39.20 3.62
C GLY J 49 -16.24 37.86 2.91
N ALA J 50 -17.43 37.33 2.60
CA ALA J 50 -17.47 36.11 1.79
C ALA J 50 -16.75 36.26 0.43
N CYS J 51 -16.85 37.46 -0.16
CA CYS J 51 -16.23 37.73 -1.46
C CYS J 51 -14.78 38.28 -1.42
N THR J 52 -14.05 38.00 -0.34
CA THR J 52 -12.70 38.57 -0.11
C THR J 52 -11.64 37.99 -1.04
N VAL J 53 -10.79 38.83 -1.64
CA VAL J 53 -9.72 38.33 -2.50
C VAL J 53 -8.51 39.13 -2.17
N MET J 54 -7.35 38.76 -2.70
CA MET J 54 -6.18 39.60 -2.53
C MET J 54 -5.88 40.34 -3.80
N LEU J 55 -5.51 41.61 -3.70
CA LEU J 55 -5.10 42.36 -4.87
C LEU J 55 -3.62 42.68 -4.79
N SER J 56 -2.96 42.72 -5.92
CA SER J 56 -1.57 43.06 -5.94
C SER J 56 -1.36 44.02 -7.05
N LYS J 57 -0.66 45.10 -6.76
CA LYS J 57 -0.17 46.00 -7.78
C LYS J 57 1.23 46.46 -7.40
N TYR J 58 1.97 46.87 -8.42
CA TYR J 58 3.20 47.64 -8.25
C TYR J 58 2.82 49.07 -7.89
N ASP J 59 3.39 49.59 -6.82
CA ASP J 59 3.10 50.96 -6.39
C ASP J 59 4.20 51.94 -6.84
N ARG J 60 3.82 52.84 -7.73
CA ARG J 60 4.77 53.73 -8.39
C ARG J 60 5.44 54.76 -7.45
N LEU J 61 5.43 54.47 -6.15
CA LEU J 61 5.96 55.39 -5.16
C LEU J 61 6.74 54.63 -4.11
N GLN J 62 6.07 53.80 -3.34
CA GLN J 62 6.76 53.04 -2.32
C GLN J 62 7.77 52.09 -2.97
N ASP J 63 7.95 52.23 -4.30
CA ASP J 63 8.61 51.22 -5.14
C ASP J 63 7.79 49.92 -5.05
N LYS J 64 8.18 48.99 -4.18
CA LYS J 64 7.59 47.63 -4.09
C LYS J 64 6.16 47.33 -4.60
N ILE J 65 5.94 46.04 -4.78
CA ILE J 65 4.63 45.50 -4.96
C ILE J 65 3.88 45.54 -3.61
N ILE J 66 2.64 46.00 -3.62
CA ILE J 66 1.82 45.87 -2.41
C ILE J 66 0.77 44.76 -2.50
N HIS J 67 0.36 44.23 -1.36
CA HIS J 67 -0.67 43.19 -1.32
C HIS J 67 -1.69 43.59 -0.29
N PHE J 68 -2.97 43.55 -0.64
CA PHE J 68 -4.01 43.94 0.32
C PHE J 68 -5.28 43.18 -0.02
N SER J 69 -6.23 43.19 0.90
CA SER J 69 -7.45 42.48 0.67
C SER J 69 -8.51 43.47 0.19
N ALA J 70 -9.54 42.95 -0.45
CA ALA J 70 -10.64 43.75 -0.98
C ALA J 70 -11.90 42.92 -1.05
N ASN J 71 -13.03 43.57 -0.89
CA ASN J 71 -14.32 42.95 -1.17
C ASN J 71 -14.52 42.84 -2.68
N ALA J 72 -14.76 41.64 -3.20
CA ALA J 72 -14.98 41.47 -4.65
C ALA J 72 -16.34 42.01 -5.13
N CYS J 73 -17.27 42.16 -4.19
CA CYS J 73 -18.65 42.55 -4.53
C CYS J 73 -18.73 44.07 -4.71
N LEU J 74 -17.67 44.75 -4.33
CA LEU J 74 -17.67 46.19 -4.50
C LEU J 74 -16.55 46.70 -5.42
N ALA J 75 -15.67 45.82 -5.90
CA ALA J 75 -14.57 46.29 -6.73
C ALA J 75 -15.01 46.30 -8.19
N PRO J 76 -15.15 47.50 -8.75
CA PRO J 76 -15.52 47.49 -10.17
C PRO J 76 -14.32 46.92 -10.96
N ILE J 77 -14.55 46.11 -11.99
CA ILE J 77 -13.41 45.55 -12.73
C ILE J 77 -12.63 46.69 -13.43
N CYS J 78 -13.33 47.72 -13.88
CA CYS J 78 -12.65 48.92 -14.42
C CYS J 78 -11.64 49.66 -13.52
N THR J 79 -11.55 49.29 -12.26
CA THR J 79 -10.47 49.80 -11.42
C THR J 79 -9.27 48.86 -11.50
N LEU J 80 -9.42 47.72 -12.14
CA LEU J 80 -8.43 46.65 -11.94
C LEU J 80 -7.34 46.58 -12.99
N HIS J 81 -7.24 47.60 -13.84
CA HIS J 81 -6.27 47.59 -14.92
C HIS J 81 -4.89 47.52 -14.33
N HIS J 82 -4.06 46.59 -14.82
CA HIS J 82 -2.73 46.30 -14.29
C HIS J 82 -2.64 45.90 -12.80
N VAL J 83 -3.75 45.36 -12.31
CA VAL J 83 -3.86 44.82 -10.96
C VAL J 83 -4.01 43.33 -11.11
N ALA J 84 -3.52 42.61 -10.12
CA ALA J 84 -3.49 41.14 -10.12
C ALA J 84 -4.31 40.60 -8.96
N VAL J 85 -5.31 39.80 -9.29
CA VAL J 85 -6.23 39.23 -8.32
C VAL J 85 -5.68 37.88 -7.95
N THR J 86 -5.89 37.49 -6.71
CA THR J 86 -5.66 36.14 -6.27
C THR J 86 -6.93 35.70 -5.54
N THR J 87 -7.50 34.58 -5.96
CA THR J 87 -8.67 34.07 -5.27
C THR J 87 -8.30 32.86 -4.42
N VAL J 88 -9.29 32.28 -3.73
CA VAL J 88 -9.02 31.09 -2.95
C VAL J 88 -8.33 29.99 -3.81
N GLU J 89 -8.87 29.70 -4.99
CA GLU J 89 -8.32 28.63 -5.79
C GLU J 89 -6.91 28.96 -6.33
N GLY J 90 -6.45 30.18 -6.11
CA GLY J 90 -5.10 30.57 -6.53
C GLY J 90 -3.97 30.22 -5.59
N ILE J 91 -4.29 29.76 -4.38
CA ILE J 91 -3.28 29.47 -3.36
C ILE J 91 -3.08 27.99 -3.02
N GLY J 92 -4.02 27.14 -3.44
CA GLY J 92 -3.96 25.72 -3.14
C GLY J 92 -5.29 25.04 -3.38
N SER J 93 -5.27 23.69 -3.40
CA SER J 93 -6.44 22.90 -3.77
C SER J 93 -6.22 21.44 -3.38
N THR J 94 -7.31 20.73 -3.09
CA THR J 94 -7.18 19.32 -2.71
C THR J 94 -6.71 18.45 -3.87
N LYS J 95 -6.58 19.03 -5.07
CA LYS J 95 -6.14 18.24 -6.20
C LYS J 95 -4.64 18.29 -6.30
N THR J 96 -4.04 19.32 -5.71
CA THR J 96 -2.59 19.53 -5.75
C THR J 96 -2.05 19.67 -4.32
N ARG J 97 -2.13 20.86 -3.71
CA ARG J 97 -1.68 21.06 -2.29
C ARG J 97 -2.43 22.16 -1.62
N LEU J 98 -2.96 21.91 -0.43
CA LEU J 98 -3.59 22.98 0.27
C LEU J 98 -2.51 23.94 0.68
N HIS J 99 -2.84 25.23 0.72
CA HIS J 99 -1.97 26.21 1.35
C HIS J 99 -2.01 25.97 2.87
N PRO J 100 -0.89 26.19 3.60
CA PRO J 100 -0.99 26.00 5.04
C PRO J 100 -2.21 26.65 5.69
N VAL J 101 -2.59 27.84 5.23
CA VAL J 101 -3.79 28.52 5.75
C VAL J 101 -5.00 27.60 5.58
N GLN J 102 -5.13 26.97 4.41
CA GLN J 102 -6.28 26.15 4.12
C GLN J 102 -6.32 24.97 5.05
N GLU J 103 -5.18 24.28 5.14
CA GLU J 103 -5.08 23.04 5.89
C GLU J 103 -5.38 23.32 7.36
N ARG J 104 -4.82 24.42 7.84
CA ARG J 104 -4.91 24.78 9.25
C ARG J 104 -6.37 24.96 9.69
N ILE J 105 -7.14 25.70 8.89
CA ILE J 105 -8.56 25.97 9.24
C ILE J 105 -9.45 24.73 9.07
N ALA J 106 -9.05 23.80 8.21
CA ALA J 106 -9.79 22.57 8.06
C ALA J 106 -9.56 21.67 9.26
N LYS J 107 -8.31 21.30 9.55
CA LYS J 107 -7.99 20.40 10.66
C LYS J 107 -8.27 21.02 12.01
N SER J 108 -8.52 22.32 12.05
CA SER J 108 -8.80 23.08 13.27
C SER J 108 -10.25 23.14 13.66
N HIS J 109 -11.12 22.52 12.85
CA HIS J 109 -12.58 22.66 13.00
C HIS J 109 -13.07 24.11 12.82
N GLY J 110 -12.33 24.83 11.97
CA GLY J 110 -12.61 26.22 11.66
C GLY J 110 -13.74 26.42 10.66
N SER J 111 -14.05 25.38 9.91
CA SER J 111 -15.08 25.40 8.88
C SER J 111 -16.20 24.45 9.24
N GLN J 112 -17.40 24.98 9.32
CA GLN J 112 -18.58 24.13 9.47
C GLN J 112 -19.38 24.06 8.13
N CYS J 113 -20.30 25.00 7.87
CA CYS J 113 -21.01 25.03 6.58
C CYS J 113 -20.00 25.34 5.46
N GLY J 114 -19.04 26.19 5.76
CA GLY J 114 -17.91 26.36 4.87
C GLY J 114 -18.01 27.56 3.97
N PHE J 115 -19.14 28.27 4.05
CA PHE J 115 -19.41 29.33 3.10
C PHE J 115 -18.49 30.51 3.26
N CYS J 116 -18.04 30.75 4.48
CA CYS J 116 -17.27 31.96 4.79
C CYS J 116 -15.77 31.70 4.76
N THR J 117 -15.44 30.40 4.74
CA THR J 117 -14.08 29.91 4.75
C THR J 117 -13.19 30.54 3.67
N PRO J 118 -13.63 30.47 2.40
CA PRO J 118 -12.70 30.99 1.42
C PRO J 118 -12.29 32.43 1.71
N GLY J 119 -13.23 33.28 2.14
CA GLY J 119 -12.94 34.69 2.45
C GLY J 119 -12.06 34.87 3.68
N ILE J 120 -12.33 34.10 4.73
CA ILE J 120 -11.47 34.13 5.92
C ILE J 120 -10.04 33.65 5.57
N VAL J 121 -9.96 32.56 4.80
CA VAL J 121 -8.70 32.14 4.21
C VAL J 121 -7.97 33.26 3.41
N MET J 122 -8.72 34.03 2.63
CA MET J 122 -8.10 35.08 1.88
C MET J 122 -7.64 36.25 2.81
N SER J 123 -8.38 36.46 3.90
CA SER J 123 -8.02 37.51 4.84
C SER J 123 -6.75 37.15 5.63
N MET J 124 -6.54 35.85 5.83
CA MET J 124 -5.39 35.34 6.60
C MET J 124 -4.24 35.18 5.64
N TYR J 125 -4.53 34.63 4.45
CA TYR J 125 -3.53 34.58 3.39
C TYR J 125 -2.89 35.95 3.13
N THR J 126 -3.72 36.98 3.06
CA THR J 126 -3.28 38.35 2.89
C THR J 126 -2.36 38.83 4.00
N LEU J 127 -2.82 38.74 5.25
CA LEU J 127 -2.01 39.16 6.40
C LEU J 127 -0.65 38.52 6.29
N LEU J 128 -0.61 37.21 6.09
CA LEU J 128 0.67 36.47 5.98
C LEU J 128 1.60 36.97 4.88
N ARG J 129 1.02 37.53 3.85
CA ARG J 129 1.77 37.99 2.68
C ARG J 129 2.49 39.34 2.95
N ASN J 130 1.86 40.19 3.76
CA ASN J 130 2.46 41.44 4.20
C ASN J 130 3.39 41.23 5.36
N GLN J 131 3.16 40.16 6.11
CA GLN J 131 3.79 39.95 7.39
C GLN J 131 3.89 38.45 7.74
N PRO J 132 5.02 37.80 7.36
CA PRO J 132 5.23 36.34 7.52
C PRO J 132 5.08 35.84 8.96
N GLU J 133 5.35 36.71 9.93
CA GLU J 133 5.25 36.30 11.33
C GLU J 133 4.55 37.33 12.22
N PRO J 134 3.20 37.31 12.19
CA PRO J 134 2.38 38.28 12.89
C PRO J 134 2.15 37.93 14.35
N THR J 135 1.70 38.91 15.12
CA THR J 135 1.42 38.75 16.56
C THR J 135 -0.02 38.29 16.68
N VAL J 136 -0.38 37.70 17.82
CA VAL J 136 -1.73 37.22 18.07
C VAL J 136 -2.71 38.39 17.91
N GLU J 137 -2.32 39.56 18.40
CA GLU J 137 -3.08 40.79 18.16
C GLU J 137 -3.36 40.95 16.67
N GLU J 138 -2.29 41.05 15.85
CA GLU J 138 -2.38 41.27 14.42
C GLU J 138 -3.32 40.30 13.72
N ILE J 139 -3.29 39.03 14.16
CA ILE J 139 -4.13 37.98 13.61
C ILE J 139 -5.61 38.26 13.86
N GLU J 140 -5.98 38.42 15.13
CA GLU J 140 -7.37 38.69 15.49
C GLU J 140 -8.03 39.84 14.72
N ASP J 141 -7.23 40.82 14.30
CA ASP J 141 -7.73 42.03 13.64
C ASP J 141 -7.96 41.89 12.16
N ALA J 142 -7.24 40.96 11.57
CA ALA J 142 -7.29 40.76 10.14
C ALA J 142 -8.66 40.31 9.68
N PHE J 143 -9.58 40.14 10.63
CA PHE J 143 -10.86 39.55 10.31
C PHE J 143 -12.04 40.37 10.77
N GLN J 144 -11.94 41.69 10.88
CA GLN J 144 -13.12 42.46 11.28
C GLN J 144 -14.18 42.45 10.18
N GLY J 145 -13.73 42.30 8.93
CA GLY J 145 -14.61 42.27 7.77
C GLY J 145 -15.15 40.89 7.41
N ASN J 146 -14.91 39.90 8.27
CA ASN J 146 -15.40 38.56 7.97
C ASN J 146 -16.44 38.06 8.98
N LEU J 147 -17.55 37.52 8.50
CA LEU J 147 -18.60 37.00 9.38
C LEU J 147 -18.80 35.51 9.16
N CYS J 148 -18.80 34.74 10.26
CA CYS J 148 -19.14 33.32 10.25
C CYS J 148 -20.30 33.17 11.20
N ARG J 149 -21.33 32.47 10.74
CA ARG J 149 -22.53 32.23 11.54
C ARG J 149 -22.50 30.89 12.31
N CYS J 150 -21.61 29.99 11.92
CA CYS J 150 -21.61 28.61 12.45
C CYS J 150 -20.68 28.32 13.61
N THR J 151 -19.46 28.86 13.53
CA THR J 151 -18.33 28.36 14.34
C THR J 151 -18.17 28.96 15.73
N GLY J 152 -18.62 30.21 15.89
CA GLY J 152 -18.40 30.94 17.13
C GLY J 152 -17.00 31.53 17.22
N TYR J 153 -16.28 31.39 16.11
CA TYR J 153 -14.96 32.01 15.87
C TYR J 153 -13.76 31.39 16.62
N ARG J 154 -13.97 30.97 17.87
CA ARG J 154 -12.89 30.43 18.72
C ARG J 154 -11.91 29.50 17.96
N PRO J 155 -12.43 28.46 17.24
CA PRO J 155 -11.50 27.52 16.62
C PRO J 155 -10.73 28.09 15.44
N ILE J 156 -11.27 29.11 14.77
CA ILE J 156 -10.54 29.72 13.64
C ILE J 156 -9.33 30.48 14.20
N LEU J 157 -9.58 31.32 15.20
CA LEU J 157 -8.50 32.03 15.89
C LEU J 157 -7.44 31.08 16.44
N GLN J 158 -7.87 30.07 17.20
CA GLN J 158 -6.93 29.01 17.74
C GLN J 158 -6.07 28.37 16.65
N GLY J 159 -6.70 27.95 15.56
CA GLY J 159 -5.98 27.37 14.46
C GLY J 159 -4.90 28.28 13.90
N PHE J 160 -5.24 29.58 13.76
CA PHE J 160 -4.34 30.52 13.12
C PHE J 160 -3.31 31.11 14.09
N ARG J 161 -3.50 30.84 15.38
CA ARG J 161 -2.56 31.29 16.40
C ARG J 161 -1.20 30.66 16.13
N THR J 162 -1.23 29.42 15.64
CA THR J 162 -0.02 28.72 15.22
C THR J 162 0.89 29.54 14.31
N PHE J 163 0.40 30.59 13.69
CA PHE J 163 1.25 31.42 12.86
C PHE J 163 2.01 32.51 13.62
N ALA J 164 1.56 32.87 14.82
CA ALA J 164 2.23 33.93 15.60
C ALA J 164 3.59 33.55 16.25
N LYS J 165 3.94 34.24 17.35
CA LYS J 165 5.28 34.18 18.01
C LYS J 165 6.38 34.63 17.07
N PRO K 1 1.64 55.70 -19.02
CA PRO K 1 0.29 55.46 -18.47
C PRO K 1 -0.77 56.40 -19.06
N LYS K 2 -1.64 55.87 -19.90
CA LYS K 2 -2.57 56.73 -20.65
C LYS K 2 -4.02 56.67 -20.16
N GLN K 3 -4.83 57.66 -20.53
CA GLN K 3 -6.27 57.69 -20.26
C GLN K 3 -6.97 56.50 -20.94
N LEU K 4 -7.83 55.81 -20.21
CA LEU K 4 -8.59 54.68 -20.74
C LEU K 4 -10.04 55.03 -20.64
N ARG K 5 -10.81 54.46 -21.54
CA ARG K 5 -12.23 54.74 -21.63
C ARG K 5 -12.95 53.40 -21.83
N PHE K 6 -13.93 53.13 -20.96
CA PHE K 6 -14.78 51.93 -21.05
C PHE K 6 -16.25 52.34 -21.22
N GLU K 7 -16.96 51.61 -22.08
CA GLU K 7 -18.36 51.91 -22.35
C GLU K 7 -19.14 50.67 -22.07
N GLY K 8 -20.26 50.84 -21.39
CA GLY K 8 -21.11 49.70 -21.06
C GLY K 8 -22.53 49.97 -21.49
N GLU K 9 -23.49 49.25 -20.89
CA GLU K 9 -24.88 49.36 -21.30
C GLU K 9 -25.52 50.69 -20.97
N ARG K 10 -25.12 51.26 -19.84
CA ARG K 10 -25.68 52.52 -19.38
C ARG K 10 -24.59 53.52 -18.98
N VAL K 11 -23.41 53.01 -18.63
CA VAL K 11 -22.37 53.86 -18.04
C VAL K 11 -21.15 54.00 -18.94
N THR K 12 -20.58 55.21 -18.96
CA THR K 12 -19.27 55.46 -19.55
C THR K 12 -18.26 55.78 -18.47
N TRP K 13 -17.10 55.12 -18.55
CA TRP K 13 -16.08 55.19 -17.50
C TRP K 13 -14.76 55.66 -18.13
N ILE K 14 -14.16 56.63 -17.47
CA ILE K 14 -12.92 57.23 -17.92
C ILE K 14 -11.92 57.14 -16.78
N GLN K 15 -10.85 56.40 -17.02
CA GLN K 15 -9.80 56.30 -16.05
C GLN K 15 -8.87 57.44 -16.36
N ALA K 16 -8.93 58.51 -15.56
CA ALA K 16 -8.01 59.68 -15.74
C ALA K 16 -6.58 59.39 -15.31
N SER K 17 -5.61 59.83 -16.10
CA SER K 17 -4.19 59.61 -15.76
C SER K 17 -3.47 60.83 -15.18
N THR K 18 -4.06 62.01 -15.33
CA THR K 18 -3.42 63.24 -14.82
C THR K 18 -4.44 64.11 -14.13
N LEU K 19 -4.00 64.80 -13.10
CA LEU K 19 -4.80 65.85 -12.48
C LEU K 19 -5.40 66.81 -13.50
N LYS K 20 -4.70 67.07 -14.61
CA LYS K 20 -5.20 67.98 -15.66
C LYS K 20 -6.37 67.33 -16.38
N GLU K 21 -6.18 66.08 -16.80
CA GLU K 21 -7.22 65.31 -17.48
C GLU K 21 -8.52 65.34 -16.67
N LEU K 22 -8.37 65.16 -15.36
CA LEU K 22 -9.46 65.16 -14.41
C LEU K 22 -10.20 66.49 -14.31
N LEU K 23 -9.42 67.56 -14.14
CA LEU K 23 -9.99 68.86 -13.96
C LEU K 23 -10.65 69.29 -15.26
N ASP K 24 -10.07 68.85 -16.39
CA ASP K 24 -10.66 69.10 -17.71
C ASP K 24 -11.99 68.41 -17.84
N LEU K 25 -11.99 67.09 -17.61
CA LEU K 25 -13.18 66.25 -17.75
C LEU K 25 -14.24 66.73 -16.78
N LYS K 26 -13.82 67.03 -15.55
CA LYS K 26 -14.78 67.52 -14.58
C LYS K 26 -15.40 68.85 -15.05
N ALA K 27 -14.57 69.69 -15.68
CA ALA K 27 -15.08 70.94 -16.27
C ALA K 27 -16.05 70.70 -17.44
N GLN K 28 -15.74 69.76 -18.32
CA GLN K 28 -16.63 69.46 -19.47
C GLN K 28 -17.89 68.70 -19.04
N HIS K 29 -17.80 67.92 -17.96
CA HIS K 29 -18.90 67.07 -17.49
C HIS K 29 -19.11 67.18 -15.96
N PRO K 30 -19.77 68.27 -15.47
CA PRO K 30 -19.82 68.49 -14.01
C PRO K 30 -20.62 67.44 -13.24
N GLU K 31 -21.66 66.91 -13.90
CA GLU K 31 -22.49 65.79 -13.38
C GLU K 31 -21.71 64.46 -13.14
N ALA K 32 -20.66 64.26 -13.93
CA ALA K 32 -19.75 63.10 -13.83
C ALA K 32 -19.42 62.73 -12.40
N LYS K 33 -19.51 61.45 -12.09
CA LYS K 33 -19.21 60.93 -10.75
C LYS K 33 -17.77 60.47 -10.59
N LEU K 34 -17.08 60.97 -9.58
CA LEU K 34 -15.79 60.39 -9.22
C LEU K 34 -16.05 59.07 -8.54
N VAL K 35 -15.23 58.07 -8.83
CA VAL K 35 -15.30 56.76 -8.14
C VAL K 35 -13.87 56.39 -7.85
N VAL K 36 -13.59 56.04 -6.60
CA VAL K 36 -12.25 55.64 -6.20
C VAL K 36 -12.28 54.20 -5.67
N GLY K 37 -12.90 54.01 -4.51
CA GLY K 37 -13.07 52.66 -3.98
C GLY K 37 -14.40 52.02 -4.32
N ASN K 38 -15.37 52.83 -4.73
CA ASN K 38 -16.74 52.37 -5.01
C ASN K 38 -17.58 51.92 -3.78
N THR K 39 -17.02 52.05 -2.57
CA THR K 39 -17.64 51.45 -1.41
C THR K 39 -18.84 52.25 -1.00
N GLU K 40 -19.00 53.39 -1.66
CA GLU K 40 -20.17 54.20 -1.49
C GLU K 40 -21.02 54.12 -2.76
N ILE K 41 -20.39 54.32 -3.90
CA ILE K 41 -21.11 54.44 -5.17
C ILE K 41 -21.78 53.12 -5.50
N GLY K 42 -21.07 52.02 -5.23
CA GLY K 42 -21.60 50.69 -5.47
C GLY K 42 -22.89 50.41 -4.73
N ILE K 43 -22.96 50.83 -3.46
CA ILE K 43 -24.15 50.76 -2.58
C ILE K 43 -25.31 51.56 -3.21
N GLU K 44 -25.00 52.80 -3.63
CA GLU K 44 -25.99 53.67 -4.29
C GLU K 44 -26.54 53.11 -5.59
N MET K 45 -25.70 52.52 -6.41
CA MET K 45 -26.15 51.98 -7.67
C MET K 45 -26.95 50.72 -7.43
N LYS K 46 -26.52 49.88 -6.50
CA LYS K 46 -27.18 48.59 -6.30
C LYS K 46 -28.46 48.69 -5.47
N PHE K 47 -28.38 49.35 -4.32
CA PHE K 47 -29.45 49.33 -3.32
C PHE K 47 -30.39 50.53 -3.41
N LYS K 48 -29.91 51.65 -3.92
CA LYS K 48 -30.68 52.89 -3.94
C LYS K 48 -31.02 53.29 -5.38
N ASN K 49 -30.65 52.41 -6.31
CA ASN K 49 -31.00 52.48 -7.75
C ASN K 49 -30.53 53.71 -8.52
N GLN K 50 -29.49 54.37 -8.01
CA GLN K 50 -28.84 55.46 -8.70
C GLN K 50 -28.21 54.96 -10.00
N LEU K 51 -28.27 55.79 -11.02
CA LEU K 51 -27.49 55.57 -12.23
C LEU K 51 -26.69 56.84 -12.57
N PHE K 52 -25.37 56.73 -12.51
CA PHE K 52 -24.50 57.81 -12.96
C PHE K 52 -23.92 57.43 -14.32
N PRO K 53 -24.41 58.08 -15.41
CA PRO K 53 -24.03 57.65 -16.76
C PRO K 53 -22.58 57.94 -17.09
N MET K 54 -21.99 58.86 -16.33
CA MET K 54 -20.61 59.28 -16.53
C MET K 54 -19.82 59.13 -15.23
N ILE K 55 -18.80 58.28 -15.27
CA ILE K 55 -17.96 58.01 -14.12
C ILE K 55 -16.51 58.36 -14.44
N ILE K 56 -15.88 59.22 -13.64
CA ILE K 56 -14.44 59.43 -13.73
C ILE K 56 -13.75 58.75 -12.58
N CYS K 57 -12.68 58.01 -12.86
CA CYS K 57 -11.89 57.39 -11.80
C CYS K 57 -10.48 57.97 -11.72
N PRO K 58 -10.19 58.73 -10.66
CA PRO K 58 -8.92 59.41 -10.55
C PRO K 58 -7.88 58.67 -9.71
N ALA K 59 -8.14 57.41 -9.37
CA ALA K 59 -7.22 56.61 -8.54
C ALA K 59 -5.73 56.72 -8.94
N TRP K 60 -5.47 56.92 -10.23
CA TRP K 60 -4.10 56.87 -10.72
C TRP K 60 -3.29 58.12 -10.55
N ILE K 61 -3.96 59.24 -10.34
CA ILE K 61 -3.28 60.56 -10.33
C ILE K 61 -2.36 60.69 -9.12
N PRO K 62 -1.05 60.94 -9.35
CA PRO K 62 -0.11 61.23 -8.24
C PRO K 62 -0.48 62.64 -7.78
N GLU K 63 -0.57 62.92 -6.49
CA GLU K 63 -1.39 64.07 -6.01
C GLU K 63 -2.72 63.38 -5.97
N LEU K 64 -3.44 63.44 -4.86
CA LEU K 64 -4.50 62.44 -4.64
C LEU K 64 -3.91 61.15 -4.05
N ASN K 65 -2.62 60.88 -4.26
CA ASN K 65 -2.03 59.74 -3.55
C ASN K 65 -0.85 60.10 -2.64
N ALA K 66 -0.53 61.40 -2.65
CA ALA K 66 0.67 61.93 -2.04
C ALA K 66 0.50 61.99 -0.52
N VAL K 67 1.56 61.64 0.20
CA VAL K 67 1.60 61.83 1.63
C VAL K 67 2.73 62.81 2.01
N GLU K 68 2.41 64.00 2.51
CA GLU K 68 3.47 64.95 2.86
C GLU K 68 3.47 65.29 4.33
N HIS K 69 4.64 65.28 4.93
CA HIS K 69 4.83 65.74 6.29
C HIS K 69 5.24 67.20 6.24
N GLY K 70 4.32 68.07 6.67
CA GLY K 70 4.55 69.50 6.59
C GLY K 70 4.75 70.11 7.96
N PRO K 71 4.93 71.44 8.02
CA PRO K 71 5.14 72.06 9.34
C PRO K 71 3.85 72.22 10.18
N GLU K 72 2.67 71.99 9.59
CA GLU K 72 1.37 72.26 10.21
C GLU K 72 0.69 70.97 10.61
N GLY K 73 0.94 69.93 9.82
CA GLY K 73 0.29 68.62 9.96
C GLY K 73 0.79 67.66 8.89
N ILE K 74 0.03 66.58 8.69
CA ILE K 74 0.35 65.60 7.65
C ILE K 74 -0.72 65.61 6.59
N SER K 75 -0.29 65.70 5.34
CA SER K 75 -1.19 65.79 4.23
C SER K 75 -1.37 64.45 3.53
N PHE K 76 -2.62 64.13 3.23
CA PHE K 76 -2.93 62.94 2.45
C PHE K 76 -3.70 63.36 1.24
N GLY K 77 -3.34 62.76 0.09
CA GLY K 77 -4.12 62.94 -1.15
C GLY K 77 -5.49 62.34 -0.94
N ALA K 78 -6.50 62.93 -1.58
CA ALA K 78 -7.89 62.55 -1.31
C ALA K 78 -8.21 61.11 -1.67
N ALA K 79 -7.36 60.51 -2.50
CA ALA K 79 -7.56 59.11 -2.93
C ALA K 79 -6.86 58.06 -2.03
N CYS K 80 -6.04 58.53 -1.08
CA CYS K 80 -5.42 57.67 -0.08
C CYS K 80 -6.49 56.84 0.66
N ALA K 81 -6.23 55.54 0.71
CA ALA K 81 -7.06 54.58 1.40
C ALA K 81 -6.94 54.71 2.91
N LEU K 82 -8.00 54.34 3.60
CA LEU K 82 -8.04 54.54 5.03
C LEU K 82 -6.88 53.82 5.71
N SER K 83 -6.42 52.75 5.07
CA SER K 83 -5.35 51.96 5.65
C SER K 83 -3.97 52.62 5.51
N SER K 84 -3.79 53.48 4.51
CA SER K 84 -2.59 54.34 4.46
C SER K 84 -2.69 55.41 5.55
N VAL K 85 -3.85 56.05 5.68
CA VAL K 85 -4.02 57.07 6.68
C VAL K 85 -3.72 56.48 8.09
N GLU K 86 -4.34 55.34 8.37
CA GLU K 86 -4.14 54.65 9.62
C GLU K 86 -2.67 54.31 9.82
N LYS K 87 -2.06 53.67 8.84
CA LYS K 87 -0.68 53.23 8.98
C LYS K 87 0.28 54.41 9.18
N THR K 88 0.04 55.48 8.45
CA THR K 88 0.90 56.65 8.49
C THR K 88 0.76 57.36 9.80
N LEU K 89 -0.47 57.41 10.30
CA LEU K 89 -0.76 58.11 11.56
C LEU K 89 -0.24 57.34 12.77
N LEU K 90 -0.17 56.02 12.66
CA LEU K 90 0.31 55.15 13.74
C LEU K 90 1.80 55.32 13.87
N GLU K 91 2.49 55.34 12.74
CA GLU K 91 3.89 55.75 12.66
C GLU K 91 4.06 57.08 13.40
N ALA K 92 3.29 58.09 12.98
CA ALA K 92 3.36 59.41 13.64
C ALA K 92 3.23 59.40 15.17
N VAL K 93 2.17 58.76 15.69
CA VAL K 93 1.92 58.66 17.14
C VAL K 93 3.09 58.00 17.86
N ALA K 94 3.66 56.96 17.26
CA ALA K 94 4.75 56.20 17.86
C ALA K 94 6.07 56.96 17.89
N LYS K 95 6.18 57.99 17.08
CA LYS K 95 7.44 58.69 16.89
C LYS K 95 7.43 59.97 17.67
N LEU K 96 6.43 60.81 17.38
CA LEU K 96 6.41 62.20 17.82
C LEU K 96 6.05 62.29 19.33
N PRO K 97 6.25 63.46 19.96
CA PRO K 97 5.78 63.59 21.36
C PRO K 97 4.27 63.64 21.44
N THR K 98 3.70 63.01 22.48
CA THR K 98 2.26 62.99 22.77
C THR K 98 1.54 64.29 22.43
N GLN K 99 2.08 65.41 22.91
CA GLN K 99 1.38 66.69 22.79
C GLN K 99 1.06 67.15 21.34
N LYS K 100 1.80 66.64 20.37
CA LYS K 100 1.62 66.99 18.97
C LYS K 100 0.64 66.01 18.28
N THR K 101 0.25 64.92 18.95
CA THR K 101 -0.56 63.88 18.29
C THR K 101 -1.98 63.65 18.85
N GLU K 102 -2.59 64.66 19.48
CA GLU K 102 -3.97 64.50 19.94
C GLU K 102 -4.97 64.27 18.77
N VAL K 103 -4.93 65.10 17.75
CA VAL K 103 -5.79 64.88 16.59
C VAL K 103 -5.60 63.48 15.91
N PHE K 104 -4.34 63.07 15.66
CA PHE K 104 -4.08 61.77 15.06
C PHE K 104 -4.68 60.66 15.90
N ARG K 105 -4.50 60.75 17.21
CA ARG K 105 -5.02 59.80 18.17
C ARG K 105 -6.55 59.70 18.09
N GLY K 106 -7.20 60.84 17.87
CA GLY K 106 -8.63 60.87 17.65
C GLY K 106 -9.02 60.24 16.33
N VAL K 107 -8.24 60.48 15.29
CA VAL K 107 -8.59 59.91 13.99
C VAL K 107 -8.48 58.40 14.08
N LEU K 108 -7.43 57.92 14.74
CA LEU K 108 -7.17 56.50 14.83
C LEU K 108 -8.24 55.82 15.67
N GLU K 109 -8.74 56.51 16.69
CA GLU K 109 -9.83 55.99 17.55
C GLU K 109 -11.08 55.69 16.74
N GLN K 110 -11.44 56.65 15.86
CA GLN K 110 -12.56 56.50 14.95
C GLN K 110 -12.31 55.39 13.93
N LEU K 111 -11.04 55.20 13.57
CA LEU K 111 -10.67 54.19 12.56
C LEU K 111 -10.52 52.80 13.15
N ARG K 112 -10.60 52.66 14.46
CA ARG K 112 -10.32 51.39 15.12
C ARG K 112 -11.39 50.33 14.91
N TRP K 113 -12.62 50.66 15.24
CA TRP K 113 -13.70 49.68 15.21
C TRP K 113 -14.59 49.86 14.00
N PHE K 114 -13.95 49.99 12.86
CA PHE K 114 -14.51 50.65 11.72
C PHE K 114 -14.44 49.64 10.57
N ALA K 115 -15.56 49.33 9.96
CA ALA K 115 -15.54 48.37 8.83
C ALA K 115 -14.56 47.20 9.06
N GLY K 116 -13.48 47.10 8.29
CA GLY K 116 -12.60 45.93 8.25
C GLY K 116 -11.51 46.10 7.21
N LYS K 117 -10.53 45.20 7.17
CA LYS K 117 -9.35 45.37 6.30
C LYS K 117 -9.68 45.54 4.81
N GLN K 118 -10.61 44.72 4.32
CA GLN K 118 -11.01 44.75 2.93
C GLN K 118 -11.55 46.12 2.58
N VAL K 119 -12.31 46.74 3.48
CA VAL K 119 -12.96 48.03 3.23
C VAL K 119 -11.95 49.16 3.39
N LYS K 120 -11.08 49.05 4.40
CA LYS K 120 -10.17 50.14 4.68
C LYS K 120 -9.13 50.19 3.61
N SER K 121 -8.88 49.03 2.97
CA SER K 121 -7.83 48.97 1.96
C SER K 121 -8.18 49.62 0.63
N VAL K 122 -9.48 49.84 0.37
CA VAL K 122 -9.89 50.47 -0.88
C VAL K 122 -10.67 51.77 -0.72
N ALA K 123 -11.27 52.00 0.43
CA ALA K 123 -12.01 53.22 0.66
C ALA K 123 -11.08 54.42 0.86
N SER K 124 -11.29 55.49 0.09
CA SER K 124 -10.43 56.68 0.19
C SER K 124 -10.90 57.68 1.27
N LEU K 125 -9.99 58.49 1.80
CA LEU K 125 -10.33 59.60 2.71
C LEU K 125 -11.34 60.52 2.09
N GLY K 126 -11.01 61.00 0.88
CA GLY K 126 -11.82 61.99 0.20
C GLY K 126 -13.22 61.46 0.09
N GLY K 127 -13.31 60.15 -0.17
CA GLY K 127 -14.58 59.44 -0.35
C GLY K 127 -15.48 59.55 0.86
N ASN K 128 -14.94 59.26 2.03
CA ASN K 128 -15.71 59.45 3.24
C ASN K 128 -16.13 60.89 3.29
N ILE K 129 -15.15 61.79 3.36
CA ILE K 129 -15.39 63.20 3.49
C ILE K 129 -16.46 63.71 2.57
N ILE K 130 -16.31 63.55 1.26
CA ILE K 130 -17.28 64.09 0.32
C ILE K 130 -18.60 63.36 0.35
N THR K 131 -18.61 62.10 0.75
CA THR K 131 -19.87 61.37 0.79
C THR K 131 -20.87 62.09 1.67
N ALA K 132 -20.41 62.60 2.80
CA ALA K 132 -21.19 63.48 3.66
C ALA K 132 -22.34 62.76 4.35
N SER K 133 -22.09 61.53 4.76
CA SER K 133 -23.02 60.74 5.59
C SER K 133 -23.27 61.40 6.94
N PRO K 134 -24.54 61.61 7.29
CA PRO K 134 -24.84 62.16 8.59
C PRO K 134 -24.08 61.44 9.72
N ILE K 135 -23.85 60.12 9.54
CA ILE K 135 -23.18 59.31 10.54
C ILE K 135 -21.68 59.11 10.28
N SER K 136 -21.14 59.80 9.27
CA SER K 136 -19.67 59.80 9.06
C SER K 136 -18.93 59.88 10.39
N ASP K 137 -17.96 58.97 10.55
CA ASP K 137 -17.13 58.86 11.75
C ASP K 137 -15.90 59.72 11.68
N LEU K 138 -15.50 60.08 10.45
CA LEU K 138 -14.30 60.89 10.25
C LEU K 138 -14.58 62.43 10.18
N ASN K 139 -15.70 62.80 9.56
CA ASN K 139 -16.13 64.21 9.51
C ASN K 139 -16.19 64.94 10.86
N PRO K 140 -16.80 64.35 11.91
CA PRO K 140 -16.83 65.13 13.13
C PRO K 140 -15.46 65.40 13.73
N VAL K 141 -14.52 64.45 13.58
CA VAL K 141 -13.11 64.65 13.92
C VAL K 141 -12.45 65.75 13.08
N PHE K 142 -12.69 65.77 11.76
CA PHE K 142 -12.04 66.74 10.89
C PHE K 142 -12.56 68.14 11.16
N MET K 143 -13.85 68.23 11.51
CA MET K 143 -14.47 69.53 11.70
C MET K 143 -14.05 70.11 13.04
N ALA K 144 -13.98 69.28 14.06
CA ALA K 144 -13.67 69.77 15.38
C ALA K 144 -12.21 70.21 15.43
N SER K 145 -11.38 69.63 14.55
CA SER K 145 -9.94 69.94 14.51
C SER K 145 -9.59 71.03 13.50
N GLY K 146 -10.57 71.41 12.70
CA GLY K 146 -10.36 72.35 11.61
C GLY K 146 -9.32 71.85 10.60
N THR K 147 -9.56 70.66 10.08
CA THR K 147 -8.71 70.06 9.08
C THR K 147 -8.73 70.88 7.78
N LYS K 148 -7.55 71.15 7.22
CA LYS K 148 -7.47 71.92 6.00
C LYS K 148 -7.71 71.06 4.75
N LEU K 149 -8.81 71.37 4.07
CA LEU K 149 -9.16 70.73 2.81
C LEU K 149 -8.67 71.54 1.61
N THR K 150 -7.69 71.01 0.90
CA THR K 150 -7.29 71.64 -0.36
C THR K 150 -8.20 71.15 -1.48
N ILE K 151 -8.86 72.10 -2.14
CA ILE K 151 -9.85 71.86 -3.18
C ILE K 151 -9.48 72.61 -4.46
N VAL K 152 -9.67 71.94 -5.59
CA VAL K 152 -9.22 72.42 -6.91
C VAL K 152 -10.32 72.26 -8.00
N SER K 153 -10.27 73.11 -9.02
CA SER K 153 -10.97 72.89 -10.30
C SER K 153 -9.98 73.33 -11.36
N ARG K 154 -10.29 73.07 -12.63
CA ARG K 154 -9.45 73.63 -13.68
C ARG K 154 -9.44 75.14 -13.49
N GLY K 155 -8.29 75.70 -13.15
CA GLY K 155 -8.20 77.14 -12.90
C GLY K 155 -8.02 77.49 -11.42
N THR K 156 -9.05 77.24 -10.63
CA THR K 156 -9.04 77.59 -9.20
C THR K 156 -8.27 76.61 -8.28
N ARG K 157 -7.71 77.14 -7.19
CA ARG K 157 -7.21 76.36 -6.06
C ARG K 157 -7.50 77.05 -4.72
N ARG K 158 -8.34 76.45 -3.87
CA ARG K 158 -8.58 77.04 -2.54
C ARG K 158 -8.32 76.05 -1.39
N THR K 159 -7.90 76.57 -0.24
CA THR K 159 -7.62 75.74 0.95
C THR K 159 -8.39 76.23 2.17
N VAL K 160 -9.37 75.46 2.64
CA VAL K 160 -10.24 75.93 3.75
C VAL K 160 -10.21 75.00 4.98
N PRO K 161 -10.10 75.56 6.20
CA PRO K 161 -10.35 74.66 7.35
C PRO K 161 -11.79 74.15 7.32
N MET K 162 -12.03 72.87 7.60
CA MET K 162 -13.39 72.38 7.64
C MET K 162 -14.13 72.93 8.86
N ASP K 163 -15.38 73.28 8.66
CA ASP K 163 -16.19 73.86 9.71
C ASP K 163 -17.63 73.57 9.35
N HIS K 164 -18.54 74.08 10.18
CA HIS K 164 -19.95 73.76 10.02
C HIS K 164 -20.53 74.19 8.68
N THR K 165 -19.95 75.20 8.05
CA THR K 165 -20.52 75.68 6.79
C THR K 165 -20.30 74.68 5.65
N PHE K 166 -19.31 73.80 5.80
CA PHE K 166 -18.91 72.88 4.74
C PHE K 166 -19.92 71.76 4.43
N PHE K 167 -20.93 71.60 5.27
CA PHE K 167 -22.04 70.68 5.00
C PHE K 167 -23.42 71.38 4.93
N PRO K 168 -23.76 71.99 3.77
CA PRO K 168 -24.88 72.91 3.65
C PRO K 168 -26.18 72.27 3.99
N SER K 169 -26.45 71.12 3.37
CA SER K 169 -27.69 70.35 3.51
C SER K 169 -27.40 68.83 3.42
N TYR K 170 -28.45 68.03 3.47
CA TYR K 170 -28.31 66.58 3.50
C TYR K 170 -27.44 66.06 2.34
N ARG K 171 -26.33 65.40 2.67
CA ARG K 171 -25.44 64.73 1.71
C ARG K 171 -24.78 65.69 0.70
N LYS K 172 -24.63 66.94 1.10
CA LYS K 172 -24.07 67.92 0.23
C LYS K 172 -22.88 68.57 0.91
N THR K 173 -21.90 68.98 0.12
CA THR K 173 -20.72 69.65 0.66
C THR K 173 -20.58 71.04 0.01
N LEU K 174 -19.59 71.81 0.40
CA LEU K 174 -19.40 73.14 -0.19
C LEU K 174 -18.41 73.09 -1.35
N LEU K 175 -18.55 72.09 -2.21
CA LEU K 175 -17.74 72.06 -3.42
C LEU K 175 -18.56 72.59 -4.58
N GLY K 176 -17.93 73.35 -5.47
CA GLY K 176 -18.57 73.77 -6.70
C GLY K 176 -18.73 72.56 -7.61
N PRO K 177 -19.71 72.60 -8.54
CA PRO K 177 -19.96 71.42 -9.37
C PRO K 177 -18.72 70.97 -10.18
N GLU K 178 -17.73 71.84 -10.35
CA GLU K 178 -16.46 71.48 -11.08
C GLU K 178 -15.25 71.21 -10.21
N GLU K 179 -15.38 71.45 -8.91
CA GLU K 179 -14.26 71.22 -8.01
C GLU K 179 -14.19 69.75 -7.59
N ILE K 180 -12.98 69.31 -7.24
CA ILE K 180 -12.74 68.00 -6.64
C ILE K 180 -11.82 68.20 -5.44
N LEU K 181 -11.90 67.27 -4.47
CA LEU K 181 -11.08 67.40 -3.28
C LEU K 181 -9.72 66.79 -3.64
N LEU K 182 -8.68 67.60 -3.54
CA LEU K 182 -7.34 67.16 -3.90
C LEU K 182 -6.63 66.54 -2.72
N SER K 183 -6.76 67.17 -1.55
CA SER K 183 -5.99 66.71 -0.41
C SER K 183 -6.44 67.23 0.96
N ILE K 184 -6.08 66.48 1.99
CA ILE K 184 -6.45 66.76 3.37
C ILE K 184 -5.18 66.80 4.27
N GLU K 185 -5.04 67.84 5.09
CA GLU K 185 -3.92 67.96 6.03
C GLU K 185 -4.39 67.79 7.48
N ILE K 186 -4.23 66.60 8.04
CA ILE K 186 -4.66 66.40 9.42
C ILE K 186 -3.66 67.10 10.39
N PRO K 187 -4.11 68.18 11.08
CA PRO K 187 -3.17 69.08 11.79
C PRO K 187 -2.51 68.45 13.00
N TYR K 188 -1.34 68.96 13.38
CA TYR K 188 -0.74 68.59 14.66
C TYR K 188 -1.44 69.27 15.80
N SER K 189 -1.44 68.57 16.93
CA SER K 189 -1.86 69.08 18.20
C SER K 189 -0.83 70.11 18.70
N ARG K 190 -1.32 71.19 19.32
CA ARG K 190 -0.42 72.24 19.87
C ARG K 190 -0.21 72.12 21.40
N GLU K 191 0.51 73.10 21.96
CA GLU K 191 0.62 73.20 23.39
C GLU K 191 -0.74 73.68 23.88
N ASP K 192 -1.20 73.05 24.96
CA ASP K 192 -2.47 73.45 25.62
C ASP K 192 -3.68 73.05 24.79
N GLU K 193 -3.48 72.18 23.81
CA GLU K 193 -4.53 71.68 22.94
C GLU K 193 -4.76 70.20 23.24
N PHE K 194 -6.03 69.82 23.38
CA PHE K 194 -6.38 68.44 23.69
C PHE K 194 -7.57 67.91 22.86
N PHE K 195 -7.49 66.65 22.45
CA PHE K 195 -8.48 66.07 21.54
C PHE K 195 -9.03 64.70 21.94
N SER K 196 -10.32 64.51 21.80
CA SER K 196 -10.93 63.19 21.97
C SER K 196 -11.89 62.91 20.84
N ALA K 197 -12.17 61.63 20.61
CA ALA K 197 -13.21 61.18 19.66
C ALA K 197 -13.97 60.00 20.25
N PHE K 198 -15.29 59.99 20.06
CA PHE K 198 -16.09 58.87 20.54
C PHE K 198 -17.08 58.47 19.48
N LYS K 199 -17.58 57.22 19.58
CA LYS K 199 -18.70 56.75 18.76
C LYS K 199 -19.65 55.73 19.41
N GLN K 200 -20.92 55.85 19.05
CA GLN K 200 -21.94 54.93 19.52
C GLN K 200 -21.60 53.61 18.94
N ALA K 201 -21.48 52.62 19.80
CA ALA K 201 -21.05 51.30 19.39
C ALA K 201 -22.23 50.44 18.94
N SER K 202 -22.90 50.88 17.87
CA SER K 202 -23.95 50.09 17.18
C SER K 202 -24.33 50.89 15.96
N ARG K 203 -25.58 50.80 15.52
CA ARG K 203 -26.07 51.44 14.29
C ARG K 203 -27.24 50.58 13.85
N ARG K 204 -28.29 51.22 13.35
CA ARG K 204 -29.57 50.55 13.24
C ARG K 204 -30.39 51.03 12.06
N GLU K 205 -30.02 52.18 11.49
CA GLU K 205 -30.62 52.74 10.26
C GLU K 205 -29.50 53.09 9.30
N ASP K 206 -29.82 53.12 8.01
CA ASP K 206 -28.82 53.23 6.96
C ASP K 206 -27.73 54.24 7.21
N ASP K 207 -28.11 55.50 7.32
CA ASP K 207 -27.12 56.51 7.59
C ASP K 207 -27.62 57.63 8.50
N ILE K 208 -28.46 57.28 9.47
CA ILE K 208 -28.92 58.25 10.48
C ILE K 208 -28.80 57.74 11.92
N ALA K 209 -28.90 58.67 12.87
CA ALA K 209 -29.12 58.36 14.30
C ALA K 209 -28.10 57.39 14.91
N LYS K 210 -26.83 57.64 14.65
CA LYS K 210 -25.75 56.92 15.30
C LYS K 210 -24.77 57.96 15.78
N VAL K 211 -24.70 58.21 17.11
CA VAL K 211 -23.93 59.37 17.62
C VAL K 211 -22.43 59.16 17.47
N THR K 212 -21.78 60.08 16.77
CA THR K 212 -20.33 60.04 16.69
C THR K 212 -19.78 61.47 16.78
N CYS K 213 -18.72 61.67 17.52
CA CYS K 213 -18.22 63.01 17.75
C CYS K 213 -16.70 63.21 17.71
N GLY K 214 -16.31 64.48 17.56
CA GLY K 214 -14.96 64.93 17.78
C GLY K 214 -14.96 66.16 18.67
N MET K 215 -13.95 66.28 19.52
CA MET K 215 -13.95 67.29 20.54
C MET K 215 -12.57 67.87 20.72
N ARG K 216 -12.49 69.19 20.70
CA ARG K 216 -11.22 69.89 20.81
C ARG K 216 -11.30 71.01 21.83
N VAL K 217 -10.20 71.19 22.56
CA VAL K 217 -10.08 72.30 23.51
C VAL K 217 -8.66 72.92 23.48
N LEU K 218 -8.58 74.23 23.24
CA LEU K 218 -7.32 74.97 23.42
C LEU K 218 -7.39 75.96 24.58
N PHE K 219 -6.52 75.75 25.58
CA PHE K 219 -6.42 76.63 26.76
C PHE K 219 -5.40 77.78 26.59
N GLN K 220 -5.51 78.81 27.41
CA GLN K 220 -4.48 79.84 27.46
C GLN K 220 -3.17 79.21 27.93
N PRO K 221 -2.03 79.71 27.43
CA PRO K 221 -0.76 79.03 27.65
C PRO K 221 -0.53 78.71 29.13
N GLY K 222 -0.34 77.45 29.48
CA GLY K 222 -0.03 77.09 30.87
C GLY K 222 -1.21 77.11 31.84
N SER K 223 -2.33 77.69 31.41
CA SER K 223 -3.56 77.79 32.23
C SER K 223 -4.60 76.70 31.98
N MET K 224 -5.68 76.74 32.76
CA MET K 224 -6.87 75.88 32.62
C MET K 224 -8.04 76.67 32.07
N GLN K 225 -7.74 77.77 31.37
CA GLN K 225 -8.74 78.68 30.86
C GLN K 225 -8.97 78.48 29.35
N VAL K 226 -10.20 78.13 28.97
CA VAL K 226 -10.62 77.87 27.58
C VAL K 226 -10.28 79.04 26.63
N LYS K 227 -9.65 78.74 25.49
CA LYS K 227 -9.48 79.76 24.43
C LYS K 227 -10.35 79.40 23.24
N GLU K 228 -10.26 78.13 22.84
CA GLU K 228 -11.20 77.60 21.87
C GLU K 228 -11.76 76.27 22.33
N LEU K 229 -13.04 76.09 22.06
CA LEU K 229 -13.73 74.85 22.33
C LEU K 229 -14.59 74.51 21.10
N ALA K 230 -14.45 73.28 20.63
CA ALA K 230 -15.20 72.83 19.49
C ALA K 230 -15.73 71.42 19.74
N LEU K 231 -17.05 71.26 19.67
CA LEU K 231 -17.68 69.97 19.85
C LEU K 231 -18.58 69.69 18.66
N CYS K 232 -18.22 68.70 17.86
CA CYS K 232 -18.95 68.45 16.62
C CYS K 232 -19.54 67.06 16.64
N TYR K 233 -20.75 66.93 16.10
CA TYR K 233 -21.48 65.67 16.18
C TYR K 233 -22.07 65.21 14.85
N GLY K 234 -22.08 63.89 14.67
CA GLY K 234 -22.85 63.21 13.64
C GLY K 234 -23.93 62.39 14.36
N GLY K 235 -24.95 61.96 13.59
CA GLY K 235 -26.07 61.20 14.13
C GLY K 235 -27.11 62.00 14.89
N MET K 236 -27.05 63.32 14.80
CA MET K 236 -27.93 64.16 15.59
C MET K 236 -28.76 65.11 14.73
N ALA K 237 -28.41 65.20 13.44
CA ALA K 237 -29.11 65.98 12.41
C ALA K 237 -28.84 65.24 11.12
N ASP K 238 -29.26 65.79 9.98
CA ASP K 238 -29.04 65.15 8.66
C ASP K 238 -27.63 65.46 8.04
N ARG K 239 -26.76 66.00 8.88
CA ARG K 239 -25.40 66.35 8.51
C ARG K 239 -24.57 66.46 9.81
N THR K 240 -23.26 66.37 9.67
CA THR K 240 -22.35 66.68 10.75
C THR K 240 -22.61 68.13 11.20
N ILE K 241 -22.73 68.34 12.51
CA ILE K 241 -22.99 69.68 13.05
C ILE K 241 -22.01 70.00 14.20
N SER K 242 -21.78 71.30 14.42
CA SER K 242 -21.00 71.77 15.58
C SER K 242 -21.89 72.43 16.66
N ALA K 243 -21.57 72.20 17.93
CA ALA K 243 -22.34 72.81 19.04
C ALA K 243 -21.90 74.27 19.26
N LEU K 244 -22.05 75.07 18.22
CA LEU K 244 -21.55 76.44 18.20
C LEU K 244 -22.05 77.32 19.33
N LYS K 245 -23.37 77.40 19.53
CA LYS K 245 -23.94 78.26 20.54
C LYS K 245 -23.39 77.84 21.89
N THR K 246 -23.34 76.53 22.11
CA THR K 246 -22.86 76.01 23.39
C THR K 246 -21.38 76.37 23.63
N THR K 247 -20.50 75.97 22.71
CA THR K 247 -19.04 76.13 22.89
C THR K 247 -18.58 77.58 23.01
N GLN K 248 -19.27 78.47 22.30
CA GLN K 248 -19.04 79.90 22.36
C GLN K 248 -19.17 80.42 23.78
N LYS K 249 -20.25 80.02 24.45
CA LYS K 249 -20.59 80.53 25.75
C LYS K 249 -19.50 80.23 26.78
N GLN K 250 -18.52 79.44 26.38
CA GLN K 250 -17.51 78.93 27.32
C GLN K 250 -16.13 79.52 27.10
N LEU K 251 -15.99 80.41 26.11
CA LEU K 251 -14.70 81.06 25.87
C LEU K 251 -14.23 81.79 27.13
N SER K 252 -13.01 81.46 27.55
CA SER K 252 -12.37 82.04 28.73
C SER K 252 -13.08 81.80 30.09
N LYS K 253 -13.92 80.77 30.16
CA LYS K 253 -14.30 80.14 31.44
C LYS K 253 -13.17 79.20 31.89
N PHE K 254 -13.19 78.77 33.15
CA PHE K 254 -12.20 77.79 33.58
C PHE K 254 -12.76 76.36 33.53
N TRP K 255 -11.88 75.38 33.33
CA TRP K 255 -12.29 73.98 33.19
C TRP K 255 -12.64 73.37 34.55
N ASN K 256 -13.93 73.33 34.87
CA ASN K 256 -14.33 72.79 36.16
C ASN K 256 -15.77 72.27 36.20
N GLU K 257 -16.19 71.88 37.40
CA GLU K 257 -17.53 71.41 37.71
C GLU K 257 -18.61 72.26 37.03
N LYS K 258 -18.50 73.57 37.12
CA LYS K 258 -19.50 74.47 36.59
C LYS K 258 -19.52 74.37 35.09
N LEU K 259 -18.34 74.33 34.49
CA LEU K 259 -18.21 74.23 33.03
C LEU K 259 -18.92 73.00 32.56
N LEU K 260 -18.67 71.89 33.23
CA LEU K 260 -19.36 70.65 32.95
C LEU K 260 -20.88 70.81 32.93
N GLN K 261 -21.43 71.41 33.99
CA GLN K 261 -22.88 71.59 34.09
C GLN K 261 -23.51 72.55 33.05
N ASP K 262 -22.70 73.39 32.43
CA ASP K 262 -23.19 74.38 31.47
C ASP K 262 -23.08 73.89 30.04
N VAL K 263 -22.02 73.16 29.73
CA VAL K 263 -21.94 72.52 28.41
C VAL K 263 -23.13 71.58 28.22
N CYS K 264 -23.36 70.71 29.20
CA CYS K 264 -24.46 69.72 29.15
C CYS K 264 -25.82 70.40 29.00
N ALA K 265 -26.08 71.39 29.86
CA ALA K 265 -27.28 72.25 29.76
C ALA K 265 -27.43 72.84 28.35
N GLY K 266 -26.30 73.33 27.82
CA GLY K 266 -26.18 73.75 26.43
C GLY K 266 -26.48 72.64 25.44
N LEU K 267 -25.76 71.51 25.56
CA LEU K 267 -25.89 70.43 24.58
C LEU K 267 -27.31 69.87 24.54
N ALA K 268 -27.83 69.55 25.72
CA ALA K 268 -29.19 69.03 25.82
C ALA K 268 -30.15 69.93 25.08
N GLU K 269 -29.88 71.22 25.16
CA GLU K 269 -30.81 72.19 24.60
C GLU K 269 -30.56 72.38 23.11
N GLU K 270 -29.32 72.72 22.75
CA GLU K 270 -28.95 73.04 21.36
C GLU K 270 -29.09 71.86 20.42
N LEU K 271 -28.72 70.66 20.86
CA LEU K 271 -28.73 69.46 19.99
C LEU K 271 -29.98 68.63 20.21
N SER K 272 -31.04 69.28 20.68
CA SER K 272 -32.23 68.57 21.08
C SER K 272 -33.01 67.97 19.91
N LEU K 273 -33.73 66.91 20.19
CA LEU K 273 -34.39 66.14 19.19
C LEU K 273 -35.88 66.15 19.42
N SER K 274 -36.62 66.16 18.34
CA SER K 274 -38.05 66.06 18.41
C SER K 274 -38.39 64.59 18.59
N PRO K 275 -39.53 64.28 19.23
CA PRO K 275 -39.76 62.87 19.50
C PRO K 275 -40.19 62.13 18.24
N ASP K 276 -39.92 62.70 17.08
CA ASP K 276 -40.31 62.06 15.84
C ASP K 276 -39.13 62.12 14.89
N ALA K 277 -37.99 62.57 15.45
CA ALA K 277 -36.76 62.75 14.71
C ALA K 277 -36.37 61.43 14.04
N PRO K 278 -35.98 61.46 12.74
CA PRO K 278 -35.68 60.22 12.06
C PRO K 278 -34.62 59.44 12.83
N GLY K 279 -34.93 58.15 13.01
CA GLY K 279 -33.98 57.23 13.61
C GLY K 279 -34.33 56.76 15.00
N GLY K 280 -35.22 57.49 15.68
CA GLY K 280 -35.63 57.22 17.07
C GLY K 280 -34.46 57.24 18.04
N MET K 281 -34.58 56.47 19.13
CA MET K 281 -33.55 56.38 20.16
C MET K 281 -33.25 57.75 20.76
N ILE K 282 -34.31 58.57 20.86
CA ILE K 282 -34.26 59.98 21.22
C ILE K 282 -33.55 60.21 22.54
N GLU K 283 -33.97 59.45 23.56
CA GLU K 283 -33.45 59.62 24.91
C GLU K 283 -32.00 59.13 24.97
N PHE K 284 -31.74 57.96 24.40
CA PHE K 284 -30.39 57.39 24.30
C PHE K 284 -29.49 58.35 23.57
N ARG K 285 -29.99 58.95 22.49
CA ARG K 285 -29.12 59.86 21.78
C ARG K 285 -28.69 61.04 22.64
N ARG K 286 -29.62 61.82 23.17
CA ARG K 286 -29.25 62.87 24.13
C ARG K 286 -28.16 62.43 25.08
N THR K 287 -28.41 61.31 25.75
CA THR K 287 -27.53 60.88 26.81
C THR K 287 -26.11 60.66 26.32
N LEU K 288 -25.95 60.10 25.13
CA LEU K 288 -24.63 59.96 24.59
C LEU K 288 -23.93 61.30 24.34
N THR K 289 -24.66 62.34 23.91
CA THR K 289 -24.03 63.62 23.64
C THR K 289 -23.47 64.21 24.91
N LEU K 290 -24.19 64.11 26.03
CA LEU K 290 -23.60 64.64 27.29
C LEU K 290 -22.53 63.69 27.79
N SER K 291 -22.86 62.39 27.85
CA SER K 291 -21.94 61.36 28.30
C SER K 291 -20.60 61.41 27.62
N PHE K 292 -20.60 61.43 26.29
CA PHE K 292 -19.37 61.60 25.54
C PHE K 292 -18.61 62.86 26.03
N PHE K 293 -19.33 63.98 26.19
CA PHE K 293 -18.67 65.16 26.68
C PHE K 293 -18.05 64.97 28.05
N PHE K 294 -18.77 64.28 28.92
CA PHE K 294 -18.27 64.03 30.24
C PHE K 294 -16.91 63.33 30.17
N LYS K 295 -16.79 62.33 29.30
CA LYS K 295 -15.51 61.63 29.14
C LYS K 295 -14.41 62.58 28.68
N PHE K 296 -14.71 63.40 27.68
CA PHE K 296 -13.81 64.47 27.25
C PHE K 296 -13.36 65.24 28.48
N TYR K 297 -14.32 65.88 29.17
CA TYR K 297 -14.10 66.64 30.40
C TYR K 297 -13.14 65.95 31.40
N LEU K 298 -13.46 64.70 31.77
CA LEU K 298 -12.61 63.93 32.67
C LEU K 298 -11.23 63.71 32.06
N THR K 299 -11.19 63.23 30.82
CA THR K 299 -9.95 62.95 30.10
C THR K 299 -9.06 64.19 30.06
N VAL K 300 -9.68 65.35 29.90
CA VAL K 300 -8.95 66.60 29.73
C VAL K 300 -8.30 66.98 31.05
N LEU K 301 -9.08 66.91 32.14
CA LEU K 301 -8.55 67.06 33.53
C LEU K 301 -7.35 66.17 33.87
N LYS K 302 -7.34 64.93 33.37
CA LYS K 302 -6.23 64.01 33.55
C LYS K 302 -5.03 64.42 32.70
N LYS K 303 -5.29 65.01 31.55
CA LYS K 303 -4.22 65.48 30.68
C LYS K 303 -3.64 66.80 31.19
N LEU K 304 -4.40 67.53 31.98
CA LEU K 304 -3.94 68.77 32.63
C LEU K 304 -3.31 68.53 34.00
N GLY K 305 -3.98 67.75 34.86
CA GLY K 305 -3.63 67.62 36.29
C GLY K 305 -2.47 66.68 36.52
N ASP L 1 -13.06 2.17 13.30
CA ASP L 1 -13.94 2.77 14.37
C ASP L 1 -13.49 4.18 14.84
N THR L 2 -14.09 5.20 14.28
CA THR L 2 -13.73 6.55 14.67
C THR L 2 -14.77 7.17 15.62
N VAL L 3 -15.85 6.46 15.91
CA VAL L 3 -16.86 6.99 16.82
C VAL L 3 -16.22 7.46 18.14
N GLY L 4 -16.56 8.67 18.57
CA GLY L 4 -15.98 9.28 19.76
C GLY L 4 -14.65 9.99 19.51
N ARG L 5 -14.15 9.94 18.28
CA ARG L 5 -12.92 10.64 17.90
C ARG L 5 -13.13 11.95 17.10
N PRO L 6 -12.31 12.99 17.40
CA PRO L 6 -12.42 14.31 16.79
C PRO L 6 -12.08 14.36 15.28
N LEU L 7 -12.82 13.57 14.48
CA LEU L 7 -12.68 13.58 13.06
C LEU L 7 -13.17 14.93 12.54
N PRO L 8 -12.31 15.67 11.79
CA PRO L 8 -12.83 16.94 11.25
C PRO L 8 -13.95 16.70 10.23
N HIS L 9 -14.65 17.78 9.89
CA HIS L 9 -15.68 17.78 8.83
C HIS L 9 -15.15 17.20 7.47
N LEU L 10 -15.83 16.18 6.94
CA LEU L 10 -15.36 15.48 5.71
C LEU L 10 -15.13 16.39 4.52
N ALA L 11 -15.91 17.47 4.48
CA ALA L 11 -15.84 18.46 3.41
C ALA L 11 -14.97 19.68 3.75
N ALA L 12 -14.42 19.71 4.97
CA ALA L 12 -13.69 20.87 5.46
C ALA L 12 -12.52 21.31 4.57
N ALA L 13 -11.68 20.39 4.09
CA ALA L 13 -10.61 20.78 3.16
C ALA L 13 -11.13 21.44 1.84
N MET L 14 -12.15 20.85 1.23
CA MET L 14 -12.77 21.47 0.05
C MET L 14 -13.54 22.76 0.28
N GLN L 15 -14.08 22.93 1.47
CA GLN L 15 -14.67 24.19 1.82
C GLN L 15 -13.61 25.27 2.02
N ALA L 16 -12.44 24.87 2.48
CA ALA L 16 -11.35 25.84 2.61
C ALA L 16 -10.57 26.06 1.30
N SER L 17 -10.76 25.21 0.32
CA SER L 17 -10.15 25.41 -0.99
C SER L 17 -11.14 26.15 -1.93
N GLY L 18 -12.41 26.22 -1.53
CA GLY L 18 -13.43 26.72 -2.42
C GLY L 18 -13.70 25.80 -3.60
N GLU L 19 -13.52 24.52 -3.37
CA GLU L 19 -13.86 23.49 -4.32
C GLU L 19 -15.22 22.91 -3.93
N ALA L 20 -15.52 22.81 -2.63
CA ALA L 20 -16.87 22.47 -2.19
C ALA L 20 -17.95 23.26 -2.97
N VAL L 21 -18.86 22.52 -3.59
CA VAL L 21 -19.88 23.10 -4.47
C VAL L 21 -21.22 23.39 -3.78
N TYR L 22 -21.55 24.67 -3.73
CA TYR L 22 -22.87 25.10 -3.27
C TYR L 22 -23.79 25.30 -4.46
N CYS L 23 -25.04 25.65 -4.18
CA CYS L 23 -26.07 25.67 -5.22
C CYS L 23 -25.78 26.63 -6.36
N ASP L 24 -25.36 27.86 -6.05
CA ASP L 24 -25.02 28.84 -7.10
C ASP L 24 -23.67 28.53 -7.75
N ASP L 25 -22.88 27.66 -7.13
CA ASP L 25 -21.60 27.28 -7.74
C ASP L 25 -21.76 26.27 -8.88
N ILE L 26 -22.96 25.69 -9.02
CA ILE L 26 -23.23 24.73 -10.10
C ILE L 26 -23.23 25.50 -11.42
N PRO L 27 -22.47 25.00 -12.40
CA PRO L 27 -22.39 25.64 -13.70
C PRO L 27 -23.77 25.90 -14.30
N ARG L 28 -23.84 26.93 -15.11
CA ARG L 28 -25.06 27.25 -15.86
C ARG L 28 -25.19 26.39 -17.11
N TYR L 29 -26.43 26.11 -17.51
CA TYR L 29 -26.68 25.60 -18.85
C TYR L 29 -26.48 26.74 -19.85
N GLU L 30 -26.11 26.43 -21.09
CA GLU L 30 -26.03 27.44 -22.20
C GLU L 30 -27.28 28.36 -22.26
N ASN L 31 -28.44 27.82 -21.93
CA ASN L 31 -29.69 28.53 -22.07
C ASN L 31 -30.30 28.89 -20.74
N GLU L 32 -29.55 28.72 -19.66
CA GLU L 32 -30.08 28.92 -18.32
C GLU L 32 -30.49 30.39 -18.07
N LEU L 33 -31.69 30.62 -17.57
CA LEU L 33 -32.12 31.99 -17.32
C LEU L 33 -32.19 32.28 -15.82
N PHE L 34 -32.42 33.55 -15.47
CA PHE L 34 -32.38 34.04 -14.06
C PHE L 34 -33.64 34.77 -13.67
N LEU L 35 -34.08 34.53 -12.45
CA LEU L 35 -35.31 35.07 -11.93
C LEU L 35 -35.06 35.94 -10.68
N ARG L 36 -35.94 36.92 -10.50
CA ARG L 36 -35.85 37.93 -9.45
C ARG L 36 -37.30 38.22 -9.05
N LEU L 37 -37.58 38.23 -7.76
CA LEU L 37 -38.93 38.29 -7.29
C LEU L 37 -39.44 39.72 -7.34
N VAL L 38 -40.73 39.90 -7.57
CA VAL L 38 -41.32 41.20 -7.45
C VAL L 38 -42.14 41.22 -6.17
N THR L 39 -41.79 42.13 -5.30
CA THR L 39 -42.19 42.06 -3.92
C THR L 39 -43.03 43.27 -3.54
N SER L 40 -43.92 43.10 -2.56
CA SER L 40 -44.79 44.20 -2.13
C SER L 40 -44.01 45.27 -1.38
N THR L 41 -44.37 46.53 -1.60
CA THR L 41 -43.78 47.60 -0.82
C THR L 41 -44.73 48.11 0.25
N ARG L 42 -45.77 47.34 0.54
CA ARG L 42 -46.82 47.77 1.48
C ARG L 42 -47.17 46.64 2.43
N ALA L 43 -47.63 46.97 3.62
CA ALA L 43 -47.92 45.94 4.61
C ALA L 43 -49.31 45.37 4.40
N HIS L 44 -50.29 46.19 4.01
CA HIS L 44 -51.63 45.65 3.75
C HIS L 44 -52.31 46.46 2.67
N ALA L 45 -52.64 45.82 1.56
CA ALA L 45 -53.19 46.58 0.46
C ALA L 45 -53.81 45.77 -0.69
N LYS L 46 -54.69 46.43 -1.42
CA LYS L 46 -55.25 45.92 -2.64
C LYS L 46 -54.22 46.16 -3.77
N ILE L 47 -54.00 45.13 -4.59
CA ILE L 47 -53.30 45.30 -5.87
C ILE L 47 -54.20 45.91 -6.97
N LYS L 48 -54.00 47.19 -7.25
CA LYS L 48 -54.89 47.90 -8.18
C LYS L 48 -54.50 47.61 -9.66
N SER L 49 -53.21 47.48 -9.94
CA SER L 49 -52.69 47.12 -11.27
C SER L 49 -51.20 46.83 -11.22
N ILE L 50 -50.70 46.14 -12.24
CA ILE L 50 -49.25 45.85 -12.36
C ILE L 50 -48.80 46.21 -13.75
N ASP L 51 -47.72 46.99 -13.85
CA ASP L 51 -47.24 47.52 -15.14
C ASP L 51 -45.82 47.13 -15.47
N VAL L 52 -45.67 46.30 -16.50
CA VAL L 52 -44.37 45.73 -16.90
C VAL L 52 -43.75 46.46 -18.09
N SER L 53 -44.37 47.56 -18.50
CA SER L 53 -43.92 48.30 -19.72
C SER L 53 -42.45 48.54 -19.73
N GLU L 54 -41.96 49.22 -18.70
CA GLU L 54 -40.57 49.66 -18.67
C GLU L 54 -39.65 48.46 -18.52
N ALA L 55 -40.08 47.42 -17.79
CA ALA L 55 -39.27 46.22 -17.61
C ALA L 55 -39.11 45.50 -18.96
N GLN L 56 -40.18 45.43 -19.74
CA GLN L 56 -40.03 44.92 -21.08
C GLN L 56 -38.84 45.49 -21.86
N LYS L 57 -38.42 46.71 -21.52
CA LYS L 57 -37.42 47.48 -22.29
C LYS L 57 -36.00 47.24 -21.84
N VAL L 58 -35.83 46.67 -20.65
CA VAL L 58 -34.53 46.19 -20.19
C VAL L 58 -33.94 45.11 -21.12
N PRO L 59 -32.66 45.28 -21.54
CA PRO L 59 -32.02 44.24 -22.36
C PRO L 59 -32.04 42.87 -21.65
N GLY L 60 -32.38 41.84 -22.42
CA GLY L 60 -32.33 40.48 -21.98
C GLY L 60 -33.60 40.06 -21.28
N PHE L 61 -34.58 40.98 -21.19
CA PHE L 61 -35.86 40.65 -20.57
C PHE L 61 -36.56 39.50 -21.31
N VAL L 62 -37.12 38.56 -20.57
CA VAL L 62 -37.81 37.42 -21.14
C VAL L 62 -39.34 37.42 -20.85
N CYS L 63 -39.74 37.54 -19.57
CA CYS L 63 -41.17 37.61 -19.19
C CYS L 63 -41.31 38.02 -17.75
N PHE L 64 -42.51 38.43 -17.40
CA PHE L 64 -42.92 38.60 -16.02
C PHE L 64 -43.97 37.50 -15.67
N LEU L 65 -43.92 36.97 -14.47
CA LEU L 65 -44.84 35.91 -14.08
C LEU L 65 -45.72 36.35 -12.93
N SER L 66 -47.00 35.97 -12.96
CA SER L 66 -47.88 36.14 -11.79
C SER L 66 -48.77 34.93 -11.68
N ALA L 67 -49.75 35.02 -10.77
CA ALA L 67 -50.69 33.94 -10.39
C ALA L 67 -51.33 33.29 -11.60
N ASP L 68 -51.63 34.12 -12.60
CA ASP L 68 -52.28 33.69 -13.81
C ASP L 68 -51.44 32.74 -14.66
N ASP L 69 -50.12 32.71 -14.43
CA ASP L 69 -49.24 31.83 -15.23
C ASP L 69 -49.10 30.44 -14.60
N ILE L 70 -49.63 30.25 -13.40
CA ILE L 70 -49.54 28.98 -12.71
C ILE L 70 -50.53 27.96 -13.29
N PRO L 71 -50.03 26.81 -13.78
CA PRO L 71 -50.86 25.78 -14.39
C PRO L 71 -51.68 24.87 -13.40
N GLY L 72 -51.17 24.65 -12.19
CA GLY L 72 -51.89 23.86 -11.18
C GLY L 72 -52.61 24.69 -10.12
N SER L 73 -52.03 24.75 -8.91
CA SER L 73 -52.62 25.49 -7.76
C SER L 73 -51.78 26.70 -7.35
N ASN L 74 -52.40 27.85 -7.11
CA ASN L 74 -51.69 29.02 -6.52
C ASN L 74 -51.73 29.00 -4.96
N GLU L 75 -52.09 27.84 -4.41
CA GLU L 75 -52.28 27.67 -2.99
C GLU L 75 -51.17 26.78 -2.39
N THR L 76 -50.31 27.40 -1.59
CA THR L 76 -49.08 26.77 -1.11
C THR L 76 -48.98 27.04 0.41
N GLY L 77 -47.89 26.63 1.05
CA GLY L 77 -47.67 26.86 2.49
C GLY L 77 -48.03 25.65 3.33
N LEU L 78 -47.41 25.52 4.49
CA LEU L 78 -47.65 24.31 5.29
C LEU L 78 -49.13 24.13 5.57
N PHE L 79 -49.86 25.23 5.72
CA PHE L 79 -51.30 25.14 6.03
C PHE L 79 -52.30 25.57 4.93
N ASN L 80 -51.76 25.79 3.73
CA ASN L 80 -52.56 26.15 2.56
C ASN L 80 -53.21 27.51 2.65
N ASP L 81 -52.64 28.35 3.52
CA ASP L 81 -52.99 29.76 3.74
C ASP L 81 -52.12 30.77 2.97
N GLU L 82 -51.22 30.30 2.11
CA GLU L 82 -50.38 31.22 1.32
C GLU L 82 -50.67 31.10 -0.19
N THR L 83 -50.47 32.21 -0.90
CA THR L 83 -50.37 32.24 -2.35
C THR L 83 -48.90 32.05 -2.77
N VAL L 84 -48.66 31.47 -3.94
CA VAL L 84 -47.32 31.41 -4.56
C VAL L 84 -47.00 32.80 -5.05
N PHE L 85 -47.91 33.36 -5.84
CA PHE L 85 -47.84 34.75 -6.24
C PHE L 85 -49.10 35.42 -5.77
N ALA L 86 -48.96 36.59 -5.15
CA ALA L 86 -50.11 37.33 -4.62
C ALA L 86 -51.05 37.79 -5.74
N LYS L 87 -52.34 37.69 -5.48
CA LYS L 87 -53.34 37.90 -6.51
C LYS L 87 -54.10 39.23 -6.46
N ASP L 88 -55.03 39.37 -5.49
CA ASP L 88 -55.78 40.61 -5.36
C ASP L 88 -55.19 41.48 -4.28
N THR L 89 -54.71 40.88 -3.20
CA THR L 89 -54.21 41.65 -2.05
C THR L 89 -52.79 41.22 -1.59
N VAL L 90 -52.01 42.21 -1.14
CA VAL L 90 -50.77 41.93 -0.41
C VAL L 90 -51.02 42.12 1.07
N THR L 91 -50.34 41.32 1.88
CA THR L 91 -50.60 41.28 3.32
C THR L 91 -49.33 41.47 4.13
N CYS L 92 -48.24 41.84 3.45
CA CYS L 92 -46.98 42.24 4.11
C CYS L 92 -46.00 42.82 3.10
N VAL L 93 -45.05 43.62 3.58
CA VAL L 93 -44.00 44.20 2.74
C VAL L 93 -43.17 43.16 1.90
N GLY L 94 -42.51 42.17 2.48
CA GLY L 94 -41.89 41.20 1.55
C GLY L 94 -42.76 40.34 0.59
N HIS L 95 -44.08 40.59 0.51
CA HIS L 95 -44.99 39.63 -0.10
C HIS L 95 -44.74 39.44 -1.58
N ILE L 96 -44.47 38.21 -2.00
CA ILE L 96 -44.16 37.93 -3.42
C ILE L 96 -45.41 38.09 -4.32
N ILE L 97 -45.28 38.93 -5.36
CA ILE L 97 -46.38 39.27 -6.25
C ILE L 97 -46.25 38.53 -7.57
N GLY L 98 -45.00 38.29 -7.92
CA GLY L 98 -44.67 37.84 -9.25
C GLY L 98 -43.17 37.83 -9.37
N ALA L 99 -42.68 37.63 -10.59
CA ALA L 99 -41.25 37.50 -10.76
C ALA L 99 -40.83 37.81 -12.18
N VAL L 100 -39.67 38.41 -12.30
CA VAL L 100 -39.16 38.77 -13.59
C VAL L 100 -38.12 37.74 -13.96
N VAL L 101 -38.13 37.31 -15.22
CA VAL L 101 -37.18 36.32 -15.71
C VAL L 101 -36.36 37.01 -16.77
N ALA L 102 -35.03 36.98 -16.64
CA ALA L 102 -34.13 37.55 -17.68
C ALA L 102 -32.89 36.69 -17.90
N ASP L 103 -32.06 37.11 -18.86
CA ASP L 103 -30.92 36.31 -19.31
C ASP L 103 -29.67 36.42 -18.43
N THR L 104 -29.63 37.43 -17.55
CA THR L 104 -28.58 37.55 -16.56
C THR L 104 -29.25 37.93 -15.25
N PRO L 105 -28.54 37.70 -14.11
CA PRO L 105 -29.12 38.12 -12.82
C PRO L 105 -29.19 39.65 -12.74
N GLU L 106 -28.26 40.33 -13.44
CA GLU L 106 -28.23 41.80 -13.48
C GLU L 106 -29.44 42.34 -14.23
N HIS L 107 -29.69 41.83 -15.42
CA HIS L 107 -30.83 42.26 -16.19
C HIS L 107 -32.11 42.05 -15.43
N ALA L 108 -32.20 40.92 -14.73
CA ALA L 108 -33.39 40.60 -13.97
C ALA L 108 -33.56 41.56 -12.81
N GLU L 109 -32.46 42.00 -12.22
CA GLU L 109 -32.49 42.97 -11.12
C GLU L 109 -33.00 44.32 -11.66
N ARG L 110 -32.38 44.82 -12.73
CA ARG L 110 -32.81 46.09 -13.32
C ARG L 110 -34.31 46.12 -13.64
N ALA L 111 -34.80 44.99 -14.16
CA ALA L 111 -36.17 44.86 -14.67
C ALA L 111 -37.21 44.66 -13.57
N ALA L 112 -36.83 43.91 -12.53
CA ALA L 112 -37.65 43.71 -11.34
C ALA L 112 -37.92 45.05 -10.66
N HIS L 113 -36.90 45.89 -10.66
CA HIS L 113 -36.99 47.18 -10.01
C HIS L 113 -37.88 48.18 -10.78
N VAL L 114 -38.02 47.96 -12.08
CA VAL L 114 -38.82 48.83 -12.94
C VAL L 114 -40.34 48.47 -13.03
N VAL L 115 -40.76 47.32 -12.48
CA VAL L 115 -42.18 46.93 -12.43
C VAL L 115 -43.02 47.88 -11.53
N LYS L 116 -43.88 48.72 -12.11
CA LYS L 116 -44.79 49.56 -11.30
C LYS L 116 -45.97 48.77 -10.71
N VAL L 117 -46.14 48.89 -9.40
CA VAL L 117 -47.30 48.31 -8.78
C VAL L 117 -48.16 49.43 -8.19
N THR L 118 -49.45 49.45 -8.52
CA THR L 118 -50.40 50.40 -7.92
C THR L 118 -51.21 49.75 -6.78
N TYR L 119 -51.21 50.46 -5.67
CA TYR L 119 -51.76 49.94 -4.44
C TYR L 119 -52.90 50.77 -3.92
N GLU L 120 -53.87 50.13 -3.27
CA GLU L 120 -54.81 50.84 -2.41
C GLU L 120 -54.71 50.31 -0.95
N ASP L 121 -54.21 51.15 -0.04
CA ASP L 121 -53.88 50.71 1.31
C ASP L 121 -55.07 50.24 2.15
N LEU L 122 -54.81 49.26 3.02
CA LEU L 122 -55.81 48.71 3.91
C LEU L 122 -55.31 48.80 5.33
N PRO L 123 -56.24 48.84 6.32
CA PRO L 123 -55.78 48.88 7.74
C PRO L 123 -54.74 47.77 7.97
N ALA L 124 -53.71 48.08 8.74
CA ALA L 124 -52.59 47.17 8.90
C ALA L 124 -52.30 46.79 10.38
N ILE L 125 -52.11 45.51 10.66
CA ILE L 125 -51.81 45.06 12.01
C ILE L 125 -50.32 44.65 12.11
N ILE L 126 -49.52 45.41 12.84
CA ILE L 126 -48.09 45.18 12.84
C ILE L 126 -47.50 44.61 14.14
N THR L 127 -47.81 45.23 15.28
CA THR L 127 -47.21 44.82 16.55
C THR L 127 -48.05 43.77 17.24
N ILE L 128 -47.47 43.13 18.24
CA ILE L 128 -48.18 42.19 19.08
C ILE L 128 -49.38 42.92 19.76
N GLU L 129 -49.13 44.10 20.33
CA GLU L 129 -50.20 44.97 20.90
C GLU L 129 -51.34 45.21 19.92
N ASP L 130 -50.99 45.42 18.65
CA ASP L 130 -52.00 45.64 17.63
C ASP L 130 -52.81 44.38 17.40
N ALA L 131 -52.16 43.22 17.43
CA ALA L 131 -52.83 41.96 17.25
C ALA L 131 -53.83 41.70 18.39
N ILE L 132 -53.43 41.98 19.63
CA ILE L 132 -54.31 41.80 20.78
C ILE L 132 -55.54 42.70 20.71
N LYS L 133 -55.32 44.02 20.76
CA LYS L 133 -56.38 44.99 20.61
C LYS L 133 -57.40 44.62 19.50
N ASN L 134 -56.96 43.98 18.40
CA ASN L 134 -57.85 43.62 17.26
C ASN L 134 -58.30 42.19 17.23
N ASN L 135 -58.00 41.43 18.28
CA ASN L 135 -58.29 40.01 18.29
C ASN L 135 -57.94 39.37 16.94
N SER L 136 -56.67 39.52 16.57
CA SER L 136 -56.16 39.03 15.29
C SER L 136 -55.18 37.88 15.48
N PHE L 137 -55.72 36.66 15.49
CA PHE L 137 -54.95 35.46 15.82
C PHE L 137 -55.09 34.36 14.80
N TYR L 138 -54.12 33.44 14.77
CA TYR L 138 -54.28 32.15 14.10
C TYR L 138 -54.66 31.12 15.13
N GLY L 139 -55.87 30.59 14.99
CA GLY L 139 -56.35 29.53 15.86
C GLY L 139 -56.61 30.05 17.25
N SER L 140 -56.86 29.08 18.16
CA SER L 140 -57.19 29.40 19.54
C SER L 140 -56.07 29.08 20.48
N GLU L 141 -56.33 29.34 21.74
CA GLU L 141 -55.33 29.39 22.76
C GLU L 141 -54.72 28.02 23.03
N LEU L 142 -53.39 27.97 23.13
CA LEU L 142 -52.73 26.76 23.59
C LEU L 142 -52.48 26.87 25.09
N LYS L 143 -52.45 25.73 25.78
CA LYS L 143 -52.34 25.72 27.24
C LYS L 143 -51.77 24.43 27.87
N ILE L 144 -50.86 24.61 28.82
CA ILE L 144 -50.51 23.56 29.74
C ILE L 144 -50.71 24.05 31.18
N GLU L 145 -51.43 23.26 31.96
CA GLU L 145 -51.79 23.63 33.30
C GLU L 145 -51.77 22.40 34.20
N LYS L 146 -51.02 22.49 35.31
CA LYS L 146 -50.89 21.40 36.26
C LYS L 146 -51.05 22.01 37.63
N GLY L 147 -51.54 21.23 38.60
CA GLY L 147 -51.64 21.68 39.99
C GLY L 147 -52.78 22.68 40.17
N ASP L 148 -52.66 23.59 41.13
CA ASP L 148 -53.77 24.52 41.39
C ASP L 148 -53.33 25.96 41.56
N LEU L 149 -53.71 26.80 40.60
CA LEU L 149 -53.22 28.19 40.59
C LEU L 149 -53.64 29.04 41.81
N LYS L 150 -54.94 29.33 41.98
CA LYS L 150 -55.39 29.96 43.23
C LYS L 150 -55.14 28.96 44.36
N LYS L 151 -54.24 29.28 45.29
CA LYS L 151 -53.88 28.31 46.34
C LYS L 151 -52.39 28.22 46.41
N GLY L 152 -51.75 28.13 45.25
CA GLY L 152 -50.33 28.43 45.17
C GLY L 152 -50.17 29.89 45.53
N PHE L 153 -50.90 30.71 44.77
CA PHE L 153 -50.96 32.13 45.05
C PHE L 153 -51.51 32.46 46.45
N SER L 154 -52.47 31.69 46.97
CA SER L 154 -52.83 31.80 48.40
C SER L 154 -51.61 31.56 49.29
N GLU L 155 -50.90 30.47 49.01
CA GLU L 155 -49.74 30.02 49.79
C GLU L 155 -48.57 31.02 49.73
N ALA L 156 -48.50 31.80 48.65
CA ALA L 156 -47.30 32.61 48.38
C ALA L 156 -47.09 33.78 49.34
N ASP L 157 -45.85 33.95 49.78
CA ASP L 157 -45.40 35.12 50.54
C ASP L 157 -45.34 36.40 49.71
N ASN L 158 -44.63 36.34 48.57
CA ASN L 158 -44.52 37.44 47.62
C ASN L 158 -45.03 37.01 46.27
N VAL L 159 -45.58 37.99 45.52
CA VAL L 159 -46.06 37.81 44.15
C VAL L 159 -45.51 38.94 43.30
N VAL L 160 -44.56 38.63 42.41
CA VAL L 160 -44.04 39.58 41.41
C VAL L 160 -44.69 39.28 40.09
N SER L 161 -45.10 40.33 39.39
CA SER L 161 -45.77 40.17 38.11
C SER L 161 -45.34 41.23 37.13
N GLY L 162 -45.42 40.91 35.84
CA GLY L 162 -44.96 41.86 34.83
C GLY L 162 -45.14 41.43 33.39
N GLU L 163 -44.43 42.12 32.51
CA GLU L 163 -44.47 41.91 31.07
C GLU L 163 -43.04 41.99 30.53
N LEU L 164 -42.74 41.10 29.58
CA LEU L 164 -41.44 41.03 28.91
C LEU L 164 -41.61 40.96 27.41
N TYR L 165 -40.60 41.45 26.69
CA TYR L 165 -40.54 41.29 25.26
C TYR L 165 -39.17 40.74 24.82
N ILE L 166 -39.17 39.83 23.87
CA ILE L 166 -37.91 39.43 23.24
C ILE L 166 -38.04 39.56 21.74
N GLY L 167 -37.24 40.46 21.16
CA GLY L 167 -37.18 40.69 19.69
C GLY L 167 -36.87 39.42 18.92
N GLY L 168 -37.35 39.35 17.68
CA GLY L 168 -37.06 38.23 16.78
C GLY L 168 -35.60 38.14 16.44
N GLN L 169 -35.28 37.57 15.28
CA GLN L 169 -33.88 37.33 14.86
C GLN L 169 -33.84 36.86 13.39
N ASP L 170 -32.84 37.32 12.63
CA ASP L 170 -32.67 36.89 11.25
C ASP L 170 -31.63 35.79 11.21
N HIS L 171 -31.85 34.79 10.36
CA HIS L 171 -30.96 33.64 10.31
C HIS L 171 -29.52 34.03 9.99
N PHE L 172 -29.38 34.90 9.01
CA PHE L 172 -28.06 35.25 8.49
C PHE L 172 -27.16 34.06 8.15
N TYR L 173 -27.73 33.00 7.59
CA TYR L 173 -26.94 31.94 6.96
C TYR L 173 -26.13 32.62 5.87
N LEU L 174 -24.83 32.43 5.88
CA LEU L 174 -23.99 33.14 4.92
C LEU L 174 -24.44 32.99 3.45
N GLU L 175 -24.96 31.84 3.11
CA GLU L 175 -25.53 31.58 1.81
C GLU L 175 -27.02 31.80 1.84
N THR L 176 -27.49 32.71 1.01
CA THR L 176 -28.92 33.01 0.99
C THR L 176 -29.71 31.89 0.28
N HIS L 177 -31.02 32.05 0.17
CA HIS L 177 -31.84 31.04 -0.48
C HIS L 177 -31.55 30.97 -1.94
N CYS L 178 -31.72 29.79 -2.49
CA CYS L 178 -31.16 29.47 -3.78
C CYS L 178 -31.79 28.22 -4.40
N THR L 179 -32.28 28.33 -5.64
CA THR L 179 -32.87 27.21 -6.38
C THR L 179 -32.48 27.21 -7.87
N ILE L 180 -31.98 26.08 -8.35
CA ILE L 180 -31.89 25.82 -9.77
C ILE L 180 -33.01 24.82 -10.18
N ALA L 181 -33.86 25.22 -11.13
CA ALA L 181 -34.89 24.34 -11.66
C ALA L 181 -34.60 23.95 -13.09
N ILE L 182 -34.49 22.66 -13.33
CA ILE L 182 -34.28 22.16 -14.69
C ILE L 182 -35.51 21.41 -15.22
N PRO L 183 -36.22 21.99 -16.22
CA PRO L 183 -37.38 21.31 -16.85
C PRO L 183 -36.88 20.30 -17.87
N LYS L 184 -37.34 19.07 -17.73
CA LYS L 184 -36.78 17.99 -18.52
C LYS L 184 -37.45 17.86 -19.89
N GLY L 185 -38.55 18.55 -20.14
CA GLY L 185 -39.26 18.41 -21.40
C GLY L 185 -40.26 17.25 -21.52
N GLU L 186 -40.06 16.17 -20.78
CA GLU L 186 -40.97 15.00 -20.83
C GLU L 186 -41.90 14.96 -19.62
N GLU L 187 -43.16 14.63 -19.88
CA GLU L 187 -44.09 14.21 -18.87
C GLU L 187 -44.19 15.11 -17.65
N GLY L 188 -43.74 16.35 -17.79
CA GLY L 188 -43.73 17.27 -16.69
C GLY L 188 -42.58 17.07 -15.71
N GLU L 189 -41.67 16.14 -15.97
CA GLU L 189 -40.61 15.93 -14.99
C GLU L 189 -39.81 17.22 -14.79
N MET L 190 -39.04 17.27 -13.70
CA MET L 190 -38.23 18.44 -13.44
C MET L 190 -37.25 18.10 -12.35
N GLU L 191 -35.99 18.46 -12.53
CA GLU L 191 -34.93 18.15 -11.57
C GLU L 191 -34.51 19.49 -10.95
N LEU L 192 -34.57 19.58 -9.62
CA LEU L 192 -34.19 20.82 -8.90
C LEU L 192 -32.96 20.65 -8.00
N PHE L 193 -32.15 21.69 -7.92
CA PHE L 193 -31.07 21.77 -6.93
C PHE L 193 -31.45 22.90 -6.00
N VAL L 194 -31.62 22.64 -4.71
CA VAL L 194 -31.94 23.72 -3.81
C VAL L 194 -31.14 23.67 -2.52
N SER L 195 -30.93 24.85 -1.95
CA SER L 195 -30.39 25.05 -0.65
C SER L 195 -31.59 24.96 0.37
N THR L 196 -31.93 23.74 0.76
CA THR L 196 -33.06 23.50 1.64
C THR L 196 -32.85 22.34 2.60
N GLN L 197 -33.55 22.40 3.73
CA GLN L 197 -33.44 21.38 4.76
C GLN L 197 -34.57 20.43 4.59
N ASN L 198 -35.44 20.74 3.62
CA ASN L 198 -36.71 20.06 3.47
C ASN L 198 -36.93 19.72 1.98
N ALA L 199 -36.24 18.67 1.58
CA ALA L 199 -36.28 18.24 0.22
C ALA L 199 -37.70 17.86 -0.16
N MET L 200 -38.39 17.11 0.73
CA MET L 200 -39.78 16.65 0.52
C MET L 200 -40.86 17.77 0.38
N LYS L 201 -40.82 18.78 1.24
CA LYS L 201 -41.79 19.86 1.09
C LYS L 201 -41.58 20.62 -0.22
N THR L 202 -40.32 20.77 -0.61
CA THR L 202 -39.98 21.41 -1.88
C THR L 202 -40.59 20.61 -3.03
N GLN L 203 -40.41 19.28 -3.03
CA GLN L 203 -40.97 18.37 -4.04
C GLN L 203 -42.49 18.49 -4.12
N SER L 204 -43.17 18.38 -2.99
CA SER L 204 -44.65 18.50 -2.91
C SER L 204 -45.18 19.82 -3.39
N PHE L 205 -44.56 20.91 -2.91
CA PHE L 205 -45.02 22.24 -3.26
C PHE L 205 -44.80 22.50 -4.74
N VAL L 206 -43.70 21.97 -5.31
CA VAL L 206 -43.39 22.26 -6.70
C VAL L 206 -44.44 21.54 -7.52
N ALA L 207 -44.72 20.31 -7.10
CA ALA L 207 -45.70 19.45 -7.77
C ALA L 207 -47.16 19.96 -7.64
N LYS L 208 -47.55 20.37 -6.44
CA LYS L 208 -48.87 20.97 -6.25
C LYS L 208 -49.03 22.18 -7.18
N MET L 209 -48.01 23.04 -7.24
CA MET L 209 -48.12 24.23 -8.07
C MET L 209 -48.19 23.92 -9.57
N LEU L 210 -47.51 22.87 -10.00
CA LEU L 210 -47.56 22.46 -11.41
C LEU L 210 -48.79 21.59 -11.75
N GLY L 211 -49.43 21.02 -10.72
CA GLY L 211 -50.61 20.15 -10.92
C GLY L 211 -50.19 18.86 -11.61
N VAL L 212 -49.25 18.18 -10.97
CA VAL L 212 -48.47 17.13 -11.55
C VAL L 212 -48.11 16.24 -10.38
N PRO L 213 -48.10 14.90 -10.58
CA PRO L 213 -47.86 13.99 -9.46
C PRO L 213 -46.46 14.16 -8.91
N VAL L 214 -46.31 13.95 -7.61
CA VAL L 214 -45.04 14.14 -6.94
C VAL L 214 -43.87 13.37 -7.55
N ASN L 215 -44.17 12.32 -8.31
CA ASN L 215 -43.15 11.39 -8.79
C ASN L 215 -42.43 11.92 -10.00
N ARG L 216 -42.82 13.13 -10.44
CA ARG L 216 -42.17 13.80 -11.59
C ARG L 216 -41.03 14.68 -11.12
N ILE L 217 -40.96 14.92 -9.83
CA ILE L 217 -40.17 16.02 -9.36
C ILE L 217 -39.01 15.46 -8.54
N LEU L 218 -37.82 15.78 -8.99
CA LEU L 218 -36.64 15.29 -8.32
C LEU L 218 -35.96 16.47 -7.63
N VAL L 219 -35.77 16.36 -6.31
CA VAL L 219 -35.08 17.40 -5.53
C VAL L 219 -33.78 16.86 -4.94
N ARG L 220 -32.71 17.60 -5.20
CA ARG L 220 -31.35 17.23 -4.83
C ARG L 220 -30.72 18.35 -3.98
N VAL L 221 -30.10 17.96 -2.87
CA VAL L 221 -29.47 18.88 -1.94
C VAL L 221 -28.10 18.33 -1.67
N LYS L 222 -27.10 18.96 -2.23
CA LYS L 222 -25.73 18.63 -1.91
C LYS L 222 -25.41 19.09 -0.45
N ARG L 223 -25.34 20.40 -0.24
CA ARG L 223 -25.14 21.01 1.07
C ARG L 223 -25.77 22.39 1.14
N MET L 224 -25.77 23.01 2.30
CA MET L 224 -26.21 24.39 2.42
C MET L 224 -25.09 25.16 3.08
N GLY L 225 -24.96 26.42 2.72
CA GLY L 225 -24.17 27.37 3.54
C GLY L 225 -24.95 27.89 4.73
N GLY L 226 -25.44 26.96 5.54
CA GLY L 226 -26.15 27.29 6.76
C GLY L 226 -27.64 27.27 6.49
N GLY L 227 -28.43 26.97 7.53
CA GLY L 227 -29.86 26.83 7.42
C GLY L 227 -30.49 27.34 8.69
N PHE L 228 -30.02 26.83 9.83
CA PHE L 228 -30.46 27.24 11.17
C PHE L 228 -31.99 27.36 11.31
N GLY L 229 -32.72 26.68 10.43
CA GLY L 229 -34.17 26.66 10.49
C GLY L 229 -34.87 27.46 9.44
N GLY L 230 -34.17 28.46 8.94
CA GLY L 230 -34.71 29.39 7.95
C GLY L 230 -35.06 28.67 6.68
N LYS L 231 -34.39 27.55 6.48
CA LYS L 231 -34.61 26.69 5.32
C LYS L 231 -35.36 25.38 5.66
N GLU L 232 -36.14 25.38 6.75
CA GLU L 232 -37.04 24.25 6.99
C GLU L 232 -38.32 24.34 6.13
N THR L 233 -38.83 25.55 5.88
CA THR L 233 -40.01 25.69 5.00
C THR L 233 -40.02 26.88 4.06
N ARG L 234 -39.27 27.92 4.40
CA ARG L 234 -39.34 29.16 3.63
C ARG L 234 -38.51 29.13 2.31
N SER L 235 -37.60 28.15 2.15
CA SER L 235 -36.93 27.91 0.87
C SER L 235 -37.93 27.76 -0.29
N THR L 236 -39.14 27.26 0.02
CA THR L 236 -40.11 26.99 -1.05
C THR L 236 -40.61 28.27 -1.75
N LEU L 237 -40.41 29.43 -1.12
CA LEU L 237 -40.87 30.73 -1.63
C LEU L 237 -40.11 31.05 -2.88
N VAL L 238 -38.82 30.66 -2.85
CA VAL L 238 -37.96 30.75 -4.01
C VAL L 238 -38.10 29.54 -4.89
N SER L 239 -38.18 28.35 -4.30
CA SER L 239 -38.24 27.12 -5.09
C SER L 239 -39.42 27.03 -6.04
N VAL L 240 -40.59 27.33 -5.51
CA VAL L 240 -41.81 27.19 -6.31
C VAL L 240 -41.86 28.21 -7.45
N ALA L 241 -41.31 29.40 -7.23
CA ALA L 241 -41.24 30.47 -8.28
C ALA L 241 -40.24 30.17 -9.37
N VAL L 242 -39.11 29.57 -9.04
CA VAL L 242 -38.08 29.17 -10.05
C VAL L 242 -38.60 27.98 -10.91
N ALA L 243 -39.29 27.04 -10.26
CA ALA L 243 -40.01 25.99 -10.97
C ALA L 243 -41.00 26.55 -11.96
N LEU L 244 -41.77 27.56 -11.57
CA LEU L 244 -42.73 28.09 -12.50
C LEU L 244 -42.04 28.63 -13.77
N ALA L 245 -40.94 29.36 -13.60
CA ALA L 245 -40.20 29.94 -14.69
C ALA L 245 -39.67 28.84 -15.59
N ALA L 246 -39.21 27.77 -14.98
CA ALA L 246 -38.73 26.60 -15.70
C ALA L 246 -39.86 26.03 -16.55
N TYR L 247 -41.00 25.80 -15.93
CA TYR L 247 -42.13 25.24 -16.64
C TYR L 247 -42.50 26.18 -17.77
N LYS L 248 -42.63 27.46 -17.48
CA LYS L 248 -43.28 28.37 -18.39
C LYS L 248 -42.38 28.77 -19.54
N THR L 249 -41.07 28.63 -19.37
CA THR L 249 -40.21 29.04 -20.46
C THR L 249 -39.56 27.88 -21.18
N GLY L 250 -39.67 26.67 -20.63
CA GLY L 250 -38.98 25.54 -21.21
C GLY L 250 -37.49 25.48 -20.88
N HIS L 251 -36.94 26.51 -20.21
CA HIS L 251 -35.50 26.63 -19.96
C HIS L 251 -35.11 26.37 -18.50
N PRO L 252 -33.86 25.91 -18.26
CA PRO L 252 -33.25 26.01 -16.93
C PRO L 252 -33.38 27.42 -16.33
N VAL L 253 -33.86 27.54 -15.09
CA VAL L 253 -33.87 28.82 -14.39
C VAL L 253 -33.24 28.72 -12.97
N ARG L 254 -32.59 29.78 -12.53
CA ARG L 254 -32.08 29.79 -11.20
C ARG L 254 -32.30 31.14 -10.55
N CYS L 255 -32.19 31.16 -9.22
CA CYS L 255 -32.22 32.38 -8.47
C CYS L 255 -31.48 32.16 -7.18
N MET L 256 -30.65 33.13 -6.84
CA MET L 256 -30.06 33.19 -5.51
C MET L 256 -30.40 34.59 -5.05
N LEU L 257 -30.95 34.71 -3.86
CA LEU L 257 -31.43 35.99 -3.36
C LEU L 257 -30.28 36.87 -2.89
N ASP L 258 -30.42 38.18 -3.03
CA ASP L 258 -29.49 39.07 -2.40
C ASP L 258 -29.86 39.15 -0.93
N ARG L 259 -28.85 39.41 -0.09
CA ARG L 259 -29.09 39.51 1.34
C ARG L 259 -30.38 40.26 1.69
N ASN L 260 -30.55 41.44 1.10
CA ASN L 260 -31.66 42.31 1.44
C ASN L 260 -33.02 41.77 1.00
N GLU L 261 -33.02 40.93 -0.02
CA GLU L 261 -34.23 40.27 -0.45
C GLU L 261 -34.60 39.26 0.62
N ASP L 262 -33.59 38.45 1.00
CA ASP L 262 -33.70 37.36 1.95
C ASP L 262 -34.22 37.74 3.33
N MET L 263 -33.66 38.80 3.88
CA MET L 263 -34.08 39.29 5.17
C MET L 263 -35.46 39.90 5.08
N LEU L 264 -35.79 40.51 3.97
CA LEU L 264 -37.14 41.01 3.85
C LEU L 264 -38.15 39.84 3.72
N ILE L 265 -37.82 38.85 2.89
CA ILE L 265 -38.81 37.86 2.48
C ILE L 265 -38.89 36.57 3.33
N THR L 266 -37.74 35.98 3.70
CA THR L 266 -37.67 34.62 4.23
C THR L 266 -38.22 34.37 5.63
N GLY L 267 -38.36 35.42 6.45
CA GLY L 267 -38.90 35.25 7.78
C GLY L 267 -37.76 34.97 8.74
N GLY L 268 -37.98 35.20 10.03
CA GLY L 268 -36.95 35.03 11.07
C GLY L 268 -37.57 34.45 12.31
N ARG L 269 -36.87 34.52 13.43
CA ARG L 269 -37.37 34.00 14.72
C ARG L 269 -38.63 34.76 15.20
N HIS L 270 -39.47 34.09 15.98
CA HIS L 270 -40.67 34.71 16.47
C HIS L 270 -40.41 35.70 17.57
N PRO L 271 -40.71 36.97 17.31
CA PRO L 271 -40.72 37.82 18.50
C PRO L 271 -41.82 37.35 19.48
N PHE L 272 -41.62 37.57 20.78
CA PHE L 272 -42.53 37.12 21.85
C PHE L 272 -42.87 38.21 22.86
N LEU L 273 -44.12 38.24 23.30
CA LEU L 273 -44.46 39.08 24.45
C LEU L 273 -45.11 38.18 25.48
N ALA L 274 -44.64 38.32 26.72
CA ALA L 274 -45.15 37.50 27.76
C ALA L 274 -45.63 38.42 28.83
N ARG L 275 -46.82 38.10 29.33
CA ARG L 275 -47.32 38.65 30.57
C ARG L 275 -47.18 37.54 31.61
N TYR L 276 -46.59 37.85 32.75
CA TYR L 276 -46.32 36.83 33.76
C TYR L 276 -46.62 37.27 35.18
N LYS L 277 -46.68 36.29 36.08
CA LYS L 277 -46.99 36.44 37.52
C LYS L 277 -46.36 35.24 38.27
N VAL L 278 -45.41 35.49 39.18
CA VAL L 278 -44.83 34.41 39.97
C VAL L 278 -45.23 34.51 41.43
N GLY L 279 -45.44 33.34 42.03
CA GLY L 279 -45.78 33.21 43.45
C GLY L 279 -44.69 32.40 44.10
N PHE L 280 -44.06 32.97 45.12
CA PHE L 280 -42.90 32.38 45.78
C PHE L 280 -42.80 32.67 47.31
N MET L 281 -41.89 31.97 47.99
CA MET L 281 -41.69 32.07 49.46
C MET L 281 -40.52 32.98 49.75
N LYS L 282 -40.39 33.39 51.00
CA LYS L 282 -39.21 34.17 51.39
C LYS L 282 -37.89 33.39 51.22
N THR L 283 -38.01 32.05 51.08
CA THR L 283 -36.89 31.12 50.79
C THR L 283 -36.40 31.31 49.35
N GLY L 284 -37.25 31.85 48.50
CA GLY L 284 -37.02 31.86 47.06
C GLY L 284 -37.63 30.65 46.36
N THR L 285 -38.34 29.80 47.11
CA THR L 285 -39.04 28.62 46.57
C THR L 285 -40.26 29.03 45.77
N ILE L 286 -40.24 28.74 44.46
CA ILE L 286 -41.39 29.04 43.61
C ILE L 286 -42.56 28.12 43.99
N VAL L 287 -43.78 28.66 43.94
CA VAL L 287 -44.96 27.91 44.38
C VAL L 287 -46.11 28.01 43.37
N ALA L 288 -46.19 29.14 42.68
CA ALA L 288 -47.18 29.29 41.63
C ALA L 288 -46.63 30.15 40.48
N LEU L 289 -46.78 29.67 39.24
CA LEU L 289 -46.44 30.45 38.03
C LEU L 289 -47.59 30.51 37.05
N GLU L 290 -47.74 31.68 36.44
CA GLU L 290 -48.73 31.92 35.39
C GLU L 290 -48.05 32.77 34.30
N VAL L 291 -48.12 32.31 33.04
CA VAL L 291 -47.47 33.04 31.94
C VAL L 291 -48.33 32.93 30.66
N ASP L 292 -48.72 34.08 30.13
CA ASP L 292 -49.43 34.14 28.86
C ASP L 292 -48.41 34.55 27.80
N HIS L 293 -48.16 33.67 26.82
CA HIS L 293 -47.22 33.95 25.71
C HIS L 293 -47.96 34.47 24.46
N TYR L 294 -47.38 35.47 23.81
CA TYR L 294 -47.84 35.92 22.48
C TYR L 294 -46.66 36.01 21.51
N SER L 295 -46.74 35.27 20.42
CA SER L 295 -45.68 35.29 19.41
C SER L 295 -46.21 36.04 18.22
N ASN L 296 -45.29 36.65 17.46
CA ASN L 296 -45.66 37.50 16.32
C ASN L 296 -45.52 36.67 15.09
N ALA L 297 -46.60 35.96 14.71
CA ALA L 297 -46.51 34.97 13.60
C ALA L 297 -46.26 35.55 12.19
N GLY L 298 -46.77 36.76 11.92
CA GLY L 298 -46.73 37.32 10.58
C GLY L 298 -47.90 36.85 9.72
N ASN L 299 -47.68 36.75 8.40
CA ASN L 299 -48.80 36.64 7.50
C ASN L 299 -49.22 35.24 7.00
N SER L 300 -48.69 34.19 7.64
CA SER L 300 -49.23 32.84 7.49
C SER L 300 -48.90 32.00 8.72
N ARG L 301 -49.54 30.85 8.86
CA ARG L 301 -49.26 29.98 9.99
C ARG L 301 -47.84 29.44 9.96
N ASP L 302 -47.48 28.70 8.91
CA ASP L 302 -46.20 28.01 8.81
C ASP L 302 -46.04 27.17 10.07
N LEU L 303 -44.91 27.34 10.74
CA LEU L 303 -44.53 26.51 11.83
C LEU L 303 -44.92 27.13 13.20
N SER L 304 -45.75 28.19 13.20
CA SER L 304 -46.01 28.93 14.45
C SER L 304 -46.64 28.09 15.58
N HIS L 305 -47.66 27.29 15.27
CA HIS L 305 -48.32 26.47 16.29
C HIS L 305 -47.29 25.62 17.03
N SER L 306 -46.43 24.97 16.24
CA SER L 306 -45.42 24.06 16.74
C SER L 306 -44.34 24.78 17.52
N ILE L 307 -44.07 26.03 17.16
CA ILE L 307 -43.12 26.87 17.88
C ILE L 307 -43.71 27.28 19.25
N MET L 308 -45.01 27.63 19.27
CA MET L 308 -45.68 27.88 20.54
C MET L 308 -45.70 26.65 21.47
N GLU L 309 -46.00 25.46 20.93
CA GLU L 309 -45.94 24.18 21.72
C GLU L 309 -44.61 23.92 22.41
N ARG L 310 -43.53 24.04 21.65
CA ARG L 310 -42.18 23.90 22.19
C ARG L 310 -41.88 24.97 23.25
N ALA L 311 -42.30 26.22 22.97
CA ALA L 311 -42.17 27.30 23.94
C ALA L 311 -42.85 26.87 25.25
N LEU L 312 -44.09 26.36 25.17
CA LEU L 312 -44.84 25.91 26.37
C LEU L 312 -44.19 24.71 27.06
N PHE L 313 -43.57 23.82 26.29
CA PHE L 313 -42.89 22.70 26.90
C PHE L 313 -41.64 23.16 27.63
N HIS L 314 -41.37 24.47 27.60
CA HIS L 314 -40.08 24.96 28.10
C HIS L 314 -40.18 26.11 29.10
N MET L 315 -41.41 26.48 29.47
CA MET L 315 -41.66 27.61 30.40
C MET L 315 -41.17 27.37 31.85
N ASP L 316 -40.79 26.13 32.12
CA ASP L 316 -40.24 25.72 33.39
C ASP L 316 -38.70 25.85 33.47
N ASN L 317 -38.02 25.76 32.33
CA ASN L 317 -36.58 25.52 32.31
C ASN L 317 -36.23 24.30 33.21
N CYS L 318 -35.43 24.48 34.27
CA CYS L 318 -35.00 23.34 35.10
C CYS L 318 -35.63 23.40 36.49
N TYR L 319 -36.86 23.91 36.57
CA TYR L 319 -37.43 24.25 37.85
C TYR L 319 -38.73 23.56 38.14
N LYS L 320 -38.76 22.86 39.28
CA LYS L 320 -39.97 22.21 39.75
C LYS L 320 -40.97 23.30 40.08
N ILE L 321 -42.17 23.25 39.51
CA ILE L 321 -43.21 24.25 39.83
C ILE L 321 -44.55 23.55 40.05
N PRO L 322 -45.02 23.50 41.33
CA PRO L 322 -46.18 22.66 41.70
C PRO L 322 -47.49 23.10 41.03
N ASN L 323 -47.64 24.41 40.88
CA ASN L 323 -48.85 25.00 40.32
C ASN L 323 -48.39 25.95 39.27
N ILE L 324 -48.85 25.73 38.05
CA ILE L 324 -48.26 26.36 36.85
C ILE L 324 -49.27 26.38 35.76
N ARG L 325 -49.45 27.53 35.13
CA ARG L 325 -50.46 27.67 34.08
C ARG L 325 -49.89 28.50 32.94
N GLY L 326 -49.74 27.89 31.78
CA GLY L 326 -49.07 28.54 30.68
C GLY L 326 -50.02 28.55 29.54
N THR L 327 -50.15 29.71 28.90
CA THR L 327 -50.93 29.87 27.66
C THR L 327 -50.04 30.49 26.59
N GLY L 328 -50.49 30.33 25.36
CA GLY L 328 -49.77 30.84 24.22
C GLY L 328 -50.76 31.19 23.11
N ARG L 329 -50.43 32.26 22.40
CA ARG L 329 -51.31 32.76 21.36
C ARG L 329 -50.53 33.20 20.12
N LEU L 330 -50.98 32.79 18.95
CA LEU L 330 -50.28 33.10 17.71
C LEU L 330 -50.91 34.32 17.12
N CYS L 331 -50.12 35.40 16.97
CA CYS L 331 -50.60 36.68 16.46
C CYS L 331 -50.57 36.77 14.96
N LYS L 332 -51.73 37.03 14.36
CA LYS L 332 -51.89 37.21 12.93
C LYS L 332 -51.58 38.65 12.53
N THR L 333 -50.43 38.88 11.90
CA THR L 333 -49.98 40.25 11.58
C THR L 333 -49.50 40.43 10.15
N ASN L 334 -49.61 41.66 9.63
CA ASN L 334 -49.11 41.98 8.31
C ASN L 334 -47.60 42.14 8.29
N LEU L 335 -46.88 41.06 8.57
CA LEU L 335 -45.44 41.02 8.50
C LEU L 335 -45.07 39.64 7.96
N SER L 336 -43.92 39.56 7.28
CA SER L 336 -43.39 38.32 6.73
C SER L 336 -43.59 37.16 7.69
N SER L 337 -44.13 36.05 7.18
CA SER L 337 -44.43 34.90 8.00
C SER L 337 -43.18 34.44 8.77
N ASN L 338 -43.21 34.53 10.10
CA ASN L 338 -42.07 33.92 10.84
C ASN L 338 -42.12 32.39 10.87
N THR L 339 -40.94 31.80 11.11
CA THR L 339 -40.71 30.36 10.93
C THR L 339 -39.74 29.76 11.92
N ALA L 340 -39.18 28.59 11.62
CA ALA L 340 -38.24 27.94 12.54
C ALA L 340 -36.87 28.60 12.60
N PHE L 341 -36.34 28.69 13.83
CA PHE L 341 -34.99 29.19 14.06
C PHE L 341 -34.39 28.37 15.21
N ARG L 342 -33.15 27.98 15.03
CA ARG L 342 -32.43 27.16 16.01
C ARG L 342 -32.95 27.42 17.43
N GLY L 343 -33.79 26.50 17.91
CA GLY L 343 -34.40 26.67 19.22
C GLY L 343 -35.91 26.55 19.19
N PHE L 344 -36.50 27.03 18.11
CA PHE L 344 -37.89 26.68 17.81
C PHE L 344 -38.84 27.01 18.99
N GLY L 345 -38.86 28.25 19.46
CA GLY L 345 -39.75 28.63 20.57
C GLY L 345 -39.15 28.40 21.96
N GLY L 346 -38.31 27.37 22.08
CA GLY L 346 -37.53 27.12 23.28
C GLY L 346 -36.85 28.32 23.90
N PRO L 347 -35.85 28.88 23.21
CA PRO L 347 -35.17 30.08 23.72
C PRO L 347 -36.10 31.19 24.27
N GLN L 348 -37.18 31.52 23.56
CA GLN L 348 -38.07 32.57 24.00
C GLN L 348 -38.61 32.24 25.38
N ALA L 349 -39.21 31.06 25.49
CA ALA L 349 -39.85 30.64 26.70
C ALA L 349 -38.80 30.46 27.79
N LEU L 350 -37.58 30.07 27.41
CA LEU L 350 -36.54 29.82 28.43
C LEU L 350 -36.01 31.13 29.03
N PHE L 351 -35.87 32.14 28.17
CA PHE L 351 -35.54 33.50 28.56
C PHE L 351 -36.59 34.01 29.54
N ILE L 352 -37.85 34.01 29.11
CA ILE L 352 -38.95 34.43 29.99
C ILE L 352 -38.73 33.87 31.41
N ALA L 353 -38.60 32.54 31.51
CA ALA L 353 -38.54 31.86 32.78
C ALA L 353 -37.34 32.33 33.56
N GLU L 354 -36.20 32.59 32.90
CA GLU L 354 -35.00 33.00 33.63
C GLU L 354 -35.12 34.43 34.05
N ASN L 355 -36.05 35.13 33.41
CA ASN L 355 -36.30 36.51 33.81
C ASN L 355 -37.05 36.59 35.13
N TRP L 356 -38.22 35.96 35.23
CA TRP L 356 -38.96 35.99 36.51
C TRP L 356 -38.17 35.33 37.63
N MET L 357 -37.37 34.33 37.30
CA MET L 357 -36.48 33.71 38.27
C MET L 357 -35.44 34.67 38.83
N SER L 358 -34.76 35.40 37.95
CA SER L 358 -33.76 36.36 38.41
C SER L 358 -34.44 37.39 39.32
N GLU L 359 -35.73 37.64 39.11
CA GLU L 359 -36.48 38.60 39.95
C GLU L 359 -36.83 38.05 41.32
N VAL L 360 -37.17 36.77 41.38
CA VAL L 360 -37.47 36.17 42.67
C VAL L 360 -36.29 36.40 43.59
N ALA L 361 -35.09 36.10 43.08
CA ALA L 361 -33.82 36.19 43.84
C ALA L 361 -33.52 37.59 44.35
N VAL L 362 -33.89 38.59 43.55
CA VAL L 362 -33.63 39.98 43.91
C VAL L 362 -34.66 40.40 44.94
N THR L 363 -35.91 39.99 44.76
CA THR L 363 -36.96 40.35 45.71
C THR L 363 -36.67 39.73 47.09
N CYS L 364 -36.17 38.49 47.06
CA CYS L 364 -35.83 37.79 48.28
C CYS L 364 -34.52 38.25 48.85
N GLY L 365 -33.78 39.04 48.10
CA GLY L 365 -32.43 39.44 48.51
C GLY L 365 -31.45 38.28 48.62
N LEU L 366 -31.76 37.19 47.95
CA LEU L 366 -30.88 36.03 48.02
C LEU L 366 -29.90 36.03 46.88
N PRO L 367 -28.83 35.24 46.99
CA PRO L 367 -27.94 35.06 45.85
C PRO L 367 -28.66 34.27 44.76
N ALA L 368 -28.37 34.62 43.51
CA ALA L 368 -29.01 33.99 42.36
C ALA L 368 -28.79 32.46 42.25
N GLU L 369 -27.54 32.01 42.46
CA GLU L 369 -27.23 30.58 42.38
C GLU L 369 -27.99 29.77 43.41
N GLU L 370 -28.12 30.33 44.60
CA GLU L 370 -28.77 29.68 45.70
C GLU L 370 -30.22 29.44 45.31
N VAL L 371 -30.84 30.49 44.78
CA VAL L 371 -32.24 30.42 44.36
C VAL L 371 -32.52 29.47 43.20
N ARG L 372 -31.65 29.45 42.19
CA ARG L 372 -31.90 28.59 41.04
C ARG L 372 -31.74 27.14 41.45
N TRP L 373 -30.65 26.87 42.19
CA TRP L 373 -30.39 25.60 42.90
C TRP L 373 -31.59 25.06 43.72
N LYS L 374 -32.07 25.79 44.72
CA LYS L 374 -33.26 25.34 45.44
C LYS L 374 -34.37 24.89 44.48
N ASN L 375 -34.67 25.65 43.43
CA ASN L 375 -35.92 25.39 42.68
C ASN L 375 -35.83 24.30 41.63
N MET L 376 -34.64 23.70 41.56
CA MET L 376 -34.25 22.78 40.51
C MET L 376 -34.91 21.42 40.66
N TYR L 377 -35.34 20.84 39.55
CA TYR L 377 -35.81 19.47 39.51
C TYR L 377 -34.84 18.54 40.24
N LYS L 378 -35.38 17.43 40.75
CA LYS L 378 -34.56 16.26 41.16
C LYS L 378 -34.69 15.16 40.10
N GLU L 379 -33.64 14.35 39.97
CA GLU L 379 -33.75 13.06 39.27
C GLU L 379 -35.09 12.35 39.61
N GLY L 380 -35.85 11.98 38.58
CA GLY L 380 -37.14 11.31 38.82
C GLY L 380 -38.36 12.22 38.92
N ASP L 381 -38.13 13.54 38.98
CA ASP L 381 -39.21 14.52 38.99
C ASP L 381 -40.04 14.49 37.69
N LEU L 382 -41.19 15.15 37.72
CA LEU L 382 -42.05 15.33 36.55
C LEU L 382 -42.19 16.79 36.15
N THR L 383 -42.12 17.02 34.85
CA THR L 383 -42.32 18.33 34.29
C THR L 383 -43.77 18.82 34.42
N HIS L 384 -43.98 20.11 34.17
CA HIS L 384 -45.32 20.67 34.11
C HIS L 384 -46.26 19.92 33.15
N PHE L 385 -45.69 19.22 32.17
CA PHE L 385 -46.53 18.41 31.26
C PHE L 385 -46.50 16.91 31.64
N ASN L 386 -45.98 16.61 32.82
CA ASN L 386 -45.92 15.25 33.33
C ASN L 386 -45.04 14.26 32.61
N GLN L 387 -43.80 14.61 32.35
CA GLN L 387 -42.91 13.59 31.87
C GLN L 387 -41.77 13.44 32.82
N ARG L 388 -41.39 12.19 33.04
CA ARG L 388 -40.32 11.80 33.94
C ARG L 388 -38.98 12.23 33.37
N LEU L 389 -38.18 12.90 34.19
CA LEU L 389 -36.80 13.23 33.83
C LEU L 389 -35.80 12.17 34.34
N GLU L 390 -35.41 11.26 33.46
CA GLU L 390 -34.42 10.26 33.79
C GLU L 390 -33.10 10.66 33.17
N GLY L 391 -32.03 10.39 33.90
CA GLY L 391 -30.71 10.83 33.52
C GLY L 391 -30.55 12.34 33.59
N PHE L 392 -31.30 12.97 34.49
CA PHE L 392 -31.34 14.42 34.62
C PHE L 392 -30.01 14.96 35.15
N SER L 393 -29.10 15.33 34.24
CA SER L 393 -27.73 15.64 34.64
C SER L 393 -27.36 17.11 34.87
N VAL L 394 -28.32 18.03 34.80
CA VAL L 394 -28.11 19.43 35.16
C VAL L 394 -27.24 19.65 36.43
N PRO L 395 -27.51 18.92 37.53
CA PRO L 395 -26.72 19.15 38.77
C PRO L 395 -25.22 18.90 38.64
N ARG L 396 -24.82 17.76 38.09
CA ARG L 396 -23.40 17.53 37.75
C ARG L 396 -22.82 18.69 36.92
N CYS L 397 -23.53 19.01 35.84
CA CYS L 397 -23.21 20.15 35.00
C CYS L 397 -23.05 21.40 35.86
N TRP L 398 -23.99 21.59 36.78
CA TRP L 398 -24.00 22.76 37.63
C TRP L 398 -22.80 22.76 38.57
N ASP L 399 -22.60 21.67 39.34
CA ASP L 399 -21.50 21.62 40.33
C ASP L 399 -20.17 21.82 39.61
N GLU L 400 -19.98 21.08 38.52
CA GLU L 400 -18.72 21.11 37.80
C GLU L 400 -18.50 22.41 37.04
N CYS L 401 -19.59 23.04 36.57
CA CYS L 401 -19.46 24.34 35.94
C CYS L 401 -19.05 25.37 36.98
N LEU L 402 -19.70 25.34 38.15
CA LEU L 402 -19.34 26.27 39.24
C LEU L 402 -17.86 26.20 39.58
N LYS L 403 -17.38 24.96 39.60
CA LYS L 403 -16.09 24.61 40.10
C LYS L 403 -15.06 25.09 39.12
N SER L 404 -15.14 24.59 37.90
CA SER L 404 -14.10 24.91 36.91
C SER L 404 -14.16 26.37 36.48
N SER L 405 -15.34 26.99 36.52
CA SER L 405 -15.47 28.45 36.31
C SER L 405 -14.98 29.28 37.51
N GLN L 406 -14.68 28.65 38.64
CA GLN L 406 -14.23 29.36 39.83
C GLN L 406 -15.24 30.43 40.22
N TYR L 407 -16.50 30.12 40.00
CA TYR L 407 -17.60 31.04 40.22
C TYR L 407 -17.52 31.89 41.50
N TYR L 408 -17.41 31.25 42.67
CA TYR L 408 -17.53 31.97 43.93
C TYR L 408 -16.40 32.97 44.20
N ALA L 409 -15.20 32.64 43.72
CA ALA L 409 -14.01 33.49 43.92
C ALA L 409 -14.02 34.68 42.97
N ARG L 410 -14.72 34.48 41.84
CA ARG L 410 -14.84 35.44 40.77
C ARG L 410 -16.00 36.39 41.05
N LYS L 411 -17.01 35.86 41.73
CA LYS L 411 -18.09 36.68 42.23
C LYS L 411 -17.56 37.63 43.29
N SER L 412 -16.40 37.32 43.87
CA SER L 412 -15.73 38.29 44.75
C SER L 412 -14.98 39.33 43.93
N GLU L 413 -14.15 38.90 42.97
CA GLU L 413 -13.38 39.84 42.13
C GLU L 413 -14.28 40.84 41.39
N VAL L 414 -15.54 40.45 41.15
CA VAL L 414 -16.55 41.33 40.60
C VAL L 414 -16.98 42.40 41.65
N ASP L 415 -17.50 41.94 42.81
CA ASP L 415 -17.89 42.83 43.91
C ASP L 415 -16.77 43.84 44.27
N LYS L 416 -15.51 43.39 44.17
CA LYS L 416 -14.32 44.26 44.33
C LYS L 416 -14.22 45.33 43.26
N PHE L 417 -14.22 44.87 42.00
CA PHE L 417 -14.18 45.75 40.84
C PHE L 417 -15.32 46.76 40.90
N ASN L 418 -16.51 46.32 41.30
CA ASN L 418 -17.66 47.21 41.37
C ASN L 418 -17.55 48.28 42.40
N LYS L 419 -16.77 48.01 43.46
CA LYS L 419 -16.58 48.96 44.56
C LYS L 419 -15.44 49.99 44.35
N GLU L 420 -14.56 49.72 43.40
CA GLU L 420 -13.41 50.60 43.05
C GLU L 420 -13.62 51.34 41.73
N ASN L 421 -14.71 51.03 41.03
CA ASN L 421 -14.98 51.60 39.71
C ASN L 421 -16.35 52.22 39.67
N CYS L 422 -16.39 53.37 39.03
CA CYS L 422 -17.51 54.26 39.15
C CYS L 422 -18.44 54.33 37.92
N TRP L 423 -17.86 54.35 36.73
CA TRP L 423 -18.63 54.44 35.51
C TRP L 423 -18.47 53.19 34.63
N LYS L 424 -17.84 52.16 35.19
CA LYS L 424 -17.72 50.83 34.61
C LYS L 424 -18.22 49.91 35.71
N LYS L 425 -18.82 48.78 35.35
CA LYS L 425 -19.28 47.78 36.32
C LYS L 425 -19.25 46.40 35.71
N ARG L 426 -19.08 45.39 36.54
CA ARG L 426 -19.14 44.00 36.08
C ARG L 426 -20.37 43.26 36.53
N GLY L 427 -20.65 42.14 35.85
CA GLY L 427 -21.73 41.21 36.17
C GLY L 427 -21.28 39.79 35.90
N LEU L 428 -21.81 38.85 36.67
CA LEU L 428 -21.46 37.44 36.52
C LEU L 428 -22.75 36.65 36.73
N CYS L 429 -22.92 35.62 35.93
CA CYS L 429 -24.13 34.85 36.10
C CYS L 429 -23.96 33.41 35.62
N ILE L 430 -24.52 32.47 36.36
CA ILE L 430 -24.47 31.06 35.96
C ILE L 430 -25.88 30.57 35.74
N ILE L 431 -26.11 30.01 34.56
CA ILE L 431 -27.45 29.68 34.14
C ILE L 431 -27.56 28.28 33.51
N PRO L 432 -28.60 27.51 33.90
CA PRO L 432 -28.79 26.16 33.39
C PRO L 432 -29.73 26.12 32.18
N THR L 433 -29.73 24.98 31.48
CA THR L 433 -30.80 24.64 30.57
C THR L 433 -31.06 23.14 30.38
N LYS L 434 -32.29 22.85 29.97
CA LYS L 434 -32.64 21.55 29.43
C LYS L 434 -33.48 21.83 28.20
N PHE L 435 -33.47 20.90 27.24
CA PHE L 435 -34.17 21.04 25.95
C PHE L 435 -34.74 19.71 25.50
N GLY L 436 -36.04 19.61 25.26
CA GLY L 436 -36.63 18.34 24.87
C GLY L 436 -36.32 17.91 23.44
N ILE L 437 -35.75 16.70 23.29
CA ILE L 437 -35.30 16.18 22.00
C ILE L 437 -36.36 15.31 21.27
N SER L 438 -36.85 15.81 20.13
CA SER L 438 -37.88 15.17 19.30
C SER L 438 -38.75 16.22 18.69
N PHE L 439 -39.30 15.96 17.50
CA PHE L 439 -40.31 16.86 16.88
C PHE L 439 -41.58 16.84 17.74
N THR L 440 -42.12 17.99 18.07
CA THR L 440 -43.38 18.00 18.80
C THR L 440 -44.47 17.31 18.01
N VAL L 441 -44.39 17.34 16.69
CA VAL L 441 -45.33 16.52 15.91
C VAL L 441 -44.84 15.05 15.82
N PRO L 442 -45.55 14.11 16.50
CA PRO L 442 -45.09 12.71 16.58
C PRO L 442 -44.75 12.06 15.22
N PHE L 443 -45.40 12.42 14.12
CA PHE L 443 -45.09 11.71 12.88
C PHE L 443 -43.81 12.12 12.12
N LEU L 444 -43.21 13.25 12.46
CA LEU L 444 -41.99 13.64 11.83
C LEU L 444 -40.83 12.82 12.38
N ASN L 445 -41.06 12.14 13.50
CA ASN L 445 -40.01 11.29 14.11
C ASN L 445 -39.77 9.94 13.43
N GLN L 446 -39.28 10.03 12.20
CA GLN L 446 -39.08 8.92 11.27
C GLN L 446 -37.95 9.28 10.28
N ALA L 447 -37.25 8.26 9.81
CA ALA L 447 -36.07 8.42 9.05
C ALA L 447 -35.70 7.13 8.31
N GLY L 448 -35.40 7.27 7.03
CA GLY L 448 -34.94 6.16 6.22
C GLY L 448 -33.52 6.36 5.73
N ALA L 449 -32.96 5.24 5.25
CA ALA L 449 -31.62 5.21 4.64
C ALA L 449 -31.52 4.28 3.42
N LEU L 450 -30.50 4.51 2.60
CA LEU L 450 -30.25 3.63 1.46
C LEU L 450 -28.78 3.44 1.24
N ILE L 451 -28.35 2.19 1.40
CA ILE L 451 -26.95 1.76 1.18
C ILE L 451 -26.72 0.83 -0.04
N HIS L 452 -25.71 1.17 -0.80
CA HIS L 452 -25.17 0.28 -1.81
C HIS L 452 -23.73 -0.07 -1.50
N VAL L 453 -23.41 -1.33 -1.71
CA VAL L 453 -22.02 -1.75 -1.68
C VAL L 453 -21.74 -2.18 -3.09
N TYR L 454 -20.79 -1.51 -3.72
CA TYR L 454 -20.42 -1.86 -5.07
C TYR L 454 -19.37 -3.00 -5.09
N THR L 455 -19.06 -3.47 -6.29
CA THR L 455 -18.24 -4.67 -6.43
C THR L 455 -16.74 -4.46 -6.16
N ASP L 456 -16.27 -3.22 -6.13
CA ASP L 456 -14.93 -2.98 -5.61
C ASP L 456 -14.92 -2.99 -4.06
N GLY L 457 -16.09 -3.16 -3.44
CA GLY L 457 -16.20 -2.98 -2.00
C GLY L 457 -16.58 -1.59 -1.47
N SER L 458 -16.61 -0.57 -2.33
CA SER L 458 -16.93 0.79 -1.83
C SER L 458 -18.42 0.95 -1.53
N VAL L 459 -18.75 1.88 -0.64
CA VAL L 459 -20.12 2.00 -0.14
C VAL L 459 -20.65 3.39 -0.32
N LEU L 460 -21.88 3.45 -0.80
CA LEU L 460 -22.56 4.70 -0.94
C LEU L 460 -23.72 4.71 0.04
N VAL L 461 -23.73 5.75 0.89
CA VAL L 461 -24.76 5.88 1.92
C VAL L 461 -25.63 7.06 1.57
N SER L 462 -26.92 6.84 1.60
CA SER L 462 -27.84 7.89 1.28
C SER L 462 -28.76 7.92 2.46
N HIS L 463 -29.16 9.11 2.89
CA HIS L 463 -30.22 9.23 3.93
C HIS L 463 -31.12 10.47 3.79
N GLY L 464 -32.19 10.52 4.57
CA GLY L 464 -33.18 11.61 4.48
C GLY L 464 -32.65 12.98 4.91
N GLY L 465 -31.55 12.97 5.67
CA GLY L 465 -30.94 14.18 6.22
C GLY L 465 -30.01 14.93 5.27
N THR L 466 -30.07 16.25 5.39
CA THR L 466 -29.30 17.19 4.60
C THR L 466 -28.21 17.83 5.47
N GLU L 467 -27.10 18.18 4.84
CA GLU L 467 -25.92 18.68 5.51
C GLU L 467 -25.92 20.19 5.43
N MET L 468 -25.78 20.87 6.55
CA MET L 468 -25.86 22.33 6.49
C MET L 468 -24.74 22.96 7.26
N GLY L 469 -23.69 22.16 7.50
CA GLY L 469 -22.52 22.56 8.26
C GLY L 469 -22.39 21.93 9.65
N GLN L 470 -23.44 21.25 10.13
CA GLN L 470 -23.45 20.68 11.49
C GLN L 470 -22.70 19.33 11.51
N GLY L 471 -22.29 18.83 10.34
CA GLY L 471 -21.55 17.58 10.28
C GLY L 471 -22.37 16.31 10.35
N LEU L 472 -23.65 16.40 9.97
CA LEU L 472 -24.49 15.20 9.75
C LEU L 472 -23.83 14.08 8.90
N HIS L 473 -23.42 14.39 7.67
CA HIS L 473 -22.76 13.38 6.85
C HIS L 473 -21.48 12.75 7.51
N THR L 474 -20.65 13.60 8.13
CA THR L 474 -19.46 13.17 8.80
C THR L 474 -19.86 12.12 9.83
N LYS L 475 -20.83 12.43 10.68
CA LYS L 475 -21.24 11.51 11.75
C LYS L 475 -21.86 10.23 11.20
N MET L 476 -22.60 10.33 10.09
CA MET L 476 -23.24 9.15 9.50
C MET L 476 -22.22 8.19 8.91
N VAL L 477 -21.15 8.75 8.38
CA VAL L 477 -20.06 7.95 7.86
C VAL L 477 -19.35 7.29 9.03
N GLN L 478 -19.26 8.01 10.15
CA GLN L 478 -18.58 7.46 11.34
C GLN L 478 -19.40 6.28 11.84
N VAL L 479 -20.71 6.37 11.69
CA VAL L 479 -21.60 5.30 12.15
C VAL L 479 -21.55 4.07 11.22
N ALA L 480 -21.59 4.31 9.92
CA ALA L 480 -21.60 3.20 8.97
C ALA L 480 -20.30 2.38 9.03
N SER L 481 -19.20 3.07 9.34
CA SER L 481 -17.86 2.48 9.42
C SER L 481 -17.71 1.60 10.66
N LYS L 482 -18.40 2.00 11.72
CA LYS L 482 -18.35 1.27 12.95
C LYS L 482 -19.27 0.06 12.86
N ALA L 483 -20.49 0.27 12.35
CA ALA L 483 -21.42 -0.82 12.15
C ALA L 483 -20.86 -1.86 11.18
N LEU L 484 -20.30 -1.41 10.05
CA LEU L 484 -19.81 -2.31 9.03
C LEU L 484 -18.44 -2.89 9.40
N LYS L 485 -17.75 -2.21 10.31
CA LYS L 485 -16.34 -2.54 10.68
C LYS L 485 -15.39 -2.51 9.48
N ILE L 486 -15.45 -1.40 8.74
CA ILE L 486 -14.55 -1.08 7.62
C ILE L 486 -14.12 0.38 7.80
N PRO L 487 -12.88 0.75 7.39
CA PRO L 487 -12.42 2.16 7.50
C PRO L 487 -13.34 3.21 6.84
N ILE L 488 -13.14 4.48 7.20
CA ILE L 488 -14.06 5.54 6.75
C ILE L 488 -13.88 5.90 5.28
N SER L 489 -12.65 5.70 4.76
CA SER L 489 -12.29 5.88 3.36
C SER L 489 -13.01 4.97 2.36
N LYS L 490 -13.61 3.87 2.81
CA LYS L 490 -14.40 3.01 1.92
C LYS L 490 -15.88 3.39 1.80
N ILE L 491 -16.26 4.44 2.52
CA ILE L 491 -17.63 4.92 2.55
C ILE L 491 -17.69 6.34 2.04
N TYR L 492 -18.81 6.66 1.39
CA TYR L 492 -19.07 7.98 0.87
C TYR L 492 -20.54 8.36 0.96
N ILE L 493 -20.81 9.61 1.32
CA ILE L 493 -22.14 10.22 1.15
C ILE L 493 -22.03 11.40 0.15
N SER L 494 -22.94 11.49 -0.81
CA SER L 494 -22.83 12.44 -1.92
C SER L 494 -23.78 13.59 -1.85
N GLU L 495 -25.06 13.28 -1.70
CA GLU L 495 -26.07 14.30 -1.68
C GLU L 495 -27.31 13.66 -1.09
N THR L 496 -28.29 14.49 -0.76
CA THR L 496 -29.61 14.04 -0.34
C THR L 496 -30.46 14.23 -1.56
N SER L 497 -31.24 13.21 -1.91
CA SER L 497 -32.25 13.32 -2.96
C SER L 497 -33.59 12.60 -2.66
N THR L 498 -34.65 13.05 -3.32
CA THR L 498 -36.00 12.48 -3.15
C THR L 498 -36.22 11.18 -3.96
N ASN L 499 -35.28 10.85 -4.83
CA ASN L 499 -35.34 9.53 -5.47
C ASN L 499 -34.51 8.40 -4.79
N THR L 500 -33.73 8.72 -3.79
CA THR L 500 -33.09 7.68 -2.99
C THR L 500 -33.88 7.45 -1.70
N VAL L 501 -34.27 8.52 -1.00
CA VAL L 501 -35.00 8.41 0.26
C VAL L 501 -36.21 9.35 0.21
N PRO L 502 -37.44 8.76 0.09
CA PRO L 502 -38.70 9.50 -0.11
C PRO L 502 -39.31 9.89 1.22
N ASN L 503 -40.28 10.81 1.16
CA ASN L 503 -41.09 11.29 2.29
C ASN L 503 -40.33 11.67 3.58
N SER L 504 -39.18 12.31 3.47
CA SER L 504 -38.45 12.57 4.68
C SER L 504 -38.79 13.91 5.33
N SER L 505 -38.67 13.90 6.66
CA SER L 505 -38.90 14.99 7.57
C SER L 505 -37.78 16.01 7.37
N PRO L 506 -38.05 17.30 7.66
CA PRO L 506 -37.01 18.28 7.42
C PRO L 506 -35.79 17.98 8.30
N THR L 507 -34.61 18.44 7.88
CA THR L 507 -33.40 18.23 8.65
C THR L 507 -33.42 19.29 9.73
N ALA L 508 -33.80 18.86 10.93
CA ALA L 508 -34.31 19.77 11.92
C ALA L 508 -34.65 19.06 13.21
N ALA L 509 -34.95 19.88 14.21
CA ALA L 509 -35.32 19.45 15.55
C ALA L 509 -34.14 18.84 16.29
N SER L 510 -32.94 19.06 15.77
CA SER L 510 -31.74 18.58 16.44
C SER L 510 -31.58 17.06 16.45
N VAL L 511 -32.55 16.32 15.88
CA VAL L 511 -32.63 14.84 16.03
C VAL L 511 -32.10 14.03 14.88
N SER L 512 -31.44 14.69 13.92
CA SER L 512 -31.06 14.03 12.66
C SER L 512 -30.03 12.90 12.89
N THR L 513 -29.08 13.17 13.76
CA THR L 513 -28.02 12.22 14.04
C THR L 513 -28.68 11.02 14.62
N ASP L 514 -29.50 11.22 15.67
CA ASP L 514 -30.24 10.11 16.29
C ASP L 514 -30.90 9.30 15.19
N ILE L 515 -31.75 9.96 14.40
CA ILE L 515 -32.69 9.20 13.58
C ILE L 515 -32.08 8.66 12.32
N TYR L 516 -31.24 9.45 11.66
CA TYR L 516 -30.60 8.92 10.48
C TYR L 516 -29.55 7.87 10.87
N GLY L 517 -28.92 8.06 12.03
CA GLY L 517 -27.96 7.11 12.61
C GLY L 517 -28.50 5.70 12.81
N GLN L 518 -29.69 5.63 13.42
CA GLN L 518 -30.41 4.37 13.62
C GLN L 518 -30.77 3.69 12.29
N ALA L 519 -31.31 4.45 11.35
CA ALA L 519 -31.67 3.99 10.00
C ALA L 519 -30.46 3.49 9.19
N VAL L 520 -29.34 4.18 9.32
CA VAL L 520 -28.11 3.77 8.67
C VAL L 520 -27.59 2.51 9.38
N TYR L 521 -27.55 2.55 10.71
CA TYR L 521 -27.22 1.36 11.48
C TYR L 521 -28.04 0.13 11.01
N GLU L 522 -29.35 0.28 10.92
CA GLU L 522 -30.20 -0.84 10.50
C GLU L 522 -29.84 -1.30 9.10
N ALA L 523 -29.67 -0.37 8.17
CA ALA L 523 -29.31 -0.75 6.79
C ALA L 523 -27.98 -1.49 6.79
N CYS L 524 -27.00 -0.98 7.53
CA CYS L 524 -25.78 -1.69 7.75
C CYS L 524 -25.97 -3.12 8.25
N GLN L 525 -26.78 -3.31 9.29
CA GLN L 525 -27.01 -4.68 9.82
C GLN L 525 -27.45 -5.65 8.70
N THR L 526 -28.45 -5.24 7.88
CA THR L 526 -28.99 -6.08 6.81
C THR L 526 -27.86 -6.62 5.94
N ILE L 527 -27.01 -5.70 5.50
CA ILE L 527 -25.83 -6.04 4.71
C ILE L 527 -24.97 -7.13 5.38
N LEU L 528 -24.63 -6.92 6.64
CA LEU L 528 -23.92 -7.93 7.44
C LEU L 528 -24.63 -9.31 7.54
N LYS L 529 -25.96 -9.37 7.66
CA LYS L 529 -26.63 -10.68 7.64
C LYS L 529 -26.38 -11.38 6.31
N ARG L 530 -26.55 -10.63 5.22
CA ARG L 530 -26.30 -11.11 3.87
C ARG L 530 -24.84 -11.49 3.66
N LEU L 531 -23.92 -10.84 4.37
CA LEU L 531 -22.51 -11.16 4.17
C LEU L 531 -21.99 -12.25 5.10
N GLU L 532 -22.66 -12.42 6.25
CA GLU L 532 -22.24 -13.37 7.28
C GLU L 532 -21.87 -14.76 6.73
N PRO L 533 -22.70 -15.31 5.82
CA PRO L 533 -22.37 -16.67 5.37
C PRO L 533 -21.04 -16.73 4.66
N PHE L 534 -20.68 -15.67 3.93
CA PHE L 534 -19.43 -15.65 3.18
C PHE L 534 -18.25 -15.33 4.08
N LYS L 535 -18.53 -14.57 5.14
CA LYS L 535 -17.56 -14.23 6.19
C LYS L 535 -17.11 -15.51 6.87
N LYS L 536 -18.05 -16.44 7.02
CA LYS L 536 -17.79 -17.77 7.59
C LYS L 536 -16.91 -18.63 6.68
N LYS L 537 -17.33 -18.85 5.43
CA LYS L 537 -16.53 -19.68 4.51
C LYS L 537 -15.10 -19.15 4.45
N ASN L 538 -14.92 -17.85 4.61
CA ASN L 538 -13.61 -17.21 4.41
C ASN L 538 -13.22 -16.23 5.53
N PRO L 539 -13.02 -16.70 6.76
CA PRO L 539 -12.86 -15.72 7.84
C PRO L 539 -11.58 -14.91 7.75
N ASP L 540 -10.65 -15.34 6.90
CA ASP L 540 -9.41 -14.63 6.62
C ASP L 540 -9.53 -13.56 5.55
N GLY L 541 -10.59 -13.68 4.76
CA GLY L 541 -10.86 -12.74 3.68
C GLY L 541 -10.87 -11.29 4.10
N SER L 542 -10.52 -10.42 3.18
CA SER L 542 -10.74 -9.00 3.35
C SER L 542 -12.18 -8.72 2.91
N TRP L 543 -12.70 -7.55 3.27
CA TRP L 543 -14.07 -7.11 2.97
C TRP L 543 -14.41 -7.26 1.51
N GLU L 544 -13.46 -6.88 0.66
CA GLU L 544 -13.61 -6.93 -0.80
C GLU L 544 -13.89 -8.34 -1.29
N ASP L 545 -13.26 -9.34 -0.67
CA ASP L 545 -13.48 -10.75 -1.05
C ASP L 545 -14.88 -11.14 -0.74
N TRP L 546 -15.30 -10.80 0.49
CA TRP L 546 -16.65 -11.13 0.97
C TRP L 546 -17.72 -10.53 0.04
N VAL L 547 -17.56 -9.25 -0.29
CA VAL L 547 -18.49 -8.55 -1.18
C VAL L 547 -18.54 -9.20 -2.57
N MET L 548 -17.36 -9.44 -3.17
CA MET L 548 -17.26 -10.13 -4.46
C MET L 548 -17.93 -11.50 -4.47
N ALA L 549 -17.61 -12.34 -3.48
CA ALA L 549 -18.21 -13.66 -3.35
C ALA L 549 -19.73 -13.59 -3.30
N ALA L 550 -20.24 -12.63 -2.54
CA ALA L 550 -21.68 -12.41 -2.40
C ALA L 550 -22.33 -11.97 -3.70
N TYR L 551 -21.61 -11.13 -4.45
CA TYR L 551 -22.07 -10.71 -5.75
C TYR L 551 -22.15 -11.92 -6.71
N GLN L 552 -21.08 -12.72 -6.76
CA GLN L 552 -21.03 -13.90 -7.65
C GLN L 552 -22.14 -14.90 -7.34
N ASP L 553 -22.55 -14.91 -6.08
CA ASP L 553 -23.57 -15.82 -5.60
C ASP L 553 -24.96 -15.17 -5.68
N ARG L 554 -25.03 -14.05 -6.40
CA ARG L 554 -26.26 -13.28 -6.58
C ARG L 554 -27.03 -12.98 -5.28
N VAL L 555 -26.29 -12.52 -4.29
CA VAL L 555 -26.88 -11.95 -3.10
C VAL L 555 -26.96 -10.42 -3.26
N SER L 556 -28.14 -9.85 -3.02
CA SER L 556 -28.30 -8.39 -3.10
C SER L 556 -27.41 -7.62 -2.16
N LEU L 557 -26.72 -6.62 -2.70
CA LEU L 557 -25.92 -5.74 -1.87
C LEU L 557 -26.48 -4.30 -1.79
N SER L 558 -27.81 -4.21 -1.77
CA SER L 558 -28.46 -2.94 -1.61
C SER L 558 -29.60 -3.17 -0.64
N THR L 559 -29.76 -2.28 0.32
CA THR L 559 -30.91 -2.34 1.23
C THR L 559 -31.34 -0.99 1.78
N THR L 560 -32.60 -0.90 2.19
CA THR L 560 -33.10 0.22 2.95
C THR L 560 -32.90 0.05 4.47
N GLY L 561 -32.92 1.16 5.21
CA GLY L 561 -32.96 1.13 6.65
C GLY L 561 -34.07 2.09 6.99
N PHE L 562 -34.60 2.00 8.22
CA PHE L 562 -35.68 2.86 8.68
C PHE L 562 -35.72 2.90 10.21
N TYR L 563 -36.11 4.05 10.77
CA TYR L 563 -36.26 4.15 12.19
C TYR L 563 -37.49 4.96 12.51
N ARG L 564 -38.07 4.61 13.64
CA ARG L 564 -39.27 5.14 14.18
C ARG L 564 -38.91 5.49 15.64
N THR L 565 -39.19 6.70 16.10
CA THR L 565 -38.91 7.01 17.52
C THR L 565 -40.02 6.43 18.43
N PRO L 566 -39.61 5.57 19.39
CA PRO L 566 -40.61 4.87 20.16
C PRO L 566 -41.23 5.73 21.25
N ASN L 567 -42.47 5.39 21.55
CA ASN L 567 -43.18 5.79 22.77
C ASN L 567 -43.45 7.28 22.86
N LEU L 568 -43.95 7.84 21.76
CA LEU L 568 -44.18 9.28 21.68
C LEU L 568 -45.63 9.63 21.39
N GLY L 569 -46.04 10.83 21.76
CA GLY L 569 -47.41 11.27 21.50
C GLY L 569 -47.96 11.89 22.77
N TYR L 570 -47.74 13.19 22.90
CA TYR L 570 -48.24 13.95 24.02
C TYR L 570 -49.64 14.47 23.66
N SER L 571 -50.50 14.59 24.67
CA SER L 571 -51.85 15.09 24.46
C SER L 571 -52.09 16.34 25.29
N PHE L 572 -52.59 17.40 24.63
CA PHE L 572 -52.92 18.68 25.30
C PHE L 572 -54.23 18.60 26.08
N GLU L 573 -55.19 17.86 25.57
CA GLU L 573 -56.36 17.47 26.34
C GLU L 573 -55.95 16.22 27.11
N THR L 574 -55.88 16.26 28.45
CA THR L 574 -55.30 15.19 29.35
C THR L 574 -53.87 15.45 29.86
N ASN L 575 -53.07 16.21 29.11
CA ASN L 575 -51.72 16.57 29.57
C ASN L 575 -50.80 15.39 29.97
N SER L 576 -50.53 14.47 29.04
CA SER L 576 -49.83 13.23 29.35
C SER L 576 -49.38 12.50 28.09
N GLY L 577 -48.52 11.51 28.30
CA GLY L 577 -47.79 10.83 27.25
C GLY L 577 -46.55 11.66 26.90
N ASN L 578 -45.47 10.96 26.50
CA ASN L 578 -44.19 11.60 26.16
C ASN L 578 -44.18 12.59 24.98
N ALA L 579 -43.69 13.79 25.26
CA ALA L 579 -43.50 14.79 24.23
C ALA L 579 -42.11 14.66 23.61
N PHE L 580 -41.14 14.28 24.40
CA PHE L 580 -39.78 14.14 23.91
C PHE L 580 -39.23 12.75 24.22
N HIS L 581 -38.19 12.33 23.50
CA HIS L 581 -37.61 11.00 23.71
C HIS L 581 -36.59 11.03 24.85
N TYR L 582 -36.03 12.21 25.10
CA TYR L 582 -35.12 12.50 26.18
C TYR L 582 -34.82 13.99 26.12
N PHE L 583 -34.04 14.47 27.10
CA PHE L 583 -33.57 15.86 27.16
C PHE L 583 -32.05 15.98 27.04
N THR L 584 -31.59 17.13 26.53
CA THR L 584 -30.17 17.46 26.52
C THR L 584 -29.99 18.57 27.54
N TYR L 585 -28.90 18.51 28.31
CA TYR L 585 -28.69 19.39 29.45
C TYR L 585 -27.41 20.21 29.35
N GLY L 586 -27.45 21.47 29.81
CA GLY L 586 -26.23 22.30 29.85
C GLY L 586 -26.26 23.39 30.91
N VAL L 587 -25.09 23.89 31.27
CA VAL L 587 -25.02 25.02 32.19
C VAL L 587 -23.92 25.99 31.71
N ALA L 588 -24.17 27.29 31.83
CA ALA L 588 -23.18 28.27 31.41
C ALA L 588 -23.07 29.43 32.36
N CYS L 589 -21.85 29.88 32.55
CA CYS L 589 -21.57 30.99 33.38
C CYS L 589 -20.82 32.00 32.55
N SER L 590 -21.26 33.26 32.58
CA SER L 590 -20.61 34.33 31.81
C SER L 590 -20.31 35.56 32.69
N GLU L 591 -19.20 36.23 32.40
CA GLU L 591 -18.82 37.49 33.06
C GLU L 591 -18.66 38.62 32.04
N VAL L 592 -19.34 39.74 32.28
CA VAL L 592 -19.24 40.88 31.39
C VAL L 592 -18.89 42.15 32.14
N GLU L 593 -18.45 43.17 31.40
CA GLU L 593 -18.18 44.48 31.97
C GLU L 593 -18.85 45.50 31.06
N ILE L 594 -19.71 46.33 31.63
CA ILE L 594 -20.35 47.39 30.84
C ILE L 594 -19.65 48.74 31.00
N ASP L 595 -19.82 49.60 30.01
CA ASP L 595 -19.41 50.96 30.13
C ASP L 595 -20.64 51.78 30.43
N CYS L 596 -20.91 52.05 31.71
CA CYS L 596 -22.16 52.73 32.09
C CYS L 596 -22.39 54.05 31.39
N LEU L 597 -21.32 54.64 30.87
CA LEU L 597 -21.46 55.89 30.16
C LEU L 597 -21.89 55.73 28.70
N THR L 598 -21.70 54.55 28.08
CA THR L 598 -21.97 54.37 26.63
C THR L 598 -22.97 53.30 26.31
N GLY L 599 -23.09 52.33 27.19
CA GLY L 599 -23.91 51.17 26.88
C GLY L 599 -23.16 50.06 26.18
N ASP L 600 -21.90 50.30 25.80
CA ASP L 600 -21.05 49.24 25.24
C ASP L 600 -20.69 48.17 26.31
N HIS L 601 -20.28 46.98 25.92
CA HIS L 601 -19.80 46.00 26.92
C HIS L 601 -18.77 45.07 26.32
N LYS L 602 -18.02 44.37 27.17
CA LYS L 602 -17.07 43.36 26.70
C LYS L 602 -17.47 42.07 27.35
N ASN L 603 -17.50 40.98 26.59
CA ASN L 603 -17.68 39.65 27.18
C ASN L 603 -16.34 39.12 27.64
N LEU L 604 -16.17 38.98 28.95
CA LEU L 604 -14.85 38.68 29.51
C LEU L 604 -14.52 37.19 29.47
N ARG L 605 -15.44 36.37 30.00
CA ARG L 605 -15.22 34.94 30.16
C ARG L 605 -16.53 34.19 30.20
N THR L 606 -16.57 33.06 29.49
CA THR L 606 -17.70 32.17 29.44
C THR L 606 -17.19 30.75 29.68
N ASP L 607 -17.84 30.03 30.61
CA ASP L 607 -17.57 28.61 30.87
C ASP L 607 -18.82 27.77 30.64
N ILE L 608 -18.71 26.71 29.87
CA ILE L 608 -19.87 25.90 29.55
C ILE L 608 -19.59 24.42 29.73
N VAL L 609 -20.49 23.79 30.48
CA VAL L 609 -20.54 22.35 30.65
C VAL L 609 -21.86 21.79 30.02
N MET L 610 -21.72 21.07 28.91
CA MET L 610 -22.87 20.52 28.19
C MET L 610 -22.90 19.02 28.34
N ASP L 611 -24.10 18.48 28.54
CA ASP L 611 -24.29 17.03 28.59
C ASP L 611 -24.75 16.58 27.23
N VAL L 612 -23.83 16.06 26.45
CA VAL L 612 -24.18 15.59 25.12
C VAL L 612 -24.06 14.09 25.03
N GLY L 613 -24.16 13.42 26.18
CA GLY L 613 -23.98 11.96 26.24
C GLY L 613 -22.57 11.57 25.89
N SER L 614 -22.42 10.42 25.26
CA SER L 614 -21.10 10.02 24.74
C SER L 614 -21.07 10.43 23.27
N SER L 615 -20.40 11.55 23.03
CA SER L 615 -20.36 12.22 21.74
C SER L 615 -19.81 11.31 20.64
N LEU L 616 -20.38 11.40 19.43
CA LEU L 616 -19.90 10.68 18.25
C LEU L 616 -18.63 11.26 17.71
N ASN L 617 -18.41 12.54 18.05
CA ASN L 617 -17.33 13.38 17.52
C ASN L 617 -17.29 14.61 18.42
N PRO L 618 -16.45 14.56 19.45
CA PRO L 618 -16.25 15.70 20.30
C PRO L 618 -15.98 17.01 19.57
N ALA L 619 -15.15 16.96 18.54
CA ALA L 619 -14.85 18.17 17.78
C ALA L 619 -16.13 18.82 17.21
N ILE L 620 -16.98 18.01 16.57
CA ILE L 620 -18.21 18.54 15.97
C ILE L 620 -19.12 19.07 17.10
N ASP L 621 -19.13 18.36 18.22
CA ASP L 621 -20.04 18.66 19.29
C ASP L 621 -19.65 19.92 20.05
N ILE L 622 -18.36 20.10 20.33
CA ILE L 622 -17.87 21.37 20.85
C ILE L 622 -18.20 22.51 19.85
N GLY L 623 -17.97 22.25 18.57
CA GLY L 623 -18.27 23.20 17.51
C GLY L 623 -19.73 23.62 17.42
N GLN L 624 -20.64 22.66 17.61
CA GLN L 624 -22.07 22.94 17.68
C GLN L 624 -22.46 23.76 18.94
N VAL L 625 -21.90 23.37 20.10
CA VAL L 625 -22.10 24.10 21.34
C VAL L 625 -21.66 25.53 21.17
N GLU L 626 -20.40 25.76 20.79
CA GLU L 626 -19.85 27.09 20.63
C GLU L 626 -20.73 27.90 19.71
N GLY L 627 -21.08 27.28 18.57
CA GLY L 627 -21.88 27.92 17.54
C GLY L 627 -23.24 28.32 18.05
N ALA L 628 -23.91 27.40 18.73
CA ALA L 628 -25.25 27.66 19.19
C ALA L 628 -25.20 28.81 20.21
N PHE L 629 -24.16 28.80 21.04
CA PHE L 629 -23.98 29.83 22.06
C PHE L 629 -23.72 31.24 21.49
N VAL L 630 -22.75 31.34 20.58
CA VAL L 630 -22.45 32.62 19.96
C VAL L 630 -23.70 33.17 19.25
N GLN L 631 -24.58 32.30 18.78
CA GLN L 631 -25.84 32.73 18.14
C GLN L 631 -26.95 33.13 19.15
N GLY L 632 -26.97 32.48 20.31
CA GLY L 632 -27.83 32.91 21.43
C GLY L 632 -27.33 34.24 21.93
N LEU L 633 -26.02 34.35 22.12
CA LEU L 633 -25.36 35.64 22.43
C LEU L 633 -25.78 36.78 21.50
N GLY L 634 -25.86 36.50 20.20
CA GLY L 634 -26.36 37.47 19.21
C GLY L 634 -27.81 37.87 19.46
N LEU L 635 -28.67 36.87 19.62
CA LEU L 635 -30.11 37.05 19.88
C LEU L 635 -30.46 37.90 21.13
N PHE L 636 -29.63 37.78 22.16
CA PHE L 636 -29.88 38.45 23.42
C PHE L 636 -29.14 39.77 23.61
N THR L 637 -28.22 40.13 22.71
CA THR L 637 -27.42 41.33 22.97
C THR L 637 -27.07 42.09 21.71
N LEU L 638 -26.89 41.41 20.59
CA LEU L 638 -26.44 42.16 19.45
C LEU L 638 -27.51 42.41 18.43
N GLU L 639 -28.28 41.38 18.12
CA GLU L 639 -29.10 41.37 16.91
C GLU L 639 -30.43 42.11 17.06
N GLU L 640 -30.62 43.12 16.21
CA GLU L 640 -31.82 43.94 16.28
C GLU L 640 -32.47 44.26 14.94
N LEU L 641 -33.64 43.67 14.70
CA LEU L 641 -34.48 44.02 13.55
C LEU L 641 -35.37 45.21 13.88
N HIS L 642 -35.51 46.11 12.92
CA HIS L 642 -36.22 47.36 13.14
C HIS L 642 -37.12 47.71 11.95
N TYR L 643 -38.35 48.10 12.25
CA TYR L 643 -39.35 48.36 11.24
C TYR L 643 -39.81 49.82 11.28
N SER L 644 -40.33 50.34 10.17
CA SER L 644 -41.00 51.63 10.14
C SER L 644 -42.36 51.45 10.81
N PRO L 645 -43.02 52.56 11.19
CA PRO L 645 -44.42 52.42 11.68
C PRO L 645 -45.38 51.80 10.65
N GLU L 646 -45.06 51.96 9.36
CA GLU L 646 -45.81 51.37 8.24
C GLU L 646 -45.58 49.87 8.09
N GLY L 647 -44.48 49.36 8.65
CA GLY L 647 -44.25 47.89 8.69
C GLY L 647 -43.14 47.40 7.80
N SER L 648 -42.29 48.33 7.43
CA SER L 648 -41.26 48.07 6.47
C SER L 648 -39.95 47.87 7.18
N LEU L 649 -39.27 46.75 6.93
CA LEU L 649 -37.99 46.48 7.57
C LEU L 649 -36.87 47.42 7.13
N HIS L 650 -36.14 47.93 8.11
CA HIS L 650 -35.11 48.92 7.86
C HIS L 650 -33.78 48.22 7.86
N THR L 651 -33.66 47.21 8.71
CA THR L 651 -32.37 46.56 8.93
C THR L 651 -32.25 45.41 7.92
N ARG L 652 -31.62 45.66 6.78
CA ARG L 652 -31.55 44.66 5.70
C ARG L 652 -30.15 44.27 5.22
N GLY L 653 -29.13 44.32 6.08
CA GLY L 653 -27.78 43.85 5.73
C GLY L 653 -26.87 43.88 6.92
N PRO L 654 -25.61 43.43 6.76
CA PRO L 654 -24.58 43.50 7.80
C PRO L 654 -24.30 44.88 8.39
N SER L 655 -24.62 45.93 7.64
CA SER L 655 -24.26 47.29 8.08
C SER L 655 -25.17 47.80 9.16
N THR L 656 -26.38 47.24 9.26
CA THR L 656 -27.40 47.71 10.20
C THR L 656 -27.98 46.61 11.05
N TYR L 657 -27.69 45.36 10.70
CA TYR L 657 -28.09 44.24 11.55
C TYR L 657 -26.82 43.49 12.00
N LYS L 658 -26.56 43.46 13.31
CA LYS L 658 -25.23 43.03 13.77
C LYS L 658 -25.19 41.63 14.33
N ILE L 659 -24.61 40.70 13.58
CA ILE L 659 -24.40 39.36 14.09
C ILE L 659 -23.04 39.34 14.77
N PRO L 660 -22.82 38.41 15.74
CA PRO L 660 -21.52 38.46 16.41
C PRO L 660 -20.36 38.49 15.44
N ALA L 661 -19.35 39.28 15.73
CA ALA L 661 -18.15 39.26 14.96
C ALA L 661 -17.03 38.58 15.77
N PHE L 662 -15.84 38.47 15.15
CA PHE L 662 -14.69 37.83 15.79
C PHE L 662 -14.43 38.44 17.16
N GLY L 663 -14.54 39.76 17.23
CA GLY L 663 -14.18 40.52 18.41
C GLY L 663 -15.28 40.50 19.43
N SER L 664 -16.43 39.91 19.07
CA SER L 664 -17.60 39.88 19.97
C SER L 664 -17.62 38.72 20.95
N ILE L 665 -16.86 37.67 20.68
CA ILE L 665 -16.86 36.45 21.50
C ILE L 665 -16.15 36.68 22.84
N PRO L 666 -16.43 35.85 23.85
CA PRO L 666 -15.80 36.08 25.16
C PRO L 666 -14.27 35.94 25.09
N THR L 667 -13.54 36.80 25.79
CA THR L 667 -12.06 36.71 25.71
C THR L 667 -11.61 35.31 26.15
N GLU L 668 -12.11 34.88 27.31
CA GLU L 668 -11.99 33.50 27.78
C GLU L 668 -13.23 32.67 27.46
N PHE L 669 -13.11 31.74 26.52
CA PHE L 669 -14.25 31.00 25.96
C PHE L 669 -14.00 29.48 26.15
N ARG L 670 -14.71 28.85 27.10
CA ARG L 670 -14.36 27.47 27.50
C ARG L 670 -15.54 26.52 27.44
N VAL L 671 -15.33 25.34 26.88
CA VAL L 671 -16.41 24.40 26.65
C VAL L 671 -15.92 23.02 27.04
N SER L 672 -16.68 22.37 27.90
CA SER L 672 -16.43 21.00 28.30
C SER L 672 -17.67 20.25 27.96
N LEU L 673 -17.47 19.00 27.54
CA LEU L 673 -18.52 17.99 27.54
C LEU L 673 -18.44 17.12 28.83
N LEU L 674 -19.60 16.93 29.45
CA LEU L 674 -19.69 16.18 30.70
C LEU L 674 -19.23 14.77 30.45
N ARG L 675 -18.35 14.26 31.31
CA ARG L 675 -17.78 12.94 31.10
C ARG L 675 -18.68 11.86 31.65
N ASP L 676 -18.55 10.64 31.16
CA ASP L 676 -19.18 9.47 31.81
C ASP L 676 -20.68 9.59 31.99
N CYS L 677 -21.42 9.85 30.92
CA CYS L 677 -22.86 10.04 31.01
C CYS L 677 -23.60 9.54 29.78
N PRO L 678 -23.50 8.23 29.49
CA PRO L 678 -24.21 7.57 28.36
C PRO L 678 -25.75 7.76 28.35
N ASN L 679 -26.28 8.10 27.18
CA ASN L 679 -27.73 8.18 26.93
C ASN L 679 -28.14 6.85 26.29
N LYS L 680 -29.04 6.11 26.94
CA LYS L 680 -29.59 4.85 26.37
C LYS L 680 -30.52 5.10 25.14
N LYS L 681 -31.25 6.21 25.17
CA LYS L 681 -32.31 6.45 24.20
C LYS L 681 -31.82 6.79 22.77
N ALA L 682 -30.52 7.06 22.61
CA ALA L 682 -29.97 7.37 21.30
C ALA L 682 -28.75 6.58 20.82
N ILE L 683 -28.55 6.63 19.50
CA ILE L 683 -27.49 5.92 18.80
C ILE L 683 -26.14 6.02 19.51
N TYR L 684 -25.58 4.85 19.85
CA TYR L 684 -24.27 4.70 20.50
C TYR L 684 -24.07 5.57 21.74
N ALA L 685 -25.17 5.80 22.47
CA ALA L 685 -25.14 6.54 23.75
C ALA L 685 -24.93 8.09 23.64
N SER L 686 -25.10 8.63 22.43
CA SER L 686 -24.94 10.07 22.16
C SER L 686 -26.23 10.85 22.43
N LYS L 687 -26.12 12.17 22.42
CA LYS L 687 -27.28 13.07 22.56
C LYS L 687 -27.30 14.14 21.45
N ALA L 688 -28.49 14.62 21.12
CA ALA L 688 -28.64 15.80 20.24
C ALA L 688 -27.91 17.01 20.83
N VAL L 689 -27.43 17.87 19.95
CA VAL L 689 -26.56 18.98 20.35
C VAL L 689 -26.90 20.31 19.63
N GLY L 690 -27.59 20.20 18.48
CA GLY L 690 -27.89 21.32 17.59
C GLY L 690 -28.43 22.58 18.23
N GLU L 691 -29.71 22.52 18.62
CA GLU L 691 -30.39 23.63 19.26
C GLU L 691 -30.06 23.84 20.76
N PRO L 692 -29.93 22.74 21.56
CA PRO L 692 -29.76 22.86 23.03
C PRO L 692 -28.84 23.93 23.59
N PRO L 693 -27.62 24.08 23.04
CA PRO L 693 -26.75 25.02 23.73
C PRO L 693 -27.13 26.48 23.50
N LEU L 694 -28.13 26.74 22.67
CA LEU L 694 -28.32 28.14 22.26
C LEU L 694 -28.77 29.08 23.42
N PHE L 695 -29.73 28.65 24.21
CA PHE L 695 -30.23 29.51 25.27
C PHE L 695 -29.15 29.93 26.27
N LEU L 696 -28.18 29.06 26.49
CA LEU L 696 -27.08 29.42 27.38
C LEU L 696 -26.42 30.74 26.99
N GLY L 697 -26.71 31.23 25.79
CA GLY L 697 -26.14 32.49 25.36
C GLY L 697 -26.75 33.58 26.21
N ALA L 698 -27.96 33.32 26.72
CA ALA L 698 -28.66 34.28 27.61
C ALA L 698 -27.89 34.57 28.87
N SER L 699 -27.06 33.65 29.34
CA SER L 699 -26.29 33.94 30.52
C SER L 699 -25.46 35.22 30.35
N VAL L 700 -25.00 35.51 29.13
CA VAL L 700 -24.40 36.81 28.86
C VAL L 700 -25.41 37.92 29.15
N PHE L 701 -26.69 37.70 28.80
CA PHE L 701 -27.75 38.71 29.00
C PHE L 701 -27.97 39.00 30.48
N PHE L 702 -27.96 37.96 31.28
CA PHE L 702 -28.21 38.13 32.68
C PHE L 702 -26.94 38.59 33.40
N ALA L 703 -25.78 38.37 32.77
CA ALA L 703 -24.57 38.97 33.26
C ALA L 703 -24.72 40.48 33.18
N ILE L 704 -25.07 40.98 32.00
CA ILE L 704 -25.36 42.40 31.78
C ILE L 704 -26.42 42.97 32.74
N LYS L 705 -27.52 42.26 32.97
CA LYS L 705 -28.56 42.72 33.94
C LYS L 705 -28.02 42.81 35.36
N ASP L 706 -27.15 41.87 35.72
CA ASP L 706 -26.44 41.89 36.97
C ASP L 706 -25.70 43.21 37.10
N ALA L 707 -24.91 43.52 36.07
CA ALA L 707 -24.03 44.68 36.10
C ALA L 707 -24.80 45.98 36.08
N ILE L 708 -25.97 45.99 35.43
CA ILE L 708 -26.82 47.17 35.46
C ILE L 708 -27.30 47.41 36.91
N ARG L 709 -27.65 46.32 37.60
CA ARG L 709 -28.09 46.40 39.00
C ARG L 709 -27.05 47.14 39.81
N ALA L 710 -25.79 46.81 39.57
CA ALA L 710 -24.63 47.45 40.19
C ALA L 710 -24.51 48.95 39.86
N ALA L 711 -24.80 49.29 38.60
CA ALA L 711 -24.78 50.68 38.15
C ALA L 711 -25.92 51.50 38.76
N ARG L 712 -27.08 50.86 38.92
CA ARG L 712 -28.24 51.56 39.44
C ARG L 712 -28.15 51.80 40.93
N ALA L 713 -27.73 50.78 41.66
CA ALA L 713 -27.34 50.92 43.05
C ALA L 713 -26.33 52.06 43.23
N GLN L 714 -25.46 52.26 42.23
CA GLN L 714 -24.44 53.27 42.32
C GLN L 714 -24.97 54.68 42.14
N HIS L 715 -25.75 54.94 41.09
CA HIS L 715 -26.11 56.32 40.71
C HIS L 715 -27.60 56.66 40.73
N THR L 716 -28.44 55.63 40.76
CA THR L 716 -29.88 55.83 40.94
C THR L 716 -30.23 55.70 42.44
N ASN L 717 -31.25 54.91 42.74
CA ASN L 717 -31.77 54.78 44.09
C ASN L 717 -30.97 53.84 45.02
N ASN L 718 -31.52 53.61 46.22
CA ASN L 718 -31.00 52.61 47.18
C ASN L 718 -31.90 51.40 47.38
N ASN L 719 -32.71 51.09 46.38
CA ASN L 719 -33.58 49.92 46.45
C ASN L 719 -32.81 48.69 46.05
N THR L 720 -32.28 48.02 47.06
CA THR L 720 -31.58 46.75 46.88
C THR L 720 -32.47 45.81 46.07
N LYS L 721 -33.78 45.93 46.25
CA LYS L 721 -34.73 44.90 45.89
C LYS L 721 -35.69 45.33 44.75
N GLU L 722 -35.41 46.47 44.14
CA GLU L 722 -36.21 46.99 43.03
C GLU L 722 -36.06 46.18 41.72
N LEU L 723 -37.16 46.03 40.96
CA LEU L 723 -37.07 45.41 39.63
C LEU L 723 -37.32 46.36 38.45
N PHE L 724 -36.40 46.36 37.49
CA PHE L 724 -36.53 47.14 36.26
C PHE L 724 -36.68 46.22 35.05
N ARG L 725 -37.50 46.58 34.09
CA ARG L 725 -37.72 45.74 32.93
C ARG L 725 -36.60 45.94 31.91
N LEU L 726 -35.87 44.86 31.63
CA LEU L 726 -34.92 44.87 30.53
C LEU L 726 -35.43 43.87 29.51
N ASP L 727 -35.82 44.36 28.33
CA ASP L 727 -36.25 43.49 27.25
C ASP L 727 -35.02 42.94 26.44
N SER L 728 -35.29 41.98 25.57
CA SER L 728 -34.25 41.42 24.74
C SER L 728 -34.55 41.82 23.31
N PRO L 729 -33.50 42.21 22.57
CA PRO L 729 -32.10 42.15 22.98
C PRO L 729 -31.68 43.34 23.82
N ALA L 730 -30.81 43.10 24.79
CA ALA L 730 -30.28 44.18 25.58
C ALA L 730 -29.16 44.81 24.77
N THR L 731 -29.52 45.79 23.95
CA THR L 731 -28.57 46.52 23.11
C THR L 731 -27.88 47.64 23.89
N PRO L 732 -26.84 48.28 23.29
CA PRO L 732 -26.29 49.47 23.92
C PRO L 732 -27.31 50.54 24.31
N GLU L 733 -28.32 50.80 23.45
CA GLU L 733 -29.42 51.73 23.81
C GLU L 733 -30.04 51.38 25.18
N LYS L 734 -30.51 50.13 25.31
CA LYS L 734 -31.19 49.66 26.49
C LYS L 734 -30.27 49.60 27.71
N ILE L 735 -29.02 49.22 27.49
CA ILE L 735 -28.06 49.18 28.57
C ILE L 735 -27.75 50.60 29.06
N ARG L 736 -27.55 51.55 28.15
CA ARG L 736 -27.29 52.92 28.56
C ARG L 736 -28.48 53.54 29.28
N ASN L 737 -29.67 53.44 28.69
CA ASN L 737 -30.91 53.95 29.34
C ASN L 737 -31.17 53.35 30.75
N ALA L 738 -30.80 52.09 30.97
CA ALA L 738 -31.09 51.47 32.24
C ALA L 738 -30.23 52.04 33.34
N CYS L 739 -28.99 52.43 33.01
CA CYS L 739 -28.06 53.06 33.93
C CYS L 739 -28.42 54.51 34.20
N VAL L 740 -29.46 54.70 35.01
CA VAL L 740 -30.04 56.04 35.21
C VAL L 740 -29.10 56.86 36.08
N ASP L 741 -28.59 57.97 35.54
CA ASP L 741 -27.63 58.79 36.27
C ASP L 741 -27.85 60.28 36.09
N LYS L 742 -26.89 61.07 36.55
CA LYS L 742 -26.99 62.54 36.39
C LYS L 742 -27.08 63.02 34.88
N PHE L 743 -26.93 62.07 33.95
CA PHE L 743 -26.94 62.36 32.51
C PHE L 743 -28.26 61.96 31.91
N THR L 744 -28.78 60.79 32.27
CA THR L 744 -30.04 60.30 31.66
C THR L 744 -31.21 61.16 32.09
N THR L 745 -31.06 61.71 33.30
CA THR L 745 -32.09 62.55 33.88
C THR L 745 -31.80 64.01 33.61
N LEU L 746 -30.66 64.30 33.01
CA LEU L 746 -30.27 65.66 32.79
C LEU L 746 -30.15 66.34 34.11
N CYS L 747 -29.91 65.66 35.23
CA CYS L 747 -29.65 66.54 36.37
C CYS L 747 -28.39 67.38 36.19
N VAL L 748 -28.70 68.41 35.41
CA VAL L 748 -27.94 68.77 34.23
C VAL L 748 -26.71 69.54 34.48
N THR L 749 -26.69 70.89 34.62
CA THR L 749 -27.64 71.86 35.32
C THR L 749 -28.49 71.52 36.55
N GLY L 750 -29.17 72.57 37.03
CA GLY L 750 -30.05 72.48 38.17
C GLY L 750 -30.76 71.18 37.97
N ALA L 751 -30.51 70.25 38.89
CA ALA L 751 -31.03 68.88 38.78
C ALA L 751 -32.45 68.99 38.16
N PRO L 752 -33.52 68.67 38.89
CA PRO L 752 -33.80 67.64 39.84
C PRO L 752 -34.72 66.70 39.09
N GLY L 753 -34.96 65.48 39.55
CA GLY L 753 -33.93 64.59 39.98
C GLY L 753 -33.46 64.31 38.57
N ASN L 754 -34.03 63.31 37.87
CA ASN L 754 -35.16 62.50 38.34
C ASN L 754 -35.04 61.82 39.70
N CYS L 755 -33.92 61.21 40.05
CA CYS L 755 -32.77 60.86 39.26
C CYS L 755 -32.24 59.79 40.12
N LYS L 756 -31.37 60.21 41.05
CA LYS L 756 -30.60 59.37 41.98
C LYS L 756 -31.46 58.23 42.57
#